data_3SYT
#
_entry.id   3SYT
#
_cell.length_a   177.755
_cell.length_b   177.755
_cell.length_c   213.059
_cell.angle_alpha   90.00
_cell.angle_beta   90.00
_cell.angle_gamma   90.00
#
_symmetry.space_group_name_H-M   'P 41 21 2'
#
loop_
_entity.id
_entity.type
_entity.pdbx_description
1 polymer 'Glutamine-dependent NAD(+) synthetase'
2 non-polymer 'GLUTAMIC ACID'
3 non-polymer NICOTINAMIDE-ADENINE-DINUCLEOTIDE
4 non-polymer 'ADENOSINE MONOPHOSPHATE'
5 non-polymer 'PYROPHOSPHATE 2-'
6 non-polymer GLYCEROL
7 water water
#
_entity_poly.entity_id   1
_entity_poly.type   'polypeptide(L)'
_entity_poly.pdbx_seq_one_letter_code
;SMNFYSAYQHGFVRVAACTHHTTIGDPAANAASVLDMARACHDDGAALAVFPELTLSGYSIEDVLLQDSLLDAVEDALLD
LVTESADLLPVLVVGAPLRHRHRIYNTAVVIHRGAVLGVVPKSYLPTYREFYERRQMAPGDGERGTIRIGGADVAFGTDL
LFAASDLPGFVLHVEICEDMFVPMPPSAEAALAGATVLANLSGSPITIGRAEDRRLLARSASARCLAAYVYAAAGEGEST
TDLAWDGQTMIWENGALLAESERFPKGVRRSVADVDTELLRSERLRMGTFDDNRRHHRELTESFRRIDFALDPPAGDIGL
LREVERFPFVPADPQRLQQDCYEAYNIQVSGLEQRLRALDYPKVVIGVSGGLDSTHALIVATHAMDREGRPRSDILAFAL
PGFATGEHTKNNAIKLARALGVTFSEIDIGDTARLMLHTIGHPYSVGEKVYDVTFENVQAGLRTDYLFRIANQRGGIVLG
TGDLSELALGWSTYGVGDQMSHYNVNAGVPKTLIQHLIRWVISAGEFGEKVGEVLQSVLDTEITPELIPTGEEELQSSEA
KVGPFALQDFSLFQVLRYGFRPSKIAFLAWHAWNDAERGNWPPGFPKSERPSYSLAEIRHWLQIFVQRFYSFSQFKRSAL
PNGPKVSHGGALSPRGDWRAPSDMSARIWLDQIDREVPKG
;
_entity_poly.pdbx_strand_id   A,B,C,D
#
# COMPACT_ATOMS: atom_id res chain seq x y z
N MET A 2 50.69 10.20 6.07
CA MET A 2 50.27 11.07 4.96
C MET A 2 51.34 12.03 4.45
N ASN A 3 51.23 12.42 3.18
CA ASN A 3 52.03 13.53 2.66
C ASN A 3 51.22 14.84 2.60
N PHE A 4 51.41 15.70 3.59
CA PHE A 4 50.53 16.85 3.78
C PHE A 4 50.75 17.96 2.74
N TYR A 5 51.90 17.97 2.07
CA TYR A 5 52.15 19.01 1.09
C TYR A 5 51.79 18.65 -0.34
N SER A 6 51.15 17.48 -0.50
CA SER A 6 50.77 16.95 -1.81
C SER A 6 49.40 17.46 -2.25
N ALA A 7 49.37 18.28 -3.30
CA ALA A 7 48.09 18.79 -3.82
C ALA A 7 47.10 17.64 -4.12
N TYR A 8 47.62 16.48 -4.54
CA TYR A 8 46.78 15.35 -4.94
C TYR A 8 46.14 14.74 -3.71
N GLN A 9 46.92 14.64 -2.63
CA GLN A 9 46.35 14.12 -1.38
C GLN A 9 45.26 14.99 -0.79
N HIS A 10 45.17 16.25 -1.21
CA HIS A 10 44.11 17.13 -0.75
C HIS A 10 42.97 17.30 -1.75
N GLY A 11 42.82 16.37 -2.69
CA GLY A 11 41.70 16.40 -3.63
C GLY A 11 41.85 17.35 -4.84
N PHE A 12 43.05 17.84 -5.09
CA PHE A 12 43.30 18.58 -6.33
C PHE A 12 43.68 17.63 -7.47
N VAL A 13 43.29 18.01 -8.67
CA VAL A 13 43.75 17.33 -9.89
C VAL A 13 44.31 18.42 -10.82
N ARG A 14 45.56 18.25 -11.24
CA ARG A 14 46.26 19.22 -12.09
C ARG A 14 45.92 18.99 -13.55
N VAL A 15 45.38 20.02 -14.20
CA VAL A 15 44.95 19.91 -15.61
C VAL A 15 45.61 20.97 -16.51
N ALA A 16 45.82 20.64 -17.78
CA ALA A 16 46.46 21.56 -18.72
C ALA A 16 45.65 21.72 -20.03
N ALA A 17 45.52 22.95 -20.47
CA ALA A 17 44.96 23.19 -21.77
C ALA A 17 46.11 23.70 -22.62
N CYS A 18 46.42 23.00 -23.71
CA CYS A 18 47.59 23.30 -24.50
C CYS A 18 47.26 23.82 -25.90
N THR A 19 48.03 24.79 -26.38
CA THR A 19 47.92 25.17 -27.78
C THR A 19 49.26 24.87 -28.41
N HIS A 20 49.29 23.97 -29.41
CA HIS A 20 50.56 23.52 -29.99
C HIS A 20 50.87 24.30 -31.25
N HIS A 21 51.99 23.95 -31.84
CA HIS A 21 52.31 24.51 -33.14
C HIS A 21 51.69 23.67 -34.24
N THR A 22 50.68 24.22 -34.93
CA THR A 22 50.09 23.53 -36.09
C THR A 22 51.01 23.55 -37.30
N THR A 23 51.22 22.40 -37.90
CA THR A 23 51.76 22.35 -39.25
C THR A 23 50.69 21.72 -40.14
N ILE A 24 49.92 22.54 -40.86
CA ILE A 24 48.76 22.00 -41.57
C ILE A 24 49.17 20.89 -42.52
N GLY A 25 48.37 19.83 -42.54
CA GLY A 25 48.63 18.69 -43.40
C GLY A 25 49.87 17.89 -43.09
N ASP A 26 50.42 18.01 -41.90
CA ASP A 26 51.60 17.24 -41.53
C ASP A 26 51.47 16.57 -40.14
N PRO A 27 50.73 15.45 -40.06
CA PRO A 27 50.42 14.89 -38.75
C PRO A 27 51.65 14.52 -37.91
N ALA A 28 52.73 14.05 -38.54
CA ALA A 28 53.95 13.72 -37.80
C ALA A 28 54.45 14.95 -37.04
N ALA A 29 54.39 16.10 -37.71
CA ALA A 29 54.90 17.34 -37.11
C ALA A 29 53.99 17.72 -35.93
N ASN A 30 52.68 17.60 -36.13
CA ASN A 30 51.76 18.00 -35.09
C ASN A 30 51.93 17.05 -33.92
N ALA A 31 51.99 15.75 -34.19
CA ALA A 31 52.23 14.80 -33.14
C ALA A 31 53.51 15.13 -32.32
N ALA A 32 54.58 15.47 -33.00
CA ALA A 32 55.83 15.82 -32.36
C ALA A 32 55.70 17.04 -31.44
N SER A 33 54.88 18.02 -31.83
CA SER A 33 54.65 19.19 -31.00
C SER A 33 53.79 18.75 -29.81
N VAL A 34 52.73 18.00 -30.08
CA VAL A 34 51.92 17.40 -29.00
C VAL A 34 52.77 16.58 -28.03
N LEU A 35 53.64 15.71 -28.52
CA LEU A 35 54.43 14.86 -27.63
C LEU A 35 55.32 15.70 -26.72
N ASP A 36 55.83 16.80 -27.25
CA ASP A 36 56.76 17.63 -26.52
C ASP A 36 56.02 18.42 -25.44
N MET A 37 54.87 19.00 -25.82
CA MET A 37 53.99 19.60 -24.84
C MET A 37 53.53 18.61 -23.75
N ALA A 38 53.13 17.39 -24.15
CA ALA A 38 52.64 16.41 -23.18
C ALA A 38 53.76 16.02 -22.21
N ARG A 39 54.97 15.87 -22.70
CA ARG A 39 56.07 15.62 -21.76
C ARG A 39 56.28 16.76 -20.74
N ALA A 40 55.99 17.98 -21.15
CA ALA A 40 56.06 19.10 -20.21
C ALA A 40 55.02 18.92 -19.14
N CYS A 41 53.79 18.58 -19.57
CA CYS A 41 52.67 18.38 -18.68
C CYS A 41 53.00 17.27 -17.68
N HIS A 42 53.61 16.22 -18.20
CA HIS A 42 54.03 15.12 -17.36
C HIS A 42 54.96 15.62 -16.29
N ASP A 43 55.96 16.39 -16.71
CA ASP A 43 56.96 16.93 -15.77
C ASP A 43 56.31 17.81 -14.70
N ASP A 44 55.20 18.44 -15.06
CA ASP A 44 54.43 19.28 -14.16
C ASP A 44 53.48 18.49 -13.27
N GLY A 45 53.47 17.16 -13.41
CA GLY A 45 52.55 16.32 -12.68
C GLY A 45 51.08 16.49 -13.06
N ALA A 46 50.79 17.00 -14.25
CA ALA A 46 49.39 17.08 -14.74
C ALA A 46 48.72 15.72 -14.94
N ALA A 47 47.42 15.70 -14.70
CA ALA A 47 46.64 14.50 -14.90
C ALA A 47 45.96 14.47 -16.29
N LEU A 48 45.90 15.62 -16.94
CA LEU A 48 45.06 15.85 -18.09
C LEU A 48 45.69 16.93 -18.92
N ALA A 49 45.68 16.71 -20.23
CA ALA A 49 46.25 17.66 -21.18
C ALA A 49 45.36 17.70 -22.40
N VAL A 50 44.65 18.81 -22.57
CA VAL A 50 43.71 18.99 -23.70
C VAL A 50 44.32 19.80 -24.83
N PHE A 51 44.17 19.34 -26.07
CA PHE A 51 44.76 20.03 -27.22
C PHE A 51 43.71 20.62 -28.16
N PRO A 52 44.13 21.37 -29.18
CA PRO A 52 43.11 22.01 -30.04
C PRO A 52 42.37 21.04 -30.94
N GLU A 53 41.18 21.44 -31.37
CA GLU A 53 40.36 20.68 -32.35
C GLU A 53 41.20 20.19 -33.54
N LEU A 54 41.03 18.93 -33.91
CA LEU A 54 41.73 18.41 -35.09
C LEU A 54 43.24 18.62 -35.06
N THR A 55 43.80 18.42 -33.88
CA THR A 55 45.22 18.59 -33.63
C THR A 55 46.15 17.97 -34.65
N LEU A 56 45.87 16.72 -35.04
CA LEU A 56 46.83 15.93 -35.79
C LEU A 56 46.84 16.28 -37.28
N SER A 57 45.83 17.02 -37.72
CA SER A 57 45.76 17.33 -39.13
C SER A 57 45.83 18.83 -39.35
N GLY A 58 45.40 19.57 -38.32
CA GLY A 58 45.14 20.99 -38.48
C GLY A 58 43.68 21.18 -38.78
N TYR A 59 43.04 22.13 -38.13
CA TYR A 59 41.61 22.29 -38.25
C TYR A 59 41.25 22.82 -39.63
N SER A 60 42.09 23.70 -40.13
CA SER A 60 41.77 24.56 -41.26
C SER A 60 42.06 23.96 -42.67
N ILE A 61 42.31 22.66 -42.79
CA ILE A 61 42.76 22.18 -44.08
C ILE A 61 41.63 21.84 -45.10
N GLU A 62 40.38 22.08 -44.73
CA GLU A 62 39.24 21.89 -45.69
C GLU A 62 39.24 20.54 -46.44
N ASP A 63 39.14 20.54 -47.76
CA ASP A 63 38.98 19.27 -48.45
C ASP A 63 40.23 18.41 -48.39
N VAL A 64 41.30 18.95 -47.81
CA VAL A 64 42.50 18.14 -47.66
C VAL A 64 42.26 17.08 -46.57
N LEU A 65 41.26 17.35 -45.72
CA LEU A 65 40.81 16.34 -44.74
C LEU A 65 40.37 15.02 -45.41
N LEU A 66 39.93 15.09 -46.68
CA LEU A 66 39.37 13.93 -47.41
C LEU A 66 40.43 13.14 -48.16
N GLN A 67 41.68 13.61 -48.14
CA GLN A 67 42.76 12.92 -48.85
C GLN A 67 43.30 11.68 -48.14
N ASP A 68 43.32 10.55 -48.84
CA ASP A 68 43.72 9.29 -48.23
C ASP A 68 45.05 9.41 -47.52
N SER A 69 45.96 10.15 -48.13
CA SER A 69 47.32 10.20 -47.58
C SER A 69 47.32 10.99 -46.29
N LEU A 70 46.41 11.95 -46.21
CA LEU A 70 46.36 12.77 -45.01
C LEU A 70 45.76 11.89 -43.91
N LEU A 71 44.62 11.28 -44.19
CA LEU A 71 43.97 10.39 -43.22
C LEU A 71 44.89 9.26 -42.78
N ASP A 72 45.71 8.73 -43.70
CA ASP A 72 46.60 7.60 -43.36
C ASP A 72 47.68 8.08 -42.42
N ALA A 73 48.19 9.26 -42.70
CA ALA A 73 49.24 9.82 -41.91
C ALA A 73 48.78 10.19 -40.47
N VAL A 74 47.57 10.74 -40.38
CA VAL A 74 46.94 10.96 -39.09
C VAL A 74 46.85 9.65 -38.29
N GLU A 75 46.41 8.56 -38.92
CA GLU A 75 46.36 7.27 -38.14
C GLU A 75 47.75 6.91 -37.63
N ASP A 76 48.73 6.90 -38.52
CA ASP A 76 50.11 6.58 -38.15
C ASP A 76 50.62 7.40 -36.99
N ALA A 77 50.29 8.68 -37.00
CA ALA A 77 50.80 9.58 -35.97
C ALA A 77 50.10 9.32 -34.63
N LEU A 78 48.80 9.02 -34.72
CA LEU A 78 48.00 8.77 -33.52
C LEU A 78 48.57 7.55 -32.79
N LEU A 79 48.92 6.52 -33.55
CA LEU A 79 49.44 5.29 -32.97
C LEU A 79 50.81 5.52 -32.34
N ASP A 80 51.61 6.39 -32.92
CA ASP A 80 52.87 6.78 -32.25
C ASP A 80 52.65 7.52 -30.95
N LEU A 81 51.69 8.45 -30.92
CA LEU A 81 51.37 9.12 -29.68
C LEU A 81 50.96 8.10 -28.66
N VAL A 82 50.10 7.17 -29.08
CA VAL A 82 49.55 6.23 -28.12
C VAL A 82 50.68 5.42 -27.51
N THR A 83 51.63 5.02 -28.34
CA THR A 83 52.78 4.28 -27.85
C THR A 83 53.66 5.12 -26.92
N GLU A 84 53.89 6.38 -27.29
CA GLU A 84 54.69 7.32 -26.43
C GLU A 84 53.99 7.55 -25.08
N SER A 85 52.67 7.46 -25.08
CA SER A 85 51.90 7.80 -23.91
C SER A 85 52.07 6.75 -22.82
N ALA A 86 52.67 5.62 -23.15
CA ALA A 86 52.89 4.58 -22.15
C ALA A 86 53.72 5.13 -21.01
N ASP A 87 54.49 6.15 -21.30
CA ASP A 87 55.42 6.71 -20.33
C ASP A 87 55.00 8.06 -19.76
N LEU A 88 53.82 8.52 -20.14
CA LEU A 88 53.34 9.84 -19.76
C LEU A 88 52.27 9.72 -18.69
N LEU A 89 52.33 10.57 -17.67
CA LEU A 89 51.34 10.53 -16.60
C LEU A 89 49.94 10.99 -16.99
N PRO A 90 49.82 12.13 -17.68
CA PRO A 90 48.48 12.67 -17.96
C PRO A 90 47.71 11.89 -18.99
N VAL A 91 46.39 11.97 -18.89
CA VAL A 91 45.47 11.59 -19.94
C VAL A 91 45.60 12.65 -21.03
N LEU A 92 45.84 12.24 -22.28
CA LEU A 92 45.95 13.19 -23.36
C LEU A 92 44.63 13.20 -24.13
N VAL A 93 44.17 14.39 -24.46
CA VAL A 93 43.01 14.52 -25.35
C VAL A 93 43.41 15.22 -26.66
N VAL A 94 43.60 14.42 -27.70
CA VAL A 94 44.12 14.89 -28.96
C VAL A 94 43.09 14.83 -30.09
N GLY A 95 43.01 15.89 -30.90
CA GLY A 95 42.09 15.99 -32.01
C GLY A 95 42.62 15.26 -33.23
N ALA A 96 41.71 14.68 -33.99
CA ALA A 96 42.09 13.88 -35.16
C ALA A 96 40.84 13.64 -35.96
N PRO A 97 40.96 13.80 -37.29
CA PRO A 97 39.92 13.39 -38.23
C PRO A 97 40.03 11.87 -38.39
N LEU A 98 38.99 11.12 -38.08
CA LEU A 98 39.10 9.65 -38.12
C LEU A 98 38.01 9.01 -38.96
N ARG A 99 38.39 7.99 -39.72
CA ARG A 99 37.41 7.19 -40.44
C ARG A 99 36.61 6.31 -39.50
N HIS A 100 35.29 6.34 -39.68
CA HIS A 100 34.40 5.38 -39.07
C HIS A 100 33.16 5.09 -39.93
N ARG A 101 32.89 3.81 -40.15
CA ARG A 101 31.79 3.45 -41.00
C ARG A 101 31.94 4.09 -42.41
N HIS A 102 31.10 5.08 -42.73
CA HIS A 102 31.10 5.71 -44.05
C HIS A 102 31.93 6.98 -44.13
N ARG A 103 32.26 7.61 -43.01
CA ARG A 103 32.75 8.96 -43.07
C ARG A 103 33.92 9.25 -42.17
N ILE A 104 34.38 10.48 -42.21
CA ILE A 104 35.34 10.85 -41.21
C ILE A 104 34.62 11.71 -40.20
N TYR A 105 34.97 11.46 -38.94
CA TYR A 105 34.38 12.19 -37.84
C TYR A 105 35.42 13.13 -37.34
N ASN A 106 34.98 14.27 -36.83
CA ASN A 106 35.85 15.24 -36.16
C ASN A 106 35.93 14.77 -34.75
N THR A 107 37.03 14.10 -34.41
CA THR A 107 37.08 13.44 -33.09
C THR A 107 38.12 13.97 -32.10
N ALA A 108 37.92 13.59 -30.84
CA ALA A 108 38.94 13.81 -29.84
C ALA A 108 39.27 12.40 -29.36
N VAL A 109 40.56 12.04 -29.48
CA VAL A 109 41.03 10.74 -28.99
C VAL A 109 41.55 10.85 -27.53
N VAL A 110 40.93 10.11 -26.63
CA VAL A 110 41.35 10.16 -25.22
C VAL A 110 42.36 9.06 -24.97
N ILE A 111 43.60 9.46 -24.75
CA ILE A 111 44.73 8.54 -24.68
C ILE A 111 45.32 8.45 -23.29
N HIS A 112 45.63 7.25 -22.85
CA HIS A 112 46.22 7.10 -21.50
C HIS A 112 47.14 5.90 -21.33
N ARG A 113 48.33 6.15 -20.83
CA ARG A 113 49.28 5.12 -20.52
C ARG A 113 49.34 3.96 -21.51
N GLY A 114 49.46 4.30 -22.80
CA GLY A 114 49.65 3.28 -23.81
C GLY A 114 48.40 2.75 -24.51
N ALA A 115 47.24 3.28 -24.15
CA ALA A 115 45.98 2.80 -24.71
C ALA A 115 45.10 3.95 -25.09
N VAL A 116 44.19 3.72 -26.03
CA VAL A 116 43.11 4.67 -26.27
C VAL A 116 41.92 4.29 -25.39
N LEU A 117 41.44 5.20 -24.58
CA LEU A 117 40.32 4.94 -23.69
C LEU A 117 39.01 5.11 -24.42
N GLY A 118 38.98 6.02 -25.38
CA GLY A 118 37.73 6.35 -26.02
C GLY A 118 37.96 7.30 -27.17
N VAL A 119 37.02 7.34 -28.10
CA VAL A 119 37.09 8.30 -29.17
C VAL A 119 35.76 9.03 -29.19
N VAL A 120 35.82 10.36 -29.12
CA VAL A 120 34.62 11.20 -29.01
C VAL A 120 34.45 12.08 -30.25
N PRO A 121 33.34 11.87 -30.96
CA PRO A 121 33.11 12.68 -32.15
C PRO A 121 32.43 14.00 -31.79
N LYS A 122 32.78 15.08 -32.46
CA LYS A 122 32.06 16.32 -32.31
C LYS A 122 30.58 16.09 -32.65
N SER A 123 29.67 16.68 -31.90
CA SER A 123 28.24 16.48 -32.16
C SER A 123 27.65 17.44 -33.19
N TYR A 124 28.01 18.72 -33.09
CA TYR A 124 27.39 19.72 -33.96
C TYR A 124 28.46 20.39 -34.78
N LEU A 125 28.33 20.23 -36.09
CA LEU A 125 29.28 20.68 -37.08
C LEU A 125 28.79 21.95 -37.79
N PRO A 126 29.37 23.10 -37.43
CA PRO A 126 28.88 24.37 -37.99
C PRO A 126 29.12 24.43 -39.51
N THR A 127 28.05 24.76 -40.21
CA THR A 127 28.10 24.92 -41.64
C THR A 127 27.31 26.18 -41.93
N TYR A 128 28.01 27.29 -41.73
CA TYR A 128 27.46 28.63 -41.88
C TYR A 128 28.60 29.60 -41.68
N ARG A 129 28.39 30.85 -42.09
CA ARG A 129 29.47 31.86 -42.07
C ARG A 129 30.84 31.34 -42.51
N GLU A 130 31.83 31.32 -41.62
CA GLU A 130 33.20 30.88 -42.06
C GLU A 130 33.38 29.37 -41.90
N PHE A 131 32.32 28.68 -41.51
CA PHE A 131 32.43 27.25 -41.22
C PHE A 131 31.78 26.35 -42.28
N TYR A 132 32.52 25.33 -42.70
CA TYR A 132 32.04 24.38 -43.70
C TYR A 132 32.12 22.91 -43.23
N GLU A 133 31.99 22.65 -41.94
CA GLU A 133 32.42 21.32 -41.42
C GLU A 133 31.63 20.13 -41.99
N ARG A 134 30.33 20.32 -42.22
CA ARG A 134 29.48 19.23 -42.71
C ARG A 134 29.91 18.75 -44.12
N ARG A 135 30.55 19.61 -44.88
CA ARG A 135 31.11 19.23 -46.13
C ARG A 135 32.09 18.07 -46.03
N GLN A 136 32.99 18.09 -45.06
CA GLN A 136 34.00 17.03 -44.93
C GLN A 136 33.70 15.94 -43.89
N MET A 137 32.92 16.27 -42.88
CA MET A 137 32.88 15.44 -41.70
C MET A 137 31.45 15.21 -41.26
N ALA A 138 31.21 14.05 -40.65
CA ALA A 138 29.85 13.71 -40.19
C ALA A 138 29.60 14.10 -38.73
N PRO A 139 28.34 14.43 -38.41
CA PRO A 139 27.91 14.70 -37.03
C PRO A 139 28.02 13.46 -36.12
N GLY A 140 28.38 13.69 -34.85
CA GLY A 140 28.62 12.63 -33.88
C GLY A 140 27.39 12.34 -33.01
N ASP A 141 26.43 13.27 -32.99
CA ASP A 141 25.34 13.14 -32.04
C ASP A 141 24.62 11.84 -32.25
N GLY A 142 24.50 11.07 -31.18
CA GLY A 142 23.83 9.79 -31.35
C GLY A 142 24.66 8.63 -31.89
N GLU A 143 25.93 8.86 -32.21
CA GLU A 143 26.80 7.67 -32.51
C GLU A 143 27.25 7.00 -31.24
N ARG A 144 27.11 5.66 -31.24
CA ARG A 144 27.61 4.85 -30.13
C ARG A 144 28.47 3.75 -30.66
N GLY A 145 28.70 2.74 -29.84
CA GLY A 145 29.47 1.61 -30.32
C GLY A 145 30.96 1.77 -30.12
N THR A 146 31.71 1.17 -31.04
CA THR A 146 33.16 1.20 -30.91
C THR A 146 33.77 1.58 -32.21
N ILE A 147 35.06 1.91 -32.16
CA ILE A 147 35.82 2.20 -33.38
C ILE A 147 37.16 1.46 -33.28
N ARG A 148 37.70 1.10 -34.43
CA ARG A 148 38.83 0.19 -34.43
C ARG A 148 40.02 1.05 -34.63
N ILE A 149 40.85 1.16 -33.59
CA ILE A 149 42.04 2.00 -33.67
C ILE A 149 43.24 1.17 -33.25
N GLY A 150 44.21 1.08 -34.15
CA GLY A 150 45.38 0.25 -33.91
C GLY A 150 45.05 -1.12 -33.35
N GLY A 151 44.28 -1.90 -34.11
CA GLY A 151 43.94 -3.24 -33.66
C GLY A 151 43.26 -3.42 -32.29
N ALA A 152 42.53 -2.41 -31.84
CA ALA A 152 41.69 -2.57 -30.65
C ALA A 152 40.36 -1.88 -30.87
N ASP A 153 39.32 -2.41 -30.22
CA ASP A 153 38.02 -1.78 -30.37
C ASP A 153 37.85 -0.92 -29.19
N VAL A 154 37.58 0.34 -29.43
CA VAL A 154 37.48 1.21 -28.27
C VAL A 154 36.17 1.95 -28.38
N ALA A 155 35.60 2.24 -27.22
CA ALA A 155 34.37 3.01 -27.16
C ALA A 155 34.42 4.25 -28.05
N PHE A 156 33.29 4.49 -28.69
CA PHE A 156 33.13 5.59 -29.64
C PHE A 156 31.78 6.22 -29.36
N GLY A 157 31.75 7.53 -29.15
CA GLY A 157 30.46 8.19 -29.03
C GLY A 157 30.44 9.41 -28.17
N THR A 158 29.29 10.09 -28.16
CA THR A 158 29.13 11.33 -27.44
C THR A 158 28.87 11.13 -25.95
N ASP A 159 28.34 9.95 -25.63
CA ASP A 159 28.04 9.43 -24.27
C ASP A 159 29.18 8.81 -23.40
N LEU A 160 30.41 9.28 -23.47
CA LEU A 160 31.47 8.65 -22.69
C LEU A 160 31.95 9.44 -21.46
N LEU A 161 32.32 8.74 -20.40
CA LEU A 161 32.90 9.34 -19.21
C LEU A 161 34.15 8.60 -18.85
N PHE A 162 35.20 9.33 -18.53
CA PHE A 162 36.44 8.67 -18.19
C PHE A 162 36.71 8.98 -16.77
N ALA A 163 36.69 7.94 -15.95
CA ALA A 163 36.69 8.10 -14.50
C ALA A 163 37.96 7.53 -13.92
N ALA A 164 38.63 8.33 -13.14
CA ALA A 164 39.84 7.87 -12.49
C ALA A 164 39.42 7.03 -11.32
N SER A 165 39.86 5.79 -11.34
CA SER A 165 39.48 4.82 -10.32
C SER A 165 40.14 5.14 -8.98
N ASP A 166 41.31 5.75 -9.01
CA ASP A 166 42.04 6.10 -7.79
C ASP A 166 41.95 7.59 -7.49
N LEU A 167 40.87 8.23 -7.93
CA LEU A 167 40.76 9.67 -7.82
C LEU A 167 39.37 10.06 -8.30
N PRO A 168 38.38 9.74 -7.48
CA PRO A 168 36.98 9.68 -7.87
C PRO A 168 36.37 11.05 -8.08
N GLY A 169 37.00 12.08 -7.54
CA GLY A 169 36.57 13.44 -7.85
C GLY A 169 36.78 13.81 -9.32
N PHE A 170 37.62 13.04 -10.03
CA PHE A 170 38.04 13.36 -11.39
C PHE A 170 37.33 12.43 -12.37
N VAL A 171 36.25 12.94 -12.96
CA VAL A 171 35.52 12.22 -14.01
C VAL A 171 35.44 13.14 -15.19
N LEU A 172 36.11 12.70 -16.29
CA LEU A 172 36.28 13.47 -17.51
C LEU A 172 35.16 13.25 -18.50
N HIS A 173 34.67 14.35 -19.06
CA HIS A 173 33.88 14.29 -20.28
C HIS A 173 34.49 15.22 -21.30
N VAL A 174 34.39 14.86 -22.58
CA VAL A 174 35.01 15.64 -23.68
C VAL A 174 33.97 16.06 -24.70
N GLU A 175 34.02 17.32 -25.10
CA GLU A 175 33.21 17.80 -26.23
C GLU A 175 34.08 18.66 -27.12
N ILE A 176 33.53 19.09 -28.24
CA ILE A 176 34.37 19.79 -29.20
C ILE A 176 33.76 21.11 -29.68
N CYS A 177 34.50 22.18 -29.44
CA CYS A 177 34.14 23.50 -29.92
C CYS A 177 32.64 23.80 -29.92
N GLU A 178 32.01 23.75 -31.10
CA GLU A 178 30.60 24.17 -31.26
C GLU A 178 29.67 23.48 -30.28
N ASP A 179 30.07 22.29 -29.84
CA ASP A 179 29.27 21.54 -28.87
C ASP A 179 28.80 22.39 -27.65
N MET A 180 29.62 23.33 -27.20
CA MET A 180 29.28 24.12 -26.00
C MET A 180 28.46 25.37 -26.25
N PHE A 181 28.12 25.57 -27.52
CA PHE A 181 27.41 26.76 -28.00
C PHE A 181 25.92 26.53 -28.31
N VAL A 182 25.48 25.28 -28.36
CA VAL A 182 24.05 25.03 -28.64
C VAL A 182 23.24 25.04 -27.33
N PRO A 183 21.93 25.29 -27.42
CA PRO A 183 21.13 25.33 -26.16
C PRO A 183 21.33 24.11 -25.19
N MET A 184 21.53 22.91 -25.70
CA MET A 184 21.66 21.73 -24.88
C MET A 184 22.92 20.98 -25.27
N PRO A 185 24.04 21.43 -24.72
CA PRO A 185 25.37 20.88 -24.99
C PRO A 185 25.50 19.51 -24.37
N PRO A 186 26.20 18.61 -25.06
CA PRO A 186 26.55 17.28 -24.52
C PRO A 186 27.13 17.39 -23.09
N SER A 187 27.90 18.43 -22.82
CA SER A 187 28.64 18.51 -21.56
C SER A 187 27.66 18.67 -20.40
N ALA A 188 26.51 19.30 -20.65
CA ALA A 188 25.54 19.53 -19.57
C ALA A 188 24.89 18.19 -19.08
N GLU A 189 24.55 17.33 -20.04
CA GLU A 189 24.10 15.97 -19.71
C GLU A 189 25.23 15.18 -19.05
N ALA A 190 26.45 15.37 -19.54
CA ALA A 190 27.60 14.71 -18.96
C ALA A 190 27.78 15.09 -17.48
N ALA A 191 27.54 16.36 -17.14
CA ALA A 191 27.80 16.76 -15.75
C ALA A 191 26.74 16.18 -14.86
N LEU A 192 25.47 16.23 -15.28
CA LEU A 192 24.43 15.50 -14.54
C LEU A 192 24.71 14.00 -14.38
N ALA A 193 25.41 13.41 -15.33
CA ALA A 193 25.74 11.99 -15.24
C ALA A 193 26.94 11.71 -14.36
N GLY A 194 27.69 12.74 -14.02
CA GLY A 194 28.80 12.53 -13.12
C GLY A 194 30.12 13.15 -13.55
N ALA A 195 30.15 13.80 -14.71
CA ALA A 195 31.39 14.43 -15.14
C ALA A 195 31.64 15.65 -14.27
N THR A 196 32.90 15.81 -13.86
CA THR A 196 33.33 16.95 -13.04
C THR A 196 34.34 17.86 -13.79
N VAL A 197 35.10 17.26 -14.70
CA VAL A 197 36.03 18.00 -15.54
C VAL A 197 35.59 17.93 -17.01
N LEU A 198 35.17 19.04 -17.57
CA LEU A 198 34.67 19.07 -18.92
C LEU A 198 35.74 19.68 -19.83
N ALA A 199 36.28 18.86 -20.73
CA ALA A 199 37.23 19.31 -21.76
C ALA A 199 36.57 19.81 -23.02
N ASN A 200 37.17 20.83 -23.65
CA ASN A 200 36.72 21.28 -24.95
C ASN A 200 37.90 21.53 -25.87
N LEU A 201 38.00 20.77 -26.95
CA LEU A 201 38.98 21.03 -28.00
C LEU A 201 38.33 21.98 -29.00
N SER A 202 38.99 23.11 -29.27
CA SER A 202 38.45 24.12 -30.14
C SER A 202 39.39 24.47 -31.31
N GLY A 203 38.80 24.78 -32.45
CA GLY A 203 39.54 25.29 -33.59
C GLY A 203 39.41 26.80 -33.47
N SER A 204 38.23 27.28 -33.83
CA SER A 204 37.79 28.61 -33.43
C SER A 204 38.63 29.70 -34.06
N PRO A 205 38.46 29.92 -35.38
CA PRO A 205 39.23 31.06 -35.89
C PRO A 205 38.80 32.34 -35.13
N ILE A 206 39.72 33.28 -34.96
CA ILE A 206 39.47 34.41 -34.09
C ILE A 206 38.89 35.58 -34.85
N THR A 207 37.89 36.23 -34.26
CA THR A 207 37.36 37.48 -34.78
C THR A 207 37.14 38.44 -33.64
N ILE A 208 36.94 39.70 -33.98
CA ILE A 208 36.57 40.67 -32.96
C ILE A 208 35.40 40.15 -32.08
N GLY A 209 35.62 40.11 -30.78
CA GLY A 209 34.55 39.75 -29.86
C GLY A 209 34.39 38.25 -29.59
N ARG A 210 35.02 37.41 -30.38
CA ARG A 210 34.91 35.98 -30.15
C ARG A 210 35.54 35.46 -28.84
N ALA A 211 36.66 36.04 -28.44
CA ALA A 211 37.28 35.60 -27.19
C ALA A 211 36.30 35.79 -26.04
N GLU A 212 35.53 36.87 -26.10
CA GLU A 212 34.48 37.09 -25.08
C GLU A 212 33.44 35.98 -25.17
N ASP A 213 32.93 35.70 -26.37
CA ASP A 213 31.99 34.62 -26.58
C ASP A 213 32.47 33.30 -25.99
N ARG A 214 33.71 32.93 -26.29
CA ARG A 214 34.29 31.72 -25.72
C ARG A 214 34.26 31.76 -24.21
N ARG A 215 34.70 32.90 -23.63
CA ARG A 215 34.70 33.03 -22.16
C ARG A 215 33.30 32.90 -21.60
N LEU A 216 32.32 33.55 -22.24
CA LEU A 216 30.97 33.62 -21.72
C LEU A 216 30.45 32.20 -21.60
N LEU A 217 30.69 31.42 -22.66
CA LEU A 217 30.17 30.08 -22.72
C LEU A 217 30.95 29.06 -21.89
N ALA A 218 32.26 29.17 -21.82
CA ALA A 218 33.02 28.29 -20.93
C ALA A 218 32.79 28.64 -19.45
N ARG A 219 32.73 29.92 -19.16
CA ARG A 219 32.48 30.32 -17.80
C ARG A 219 31.09 29.88 -17.35
N SER A 220 30.05 30.24 -18.10
CA SER A 220 28.70 29.85 -17.70
C SER A 220 28.59 28.34 -17.59
N ALA A 221 29.25 27.59 -18.47
CA ALA A 221 29.13 26.12 -18.39
C ALA A 221 29.69 25.60 -17.09
N SER A 222 30.90 26.06 -16.77
CA SER A 222 31.57 25.68 -15.53
C SER A 222 30.75 26.03 -14.26
N ALA A 223 30.04 27.15 -14.27
CA ALA A 223 29.15 27.56 -13.20
C ALA A 223 27.85 26.74 -13.19
N ARG A 224 27.10 26.71 -14.28
CA ARG A 224 25.84 25.99 -14.30
C ARG A 224 26.01 24.47 -14.07
N CYS A 225 27.18 23.92 -14.37
CA CYS A 225 27.41 22.48 -14.24
C CYS A 225 28.33 22.13 -13.10
N LEU A 226 28.59 23.10 -12.24
CA LEU A 226 29.40 22.85 -11.05
C LEU A 226 30.64 22.05 -11.41
N ALA A 227 31.41 22.55 -12.37
CA ALA A 227 32.50 21.75 -12.94
C ALA A 227 33.72 22.60 -13.29
N ALA A 228 34.85 21.91 -13.49
CA ALA A 228 35.99 22.50 -14.19
C ALA A 228 35.68 22.46 -15.69
N TYR A 229 36.06 23.52 -16.40
CA TYR A 229 35.96 23.55 -17.88
C TYR A 229 37.33 23.85 -18.45
N VAL A 230 37.88 22.93 -19.22
CA VAL A 230 39.24 23.07 -19.73
C VAL A 230 39.19 23.26 -21.23
N TYR A 231 39.70 24.41 -21.72
CA TYR A 231 39.50 24.87 -23.11
C TYR A 231 40.80 25.22 -23.86
N ALA A 232 40.92 24.74 -25.09
CA ALA A 232 42.14 24.88 -25.86
C ALA A 232 41.81 25.15 -27.34
N ALA A 233 42.23 26.30 -27.84
CA ALA A 233 42.00 26.69 -29.22
C ALA A 233 43.25 26.66 -30.11
N ALA A 234 43.05 26.63 -31.41
CA ALA A 234 44.16 26.49 -32.31
C ALA A 234 44.85 27.85 -32.46
N GLY A 235 46.13 27.83 -32.79
CA GLY A 235 46.90 29.04 -32.96
C GLY A 235 47.85 29.10 -34.17
N GLU A 236 49.08 29.52 -33.95
CA GLU A 236 50.08 29.61 -35.04
C GLU A 236 50.17 28.33 -35.83
N GLY A 237 50.22 28.45 -37.16
CA GLY A 237 50.32 27.32 -38.04
C GLY A 237 49.06 27.02 -38.85
N GLU A 238 47.89 27.18 -38.23
CA GLU A 238 46.62 27.08 -38.99
C GLU A 238 46.69 28.03 -40.22
N SER A 239 46.03 27.63 -41.30
CA SER A 239 46.01 28.42 -42.53
C SER A 239 45.37 29.77 -42.34
N THR A 240 45.96 30.77 -42.96
CA THR A 240 45.40 32.12 -42.96
C THR A 240 44.92 32.52 -44.36
N THR A 241 44.56 31.50 -45.13
CA THR A 241 43.82 31.68 -46.36
C THR A 241 42.59 32.55 -46.17
N ASP A 242 41.79 32.31 -45.12
CA ASP A 242 40.63 33.20 -44.84
C ASP A 242 40.43 33.62 -43.37
N LEU A 243 41.31 33.15 -42.50
CA LEU A 243 41.10 33.27 -41.08
C LEU A 243 42.42 33.48 -40.29
N ALA A 244 42.32 34.06 -39.09
CA ALA A 244 43.45 34.13 -38.18
C ALA A 244 43.10 33.38 -36.92
N TRP A 245 44.12 33.03 -36.16
CA TRP A 245 43.98 32.17 -34.98
C TRP A 245 44.73 32.74 -33.80
N ASP A 246 44.15 32.60 -32.60
CA ASP A 246 44.74 33.25 -31.44
C ASP A 246 45.33 32.37 -30.30
N GLY A 247 45.17 31.05 -30.37
CA GLY A 247 45.86 30.16 -29.45
C GLY A 247 45.33 30.23 -27.99
N GLN A 248 44.14 30.79 -27.81
CA GLN A 248 43.68 30.99 -26.45
C GLN A 248 43.50 29.66 -25.73
N THR A 249 44.03 29.58 -24.53
CA THR A 249 43.70 28.46 -23.66
C THR A 249 43.21 29.00 -22.34
N MET A 250 42.31 28.27 -21.71
CA MET A 250 41.78 28.70 -20.41
C MET A 250 41.21 27.52 -19.59
N ILE A 251 41.09 27.72 -18.30
CA ILE A 251 40.59 26.68 -17.41
C ILE A 251 39.68 27.35 -16.39
N TRP A 252 38.43 26.93 -16.35
CA TRP A 252 37.47 27.54 -15.46
C TRP A 252 37.06 26.55 -14.37
N GLU A 253 36.58 27.06 -13.26
CA GLU A 253 36.09 26.15 -12.21
C GLU A 253 34.95 26.86 -11.53
N ASN A 254 33.77 26.31 -11.74
CA ASN A 254 32.58 26.81 -11.10
C ASN A 254 32.38 28.33 -11.23
N GLY A 255 32.71 28.86 -12.40
CA GLY A 255 32.50 30.26 -12.67
C GLY A 255 33.75 31.09 -12.51
N ALA A 256 34.81 30.50 -11.96
CA ALA A 256 36.04 31.24 -11.66
C ALA A 256 37.12 30.91 -12.63
N LEU A 257 37.89 31.92 -13.05
CA LEU A 257 39.01 31.63 -13.94
C LEU A 257 40.20 31.08 -13.17
N LEU A 258 40.60 29.82 -13.38
CA LEU A 258 41.84 29.38 -12.74
C LEU A 258 43.09 29.79 -13.51
N ALA A 259 43.00 29.96 -14.83
CA ALA A 259 44.21 30.22 -15.65
C ALA A 259 43.83 30.49 -17.08
N GLU A 260 44.66 31.26 -17.77
CA GLU A 260 44.49 31.43 -19.21
C GLU A 260 45.83 31.77 -19.76
N SER A 261 45.93 31.84 -21.07
CA SER A 261 47.24 32.01 -21.63
C SER A 261 47.24 33.21 -22.56
N GLU A 262 48.43 33.58 -23.00
CA GLU A 262 48.61 34.73 -23.87
C GLU A 262 47.88 34.52 -25.18
N ARG A 263 47.04 35.49 -25.57
CA ARG A 263 46.45 35.45 -26.90
C ARG A 263 47.49 35.85 -27.97
N PHE A 264 47.43 35.22 -29.14
CA PHE A 264 48.35 35.50 -30.25
C PHE A 264 49.79 35.29 -29.82
N PRO A 265 50.07 34.15 -29.18
CA PRO A 265 51.44 33.99 -28.72
C PRO A 265 52.40 33.70 -29.87
N LYS A 266 53.66 34.05 -29.70
CA LYS A 266 54.70 33.49 -30.54
C LYS A 266 55.17 32.23 -29.83
N GLY A 267 54.88 31.07 -30.40
CA GLY A 267 55.28 29.81 -29.78
C GLY A 267 54.12 29.15 -29.04
N VAL A 268 54.36 28.00 -28.44
CA VAL A 268 53.28 27.24 -27.85
C VAL A 268 53.05 27.80 -26.47
N ARG A 269 51.82 27.63 -25.98
CA ARG A 269 51.43 28.05 -24.62
C ARG A 269 50.60 26.98 -23.97
N ARG A 270 50.65 26.92 -22.65
CA ARG A 270 49.83 26.04 -21.79
C ARG A 270 49.17 26.86 -20.70
N SER A 271 47.94 26.52 -20.37
CA SER A 271 47.37 26.91 -19.10
C SER A 271 47.41 25.67 -18.23
N VAL A 272 48.06 25.77 -17.07
CA VAL A 272 48.10 24.68 -16.10
C VAL A 272 47.58 25.17 -14.75
N ALA A 273 46.63 24.44 -14.17
CA ALA A 273 46.06 24.85 -12.89
C ALA A 273 45.63 23.66 -12.05
N ASP A 274 45.69 23.78 -10.74
CA ASP A 274 45.15 22.72 -9.89
C ASP A 274 43.67 22.95 -9.62
N VAL A 275 42.81 22.08 -10.19
CA VAL A 275 41.36 22.06 -9.99
C VAL A 275 41.04 21.41 -8.65
N ASP A 276 40.19 22.06 -7.88
CA ASP A 276 39.79 21.50 -6.57
C ASP A 276 38.54 20.54 -6.66
N THR A 277 38.79 19.24 -6.81
CA THR A 277 37.66 18.33 -6.99
C THR A 277 36.74 18.30 -5.75
N GLU A 278 37.30 18.57 -4.59
CA GLU A 278 36.47 18.69 -3.36
C GLU A 278 35.54 19.89 -3.41
N LEU A 279 36.01 20.99 -3.99
CA LEU A 279 35.15 22.17 -4.14
C LEU A 279 33.91 21.81 -4.96
N LEU A 280 34.12 21.16 -6.11
CA LEU A 280 33.03 20.69 -6.97
C LEU A 280 32.14 19.68 -6.21
N ARG A 281 32.79 18.69 -5.59
CA ARG A 281 32.07 17.75 -4.72
C ARG A 281 31.14 18.49 -3.74
N SER A 282 31.67 19.51 -3.05
CA SER A 282 30.90 20.18 -2.00
C SER A 282 29.76 20.98 -2.59
N GLU A 283 29.99 21.56 -3.75
CA GLU A 283 28.95 22.44 -4.30
C GLU A 283 27.76 21.58 -4.67
N ARG A 284 28.08 20.45 -5.27
CA ARG A 284 27.11 19.48 -5.71
C ARG A 284 26.35 18.77 -4.59
N LEU A 285 27.06 18.52 -3.49
CA LEU A 285 26.44 17.88 -2.32
C LEU A 285 25.32 18.75 -1.74
N ARG A 286 25.46 20.05 -1.94
CA ARG A 286 24.62 21.03 -1.34
C ARG A 286 23.49 21.52 -2.22
N MET A 287 23.72 21.54 -3.53
CA MET A 287 22.73 22.06 -4.44
C MET A 287 21.83 20.92 -4.94
N GLY A 288 20.85 20.56 -4.14
CA GLY A 288 20.02 19.44 -4.52
C GLY A 288 19.28 19.60 -5.83
N THR A 289 18.98 20.83 -6.22
CA THR A 289 18.30 21.01 -7.50
C THR A 289 19.11 20.47 -8.68
N PHE A 290 20.41 20.28 -8.50
CA PHE A 290 21.30 19.75 -9.52
C PHE A 290 20.97 18.25 -9.73
N ASP A 291 20.94 17.50 -8.65
CA ASP A 291 20.55 16.10 -8.69
C ASP A 291 19.09 15.96 -9.14
N ASP A 292 18.23 16.90 -8.74
CA ASP A 292 16.85 16.95 -9.27
C ASP A 292 16.77 17.06 -10.81
N ASN A 293 17.67 17.85 -11.40
CA ASN A 293 17.74 18.02 -12.84
C ASN A 293 18.12 16.68 -13.45
N ARG A 294 19.15 16.05 -12.88
CA ARG A 294 19.53 14.72 -13.31
C ARG A 294 18.36 13.76 -13.27
N ARG A 295 17.67 13.65 -12.15
CA ARG A 295 16.53 12.71 -12.09
C ARG A 295 15.46 13.01 -13.12
N HIS A 296 15.30 14.28 -13.43
CA HIS A 296 14.32 14.61 -14.46
C HIS A 296 14.78 14.10 -15.85
N HIS A 297 16.08 14.12 -16.12
CA HIS A 297 16.65 13.55 -17.33
C HIS A 297 17.32 12.22 -17.05
N ARG A 298 16.63 11.41 -16.27
CA ARG A 298 17.16 10.08 -15.88
C ARG A 298 17.60 9.25 -17.08
N GLU A 299 16.72 9.14 -18.08
CA GLU A 299 17.08 8.33 -19.27
C GLU A 299 18.35 8.84 -19.94
N LEU A 300 18.35 10.07 -20.44
CA LEU A 300 19.60 10.75 -20.82
C LEU A 300 20.84 10.44 -19.94
N THR A 301 20.72 10.50 -18.62
CA THR A 301 21.91 10.51 -17.79
C THR A 301 22.41 9.13 -17.35
N GLU A 302 21.54 8.13 -17.38
CA GLU A 302 21.98 6.76 -16.96
C GLU A 302 22.57 5.93 -18.09
N SER A 303 22.44 6.46 -19.29
CA SER A 303 22.94 5.81 -20.45
C SER A 303 24.43 6.09 -20.76
N PHE A 304 25.13 6.85 -19.91
CA PHE A 304 26.55 7.12 -20.16
C PHE A 304 27.36 5.87 -19.87
N ARG A 305 28.39 5.65 -20.66
CA ARG A 305 29.30 4.53 -20.47
C ARG A 305 30.48 5.07 -19.72
N ARG A 306 30.92 4.35 -18.70
CA ARG A 306 31.95 4.87 -17.81
C ARG A 306 33.19 4.06 -18.01
N ILE A 307 34.22 4.66 -18.60
CA ILE A 307 35.49 3.98 -18.83
C ILE A 307 36.46 4.31 -17.70
N ASP A 308 36.99 3.26 -17.08
CA ASP A 308 37.86 3.43 -15.94
C ASP A 308 39.32 3.47 -16.35
N PHE A 309 40.08 4.29 -15.62
CA PHE A 309 41.54 4.29 -15.73
C PHE A 309 42.15 4.64 -14.36
N ALA A 310 43.39 4.20 -14.16
CA ALA A 310 44.08 4.47 -12.90
C ALA A 310 45.11 5.52 -13.22
N LEU A 311 44.96 6.68 -12.61
CA LEU A 311 45.85 7.81 -12.86
C LEU A 311 47.21 7.61 -12.18
N ASP A 312 47.17 7.17 -10.92
CA ASP A 312 48.34 7.04 -10.06
C ASP A 312 49.22 8.32 -10.05
N PRO A 313 48.63 9.41 -9.56
CA PRO A 313 49.33 10.69 -9.63
C PRO A 313 50.50 10.70 -8.67
N PRO A 314 51.35 11.71 -8.79
CA PRO A 314 52.51 11.83 -7.89
C PRO A 314 52.07 12.15 -6.47
N ALA A 315 52.77 11.53 -5.54
CA ALA A 315 52.42 11.60 -4.14
C ALA A 315 53.11 12.75 -3.37
N GLY A 316 54.15 13.34 -3.96
CA GLY A 316 54.96 14.31 -3.27
C GLY A 316 54.56 15.75 -3.44
N ASP A 317 55.45 16.64 -2.98
CA ASP A 317 55.18 18.06 -3.02
C ASP A 317 55.40 18.53 -4.44
N ILE A 318 54.34 18.95 -5.10
CA ILE A 318 54.48 19.52 -6.41
C ILE A 318 53.89 20.93 -6.39
N GLY A 319 53.98 21.62 -5.26
CA GLY A 319 53.40 22.94 -5.14
C GLY A 319 51.89 22.95 -5.30
N LEU A 320 51.32 24.13 -5.50
CA LEU A 320 49.90 24.23 -5.74
C LEU A 320 49.65 25.32 -6.77
N LEU A 321 49.25 24.92 -7.97
CA LEU A 321 49.07 25.90 -9.03
C LEU A 321 47.68 26.48 -8.93
N ARG A 322 47.47 27.29 -7.90
CA ARG A 322 46.16 27.82 -7.64
C ARG A 322 46.37 29.08 -6.85
N GLU A 323 45.57 30.09 -7.12
CA GLU A 323 45.62 31.35 -6.31
C GLU A 323 44.69 31.20 -5.11
N VAL A 324 45.23 30.95 -3.93
CA VAL A 324 44.36 30.91 -2.74
C VAL A 324 44.34 32.28 -2.04
N GLU A 325 43.24 33.03 -2.15
CA GLU A 325 43.22 34.37 -1.49
C GLU A 325 43.27 34.30 0.04
N ARG A 326 44.03 35.20 0.66
CA ARG A 326 44.14 35.26 2.11
C ARG A 326 42.80 35.53 2.84
N PHE A 327 41.94 36.33 2.21
CA PHE A 327 40.68 36.76 2.83
C PHE A 327 39.53 36.35 1.96
N PRO A 328 39.04 35.14 2.15
CA PRO A 328 37.91 34.61 1.37
C PRO A 328 36.72 35.58 1.32
N PHE A 329 36.60 36.42 2.34
CA PHE A 329 35.52 37.41 2.47
C PHE A 329 35.92 38.81 1.97
N VAL A 330 37.23 38.99 1.78
CA VAL A 330 37.82 40.25 1.30
C VAL A 330 38.70 40.08 0.05
N PRO A 331 38.07 40.28 -1.13
CA PRO A 331 38.73 40.20 -2.43
C PRO A 331 39.91 41.15 -2.51
N ALA A 332 41.05 40.68 -3.00
CA ALA A 332 42.25 41.51 -3.16
C ALA A 332 42.12 42.51 -4.29
N ASP A 333 41.39 42.14 -5.36
CA ASP A 333 41.17 43.10 -6.44
C ASP A 333 40.33 44.27 -6.01
N PRO A 334 40.87 45.47 -6.13
CA PRO A 334 40.20 46.68 -5.62
C PRO A 334 38.83 46.90 -6.26
N GLN A 335 38.67 46.54 -7.53
CA GLN A 335 37.39 46.83 -8.18
C GLN A 335 36.35 45.87 -7.66
N ARG A 336 36.75 44.62 -7.53
CA ARG A 336 35.92 43.61 -6.93
C ARG A 336 35.60 43.96 -5.48
N LEU A 337 36.59 44.41 -4.72
CA LEU A 337 36.34 44.74 -3.30
C LEU A 337 35.36 45.91 -3.15
N GLN A 338 35.50 46.91 -4.01
CA GLN A 338 34.62 48.08 -4.04
C GLN A 338 33.20 47.57 -4.26
N GLN A 339 33.04 46.66 -5.21
CA GLN A 339 31.72 46.13 -5.52
C GLN A 339 31.08 45.41 -4.30
N ASP A 340 31.88 44.58 -3.63
CA ASP A 340 31.41 43.77 -2.51
C ASP A 340 30.96 44.68 -1.36
N CYS A 341 31.75 45.73 -1.13
CA CYS A 341 31.45 46.68 -0.07
C CYS A 341 30.12 47.38 -0.36
N TYR A 342 29.98 47.86 -1.59
CA TYR A 342 28.76 48.50 -2.03
C TYR A 342 27.58 47.60 -1.72
N GLU A 343 27.72 46.32 -2.06
CA GLU A 343 26.65 45.31 -1.85
C GLU A 343 26.40 45.02 -0.35
N ALA A 344 27.45 44.72 0.40
CA ALA A 344 27.32 44.50 1.85
C ALA A 344 26.60 45.68 2.47
N TYR A 345 27.07 46.89 2.23
CA TYR A 345 26.46 48.06 2.82
C TYR A 345 24.99 48.17 2.49
N ASN A 346 24.63 47.97 1.24
CA ASN A 346 23.23 48.11 0.85
C ASN A 346 22.30 47.01 1.37
N ILE A 347 22.89 45.86 1.64
CA ILE A 347 22.17 44.74 2.18
C ILE A 347 21.83 45.05 3.63
N GLN A 348 22.85 45.41 4.40
CA GLN A 348 22.68 45.88 5.77
C GLN A 348 21.63 46.95 5.86
N VAL A 349 21.77 48.02 5.08
CA VAL A 349 20.82 49.12 5.15
C VAL A 349 19.39 48.70 4.82
N SER A 350 19.22 48.04 3.68
CA SER A 350 17.87 47.68 3.24
C SER A 350 17.22 46.65 4.18
N GLY A 351 18.03 45.76 4.76
CA GLY A 351 17.55 44.85 5.78
C GLY A 351 16.92 45.63 6.93
N LEU A 352 17.65 46.62 7.42
CA LEU A 352 17.16 47.45 8.51
C LEU A 352 15.98 48.33 8.08
N GLU A 353 16.05 48.92 6.88
CA GLU A 353 14.91 49.79 6.48
C GLU A 353 13.57 49.03 6.54
N GLN A 354 13.59 47.73 6.22
CA GLN A 354 12.35 46.95 6.19
C GLN A 354 11.83 46.71 7.63
N ARG A 355 12.74 46.34 8.54
CA ARG A 355 12.33 46.15 9.91
C ARG A 355 11.70 47.45 10.44
N LEU A 356 12.33 48.58 10.13
CA LEU A 356 11.83 49.91 10.55
C LEU A 356 10.49 50.23 9.94
N ARG A 357 10.34 49.99 8.65
CA ARG A 357 9.04 50.23 8.03
C ARG A 357 7.96 49.36 8.73
N ALA A 358 8.30 48.10 8.98
CA ALA A 358 7.32 47.17 9.54
C ALA A 358 6.91 47.61 10.93
N LEU A 359 7.84 48.19 11.67
CA LEU A 359 7.51 48.62 13.02
C LEU A 359 7.01 50.08 13.04
N ASP A 360 6.61 50.60 11.88
CA ASP A 360 6.15 51.98 11.87
C ASP A 360 7.18 52.96 12.47
N TYR A 361 8.47 52.68 12.28
CA TYR A 361 9.54 53.67 12.49
C TYR A 361 9.85 53.93 13.93
N PRO A 362 10.28 52.87 14.63
CA PRO A 362 10.70 53.02 16.02
C PRO A 362 11.96 53.82 16.06
N LYS A 363 12.30 54.34 17.23
CA LYS A 363 13.61 54.95 17.44
C LYS A 363 14.60 53.80 17.41
N VAL A 364 15.86 54.11 17.16
CA VAL A 364 16.86 53.06 17.03
C VAL A 364 17.78 53.24 18.22
N VAL A 365 17.91 52.22 19.04
CA VAL A 365 18.73 52.31 20.22
C VAL A 365 20.00 51.50 20.01
N ILE A 366 21.15 52.11 20.21
CA ILE A 366 22.39 51.43 19.91
C ILE A 366 23.49 51.87 20.89
N GLY A 367 24.17 50.86 21.45
CA GLY A 367 25.34 51.07 22.29
C GLY A 367 26.55 51.30 21.38
N VAL A 368 27.11 52.50 21.47
CA VAL A 368 28.30 52.88 20.74
C VAL A 368 29.50 52.97 21.67
N SER A 369 30.54 52.22 21.34
CA SER A 369 31.70 52.08 22.19
C SER A 369 32.97 52.60 21.53
N GLY A 370 32.85 53.13 20.33
CA GLY A 370 34.02 53.53 19.57
C GLY A 370 34.78 52.42 18.82
N GLY A 371 34.31 51.20 18.93
CA GLY A 371 34.94 50.09 18.24
C GLY A 371 34.40 49.96 16.82
N LEU A 372 35.02 49.08 16.03
CA LEU A 372 34.68 48.95 14.60
C LEU A 372 33.20 48.59 14.37
N ASP A 373 32.73 47.54 15.04
CA ASP A 373 31.37 47.04 14.80
C ASP A 373 30.27 48.09 15.03
N SER A 374 30.29 48.76 16.18
CA SER A 374 29.20 49.65 16.54
C SER A 374 29.30 50.92 15.73
N THR A 375 30.53 51.34 15.46
CA THR A 375 30.80 52.47 14.57
C THR A 375 30.09 52.18 13.26
N HIS A 376 30.40 51.04 12.68
CA HIS A 376 29.78 50.70 11.43
C HIS A 376 28.24 50.64 11.50
N ALA A 377 27.70 50.02 12.54
CA ALA A 377 26.26 49.88 12.68
C ALA A 377 25.60 51.26 12.82
N LEU A 378 26.20 52.15 13.59
CA LEU A 378 25.69 53.53 13.71
C LEU A 378 25.56 54.18 12.33
N ILE A 379 26.56 53.98 11.50
CA ILE A 379 26.56 54.50 10.13
C ILE A 379 25.41 53.87 9.32
N VAL A 380 25.30 52.55 9.40
CA VAL A 380 24.22 51.82 8.72
C VAL A 380 22.85 52.34 9.15
N ALA A 381 22.67 52.45 10.45
CA ALA A 381 21.43 52.96 10.99
C ALA A 381 21.08 54.33 10.42
N THR A 382 22.10 55.20 10.38
CA THR A 382 21.91 56.58 9.94
C THR A 382 21.44 56.63 8.50
N HIS A 383 22.09 55.81 7.67
CA HIS A 383 21.74 55.78 6.27
C HIS A 383 20.34 55.28 6.07
N ALA A 384 19.99 54.21 6.81
CA ALA A 384 18.64 53.65 6.73
C ALA A 384 17.59 54.71 7.08
N MET A 385 17.85 55.45 8.17
CA MET A 385 16.93 56.51 8.58
C MET A 385 16.89 57.63 7.51
N ASP A 386 18.03 58.00 6.96
CA ASP A 386 18.01 58.99 5.91
C ASP A 386 17.12 58.53 4.76
N ARG A 387 17.37 57.32 4.25
CA ARG A 387 16.68 56.83 3.08
C ARG A 387 15.17 56.73 3.33
N GLU A 388 14.80 56.54 4.60
CA GLU A 388 13.35 56.51 4.99
C GLU A 388 12.79 57.87 5.43
N GLY A 389 13.58 58.92 5.27
CA GLY A 389 13.12 60.25 5.59
C GLY A 389 12.81 60.36 7.06
N ARG A 390 13.62 59.69 7.87
CA ARG A 390 13.52 59.73 9.31
C ARG A 390 14.57 60.62 9.90
N PRO A 391 14.18 61.44 10.89
CA PRO A 391 15.15 62.35 11.53
C PRO A 391 16.26 61.54 12.24
N ARG A 392 17.50 61.97 12.13
CA ARG A 392 18.59 61.26 12.77
C ARG A 392 18.54 61.31 14.30
N SER A 393 17.83 62.30 14.84
CA SER A 393 17.60 62.40 16.27
C SER A 393 16.69 61.25 16.84
N ASP A 394 16.09 60.44 15.95
CA ASP A 394 15.36 59.21 16.33
C ASP A 394 16.29 58.02 16.54
N ILE A 395 17.56 58.21 16.21
CA ILE A 395 18.64 57.30 16.58
C ILE A 395 19.16 57.69 17.98
N LEU A 396 19.12 56.75 18.92
CA LEU A 396 19.52 57.03 20.29
C LEU A 396 20.81 56.29 20.62
N ALA A 397 21.94 56.97 20.49
CA ALA A 397 23.22 56.34 20.71
C ALA A 397 23.58 56.48 22.19
N PHE A 398 24.10 55.41 22.77
CA PHE A 398 24.50 55.44 24.16
C PHE A 398 25.93 55.00 24.34
N ALA A 399 26.67 55.77 25.10
CA ALA A 399 27.89 55.25 25.66
C ALA A 399 27.57 54.72 27.08
N LEU A 400 28.08 53.52 27.36
CA LEU A 400 27.75 52.80 28.57
C LEU A 400 29.02 52.39 29.34
N PRO A 401 29.77 53.39 29.80
CA PRO A 401 31.03 53.10 30.49
C PRO A 401 30.79 52.24 31.72
N GLY A 402 31.66 51.26 31.93
CA GLY A 402 31.66 50.45 33.13
C GLY A 402 32.84 50.78 34.03
N PHE A 403 33.72 49.80 34.18
CA PHE A 403 34.95 50.04 34.89
C PHE A 403 36.04 50.03 33.83
N LYS A 410 36.24 55.35 21.93
CA LYS A 410 35.54 55.77 23.16
C LYS A 410 35.13 57.25 23.12
N ASN A 411 36.12 58.13 22.92
CA ASN A 411 35.87 59.50 22.53
C ASN A 411 35.42 59.51 21.10
N ASN A 412 35.92 58.53 20.36
CA ASN A 412 35.48 58.34 19.00
C ASN A 412 33.96 58.25 18.94
N ALA A 413 33.37 57.60 19.94
CA ALA A 413 31.92 57.35 19.92
C ALA A 413 31.09 58.64 19.98
N ILE A 414 31.41 59.50 20.95
CA ILE A 414 30.68 60.75 21.10
C ILE A 414 30.99 61.67 19.88
N LYS A 415 32.24 61.70 19.43
CA LYS A 415 32.63 62.54 18.30
C LYS A 415 31.86 62.10 17.03
N LEU A 416 31.77 60.78 16.82
CA LEU A 416 30.97 60.23 15.73
C LEU A 416 29.50 60.63 15.82
N ALA A 417 28.90 60.38 16.99
CA ALA A 417 27.50 60.70 17.21
C ALA A 417 27.17 62.20 17.04
N ARG A 418 28.01 63.08 17.59
CA ARG A 418 27.81 64.53 17.44
C ARG A 418 27.93 64.93 15.97
N ALA A 419 28.91 64.35 15.27
CA ALA A 419 29.13 64.62 13.83
C ALA A 419 28.01 64.13 12.91
N LEU A 420 27.46 62.94 13.19
CA LEU A 420 26.30 62.48 12.43
C LEU A 420 25.04 63.25 12.81
N GLY A 421 25.01 63.75 14.05
CA GLY A 421 23.86 64.47 14.54
C GLY A 421 22.71 63.58 15.05
N VAL A 422 23.01 62.36 15.51
CA VAL A 422 22.04 61.50 16.19
C VAL A 422 21.96 61.97 17.63
N THR A 423 21.03 61.41 18.40
CA THR A 423 20.91 61.78 19.79
C THR A 423 21.91 60.99 20.62
N PHE A 424 22.77 61.69 21.35
CA PHE A 424 23.78 61.04 22.16
C PHE A 424 23.58 61.19 23.68
N SER A 425 23.98 60.16 24.42
CA SER A 425 23.73 60.14 25.83
C SER A 425 24.70 59.17 26.50
N GLU A 426 25.11 59.47 27.72
CA GLU A 426 25.97 58.51 28.46
C GLU A 426 25.22 57.98 29.67
N ILE A 427 25.36 56.69 29.94
CA ILE A 427 24.81 56.09 31.14
C ILE A 427 25.89 55.22 31.76
N ASP A 428 26.28 55.57 33.00
CA ASP A 428 27.32 54.81 33.68
C ASP A 428 26.69 53.63 34.36
N ILE A 429 27.14 52.45 33.96
CA ILE A 429 26.50 51.24 34.46
C ILE A 429 27.22 50.68 35.69
N GLY A 430 28.28 51.38 36.10
CA GLY A 430 29.16 50.92 37.17
C GLY A 430 28.44 50.66 38.46
N ASP A 431 27.58 51.61 38.84
CA ASP A 431 26.84 51.48 40.11
C ASP A 431 25.87 50.30 40.09
N THR A 432 25.24 50.10 38.92
CA THR A 432 24.26 49.06 38.81
C THR A 432 25.05 47.77 38.95
N ALA A 433 26.23 47.79 38.36
CA ALA A 433 27.06 46.59 38.30
C ALA A 433 27.58 46.24 39.67
N ARG A 434 28.05 47.25 40.40
CA ARG A 434 28.48 47.09 41.81
C ARG A 434 27.37 46.48 42.64
N LEU A 435 26.16 47.03 42.49
CA LEU A 435 25.00 46.54 43.24
C LEU A 435 24.71 45.06 42.90
N MET A 436 24.79 44.75 41.61
CA MET A 436 24.49 43.40 41.13
C MET A 436 25.56 42.42 41.60
N LEU A 437 26.82 42.85 41.53
CA LEU A 437 27.92 41.99 41.95
C LEU A 437 27.86 41.71 43.45
N HIS A 438 27.48 42.73 44.19
CA HIS A 438 27.31 42.52 45.60
C HIS A 438 26.13 41.61 45.91
N THR A 439 25.02 41.84 45.23
CA THR A 439 23.82 41.08 45.48
C THR A 439 24.01 39.55 45.21
N ILE A 440 24.82 39.17 44.24
CA ILE A 440 25.03 37.75 43.99
C ILE A 440 26.28 37.29 44.72
N GLY A 441 26.78 38.18 45.58
CA GLY A 441 27.92 37.89 46.43
C GLY A 441 29.23 37.57 45.74
N HIS A 442 29.61 38.37 44.74
CA HIS A 442 30.84 38.15 43.99
C HIS A 442 32.00 38.87 44.66
N PRO A 443 33.21 38.28 44.66
CA PRO A 443 34.37 38.82 45.37
C PRO A 443 34.73 40.27 45.08
N TYR A 444 34.40 40.76 43.90
CA TYR A 444 34.78 42.11 43.54
C TYR A 444 34.14 43.14 44.46
N SER A 445 32.85 42.95 44.75
CA SER A 445 32.07 43.77 45.69
C SER A 445 32.68 43.93 47.10
N VAL A 446 33.64 43.07 47.41
CA VAL A 446 34.19 43.08 48.75
C VAL A 446 35.68 43.36 48.61
N GLY A 447 36.05 43.94 47.46
CA GLY A 447 37.41 44.40 47.25
C GLY A 447 38.29 43.54 46.39
N GLU A 448 38.18 42.21 46.49
CA GLU A 448 39.00 41.25 45.67
C GLU A 448 39.02 41.62 44.20
N LYS A 449 40.21 41.74 43.62
CA LYS A 449 40.32 42.14 42.22
C LYS A 449 40.19 40.89 41.32
N VAL A 450 39.01 40.32 41.28
CA VAL A 450 38.74 39.05 40.59
C VAL A 450 38.02 39.36 39.29
N TYR A 451 38.76 39.51 38.19
CA TYR A 451 38.17 39.94 36.91
C TYR A 451 37.77 38.73 36.11
N ASP A 452 36.58 38.26 36.45
CA ASP A 452 36.03 36.94 36.21
C ASP A 452 35.35 36.96 34.86
N VAL A 453 34.83 35.80 34.42
CA VAL A 453 33.80 35.81 33.39
C VAL A 453 32.48 36.39 33.91
N THR A 454 32.17 36.11 35.16
CA THR A 454 31.01 36.72 35.81
C THR A 454 31.17 38.25 35.91
N PHE A 455 32.37 38.70 36.28
CA PHE A 455 32.64 40.13 36.31
C PHE A 455 32.48 40.78 34.93
N GLU A 456 33.08 40.18 33.91
CA GLU A 456 32.92 40.74 32.52
C GLU A 456 31.49 40.71 32.10
N ASN A 457 30.81 39.64 32.47
CA ASN A 457 29.45 39.42 31.98
C ASN A 457 28.41 40.27 32.66
N VAL A 458 28.60 40.58 33.95
CA VAL A 458 27.68 41.47 34.63
C VAL A 458 27.60 42.79 33.87
N GLN A 459 28.74 43.29 33.42
CA GLN A 459 28.73 44.55 32.72
C GLN A 459 28.17 44.44 31.32
N ALA A 460 28.58 43.38 30.62
CA ALA A 460 28.13 43.17 29.25
C ALA A 460 26.60 42.99 29.24
N GLY A 461 26.10 42.20 30.21
CA GLY A 461 24.68 42.00 30.41
C GLY A 461 23.93 43.27 30.78
N LEU A 462 24.50 44.04 31.71
CA LEU A 462 23.80 45.25 32.11
C LEU A 462 23.68 46.26 30.97
N ARG A 463 24.68 46.27 30.09
CA ARG A 463 24.60 47.14 28.91
C ARG A 463 23.38 46.80 28.09
N THR A 464 23.24 45.53 27.74
CA THR A 464 22.07 45.07 26.98
C THR A 464 20.76 45.31 27.76
N ASP A 465 20.77 45.00 29.05
CA ASP A 465 19.58 45.15 29.87
C ASP A 465 19.12 46.62 29.79
N TYR A 466 20.06 47.56 30.01
CA TYR A 466 19.76 48.99 29.91
C TYR A 466 19.21 49.42 28.56
N LEU A 467 19.87 48.97 27.49
CA LEU A 467 19.43 49.30 26.17
C LEU A 467 18.01 48.79 25.92
N PHE A 468 17.73 47.55 26.33
CA PHE A 468 16.42 46.96 26.05
C PHE A 468 15.35 47.75 26.79
N ARG A 469 15.66 48.12 28.03
CA ARG A 469 14.71 48.87 28.82
C ARG A 469 14.49 50.28 28.30
N ILE A 470 15.58 50.92 27.84
CA ILE A 470 15.45 52.19 27.19
C ILE A 470 14.58 52.03 25.96
N ALA A 471 14.79 50.95 25.21
CA ALA A 471 13.97 50.69 24.03
C ALA A 471 12.48 50.60 24.35
N ASN A 472 12.12 49.81 25.37
CA ASN A 472 10.73 49.80 25.85
C ASN A 472 10.24 51.19 26.23
N GLN A 473 11.09 51.92 26.96
CA GLN A 473 10.74 53.19 27.54
C GLN A 473 10.48 54.22 26.46
N ARG A 474 11.39 54.27 25.48
CA ARG A 474 11.46 55.39 24.54
C ARG A 474 10.87 55.04 23.13
N GLY A 475 10.28 53.84 23.01
CA GLY A 475 9.66 53.43 21.76
C GLY A 475 10.63 53.07 20.65
N GLY A 476 11.69 52.35 20.99
CA GLY A 476 12.69 51.98 20.02
C GLY A 476 12.92 50.48 19.91
N ILE A 477 13.90 50.10 19.08
CA ILE A 477 14.39 48.75 19.06
C ILE A 477 15.89 48.79 19.28
N VAL A 478 16.42 47.78 19.95
CA VAL A 478 17.85 47.70 20.10
C VAL A 478 18.54 47.08 18.89
N LEU A 479 19.46 47.83 18.30
CA LEU A 479 20.30 47.36 17.21
C LEU A 479 21.46 46.49 17.69
N GLY A 480 21.55 45.26 17.23
CA GLY A 480 22.72 44.47 17.56
C GLY A 480 23.91 44.92 16.73
N THR A 481 25.11 44.55 17.17
CA THR A 481 26.30 44.95 16.44
C THR A 481 27.34 43.85 16.29
N GLY A 482 27.08 42.71 16.89
CA GLY A 482 28.00 41.58 16.76
C GLY A 482 28.13 41.13 15.30
N ASP A 483 29.35 40.80 14.91
CA ASP A 483 29.64 40.44 13.55
C ASP A 483 29.69 38.93 13.40
N LEU A 484 29.72 38.47 12.16
CA LEU A 484 29.71 37.04 11.82
C LEU A 484 30.83 36.23 12.46
N SER A 485 32.02 36.81 12.55
CA SER A 485 33.19 36.13 13.09
C SER A 485 32.98 35.85 14.57
N GLU A 486 32.30 36.78 15.24
CA GLU A 486 31.95 36.58 16.67
C GLU A 486 30.85 35.54 16.83
N LEU A 487 29.87 35.54 15.92
CA LEU A 487 28.89 34.49 15.86
C LEU A 487 29.56 33.14 15.67
N ALA A 488 30.55 33.11 14.80
CA ALA A 488 31.20 31.87 14.48
C ALA A 488 31.92 31.29 15.67
N LEU A 489 32.51 32.15 16.49
CA LEU A 489 33.35 31.67 17.56
C LEU A 489 32.69 31.74 18.94
N GLY A 490 31.47 32.25 19.03
CA GLY A 490 30.76 32.35 20.29
C GLY A 490 31.42 33.40 21.18
N TRP A 491 31.96 34.42 20.53
CA TRP A 491 32.65 35.49 21.22
C TRP A 491 31.61 36.60 21.44
N SER A 492 30.79 36.42 22.47
CA SER A 492 29.71 37.32 22.80
C SER A 492 29.11 36.81 24.10
N THR A 493 28.36 37.63 24.80
CA THR A 493 27.73 37.18 26.03
C THR A 493 26.30 36.82 25.69
N TYR A 494 25.96 35.54 25.87
CA TYR A 494 24.71 34.99 25.35
C TYR A 494 23.50 35.44 26.18
N GLY A 495 22.42 35.82 25.51
CA GLY A 495 21.13 35.97 26.18
C GLY A 495 20.89 37.33 26.74
N VAL A 496 21.39 37.54 27.96
CA VAL A 496 21.46 38.88 28.53
C VAL A 496 22.91 39.32 28.29
N GLY A 497 23.13 40.13 27.26
CA GLY A 497 24.46 40.33 26.75
C GLY A 497 24.37 40.72 25.30
N ASP A 498 25.52 40.96 24.69
CA ASP A 498 25.59 41.55 23.35
C ASP A 498 25.16 40.60 22.21
N GLN A 499 25.11 39.31 22.49
CA GLN A 499 24.49 38.35 21.58
C GLN A 499 23.02 38.74 21.24
N MET A 500 22.36 39.43 22.15
CA MET A 500 20.92 39.63 22.01
C MET A 500 20.56 41.04 21.52
N SER A 501 19.52 41.17 20.69
CA SER A 501 19.07 42.48 20.19
C SER A 501 17.76 42.31 19.45
N HIS A 502 17.23 43.41 18.88
CA HIS A 502 15.93 43.31 18.17
C HIS A 502 16.18 43.09 16.70
N TYR A 503 17.37 43.51 16.26
CA TYR A 503 17.79 43.38 14.88
C TYR A 503 19.27 43.58 14.78
N ASN A 504 19.97 42.64 14.16
CA ASN A 504 21.43 42.72 14.06
C ASN A 504 21.95 42.96 12.61
N VAL A 505 22.30 44.21 12.30
CA VAL A 505 22.71 44.52 10.92
C VAL A 505 24.08 43.94 10.59
N ASN A 506 24.91 43.68 11.59
CA ASN A 506 26.27 43.10 11.39
C ASN A 506 26.38 41.56 11.38
N ALA A 507 25.27 40.84 11.63
CA ALA A 507 25.30 39.38 11.83
C ALA A 507 25.89 38.62 10.65
N GLY A 508 25.71 39.15 9.44
CA GLY A 508 26.26 38.53 8.25
C GLY A 508 27.64 38.99 7.80
N VAL A 509 28.18 40.00 8.48
CA VAL A 509 29.44 40.59 8.06
C VAL A 509 30.60 40.04 8.85
N PRO A 510 31.53 39.36 8.19
CA PRO A 510 32.67 38.89 8.99
C PRO A 510 33.58 40.07 9.40
N LYS A 511 34.37 39.85 10.44
CA LYS A 511 35.18 40.92 11.02
C LYS A 511 36.17 41.43 10.02
N THR A 512 36.76 40.54 9.21
CA THR A 512 37.73 40.95 8.20
C THR A 512 37.18 41.91 7.14
N LEU A 513 35.87 41.90 6.93
CA LEU A 513 35.26 42.79 5.96
C LEU A 513 34.86 44.13 6.57
N ILE A 514 34.58 44.13 7.86
CA ILE A 514 34.09 45.34 8.53
C ILE A 514 35.00 46.55 8.26
N GLN A 515 36.31 46.36 8.44
CA GLN A 515 37.19 47.50 8.29
C GLN A 515 37.14 48.04 6.87
N HIS A 516 36.86 47.16 5.92
CA HIS A 516 36.77 47.63 4.52
C HIS A 516 35.45 48.31 4.20
N LEU A 517 34.37 47.92 4.86
CA LEU A 517 33.13 48.68 4.77
C LEU A 517 33.27 50.11 5.33
N ILE A 518 33.96 50.24 6.46
CA ILE A 518 34.15 51.57 7.03
C ILE A 518 34.96 52.42 6.06
N ARG A 519 36.07 51.89 5.55
CA ARG A 519 36.78 52.66 4.52
C ARG A 519 35.91 52.99 3.31
N TRP A 520 35.12 52.02 2.90
CA TRP A 520 34.29 52.21 1.74
C TRP A 520 33.40 53.41 2.00
N VAL A 521 32.83 53.48 3.19
CA VAL A 521 32.00 54.62 3.58
C VAL A 521 32.72 55.98 3.56
N ILE A 522 33.98 55.96 3.99
CA ILE A 522 34.77 57.15 4.04
C ILE A 522 35.05 57.59 2.63
N SER A 523 35.52 56.62 1.86
CA SER A 523 35.94 56.82 0.49
C SER A 523 34.83 57.37 -0.40
N ALA A 524 33.61 56.87 -0.22
CA ALA A 524 32.47 57.40 -0.95
C ALA A 524 32.24 58.88 -0.56
N GLY A 525 32.39 59.19 0.74
CA GLY A 525 32.34 60.55 1.24
C GLY A 525 30.96 61.08 1.57
N GLU A 526 29.95 60.21 1.44
CA GLU A 526 28.52 60.62 1.52
C GLU A 526 28.20 61.37 2.80
N PHE A 527 28.88 61.03 3.92
CA PHE A 527 28.50 61.62 5.22
C PHE A 527 29.22 62.93 5.56
N GLY A 528 30.02 63.44 4.63
CA GLY A 528 30.75 64.67 4.85
C GLY A 528 32.13 64.48 5.44
N GLU A 529 32.95 65.53 5.32
CA GLU A 529 34.36 65.51 5.76
C GLU A 529 34.52 65.30 7.26
N LYS A 530 33.74 65.98 8.10
CA LYS A 530 33.87 65.77 9.55
C LYS A 530 33.59 64.29 9.95
N VAL A 531 32.49 63.70 9.46
CA VAL A 531 32.20 62.30 9.77
C VAL A 531 33.33 61.39 9.32
N GLY A 532 33.79 61.61 8.09
CA GLY A 532 34.89 60.85 7.52
C GLY A 532 36.12 60.87 8.41
N GLU A 533 36.43 62.03 8.96
CA GLU A 533 37.62 62.17 9.85
C GLU A 533 37.50 61.32 11.11
N VAL A 534 36.34 61.33 11.74
CA VAL A 534 36.12 60.49 12.92
C VAL A 534 36.21 59.01 12.52
N LEU A 535 35.59 58.67 11.39
CA LEU A 535 35.60 57.29 10.94
C LEU A 535 37.02 56.85 10.74
N GLN A 536 37.80 57.74 10.13
CA GLN A 536 39.21 57.45 9.88
C GLN A 536 39.95 57.23 11.21
N SER A 537 39.58 58.04 12.17
CA SER A 537 40.17 57.94 13.49
C SER A 537 39.84 56.58 14.11
N VAL A 538 38.58 56.15 13.98
CA VAL A 538 38.16 54.86 14.51
C VAL A 538 39.04 53.77 13.93
N LEU A 539 39.27 53.84 12.62
CA LEU A 539 40.16 52.87 11.98
C LEU A 539 41.56 52.91 12.55
N ASP A 540 42.16 54.10 12.50
CA ASP A 540 43.50 54.31 13.04
C ASP A 540 43.69 53.82 14.49
N THR A 541 42.70 54.08 15.33
CA THR A 541 42.74 53.65 16.73
C THR A 541 42.54 52.16 16.93
N GLU A 542 41.58 51.59 16.22
CA GLU A 542 41.16 50.18 16.49
C GLU A 542 42.07 49.13 15.86
N ILE A 543 42.90 49.53 14.91
CA ILE A 543 43.70 48.53 14.19
C ILE A 543 45.21 48.71 14.38
N THR A 544 45.89 47.65 14.80
CA THR A 544 47.35 47.73 15.04
C THR A 544 48.05 46.38 14.97
N SER A 558 41.81 39.96 22.90
CA SER A 558 40.82 38.91 22.52
C SER A 558 41.18 38.04 21.29
N GLU A 559 41.98 38.59 20.38
CA GLU A 559 42.68 37.77 19.38
C GLU A 559 43.82 37.02 20.06
N ALA A 560 43.83 37.04 21.38
CA ALA A 560 44.90 36.39 22.14
C ALA A 560 44.37 35.04 22.57
N LYS A 561 43.05 34.97 22.69
CA LYS A 561 42.39 33.77 23.20
C LYS A 561 41.65 33.00 22.09
N VAL A 562 41.15 33.73 21.10
CA VAL A 562 40.34 33.16 20.05
C VAL A 562 41.12 33.13 18.71
N GLY A 563 42.30 33.73 18.68
CA GLY A 563 43.15 33.73 17.48
C GLY A 563 42.95 34.94 16.59
N PRO A 564 43.91 35.18 15.67
CA PRO A 564 43.73 36.26 14.70
C PRO A 564 42.53 36.00 13.79
N PHE A 565 41.64 36.98 13.70
CA PHE A 565 40.45 36.86 12.84
C PHE A 565 40.68 36.60 11.33
N ALA A 566 41.79 37.06 10.78
CA ALA A 566 42.15 36.68 9.44
C ALA A 566 42.13 35.16 9.29
N LEU A 567 42.75 34.44 10.22
CA LEU A 567 42.79 32.99 10.16
C LEU A 567 41.43 32.35 10.45
N GLN A 568 40.75 32.81 11.51
CA GLN A 568 39.44 32.25 11.83
C GLN A 568 38.38 32.58 10.76
N ASP A 569 38.52 33.72 10.11
CA ASP A 569 37.60 34.06 9.04
C ASP A 569 37.84 33.18 7.81
N PHE A 570 39.10 32.79 7.61
CA PHE A 570 39.48 31.88 6.55
C PHE A 570 38.88 30.52 6.79
N SER A 571 39.05 30.01 8.01
CA SER A 571 38.52 28.67 8.32
C SER A 571 37.02 28.68 8.23
N LEU A 572 36.39 29.76 8.71
CA LEU A 572 34.93 29.88 8.67
C LEU A 572 34.38 29.72 7.27
N PHE A 573 35.00 30.38 6.31
CA PHE A 573 34.56 30.31 4.93
C PHE A 573 34.60 28.87 4.40
N GLN A 574 35.73 28.21 4.59
CA GLN A 574 35.91 26.84 4.18
C GLN A 574 34.86 25.95 4.79
N VAL A 575 34.64 26.09 6.09
CA VAL A 575 33.68 25.22 6.76
C VAL A 575 32.24 25.56 6.33
N LEU A 576 31.88 26.81 6.41
CA LEU A 576 30.52 27.20 6.11
C LEU A 576 30.13 26.96 4.64
N ARG A 577 31.05 27.12 3.69
CA ARG A 577 30.65 27.03 2.28
C ARG A 577 30.77 25.62 1.73
N TYR A 578 31.84 24.94 2.12
CA TYR A 578 32.24 23.67 1.52
C TYR A 578 32.28 22.50 2.49
N GLY A 579 32.36 22.77 3.79
CA GLY A 579 32.50 21.72 4.78
C GLY A 579 33.79 20.92 4.67
N PHE A 580 34.82 21.54 4.14
CA PHE A 580 36.11 20.92 4.03
C PHE A 580 36.60 20.41 5.37
N ARG A 581 37.27 19.28 5.35
CA ARG A 581 37.96 18.76 6.52
C ARG A 581 39.11 19.64 6.97
N PRO A 582 39.47 19.54 8.26
CA PRO A 582 40.49 20.42 8.84
C PRO A 582 41.81 20.40 8.09
N SER A 583 42.29 19.21 7.72
CA SER A 583 43.58 19.14 7.06
C SER A 583 43.57 19.91 5.71
N LYS A 584 42.46 19.82 4.97
CA LYS A 584 42.30 20.58 3.75
C LYS A 584 42.29 22.08 4.02
N ILE A 585 41.60 22.52 5.08
CA ILE A 585 41.60 23.93 5.45
C ILE A 585 43.03 24.40 5.82
N ALA A 586 43.75 23.60 6.60
CA ALA A 586 45.13 23.90 6.94
C ALA A 586 46.05 24.03 5.73
N PHE A 587 45.91 23.13 4.78
CA PHE A 587 46.69 23.17 3.53
C PHE A 587 46.43 24.48 2.76
N LEU A 588 45.16 24.81 2.57
CA LEU A 588 44.80 26.03 1.87
C LEU A 588 45.31 27.31 2.58
N ALA A 589 45.09 27.39 3.88
CA ALA A 589 45.50 28.58 4.63
C ALA A 589 47.01 28.72 4.61
N TRP A 590 47.73 27.59 4.64
CA TRP A 590 49.17 27.65 4.68
C TRP A 590 49.67 28.12 3.35
N HIS A 591 49.05 27.66 2.29
CA HIS A 591 49.42 28.18 0.97
C HIS A 591 49.10 29.69 0.83
N ALA A 592 48.04 30.17 1.43
CA ALA A 592 47.68 31.55 1.30
C ALA A 592 48.53 32.44 2.18
N TRP A 593 48.90 31.92 3.36
CA TRP A 593 49.38 32.80 4.43
C TRP A 593 50.84 32.68 4.85
N ASN A 594 51.50 31.57 4.51
CA ASN A 594 52.82 31.32 5.10
C ASN A 594 53.85 32.33 4.62
N ASP A 595 53.61 33.00 3.50
CA ASP A 595 54.61 33.87 2.89
C ASP A 595 53.97 35.21 2.54
N ALA A 596 54.38 36.25 3.25
CA ALA A 596 53.69 37.52 3.12
C ALA A 596 53.96 38.16 1.76
N GLU A 597 55.08 37.77 1.13
CA GLU A 597 55.52 38.41 -0.14
C GLU A 597 54.80 37.75 -1.32
N ARG A 598 54.36 36.51 -1.13
CA ARG A 598 53.63 35.83 -2.19
C ARG A 598 52.13 36.16 -2.11
N GLY A 599 51.45 36.06 -3.25
CA GLY A 599 50.03 36.40 -3.34
C GLY A 599 49.69 37.87 -3.23
N ASN A 600 48.42 38.20 -3.11
CA ASN A 600 48.02 39.59 -3.00
C ASN A 600 47.32 39.98 -1.74
N TRP A 601 47.46 41.24 -1.40
CA TRP A 601 46.79 41.75 -0.24
C TRP A 601 45.73 42.67 -0.77
N PRO A 602 44.57 42.69 -0.11
CA PRO A 602 43.57 43.69 -0.43
C PRO A 602 44.17 45.06 -0.21
N PRO A 603 43.48 46.10 -0.63
CA PRO A 603 43.92 47.46 -0.33
C PRO A 603 43.97 47.68 1.17
N GLY A 604 44.87 48.52 1.65
CA GLY A 604 44.84 48.92 3.04
C GLY A 604 45.60 48.09 4.06
N PHE A 605 46.64 47.41 3.59
CA PHE A 605 47.51 46.72 4.51
C PHE A 605 48.91 47.27 4.35
N PRO A 606 49.25 48.27 5.18
CA PRO A 606 50.61 48.84 5.23
C PRO A 606 51.56 47.68 5.45
N LYS A 607 52.75 47.70 4.87
CA LYS A 607 53.61 46.54 4.93
C LYS A 607 53.98 46.12 6.36
N SER A 608 53.80 47.00 7.33
CA SER A 608 54.04 46.65 8.72
C SER A 608 52.91 45.76 9.31
N GLU A 609 51.74 45.75 8.67
CA GLU A 609 50.59 44.91 9.13
C GLU A 609 50.24 43.79 8.11
N ARG A 610 51.29 43.23 7.56
CA ARG A 610 51.17 42.11 6.62
C ARG A 610 51.87 40.86 7.18
N PRO A 611 51.19 40.19 8.11
CA PRO A 611 51.82 39.08 8.83
C PRO A 611 51.78 37.83 7.98
N SER A 612 52.66 36.89 8.29
CA SER A 612 52.61 35.62 7.65
C SER A 612 52.46 34.64 8.81
N TYR A 613 51.88 33.47 8.57
CA TYR A 613 51.67 32.50 9.65
C TYR A 613 52.34 31.17 9.33
N SER A 614 52.95 30.54 10.35
CA SER A 614 53.52 29.21 10.15
C SER A 614 52.44 28.13 10.16
N LEU A 615 52.80 26.92 9.78
CA LEU A 615 51.87 25.81 9.86
C LEU A 615 51.48 25.59 11.34
N ALA A 616 52.48 25.56 12.21
CA ALA A 616 52.25 25.42 13.65
C ALA A 616 51.17 26.38 14.17
N GLU A 617 51.21 27.63 13.70
CA GLU A 617 50.15 28.60 14.10
C GLU A 617 48.82 28.29 13.50
N ILE A 618 48.81 27.94 12.22
CA ILE A 618 47.58 27.74 11.50
C ILE A 618 46.86 26.54 12.10
N ARG A 619 47.65 25.51 12.39
CA ARG A 619 47.17 24.32 13.09
C ARG A 619 46.56 24.68 14.45
N HIS A 620 47.31 25.44 15.23
CA HIS A 620 46.86 25.86 16.56
C HIS A 620 45.51 26.56 16.52
N TRP A 621 45.39 27.63 15.71
CA TRP A 621 44.12 28.35 15.63
C TRP A 621 42.98 27.54 15.04
N LEU A 622 43.32 26.52 14.27
CA LEU A 622 42.31 25.67 13.67
C LEU A 622 41.69 24.72 14.72
N GLN A 623 42.52 24.22 15.62
CA GLN A 623 42.02 23.43 16.75
C GLN A 623 41.04 24.27 17.55
N ILE A 624 41.46 25.48 17.94
CA ILE A 624 40.54 26.38 18.65
C ILE A 624 39.29 26.59 17.79
N PHE A 625 39.45 26.86 16.51
CA PHE A 625 38.28 27.05 15.64
C PHE A 625 37.30 25.89 15.61
N VAL A 626 37.76 24.67 15.34
CA VAL A 626 36.79 23.56 15.20
C VAL A 626 36.09 23.26 16.54
N GLN A 627 36.84 23.30 17.62
CA GLN A 627 36.24 23.20 18.92
C GLN A 627 35.19 24.28 19.21
N ARG A 628 35.47 25.52 18.89
CA ARG A 628 34.50 26.56 19.21
C ARG A 628 33.37 26.59 18.23
N PHE A 629 33.65 26.33 16.95
CA PHE A 629 32.63 26.45 15.93
C PHE A 629 31.63 25.26 15.94
N TYR A 630 32.16 24.04 16.04
CA TYR A 630 31.33 22.85 15.85
C TYR A 630 30.67 22.40 17.14
N SER A 631 31.30 22.75 18.27
CA SER A 631 30.87 22.32 19.59
C SER A 631 30.35 23.43 20.53
N PHE A 632 31.25 24.31 20.97
CA PHE A 632 30.86 25.32 21.95
C PHE A 632 29.82 26.36 21.57
N SER A 633 29.98 26.95 20.40
CA SER A 633 29.28 28.18 20.06
C SER A 633 27.88 28.06 19.48
N GLN A 634 27.48 26.85 19.06
CA GLN A 634 26.19 26.74 18.39
C GLN A 634 24.97 27.23 19.20
N PHE A 635 24.90 26.95 20.50
CA PHE A 635 23.73 27.36 21.27
C PHE A 635 23.52 28.89 21.22
N LYS A 636 24.62 29.65 21.12
CA LYS A 636 24.54 31.12 20.94
C LYS A 636 23.97 31.56 19.60
N ARG A 637 24.26 30.79 18.56
CA ARG A 637 23.69 31.06 17.23
C ARG A 637 22.24 30.59 17.16
N SER A 638 21.90 29.60 17.99
CA SER A 638 20.60 28.94 17.92
C SER A 638 19.42 29.86 18.17
N ALA A 639 19.60 30.78 19.09
CA ALA A 639 18.57 31.75 19.41
C ALA A 639 19.03 33.13 18.93
N LEU A 640 19.12 33.31 17.62
CA LEU A 640 19.73 34.49 17.05
C LEU A 640 18.68 35.52 16.64
N PRO A 641 18.91 36.81 16.95
CA PRO A 641 17.96 37.80 16.42
C PRO A 641 18.01 37.90 14.90
N ASN A 642 17.00 38.52 14.31
CA ASN A 642 16.95 38.66 12.86
C ASN A 642 18.04 39.60 12.33
N GLY A 643 18.28 39.57 11.01
CA GLY A 643 19.31 40.33 10.33
C GLY A 643 19.63 39.62 9.03
N PRO A 644 20.13 40.36 8.02
CA PRO A 644 20.28 39.84 6.65
C PRO A 644 21.56 39.04 6.35
N LYS A 645 21.43 38.00 5.55
CA LYS A 645 22.61 37.34 4.96
C LYS A 645 23.35 38.34 4.08
N VAL A 646 24.68 38.29 4.10
CA VAL A 646 25.46 39.24 3.30
C VAL A 646 26.39 38.57 2.26
N SER A 647 27.23 37.65 2.75
CA SER A 647 28.28 37.00 1.97
C SER A 647 27.78 35.76 1.22
N HIS A 648 28.34 35.50 0.05
CA HIS A 648 28.06 34.24 -0.64
C HIS A 648 28.70 33.08 0.13
N GLY A 649 29.67 33.38 0.96
CA GLY A 649 30.25 32.32 1.77
C GLY A 649 29.23 31.74 2.75
N GLY A 650 28.16 32.49 2.99
CA GLY A 650 27.18 32.10 3.99
C GLY A 650 27.04 33.05 5.18
N ALA A 651 25.97 32.84 5.92
CA ALA A 651 25.75 33.53 7.15
C ALA A 651 25.45 32.45 8.18
N LEU A 652 25.22 32.81 9.45
CA LEU A 652 25.15 31.78 10.47
C LEU A 652 23.80 31.65 11.17
N SER A 653 22.75 32.17 10.55
CA SER A 653 21.39 31.97 11.06
C SER A 653 20.89 30.50 11.14
N PRO A 654 20.42 30.09 12.32
CA PRO A 654 19.86 28.74 12.47
C PRO A 654 18.56 28.64 11.69
N ARG A 655 18.04 29.78 11.22
CA ARG A 655 16.90 29.76 10.32
C ARG A 655 17.29 29.74 8.83
N GLY A 656 18.58 29.86 8.52
CA GLY A 656 19.01 29.86 7.12
C GLY A 656 20.19 28.91 6.86
N ASP A 657 21.38 29.47 6.69
CA ASP A 657 22.55 28.70 6.27
C ASP A 657 23.10 27.64 7.20
N TRP A 658 22.90 27.75 8.50
CA TRP A 658 23.60 26.84 9.37
C TRP A 658 22.69 26.21 10.40
N ARG A 659 22.26 24.99 10.08
CA ARG A 659 21.40 24.17 10.94
C ARG A 659 22.29 23.11 11.59
N ALA A 660 22.51 23.25 12.90
CA ALA A 660 23.37 22.33 13.63
C ALA A 660 22.97 22.18 15.09
N PRO A 661 23.40 21.09 15.71
CA PRO A 661 23.09 20.74 17.08
C PRO A 661 23.78 21.71 18.04
N SER A 662 23.09 22.02 19.14
CA SER A 662 23.68 22.85 20.19
C SER A 662 24.44 22.00 21.22
N ASP A 663 24.46 20.68 21.05
CA ASP A 663 24.96 19.80 22.10
C ASP A 663 25.84 18.67 21.55
N MET A 664 26.75 19.02 20.65
CA MET A 664 27.62 18.07 19.99
C MET A 664 29.07 18.32 20.35
N SER A 665 29.85 17.25 20.45
CA SER A 665 31.28 17.38 20.63
C SER A 665 32.01 17.56 19.30
N ALA A 666 33.21 18.14 19.33
CA ALA A 666 33.99 18.30 18.09
C ALA A 666 35.11 17.27 17.99
N ARG A 667 34.97 16.17 18.73
CA ARG A 667 36.05 15.18 18.77
C ARG A 667 36.65 14.81 17.42
N ILE A 668 35.82 14.51 16.42
CA ILE A 668 36.35 13.96 15.16
C ILE A 668 37.15 14.98 14.36
N TRP A 669 36.75 16.25 14.43
CA TRP A 669 37.58 17.29 13.81
C TRP A 669 38.93 17.44 14.50
N LEU A 670 38.92 17.47 15.82
CA LEU A 670 40.16 17.58 16.56
C LEU A 670 41.05 16.37 16.27
N ASP A 671 40.41 15.22 16.05
CA ASP A 671 41.18 14.00 15.85
C ASP A 671 41.80 14.05 14.46
N GLN A 672 41.04 14.57 13.49
CA GLN A 672 41.47 14.66 12.10
C GLN A 672 42.71 15.57 12.06
N ILE A 673 42.69 16.64 12.84
CA ILE A 673 43.86 17.51 12.96
C ILE A 673 45.07 16.77 13.54
N ASP A 674 44.88 16.05 14.64
CA ASP A 674 45.96 15.23 15.21
C ASP A 674 46.62 14.31 14.18
N ARG A 675 45.78 13.68 13.36
CA ARG A 675 46.19 12.59 12.50
C ARG A 675 46.79 13.11 11.24
N GLU A 676 46.22 14.17 10.68
CA GLU A 676 46.53 14.63 9.29
C GLU A 676 47.40 15.90 9.16
N VAL A 677 47.36 16.81 10.15
CA VAL A 677 48.14 18.03 10.06
C VAL A 677 49.43 17.91 10.85
N PRO A 678 50.58 18.04 10.17
CA PRO A 678 51.88 18.00 10.88
C PRO A 678 52.00 19.07 11.98
N LYS A 679 52.75 18.77 13.05
CA LYS A 679 52.90 19.72 14.16
C LYS A 679 53.47 21.10 13.75
N GLY A 680 54.29 21.11 12.70
CA GLY A 680 54.81 22.34 12.15
C GLY A 680 55.41 22.04 10.79
N MET B 2 17.53 -35.63 13.30
CA MET B 2 17.06 -34.27 13.55
C MET B 2 17.32 -33.72 14.95
N ASN B 3 17.45 -32.40 15.03
CA ASN B 3 17.39 -31.74 16.34
C ASN B 3 16.01 -31.14 16.62
N PHE B 4 15.18 -31.87 17.36
CA PHE B 4 13.80 -31.46 17.60
C PHE B 4 13.56 -30.19 18.44
N TYR B 5 14.54 -29.81 19.26
CA TYR B 5 14.37 -28.66 20.12
C TYR B 5 14.90 -27.37 19.55
N SER B 6 15.31 -27.43 18.27
CA SER B 6 15.93 -26.30 17.56
C SER B 6 14.87 -25.43 16.92
N ALA B 7 14.72 -24.20 17.38
CA ALA B 7 13.74 -23.28 16.76
C ALA B 7 13.99 -23.13 15.27
N TYR B 8 15.25 -23.19 14.85
CA TYR B 8 15.59 -22.95 13.46
C TYR B 8 15.14 -24.10 12.63
N GLN B 9 15.30 -25.33 13.14
CA GLN B 9 14.83 -26.54 12.44
C GLN B 9 13.33 -26.61 12.33
N HIS B 10 12.61 -25.79 13.09
CA HIS B 10 11.15 -25.70 12.93
C HIS B 10 10.65 -24.49 12.16
N GLY B 11 11.51 -23.87 11.37
CA GLY B 11 11.07 -22.74 10.55
C GLY B 11 11.01 -21.35 11.20
N PHE B 12 11.57 -21.25 12.40
CA PHE B 12 11.68 -19.95 13.06
C PHE B 12 12.96 -19.27 12.61
N VAL B 13 12.90 -17.95 12.52
CA VAL B 13 14.10 -17.14 12.35
C VAL B 13 14.09 -16.09 13.48
N ARG B 14 15.16 -16.02 14.25
CA ARG B 14 15.29 -15.07 15.38
C ARG B 14 15.78 -13.68 14.90
N VAL B 15 14.99 -12.65 15.20
CA VAL B 15 15.29 -11.30 14.73
C VAL B 15 15.33 -10.31 15.88
N ALA B 16 16.16 -9.28 15.73
CA ALA B 16 16.36 -8.26 16.75
C ALA B 16 16.15 -6.87 16.22
N ALA B 17 15.46 -6.03 16.99
CA ALA B 17 15.44 -4.62 16.68
C ALA B 17 16.13 -3.95 17.83
N CYS B 18 17.21 -3.23 17.52
CA CYS B 18 18.05 -2.61 18.53
C CYS B 18 18.00 -1.09 18.56
N THR B 19 18.02 -0.51 19.75
CA THR B 19 18.23 0.92 19.86
C THR B 19 19.53 1.15 20.61
N HIS B 20 20.50 1.77 19.96
CA HIS B 20 21.84 1.92 20.57
C HIS B 20 21.98 3.25 21.28
N HIS B 21 23.16 3.45 21.81
CA HIS B 21 23.48 4.76 22.35
C HIS B 21 24.06 5.70 21.27
N THR B 22 23.29 6.72 20.90
CA THR B 22 23.76 7.67 19.92
C THR B 22 24.78 8.65 20.54
N THR B 23 25.93 8.78 19.89
CA THR B 23 26.79 9.90 20.18
C THR B 23 26.88 10.77 18.94
N ILE B 24 26.18 11.90 18.94
CA ILE B 24 25.99 12.64 17.68
C ILE B 24 27.32 13.09 17.13
N GLY B 25 27.51 12.98 15.81
CA GLY B 25 28.75 13.36 15.16
C GLY B 25 29.97 12.54 15.53
N ASP B 26 29.78 11.33 16.09
CA ASP B 26 30.91 10.48 16.47
C ASP B 26 30.77 9.03 16.02
N PRO B 27 30.98 8.79 14.71
CA PRO B 27 30.71 7.48 14.12
C PRO B 27 31.43 6.30 14.82
N ALA B 28 32.67 6.51 15.27
CA ALA B 28 33.42 5.46 15.92
C ALA B 28 32.71 4.97 17.20
N ALA B 29 32.15 5.93 17.92
CA ALA B 29 31.42 5.70 19.14
C ALA B 29 30.13 4.99 18.82
N ASN B 30 29.44 5.44 17.79
CA ASN B 30 28.20 4.74 17.39
C ASN B 30 28.48 3.32 16.96
N ALA B 31 29.53 3.14 16.17
CA ALA B 31 29.86 1.80 15.70
C ALA B 31 30.17 0.88 16.89
N ALA B 32 30.89 1.43 17.86
CA ALA B 32 31.26 0.67 19.05
C ALA B 32 30.03 0.19 19.81
N SER B 33 29.01 1.05 19.88
CA SER B 33 27.75 0.65 20.50
C SER B 33 27.08 -0.42 19.65
N VAL B 34 27.03 -0.17 18.35
CA VAL B 34 26.47 -1.15 17.42
C VAL B 34 27.19 -2.48 17.56
N LEU B 35 28.51 -2.47 17.50
CA LEU B 35 29.28 -3.70 17.60
C LEU B 35 28.93 -4.52 18.85
N ASP B 36 28.72 -3.81 19.93
CA ASP B 36 28.49 -4.45 21.21
C ASP B 36 27.08 -5.03 21.31
N MET B 37 26.10 -4.29 20.79
CA MET B 37 24.76 -4.82 20.64
C MET B 37 24.73 -6.01 19.66
N ALA B 38 25.42 -5.90 18.53
CA ALA B 38 25.42 -6.99 17.55
C ALA B 38 26.04 -8.26 18.13
N ARG B 39 27.07 -8.12 18.94
CA ARG B 39 27.64 -9.29 19.60
C ARG B 39 26.66 -9.96 20.55
N ALA B 40 25.80 -9.14 21.14
CA ALA B 40 24.75 -9.68 21.99
C ALA B 40 23.78 -10.51 21.15
N CYS B 41 23.38 -9.94 20.03
CA CYS B 41 22.46 -10.61 19.13
C CYS B 41 23.05 -11.92 18.67
N HIS B 42 24.33 -11.89 18.32
CA HIS B 42 25.04 -13.12 17.97
C HIS B 42 24.89 -14.19 19.06
N ASP B 43 25.18 -13.79 20.29
CA ASP B 43 25.14 -14.71 21.41
C ASP B 43 23.73 -15.30 21.56
N ASP B 44 22.72 -14.50 21.26
CA ASP B 44 21.32 -14.92 21.25
C ASP B 44 20.90 -15.77 20.06
N GLY B 45 21.85 -16.07 19.16
CA GLY B 45 21.57 -16.73 17.90
C GLY B 45 20.64 -16.02 16.94
N ALA B 46 20.55 -14.71 17.00
CA ALA B 46 19.73 -13.93 16.05
C ALA B 46 20.27 -14.01 14.62
N ALA B 47 19.35 -13.99 13.67
CA ALA B 47 19.71 -13.94 12.26
C ALA B 47 19.78 -12.52 11.68
N LEU B 48 19.24 -11.56 12.41
CA LEU B 48 18.98 -10.26 11.86
C LEU B 48 18.98 -9.32 13.05
N ALA B 49 19.60 -8.15 12.88
CA ALA B 49 19.68 -7.08 13.88
C ALA B 49 19.53 -5.73 13.16
N VAL B 50 18.40 -5.06 13.41
CA VAL B 50 18.11 -3.79 12.78
C VAL B 50 18.43 -2.63 13.74
N PHE B 51 19.10 -1.59 13.25
CA PHE B 51 19.40 -0.43 14.06
C PHE B 51 18.68 0.82 13.63
N PRO B 52 18.83 1.91 14.40
CA PRO B 52 18.05 3.12 14.06
C PRO B 52 18.57 3.86 12.83
N GLU B 53 17.66 4.65 12.27
CA GLU B 53 17.98 5.54 11.11
C GLU B 53 19.29 6.28 11.32
N LEU B 54 20.13 6.31 10.31
CA LEU B 54 21.39 7.06 10.38
C LEU B 54 22.26 6.74 11.60
N THR B 55 22.26 5.48 11.99
CA THR B 55 22.98 4.99 13.16
C THR B 55 24.38 5.53 13.35
N LEU B 56 25.15 5.58 12.27
CA LEU B 56 26.59 5.82 12.41
C LEU B 56 26.93 7.30 12.57
N SER B 57 25.97 8.16 12.30
CA SER B 57 26.23 9.57 12.40
C SER B 57 25.34 10.21 13.47
N GLY B 58 24.20 9.58 13.73
CA GLY B 58 23.13 10.22 14.47
C GLY B 58 22.20 10.88 13.48
N TYR B 59 20.91 10.76 13.72
CA TYR B 59 19.94 11.20 12.75
C TYR B 59 19.85 12.71 12.81
N SER B 60 19.99 13.23 14.01
CA SER B 60 19.62 14.61 14.32
C SER B 60 20.70 15.68 14.06
N ILE B 61 21.77 15.37 13.34
CA ILE B 61 22.87 16.32 13.27
C ILE B 61 22.75 17.38 12.16
N GLU B 62 21.62 17.40 11.46
CA GLU B 62 21.36 18.46 10.43
C GLU B 62 22.53 18.73 9.45
N ASP B 63 22.98 19.97 9.31
CA ASP B 63 23.99 20.25 8.28
C ASP B 63 25.35 19.70 8.62
N VAL B 64 25.48 19.12 9.79
CA VAL B 64 26.76 18.50 10.11
C VAL B 64 26.88 17.22 9.21
N LEU B 65 25.74 16.77 8.70
CA LEU B 65 25.74 15.61 7.79
C LEU B 65 26.61 15.91 6.55
N LEU B 66 26.70 17.19 6.20
CA LEU B 66 27.41 17.66 4.99
C LEU B 66 28.89 17.93 5.19
N GLN B 67 29.38 17.75 6.41
CA GLN B 67 30.79 17.95 6.69
C GLN B 67 31.67 16.79 6.27
N ASP B 68 32.63 17.09 5.43
CA ASP B 68 33.55 16.07 4.96
C ASP B 68 34.06 15.16 6.06
N SER B 69 34.47 15.73 7.18
CA SER B 69 35.11 14.93 8.19
C SER B 69 34.13 13.97 8.81
N LEU B 70 32.86 14.37 8.86
CA LEU B 70 31.82 13.53 9.40
C LEU B 70 31.57 12.36 8.44
N LEU B 71 31.37 12.68 7.18
CA LEU B 71 31.18 11.67 6.14
C LEU B 71 32.38 10.71 6.04
N ASP B 72 33.59 11.22 6.19
CA ASP B 72 34.78 10.37 6.10
C ASP B 72 34.84 9.41 7.25
N ALA B 73 34.54 9.93 8.45
CA ALA B 73 34.54 9.12 9.65
C ALA B 73 33.43 8.04 9.58
N VAL B 74 32.27 8.42 9.05
CA VAL B 74 31.20 7.45 8.80
C VAL B 74 31.71 6.29 7.94
N GLU B 75 32.36 6.60 6.84
CA GLU B 75 32.89 5.50 6.01
C GLU B 75 33.88 4.60 6.76
N ASP B 76 34.84 5.20 7.47
CA ASP B 76 35.84 4.42 8.22
C ASP B 76 35.19 3.49 9.21
N ALA B 77 34.14 3.98 9.87
CA ALA B 77 33.50 3.25 10.94
C ALA B 77 32.71 2.08 10.34
N LEU B 78 32.09 2.35 9.19
CA LEU B 78 31.30 1.35 8.46
C LEU B 78 32.23 0.17 8.12
N LEU B 79 33.39 0.48 7.54
CA LEU B 79 34.35 -0.53 7.15
C LEU B 79 34.85 -1.38 8.33
N ASP B 80 35.01 -0.77 9.52
CA ASP B 80 35.34 -1.52 10.72
C ASP B 80 34.23 -2.47 11.12
N LEU B 81 32.99 -2.00 11.10
CA LEU B 81 31.83 -2.87 11.32
C LEU B 81 31.87 -4.05 10.37
N VAL B 82 32.09 -3.77 9.09
CA VAL B 82 32.00 -4.83 8.10
C VAL B 82 33.06 -5.86 8.43
N THR B 83 34.23 -5.40 8.82
CA THR B 83 35.31 -6.31 9.17
C THR B 83 34.99 -7.14 10.43
N GLU B 84 34.41 -6.49 11.43
CA GLU B 84 34.00 -7.19 12.69
C GLU B 84 32.90 -8.18 12.40
N SER B 85 32.08 -7.89 11.40
CA SER B 85 30.94 -8.74 11.08
C SER B 85 31.33 -10.11 10.53
N ALA B 86 32.60 -10.28 10.20
CA ALA B 86 33.07 -11.59 9.71
C ALA B 86 32.79 -12.68 10.72
N ASP B 87 32.71 -12.29 11.98
CA ASP B 87 32.62 -13.24 13.07
C ASP B 87 31.23 -13.26 13.70
N LEU B 88 30.32 -12.48 13.13
CA LEU B 88 29.00 -12.31 13.70
C LEU B 88 27.97 -13.12 12.93
N LEU B 89 27.05 -13.79 13.62
CA LEU B 89 26.05 -14.62 12.95
C LEU B 89 24.99 -13.80 12.20
N PRO B 90 24.39 -12.80 12.85
CA PRO B 90 23.27 -12.08 12.22
C PRO B 90 23.68 -11.18 11.08
N VAL B 91 22.71 -10.92 10.22
CA VAL B 91 22.78 -9.88 9.21
C VAL B 91 22.59 -8.58 9.98
N LEU B 92 23.47 -7.60 9.78
CA LEU B 92 23.30 -6.31 10.45
C LEU B 92 22.73 -5.32 9.47
N VAL B 93 21.71 -4.60 9.90
CA VAL B 93 21.22 -3.48 9.12
C VAL B 93 21.50 -2.15 9.84
N VAL B 94 22.54 -1.46 9.39
CA VAL B 94 23.02 -0.26 10.04
C VAL B 94 22.83 1.00 9.21
N GLY B 95 22.34 2.08 9.84
CA GLY B 95 22.07 3.33 9.16
C GLY B 95 23.35 4.13 8.96
N ALA B 96 23.43 4.84 7.84
CA ALA B 96 24.63 5.64 7.53
C ALA B 96 24.35 6.63 6.42
N PRO B 97 24.79 7.87 6.59
CA PRO B 97 24.76 8.85 5.50
C PRO B 97 25.92 8.52 4.52
N LEU B 98 25.60 8.24 3.26
CA LEU B 98 26.65 7.80 2.33
C LEU B 98 26.69 8.62 1.05
N ARG B 99 27.92 8.89 0.58
CA ARG B 99 28.05 9.56 -0.72
C ARG B 99 27.75 8.60 -1.87
N HIS B 100 26.92 9.07 -2.78
CA HIS B 100 26.74 8.40 -4.05
C HIS B 100 26.45 9.36 -5.21
N ARG B 101 27.17 9.22 -6.31
CA ARG B 101 27.07 10.20 -7.39
C ARG B 101 27.27 11.67 -6.94
N HIS B 102 26.17 12.44 -6.82
CA HIS B 102 26.24 13.87 -6.46
C HIS B 102 25.95 14.14 -5.00
N ARG B 103 25.31 13.19 -4.33
CA ARG B 103 24.73 13.52 -3.05
C ARG B 103 25.00 12.56 -1.97
N ILE B 104 24.56 12.89 -0.75
CA ILE B 104 24.54 11.87 0.30
C ILE B 104 23.14 11.33 0.37
N TYR B 105 23.08 10.01 0.49
CA TYR B 105 21.80 9.33 0.63
C TYR B 105 21.66 8.92 2.07
N ASN B 106 20.42 8.89 2.54
CA ASN B 106 20.08 8.40 3.85
C ASN B 106 19.97 6.89 3.67
N THR B 107 20.99 6.14 4.05
CA THR B 107 20.97 4.72 3.73
C THR B 107 20.93 3.75 4.91
N ALA B 108 20.59 2.52 4.57
CA ALA B 108 20.70 1.40 5.45
C ALA B 108 21.70 0.46 4.80
N VAL B 109 22.76 0.10 5.51
CA VAL B 109 23.79 -0.77 4.94
C VAL B 109 23.55 -2.19 5.43
N VAL B 110 23.32 -3.13 4.52
CA VAL B 110 23.01 -4.51 4.94
C VAL B 110 24.31 -5.32 4.95
N ILE B 111 24.76 -5.68 6.14
CA ILE B 111 26.08 -6.27 6.31
C ILE B 111 25.99 -7.74 6.73
N HIS B 112 26.88 -8.56 6.23
CA HIS B 112 26.83 -9.96 6.59
C HIS B 112 28.16 -10.69 6.44
N ARG B 113 28.60 -11.30 7.53
CA ARG B 113 29.77 -12.15 7.53
C ARG B 113 30.93 -11.60 6.71
N GLY B 114 31.29 -10.34 6.97
CA GLY B 114 32.47 -9.74 6.34
C GLY B 114 32.23 -8.96 5.04
N ALA B 115 30.98 -8.85 4.60
CA ALA B 115 30.69 -8.22 3.31
C ALA B 115 29.46 -7.36 3.43
N VAL B 116 29.38 -6.36 2.55
CA VAL B 116 28.18 -5.56 2.46
C VAL B 116 27.32 -6.23 1.40
N LEU B 117 26.12 -6.68 1.74
CA LEU B 117 25.22 -7.29 0.75
C LEU B 117 24.55 -6.25 -0.17
N GLY B 118 24.27 -5.08 0.38
CA GLY B 118 23.54 -4.07 -0.34
C GLY B 118 23.44 -2.80 0.45
N VAL B 119 23.14 -1.71 -0.25
CA VAL B 119 22.92 -0.44 0.39
C VAL B 119 21.57 0.08 -0.09
N VAL B 120 20.70 0.43 0.85
CA VAL B 120 19.32 0.81 0.56
C VAL B 120 19.07 2.25 1.00
N PRO B 121 18.76 3.12 0.04
CA PRO B 121 18.53 4.52 0.37
C PRO B 121 17.07 4.68 0.76
N LYS B 122 16.79 5.58 1.68
CA LYS B 122 15.44 5.93 2.06
C LYS B 122 14.78 6.51 0.83
N SER B 123 13.49 6.28 0.67
CA SER B 123 12.82 6.69 -0.58
C SER B 123 12.18 8.06 -0.43
N TYR B 124 11.60 8.31 0.74
CA TYR B 124 10.84 9.52 0.91
C TYR B 124 11.39 10.28 2.10
N LEU B 125 11.88 11.48 1.81
CA LEU B 125 12.55 12.34 2.75
C LEU B 125 11.64 13.48 3.21
N PRO B 126 11.12 13.34 4.45
CA PRO B 126 10.18 14.35 4.97
C PRO B 126 10.85 15.72 5.09
N THR B 127 10.18 16.71 4.52
CA THR B 127 10.62 18.07 4.62
C THR B 127 9.40 18.87 4.88
N TYR B 128 9.04 18.90 6.15
CA TYR B 128 7.83 19.57 6.63
C TYR B 128 7.87 19.45 8.14
N ARG B 129 7.07 20.28 8.83
CA ARG B 129 7.08 20.31 10.32
C ARG B 129 8.48 20.23 10.92
N GLU B 130 8.79 19.20 11.69
CA GLU B 130 10.12 19.17 12.35
C GLU B 130 11.19 18.53 11.46
N PHE B 131 10.82 18.16 10.24
CA PHE B 131 11.75 17.41 9.38
C PHE B 131 12.31 18.27 8.24
N TYR B 132 13.62 18.19 8.04
CA TYR B 132 14.28 18.96 6.97
C TYR B 132 15.14 18.04 6.05
N GLU B 133 14.78 16.77 5.88
CA GLU B 133 15.76 15.81 5.27
C GLU B 133 16.26 16.16 3.85
N ARG B 134 15.39 16.75 3.04
CA ARG B 134 15.73 17.05 1.66
C ARG B 134 16.82 18.10 1.58
N ARG B 135 16.94 18.91 2.60
CA ARG B 135 18.03 19.88 2.66
C ARG B 135 19.41 19.23 2.55
N GLN B 136 19.64 18.10 3.25
CA GLN B 136 20.96 17.48 3.29
C GLN B 136 21.08 16.23 2.44
N MET B 137 19.97 15.58 2.17
CA MET B 137 20.05 14.24 1.58
C MET B 137 19.12 14.08 0.40
N ALA B 138 19.51 13.20 -0.52
CA ALA B 138 18.73 12.95 -1.74
C ALA B 138 17.78 11.77 -1.62
N PRO B 139 16.61 11.86 -2.28
CA PRO B 139 15.63 10.76 -2.33
C PRO B 139 16.22 9.54 -3.02
N GLY B 140 15.82 8.34 -2.58
CA GLY B 140 16.34 7.09 -3.12
C GLY B 140 15.39 6.46 -4.12
N ASP B 141 14.15 6.94 -4.18
CA ASP B 141 13.17 6.24 -4.99
C ASP B 141 13.65 6.19 -6.42
N GLY B 142 13.64 5.01 -7.03
CA GLY B 142 14.12 4.92 -8.39
C GLY B 142 15.64 4.88 -8.60
N GLU B 143 16.42 4.97 -7.53
CA GLU B 143 17.88 4.69 -7.68
C GLU B 143 18.15 3.20 -7.74
N ARG B 144 19.02 2.82 -8.67
CA ARG B 144 19.42 1.44 -8.84
C ARG B 144 20.93 1.44 -9.07
N GLY B 145 21.44 0.36 -9.61
CA GLY B 145 22.87 0.30 -9.80
C GLY B 145 23.66 -0.18 -8.60
N THR B 146 24.88 0.28 -8.52
CA THR B 146 25.76 -0.13 -7.44
C THR B 146 26.41 1.09 -6.79
N ILE B 147 26.99 0.86 -5.61
CA ILE B 147 27.72 1.90 -4.90
C ILE B 147 29.03 1.29 -4.46
N ARG B 148 30.06 2.10 -4.43
CA ARG B 148 31.39 1.59 -4.19
C ARG B 148 31.64 1.77 -2.73
N ILE B 149 31.73 0.66 -2.00
CA ILE B 149 31.96 0.67 -0.56
C ILE B 149 33.14 -0.23 -0.20
N GLY B 150 34.18 0.37 0.35
CA GLY B 150 35.39 -0.34 0.70
C GLY B 150 35.88 -1.19 -0.45
N GLY B 151 36.20 -0.53 -1.57
CA GLY B 151 36.69 -1.25 -2.73
C GLY B 151 35.86 -2.43 -3.24
N ALA B 152 34.55 -2.37 -3.08
CA ALA B 152 33.69 -3.34 -3.75
C ALA B 152 32.43 -2.64 -4.27
N ASP B 153 31.87 -3.18 -5.33
CA ASP B 153 30.67 -2.61 -5.88
C ASP B 153 29.55 -3.42 -5.40
N VAL B 154 28.58 -2.76 -4.81
CA VAL B 154 27.54 -3.54 -4.17
C VAL B 154 26.24 -2.94 -4.60
N ALA B 155 25.24 -3.78 -4.68
CA ALA B 155 23.94 -3.32 -5.09
C ALA B 155 23.48 -2.11 -4.25
N PHE B 156 22.91 -1.15 -4.96
CA PHE B 156 22.36 0.03 -4.37
C PHE B 156 20.98 0.23 -4.91
N GLY B 157 19.99 0.45 -4.06
CA GLY B 157 18.66 0.79 -4.54
C GLY B 157 17.49 0.35 -3.65
N THR B 158 16.29 0.78 -4.03
CA THR B 158 15.11 0.56 -3.25
C THR B 158 14.54 -0.81 -3.51
N ASP B 159 14.92 -1.35 -4.66
CA ASP B 159 14.49 -2.68 -5.17
C ASP B 159 15.29 -3.95 -4.70
N LEU B 160 15.80 -4.03 -3.49
CA LEU B 160 16.64 -5.18 -3.15
C LEU B 160 15.98 -6.17 -2.20
N LEU B 161 16.23 -7.45 -2.43
CA LEU B 161 15.82 -8.52 -1.51
C LEU B 161 16.99 -9.34 -1.06
N PHE B 162 17.06 -9.62 0.21
CA PHE B 162 18.17 -10.39 0.71
C PHE B 162 17.61 -11.69 1.15
N ALA B 163 17.95 -12.74 0.41
CA ALA B 163 17.37 -14.06 0.64
C ALA B 163 18.35 -15.07 1.20
N ALA B 164 17.97 -15.64 2.34
CA ALA B 164 18.80 -16.68 2.93
C ALA B 164 18.68 -17.98 2.13
N SER B 165 19.81 -18.40 1.57
CA SER B 165 19.83 -19.55 0.67
C SER B 165 19.56 -20.85 1.46
N ASP B 166 19.89 -20.86 2.73
CA ASP B 166 19.71 -22.07 3.54
C ASP B 166 18.59 -21.88 4.49
N LEU B 167 17.63 -21.02 4.12
CA LEU B 167 16.54 -20.69 5.03
C LEU B 167 15.52 -19.83 4.29
N PRO B 168 14.82 -20.45 3.35
CA PRO B 168 14.04 -19.82 2.28
C PRO B 168 12.82 -19.05 2.75
N GLY B 169 12.40 -19.34 3.96
CA GLY B 169 11.31 -18.57 4.54
C GLY B 169 11.75 -17.17 4.95
N PHE B 170 13.05 -16.95 5.04
CA PHE B 170 13.62 -15.65 5.42
C PHE B 170 14.17 -14.84 4.20
N VAL B 171 13.34 -13.90 3.75
CA VAL B 171 13.70 -13.02 2.66
C VAL B 171 13.48 -11.64 3.17
N LEU B 172 14.58 -10.89 3.28
CA LEU B 172 14.64 -9.55 3.89
C LEU B 172 14.47 -8.43 2.90
N HIS B 173 13.61 -7.49 3.24
CA HIS B 173 13.60 -6.20 2.57
C HIS B 173 13.77 -5.12 3.63
N VAL B 174 14.43 -4.04 3.25
CA VAL B 174 14.68 -2.92 4.14
C VAL B 174 14.09 -1.61 3.65
N GLU B 175 13.41 -0.89 4.54
CA GLU B 175 12.97 0.52 4.25
C GLU B 175 13.30 1.39 5.40
N ILE B 176 13.11 2.67 5.23
CA ILE B 176 13.54 3.61 6.25
C ILE B 176 12.46 4.59 6.63
N CYS B 177 12.15 4.57 7.93
CA CYS B 177 11.22 5.48 8.56
C CYS B 177 10.02 5.86 7.68
N GLU B 178 10.05 7.07 7.15
CA GLU B 178 8.90 7.66 6.40
C GLU B 178 8.41 6.74 5.30
N ASP B 179 9.31 5.90 4.79
CA ASP B 179 8.93 4.93 3.76
C ASP B 179 7.62 4.17 4.04
N MET B 180 7.35 3.84 5.31
CA MET B 180 6.16 3.04 5.63
C MET B 180 4.89 3.85 5.84
N PHE B 181 5.00 5.17 5.65
CA PHE B 181 3.93 6.11 5.98
C PHE B 181 3.22 6.67 4.78
N VAL B 182 3.71 6.38 3.58
CA VAL B 182 3.11 6.89 2.36
C VAL B 182 2.12 5.85 1.82
N PRO B 183 1.15 6.29 1.03
CA PRO B 183 0.15 5.36 0.52
C PRO B 183 0.71 4.04 -0.11
N MET B 184 1.83 4.12 -0.81
CA MET B 184 2.36 2.93 -1.45
C MET B 184 3.85 2.79 -1.06
N PRO B 185 4.09 2.12 0.05
CA PRO B 185 5.42 1.96 0.64
C PRO B 185 6.19 0.96 -0.13
N PRO B 186 7.50 1.17 -0.22
CA PRO B 186 8.42 0.22 -0.89
C PRO B 186 8.22 -1.17 -0.32
N SER B 187 7.96 -1.27 0.98
CA SER B 187 7.82 -2.61 1.63
C SER B 187 6.63 -3.44 1.09
N ALA B 188 5.56 -2.77 0.69
CA ALA B 188 4.40 -3.45 0.14
C ALA B 188 4.72 -4.14 -1.23
N GLU B 189 5.45 -3.46 -2.09
CA GLU B 189 5.91 -4.10 -3.35
C GLU B 189 6.88 -5.22 -3.02
N ALA B 190 7.71 -4.97 -1.99
CA ALA B 190 8.74 -5.95 -1.66
C ALA B 190 8.10 -7.24 -1.20
N ALA B 191 6.99 -7.11 -0.48
CA ALA B 191 6.32 -8.32 0.04
C ALA B 191 5.70 -9.12 -1.11
N LEU B 192 5.00 -8.44 -2.02
CA LEU B 192 4.51 -9.10 -3.22
C LEU B 192 5.61 -9.78 -4.02
N ALA B 193 6.83 -9.23 -3.95
CA ALA B 193 7.96 -9.82 -4.67
C ALA B 193 8.60 -11.00 -3.94
N GLY B 194 8.31 -11.14 -2.66
CA GLY B 194 8.80 -12.30 -1.96
C GLY B 194 9.39 -12.02 -0.59
N ALA B 195 9.41 -10.75 -0.20
CA ALA B 195 10.02 -10.41 1.08
C ALA B 195 9.05 -10.87 2.13
N THR B 196 9.58 -11.47 3.20
CA THR B 196 8.81 -12.02 4.33
C THR B 196 9.12 -11.29 5.65
N VAL B 197 10.33 -10.75 5.73
CA VAL B 197 10.73 -9.99 6.90
C VAL B 197 11.04 -8.55 6.44
N LEU B 198 10.26 -7.60 6.92
CA LEU B 198 10.37 -6.22 6.51
C LEU B 198 11.00 -5.43 7.62
N ALA B 199 12.26 -4.98 7.44
CA ALA B 199 12.95 -4.09 8.39
C ALA B 199 12.62 -2.63 8.19
N ASN B 200 12.54 -1.87 9.27
CA ASN B 200 12.46 -0.41 9.20
C ASN B 200 13.42 0.26 10.20
N LEU B 201 14.41 1.01 9.68
CA LEU B 201 15.27 1.84 10.52
C LEU B 201 14.57 3.18 10.67
N SER B 202 14.31 3.60 11.91
CA SER B 202 13.64 4.87 12.13
C SER B 202 14.45 5.87 12.95
N GLY B 203 14.26 7.16 12.71
CA GLY B 203 14.83 8.17 13.58
C GLY B 203 13.75 8.57 14.54
N SER B 204 12.80 9.34 14.01
CA SER B 204 11.47 9.44 14.57
C SER B 204 11.49 10.17 15.91
N PRO B 205 11.72 11.47 15.87
CA PRO B 205 11.66 12.10 17.19
C PRO B 205 10.27 11.86 17.79
N ILE B 206 10.17 11.77 19.12
CA ILE B 206 8.92 11.42 19.77
C ILE B 206 8.04 12.63 20.08
N THR B 207 6.74 12.47 19.89
CA THR B 207 5.76 13.45 20.28
C THR B 207 4.53 12.73 20.78
N ILE B 208 3.67 13.47 21.47
CA ILE B 208 2.43 12.90 21.94
C ILE B 208 1.74 12.19 20.76
N GLY B 209 1.41 10.90 20.96
CA GLY B 209 0.62 10.16 20.02
C GLY B 209 1.38 9.45 18.91
N ARG B 210 2.64 9.81 18.73
CA ARG B 210 3.45 9.23 17.65
C ARG B 210 3.73 7.75 17.80
N ALA B 211 3.90 7.30 19.04
CA ALA B 211 4.16 5.87 19.27
C ALA B 211 2.98 5.07 18.75
N GLU B 212 1.78 5.64 18.88
CA GLU B 212 0.55 4.96 18.37
C GLU B 212 0.66 4.89 16.84
N ASP B 213 0.99 6.02 16.21
CA ASP B 213 1.15 6.12 14.77
C ASP B 213 2.14 5.10 14.29
N ARG B 214 3.29 4.99 14.95
CA ARG B 214 4.26 3.97 14.53
C ARG B 214 3.66 2.58 14.64
N ARG B 215 2.99 2.28 15.75
CA ARG B 215 2.33 0.98 15.87
C ARG B 215 1.28 0.73 14.80
N LEU B 216 0.44 1.73 14.53
CA LEU B 216 -0.64 1.58 13.58
C LEU B 216 -0.07 1.15 12.25
N LEU B 217 1.05 1.77 11.89
CA LEU B 217 1.60 1.58 10.57
C LEU B 217 2.46 0.36 10.47
N ALA B 218 3.22 0.03 11.51
CA ALA B 218 3.97 -1.24 11.47
C ALA B 218 3.02 -2.46 11.59
N ARG B 219 2.03 -2.35 12.45
CA ARG B 219 1.11 -3.45 12.64
C ARG B 219 0.30 -3.69 11.35
N SER B 220 -0.36 -2.65 10.84
CA SER B 220 -1.11 -2.83 9.61
C SER B 220 -0.22 -3.37 8.48
N ALA B 221 1.03 -2.89 8.38
CA ALA B 221 1.88 -3.37 7.26
C ALA B 221 2.13 -4.88 7.42
N SER B 222 2.48 -5.29 8.64
CA SER B 222 2.74 -6.70 8.90
C SER B 222 1.51 -7.58 8.59
N ALA B 223 0.31 -7.08 8.87
CA ALA B 223 -0.95 -7.75 8.56
C ALA B 223 -1.25 -7.72 7.05
N ARG B 224 -1.28 -6.54 6.44
CA ARG B 224 -1.58 -6.45 5.00
C ARG B 224 -0.54 -7.16 4.11
N CYS B 225 0.69 -7.32 4.59
CA CYS B 225 1.75 -7.94 3.81
C CYS B 225 2.15 -9.33 4.24
N LEU B 226 1.34 -9.90 5.15
CA LEU B 226 1.56 -11.25 5.64
C LEU B 226 3.05 -11.41 5.95
N ALA B 227 3.57 -10.51 6.76
CA ALA B 227 5.01 -10.47 7.03
C ALA B 227 5.35 -10.17 8.50
N ALA B 228 6.62 -10.40 8.84
CA ALA B 228 7.17 -9.86 10.07
C ALA B 228 7.61 -8.43 9.76
N TYR B 229 7.43 -7.52 10.71
CA TYR B 229 7.85 -6.14 10.54
C TYR B 229 8.75 -5.79 11.74
N VAL B 230 10.02 -5.49 11.50
CA VAL B 230 11.01 -5.26 12.54
C VAL B 230 11.44 -3.79 12.51
N TYR B 231 11.21 -3.09 13.61
CA TYR B 231 11.26 -1.64 13.70
C TYR B 231 12.14 -1.16 14.88
N ALA B 232 12.98 -0.17 14.62
CA ALA B 232 13.96 0.32 15.60
C ALA B 232 14.08 1.83 15.43
N ALA B 233 13.78 2.55 16.50
CA ALA B 233 13.90 4.02 16.51
C ALA B 233 15.04 4.51 17.37
N ALA B 234 15.42 5.75 17.11
CA ALA B 234 16.56 6.35 17.79
C ALA B 234 16.16 6.69 19.23
N GLY B 235 17.12 6.69 20.15
CA GLY B 235 16.86 7.06 21.55
C GLY B 235 17.89 8.01 22.18
N GLU B 236 18.34 7.68 23.39
CA GLU B 236 19.32 8.52 24.14
C GLU B 236 20.50 8.86 23.27
N GLY B 237 20.92 10.14 23.32
CA GLY B 237 22.11 10.58 22.63
C GLY B 237 21.80 11.48 21.45
N GLU B 238 20.69 11.21 20.76
CA GLU B 238 20.23 12.18 19.70
C GLU B 238 20.09 13.61 20.30
N SER B 239 20.33 14.62 19.47
CA SER B 239 20.24 16.00 19.92
C SER B 239 18.88 16.39 20.43
N THR B 240 18.83 17.15 21.52
CA THR B 240 17.56 17.65 22.03
C THR B 240 17.51 19.16 21.91
N THR B 241 18.21 19.65 20.89
CA THR B 241 18.05 21.02 20.41
C THR B 241 16.58 21.38 20.15
N ASP B 242 15.84 20.52 19.46
CA ASP B 242 14.43 20.81 19.23
C ASP B 242 13.51 19.62 19.43
N LEU B 243 14.07 18.46 19.73
CA LEU B 243 13.30 17.22 19.78
C LEU B 243 13.73 16.25 20.92
N ALA B 244 12.82 15.37 21.33
CA ALA B 244 13.20 14.27 22.21
C ALA B 244 13.08 12.98 21.47
N TRP B 245 13.66 11.92 22.04
CA TRP B 245 13.68 10.60 21.41
C TRP B 245 13.33 9.48 22.39
N ASP B 246 12.64 8.45 21.94
CA ASP B 246 12.13 7.45 22.88
C ASP B 246 12.69 6.00 22.81
N GLY B 247 13.53 5.72 21.81
CA GLY B 247 14.17 4.42 21.74
C GLY B 247 13.26 3.23 21.46
N GLN B 248 12.04 3.47 20.98
CA GLN B 248 11.08 2.39 20.82
C GLN B 248 11.59 1.36 19.84
N THR B 249 11.53 0.08 20.21
CA THR B 249 11.77 -0.98 19.24
C THR B 249 10.59 -1.92 19.32
N MET B 250 10.25 -2.55 18.19
CA MET B 250 9.16 -3.49 18.17
C MET B 250 9.27 -4.49 17.01
N ILE B 251 8.67 -5.66 17.18
CA ILE B 251 8.66 -6.68 16.15
C ILE B 251 7.24 -7.19 15.98
N TRP B 252 6.67 -7.03 14.79
CA TRP B 252 5.32 -7.51 14.49
C TRP B 252 5.33 -8.72 13.59
N GLU B 253 4.27 -9.52 13.67
CA GLU B 253 4.12 -10.66 12.73
C GLU B 253 2.64 -10.84 12.40
N ASN B 254 2.36 -10.53 11.16
CA ASN B 254 1.03 -10.70 10.63
C ASN B 254 -0.03 -10.07 11.52
N GLY B 255 0.31 -8.93 12.12
CA GLY B 255 -0.63 -8.14 12.87
C GLY B 255 -0.49 -8.32 14.38
N ALA B 256 0.31 -9.31 14.75
CA ALA B 256 0.49 -9.60 16.16
C ALA B 256 1.79 -9.06 16.65
N LEU B 257 1.80 -8.58 17.89
CA LEU B 257 3.03 -8.03 18.48
C LEU B 257 3.91 -9.16 19.02
N LEU B 258 5.06 -9.41 18.43
CA LEU B 258 5.92 -10.42 19.04
C LEU B 258 6.70 -9.88 20.23
N ALA B 259 7.03 -8.58 20.22
CA ALA B 259 8.03 -8.04 21.15
C ALA B 259 8.15 -6.52 21.00
N GLU B 260 8.42 -5.87 22.11
CA GLU B 260 8.65 -4.43 22.04
C GLU B 260 9.45 -4.04 23.27
N SER B 261 10.08 -2.87 23.24
CA SER B 261 10.98 -2.55 24.33
C SER B 261 10.49 -1.34 25.10
N GLU B 262 11.16 -1.12 26.21
CA GLU B 262 10.86 0.00 27.08
C GLU B 262 11.01 1.33 26.32
N ARG B 263 9.99 2.17 26.41
CA ARG B 263 10.08 3.54 25.89
C ARG B 263 10.91 4.47 26.83
N PHE B 264 11.72 5.39 26.26
CA PHE B 264 12.57 6.28 27.06
C PHE B 264 13.46 5.49 28.00
N PRO B 265 14.18 4.50 27.47
CA PRO B 265 14.97 3.70 28.42
C PRO B 265 16.22 4.46 28.86
N LYS B 266 16.77 4.10 30.01
CA LYS B 266 18.12 4.48 30.33
C LYS B 266 18.99 3.35 29.86
N GLY B 267 19.80 3.62 28.84
CA GLY B 267 20.68 2.59 28.30
C GLY B 267 20.07 1.96 27.07
N VAL B 268 20.79 1.02 26.46
CA VAL B 268 20.35 0.43 25.19
C VAL B 268 19.29 -0.63 25.47
N ARG B 269 18.45 -0.92 24.47
CA ARG B 269 17.42 -1.94 24.58
C ARG B 269 17.35 -2.67 23.26
N ARG B 270 16.92 -3.94 23.32
CA ARG B 270 16.66 -4.78 22.15
C ARG B 270 15.27 -5.44 22.28
N SER B 271 14.57 -5.55 21.17
CA SER B 271 13.49 -6.50 21.06
C SER B 271 14.03 -7.70 20.33
N VAL B 272 13.91 -8.88 20.93
CA VAL B 272 14.33 -10.09 20.25
C VAL B 272 13.17 -11.08 20.23
N ALA B 273 12.85 -11.63 19.07
CA ALA B 273 11.73 -12.57 18.99
C ALA B 273 11.93 -13.62 17.90
N ASP B 274 11.37 -14.81 18.10
CA ASP B 274 11.44 -15.81 17.03
C ASP B 274 10.23 -15.64 16.15
N VAL B 275 10.49 -15.24 14.89
CA VAL B 275 9.48 -15.10 13.85
C VAL B 275 9.21 -16.48 13.25
N ASP B 276 7.94 -16.85 13.10
CA ASP B 276 7.57 -18.12 12.47
C ASP B 276 7.45 -18.04 10.92
N THR B 277 8.50 -18.40 10.20
CA THR B 277 8.42 -18.21 8.76
C THR B 277 7.38 -19.11 8.14
N GLU B 278 7.14 -20.23 8.80
CA GLU B 278 6.08 -21.19 8.31
C GLU B 278 4.68 -20.61 8.42
N LEU B 279 4.45 -19.83 9.48
CA LEU B 279 3.16 -19.14 9.63
C LEU B 279 2.93 -18.18 8.46
N LEU B 280 3.97 -17.42 8.10
CA LEU B 280 3.86 -16.50 6.99
C LEU B 280 3.69 -17.28 5.71
N ARG B 281 4.50 -18.33 5.54
CA ARG B 281 4.36 -19.22 4.38
C ARG B 281 2.90 -19.71 4.24
N SER B 282 2.33 -20.21 5.35
CA SER B 282 0.98 -20.80 5.30
C SER B 282 -0.09 -19.77 4.98
N GLU B 283 0.05 -18.58 5.54
CA GLU B 283 -0.97 -17.53 5.33
C GLU B 283 -0.98 -17.19 3.85
N ARG B 284 0.22 -16.96 3.31
CA ARG B 284 0.38 -16.64 1.88
C ARG B 284 -0.06 -17.77 0.93
N LEU B 285 0.11 -19.02 1.33
CA LEU B 285 -0.25 -20.15 0.48
C LEU B 285 -1.76 -20.15 0.27
N ARG B 286 -2.46 -19.62 1.28
CA ARG B 286 -3.91 -19.71 1.36
C ARG B 286 -4.64 -18.49 0.84
N MET B 287 -4.02 -17.33 0.95
CA MET B 287 -4.70 -16.12 0.53
C MET B 287 -4.32 -15.79 -0.94
N GLY B 288 -4.97 -16.46 -1.86
CA GLY B 288 -4.64 -16.27 -3.24
C GLY B 288 -4.73 -14.86 -3.71
N THR B 289 -5.63 -14.07 -3.12
CA THR B 289 -5.72 -12.67 -3.56
C THR B 289 -4.39 -11.89 -3.39
N PHE B 290 -3.49 -12.42 -2.57
CA PHE B 290 -2.19 -11.81 -2.33
C PHE B 290 -1.34 -11.98 -3.59
N ASP B 291 -1.24 -13.22 -4.06
CA ASP B 291 -0.60 -13.54 -5.35
C ASP B 291 -1.26 -12.81 -6.53
N ASP B 292 -2.60 -12.71 -6.50
CA ASP B 292 -3.32 -11.87 -7.47
C ASP B 292 -2.84 -10.42 -7.52
N ASN B 293 -2.62 -9.85 -6.34
CA ASN B 293 -2.13 -8.48 -6.26
C ASN B 293 -0.76 -8.38 -6.94
N ARG B 294 0.15 -9.29 -6.62
CA ARG B 294 1.46 -9.39 -7.27
C ARG B 294 1.33 -9.46 -8.81
N ARG B 295 0.55 -10.41 -9.31
CA ARG B 295 0.40 -10.48 -10.75
C ARG B 295 -0.08 -9.17 -11.35
N HIS B 296 -0.91 -8.44 -10.64
CA HIS B 296 -1.45 -7.23 -11.20
C HIS B 296 -0.33 -6.19 -11.28
N HIS B 297 0.62 -6.25 -10.35
CA HIS B 297 1.82 -5.39 -10.33
C HIS B 297 3.06 -6.18 -10.73
N ARG B 298 2.87 -7.03 -11.73
CA ARG B 298 3.94 -7.90 -12.24
C ARG B 298 5.19 -7.12 -12.58
N GLU B 299 5.05 -6.00 -13.29
CA GLU B 299 6.26 -5.22 -13.69
C GLU B 299 6.98 -4.74 -12.43
N LEU B 300 6.31 -3.97 -11.60
CA LEU B 300 6.84 -3.65 -10.27
C LEU B 300 7.53 -4.81 -9.51
N THR B 301 6.95 -6.00 -9.55
CA THR B 301 7.42 -7.04 -8.63
C THR B 301 8.52 -7.97 -9.15
N GLU B 302 8.66 -8.05 -10.47
CA GLU B 302 9.69 -8.97 -11.05
C GLU B 302 11.06 -8.29 -11.22
N SER B 303 11.03 -6.99 -11.03
CA SER B 303 12.20 -6.18 -11.18
C SER B 303 13.08 -6.12 -9.93
N PHE B 304 12.72 -6.84 -8.86
CA PHE B 304 13.57 -6.85 -7.68
C PHE B 304 14.81 -7.68 -7.92
N ARG B 305 15.92 -7.22 -7.38
CA ARG B 305 17.18 -7.94 -7.42
C ARG B 305 17.29 -8.79 -6.16
N ARG B 306 17.68 -10.03 -6.30
CA ARG B 306 17.67 -10.91 -5.15
C ARG B 306 19.12 -11.23 -4.80
N ILE B 307 19.56 -10.79 -3.62
CA ILE B 307 20.93 -11.01 -3.18
C ILE B 307 20.95 -12.18 -2.24
N ASP B 308 21.78 -13.16 -2.53
CA ASP B 308 21.77 -14.38 -1.72
C ASP B 308 22.86 -14.30 -0.65
N PHE B 309 22.57 -14.91 0.48
CA PHE B 309 23.55 -15.13 1.53
C PHE B 309 23.21 -16.44 2.26
N ALA B 310 24.22 -17.04 2.89
CA ALA B 310 24.01 -18.27 3.64
C ALA B 310 24.10 -17.91 5.09
N LEU B 311 22.99 -18.06 5.81
CA LEU B 311 22.92 -17.69 7.23
C LEU B 311 23.66 -18.70 8.12
N ASP B 312 23.54 -19.97 7.79
CA ASP B 312 24.05 -21.07 8.61
C ASP B 312 23.76 -20.87 10.12
N PRO B 313 22.47 -20.88 10.49
CA PRO B 313 22.09 -20.59 11.87
C PRO B 313 22.53 -21.71 12.77
N PRO B 314 22.45 -21.47 14.07
CA PRO B 314 22.77 -22.52 15.05
C PRO B 314 21.75 -23.68 14.97
N ALA B 315 22.25 -24.91 15.12
CA ALA B 315 21.44 -26.12 14.99
C ALA B 315 20.84 -26.62 16.32
N GLY B 316 21.32 -26.12 17.44
CA GLY B 316 20.94 -26.64 18.74
C GLY B 316 19.73 -26.02 19.43
N ASP B 317 19.56 -26.36 20.69
CA ASP B 317 18.47 -25.82 21.47
C ASP B 317 18.83 -24.42 21.91
N ILE B 318 18.15 -23.43 21.37
CA ILE B 318 18.35 -22.06 21.82
C ILE B 318 17.02 -21.51 22.35
N GLY B 319 16.16 -22.41 22.85
CA GLY B 319 14.88 -21.98 23.39
C GLY B 319 13.99 -21.48 22.28
N LEU B 320 12.93 -20.77 22.65
CA LEU B 320 11.99 -20.24 21.67
C LEU B 320 11.49 -18.92 22.20
N LEU B 321 12.01 -17.82 21.68
CA LEU B 321 11.58 -16.51 22.17
C LEU B 321 10.24 -16.12 21.54
N ARG B 322 9.18 -16.79 22.01
CA ARG B 322 7.87 -16.63 21.38
C ARG B 322 6.85 -17.04 22.41
N GLU B 323 5.74 -16.33 22.49
CA GLU B 323 4.69 -16.67 23.50
C GLU B 323 3.73 -17.62 22.79
N VAL B 324 3.77 -18.92 23.07
CA VAL B 324 2.85 -19.86 22.43
C VAL B 324 1.65 -20.07 23.36
N GLU B 325 0.51 -19.48 23.06
CA GLU B 325 -0.66 -19.70 23.96
C GLU B 325 -1.13 -21.18 24.06
N ARG B 326 -1.49 -21.66 25.26
CA ARG B 326 -2.01 -23.04 25.45
C ARG B 326 -3.30 -23.30 24.70
N PHE B 327 -4.17 -22.29 24.65
CA PHE B 327 -5.46 -22.45 23.99
C PHE B 327 -5.62 -21.51 22.82
N PRO B 328 -5.22 -21.97 21.65
CA PRO B 328 -5.31 -21.15 20.42
C PRO B 328 -6.72 -20.53 20.20
N PHE B 329 -7.73 -21.18 20.80
CA PHE B 329 -9.13 -20.79 20.68
C PHE B 329 -9.61 -19.98 21.88
N VAL B 330 -8.83 -20.02 22.96
CA VAL B 330 -9.13 -19.32 24.22
C VAL B 330 -7.99 -18.43 24.71
N PRO B 331 -8.06 -17.15 24.32
CA PRO B 331 -7.10 -16.11 24.64
C PRO B 331 -6.96 -16.01 26.12
N ALA B 332 -5.72 -15.94 26.62
CA ALA B 332 -5.42 -15.81 28.03
C ALA B 332 -5.76 -14.43 28.64
N ASP B 333 -5.59 -13.37 27.82
CA ASP B 333 -5.94 -12.01 28.26
C ASP B 333 -7.45 -11.87 28.43
N PRO B 334 -7.89 -11.60 29.66
CA PRO B 334 -9.31 -11.52 30.02
C PRO B 334 -10.09 -10.56 29.13
N GLN B 335 -9.48 -9.46 28.70
CA GLN B 335 -10.23 -8.48 27.94
C GLN B 335 -10.52 -9.06 26.56
N ARG B 336 -9.48 -9.66 25.97
CA ARG B 336 -9.58 -10.30 24.68
C ARG B 336 -10.54 -11.47 24.79
N LEU B 337 -10.50 -12.22 25.90
CA LEU B 337 -11.36 -13.38 26.00
C LEU B 337 -12.81 -12.95 26.12
N GLN B 338 -13.05 -11.86 26.85
CA GLN B 338 -14.41 -11.31 26.98
C GLN B 338 -14.96 -10.97 25.59
N GLN B 339 -14.11 -10.31 24.80
CA GLN B 339 -14.47 -9.92 23.46
C GLN B 339 -14.83 -11.09 22.55
N ASP B 340 -13.98 -12.14 22.53
CA ASP B 340 -14.22 -13.35 21.72
C ASP B 340 -15.54 -14.05 22.09
N CYS B 341 -15.79 -14.18 23.40
CA CYS B 341 -17.02 -14.78 23.88
C CYS B 341 -18.23 -14.00 23.37
N TYR B 342 -18.19 -12.68 23.54
CA TYR B 342 -19.25 -11.79 23.09
C TYR B 342 -19.53 -12.07 21.63
N GLU B 343 -18.47 -12.14 20.83
CA GLU B 343 -18.60 -12.45 19.36
C GLU B 343 -19.10 -13.88 19.13
N ALA B 344 -18.47 -14.88 19.75
CA ALA B 344 -18.91 -16.26 19.54
C ALA B 344 -20.40 -16.38 19.79
N TYR B 345 -20.83 -15.89 20.95
CA TYR B 345 -22.24 -15.95 21.35
C TYR B 345 -23.15 -15.28 20.32
N ASN B 346 -22.79 -14.08 19.88
CA ASN B 346 -23.63 -13.34 18.93
C ASN B 346 -23.70 -13.93 17.54
N ILE B 347 -22.62 -14.60 17.14
CA ILE B 347 -22.58 -15.33 15.88
C ILE B 347 -23.56 -16.50 15.95
N GLN B 348 -23.44 -17.32 17.01
CA GLN B 348 -24.34 -18.45 17.23
C GLN B 348 -25.78 -17.98 17.20
N VAL B 349 -26.11 -17.01 18.03
CA VAL B 349 -27.47 -16.54 18.06
C VAL B 349 -27.98 -16.05 16.70
N SER B 350 -27.21 -15.20 16.03
CA SER B 350 -27.74 -14.56 14.84
C SER B 350 -27.82 -15.59 13.74
N GLY B 351 -26.97 -16.61 13.80
CA GLY B 351 -27.02 -17.68 12.80
C GLY B 351 -28.34 -18.42 12.91
N LEU B 352 -28.75 -18.71 14.14
CA LEU B 352 -29.99 -19.37 14.41
C LEU B 352 -31.19 -18.46 14.14
N GLU B 353 -31.07 -17.19 14.48
CA GLU B 353 -32.24 -16.28 14.27
C GLU B 353 -32.64 -16.26 12.81
N GLN B 354 -31.64 -16.34 11.92
CA GLN B 354 -31.92 -16.26 10.48
C GLN B 354 -32.59 -17.55 10.02
N ARG B 355 -32.09 -18.70 10.46
CA ARG B 355 -32.74 -19.97 10.09
C ARG B 355 -34.22 -19.97 10.54
N LEU B 356 -34.47 -19.45 11.76
CA LEU B 356 -35.83 -19.38 12.29
C LEU B 356 -36.69 -18.39 11.50
N ARG B 357 -36.13 -17.26 11.13
CA ARG B 357 -36.92 -16.30 10.39
C ARG B 357 -37.30 -16.94 9.06
N ALA B 358 -36.31 -17.59 8.42
CA ALA B 358 -36.50 -18.18 7.11
C ALA B 358 -37.56 -19.28 7.14
N LEU B 359 -37.67 -19.99 8.27
CA LEU B 359 -38.67 -21.04 8.37
C LEU B 359 -39.95 -20.54 9.02
N ASP B 360 -40.17 -19.23 9.02
CA ASP B 360 -41.37 -18.69 9.66
C ASP B 360 -41.59 -19.17 11.13
N TYR B 361 -40.48 -19.32 11.85
CA TYR B 361 -40.48 -19.51 13.31
C TYR B 361 -41.01 -20.84 13.73
N PRO B 362 -40.29 -21.90 13.40
CA PRO B 362 -40.66 -23.24 13.85
C PRO B 362 -40.39 -23.35 15.34
N LYS B 363 -40.94 -24.37 15.98
CA LYS B 363 -40.57 -24.66 17.35
C LYS B 363 -39.15 -25.20 17.32
N VAL B 364 -38.41 -25.01 18.41
CA VAL B 364 -37.03 -25.47 18.47
C VAL B 364 -36.96 -26.72 19.34
N VAL B 365 -36.52 -27.82 18.74
CA VAL B 365 -36.50 -29.11 19.42
C VAL B 365 -35.07 -29.41 19.79
N ILE B 366 -34.83 -29.67 21.07
CA ILE B 366 -33.45 -29.90 21.49
C ILE B 366 -33.39 -30.94 22.58
N GLY B 367 -32.41 -31.85 22.45
CA GLY B 367 -32.16 -32.85 23.47
C GLY B 367 -31.21 -32.27 24.51
N VAL B 368 -31.69 -32.11 25.74
CA VAL B 368 -30.89 -31.55 26.81
C VAL B 368 -30.47 -32.62 27.79
N SER B 369 -29.17 -32.77 28.00
CA SER B 369 -28.67 -33.87 28.80
C SER B 369 -27.98 -33.39 30.04
N GLY B 370 -27.91 -32.07 30.22
CA GLY B 370 -27.18 -31.47 31.34
C GLY B 370 -25.68 -31.31 31.15
N GLY B 371 -25.21 -31.65 29.95
CA GLY B 371 -23.81 -31.49 29.60
C GLY B 371 -23.51 -30.09 29.11
N LEU B 372 -22.23 -29.78 28.92
CA LEU B 372 -21.86 -28.43 28.50
C LEU B 372 -22.53 -28.00 27.16
N ASP B 373 -22.34 -28.83 26.12
CA ASP B 373 -22.77 -28.43 24.79
C ASP B 373 -24.27 -28.11 24.69
N SER B 374 -25.12 -28.99 25.21
CA SER B 374 -26.56 -28.81 25.06
C SER B 374 -27.08 -27.72 26.00
N THR B 375 -26.45 -27.61 27.17
CA THR B 375 -26.72 -26.50 28.07
C THR B 375 -26.50 -25.23 27.28
N HIS B 376 -25.32 -25.10 26.67
CA HIS B 376 -25.03 -23.88 25.96
C HIS B 376 -25.99 -23.61 24.79
N ALA B 377 -26.26 -24.65 24.03
CA ALA B 377 -27.19 -24.53 22.91
C ALA B 377 -28.59 -24.04 23.38
N LEU B 378 -29.11 -24.64 24.44
CA LEU B 378 -30.38 -24.20 25.00
C LEU B 378 -30.38 -22.68 25.27
N ILE B 379 -29.30 -22.20 25.84
CA ILE B 379 -29.17 -20.81 26.15
C ILE B 379 -29.19 -19.99 24.85
N VAL B 380 -28.41 -20.44 23.85
CA VAL B 380 -28.35 -19.77 22.56
C VAL B 380 -29.73 -19.72 21.94
N ALA B 381 -30.43 -20.84 22.00
CA ALA B 381 -31.76 -20.95 21.43
C ALA B 381 -32.72 -19.97 22.08
N THR B 382 -32.61 -19.86 23.41
CA THR B 382 -33.49 -18.99 24.20
C THR B 382 -33.29 -17.56 23.81
N HIS B 383 -32.04 -17.16 23.68
CA HIS B 383 -31.75 -15.78 23.38
C HIS B 383 -32.24 -15.44 21.98
N ALA B 384 -32.01 -16.36 21.02
CA ALA B 384 -32.49 -16.20 19.67
C ALA B 384 -33.99 -15.98 19.64
N MET B 385 -34.71 -16.79 20.41
CA MET B 385 -36.16 -16.66 20.47
C MET B 385 -36.57 -15.33 21.10
N ASP B 386 -35.84 -14.92 22.13
CA ASP B 386 -36.13 -13.66 22.79
C ASP B 386 -35.98 -12.53 21.79
N ARG B 387 -34.80 -12.43 21.17
CA ARG B 387 -34.52 -11.36 20.20
C ARG B 387 -35.53 -11.30 19.05
N GLU B 388 -36.16 -12.44 18.74
CA GLU B 388 -37.17 -12.49 17.65
C GLU B 388 -38.60 -12.40 18.17
N GLY B 389 -38.73 -12.13 19.48
CA GLY B 389 -40.02 -11.95 20.12
C GLY B 389 -40.85 -13.20 20.00
N ARG B 390 -40.17 -14.34 20.14
CA ARG B 390 -40.82 -15.63 20.18
C ARG B 390 -40.97 -16.11 21.62
N PRO B 391 -42.14 -16.67 21.94
CA PRO B 391 -42.34 -17.23 23.29
C PRO B 391 -41.32 -18.39 23.54
N ARG B 392 -40.72 -18.41 24.73
CA ARG B 392 -39.80 -19.50 25.08
C ARG B 392 -40.46 -20.91 25.09
N SER B 393 -41.79 -20.94 25.25
CA SER B 393 -42.53 -22.19 25.28
C SER B 393 -42.54 -22.82 23.89
N ASP B 394 -42.05 -22.10 22.87
CA ASP B 394 -41.87 -22.69 21.54
C ASP B 394 -40.54 -23.47 21.41
N ILE B 395 -39.73 -23.37 22.45
CA ILE B 395 -38.55 -24.22 22.58
C ILE B 395 -38.98 -25.49 23.29
N LEU B 396 -38.79 -26.63 22.62
CA LEU B 396 -39.15 -27.94 23.20
C LEU B 396 -37.92 -28.72 23.64
N ALA B 397 -37.66 -28.74 24.93
CA ALA B 397 -36.46 -29.37 25.44
C ALA B 397 -36.88 -30.75 25.85
N PHE B 398 -36.06 -31.72 25.50
CA PHE B 398 -36.30 -33.09 25.93
C PHE B 398 -35.15 -33.75 26.67
N ALA B 399 -35.49 -34.40 27.77
CA ALA B 399 -34.54 -35.31 28.35
C ALA B 399 -34.91 -36.70 27.83
N LEU B 400 -33.89 -37.45 27.43
CA LEU B 400 -34.07 -38.72 26.74
C LEU B 400 -33.25 -39.81 27.42
N PRO B 401 -33.58 -40.09 28.67
CA PRO B 401 -32.85 -41.12 29.41
C PRO B 401 -32.90 -42.49 28.71
N GLY B 402 -31.74 -43.15 28.63
CA GLY B 402 -31.64 -44.51 28.11
C GLY B 402 -31.45 -45.52 29.25
N PHE B 403 -30.28 -46.16 29.27
CA PHE B 403 -29.89 -46.99 30.38
C PHE B 403 -28.76 -46.25 31.10
N LYS B 410 -27.76 -33.70 34.43
CA LYS B 410 -28.96 -34.50 34.22
C LYS B 410 -30.20 -33.92 34.92
N ASN B 411 -30.09 -33.71 36.23
CA ASN B 411 -31.04 -32.90 36.97
C ASN B 411 -30.81 -31.45 36.54
N ASN B 412 -29.56 -31.15 36.22
CA ASN B 412 -29.21 -29.86 35.69
C ASN B 412 -30.08 -29.51 34.51
N ALA B 413 -30.42 -30.52 33.71
CA ALA B 413 -31.19 -30.28 32.48
C ALA B 413 -32.61 -29.78 32.73
N ILE B 414 -33.34 -30.48 33.59
CA ILE B 414 -34.68 -30.07 33.95
C ILE B 414 -34.69 -28.75 34.75
N LYS B 415 -33.71 -28.57 35.66
CA LYS B 415 -33.58 -27.33 36.44
C LYS B 415 -33.32 -26.13 35.51
N LEU B 416 -32.43 -26.29 34.54
CA LEU B 416 -32.20 -25.24 33.56
C LEU B 416 -33.46 -24.91 32.75
N ALA B 417 -34.12 -25.94 32.23
CA ALA B 417 -35.32 -25.75 31.43
C ALA B 417 -36.44 -25.04 32.20
N ARG B 418 -36.72 -25.49 33.42
CA ARG B 418 -37.74 -24.86 34.26
C ARG B 418 -37.39 -23.39 34.57
N ALA B 419 -36.11 -23.13 34.83
CA ALA B 419 -35.62 -21.78 35.13
C ALA B 419 -35.67 -20.81 33.92
N LEU B 420 -35.39 -21.32 32.73
CA LEU B 420 -35.52 -20.49 31.54
C LEU B 420 -36.97 -20.36 31.16
N GLY B 421 -37.75 -21.37 31.48
CA GLY B 421 -39.18 -21.39 31.20
C GLY B 421 -39.54 -21.80 29.80
N VAL B 422 -38.73 -22.70 29.23
CA VAL B 422 -39.00 -23.35 27.95
C VAL B 422 -39.87 -24.53 28.25
N THR B 423 -40.40 -25.19 27.22
CA THR B 423 -41.25 -26.37 27.43
C THR B 423 -40.39 -27.62 27.66
N PHE B 424 -40.56 -28.26 28.82
CA PHE B 424 -39.75 -29.42 29.16
C PHE B 424 -40.54 -30.71 29.11
N SER B 425 -39.84 -31.79 28.80
CA SER B 425 -40.50 -33.07 28.65
C SER B 425 -39.48 -34.19 28.73
N GLU B 426 -39.89 -35.33 29.27
CA GLU B 426 -39.00 -36.52 29.31
C GLU B 426 -39.57 -37.61 28.46
N ILE B 427 -38.69 -38.28 27.72
CA ILE B 427 -39.09 -39.45 26.96
C ILE B 427 -38.07 -40.55 27.17
N ASP B 428 -38.48 -41.64 27.84
CA ASP B 428 -37.57 -42.76 28.07
C ASP B 428 -37.46 -43.63 26.82
N ILE B 429 -36.24 -43.71 26.28
CA ILE B 429 -36.01 -44.38 25.01
C ILE B 429 -35.59 -45.83 25.22
N GLY B 430 -35.49 -46.22 26.49
CA GLY B 430 -35.06 -47.56 26.85
C GLY B 430 -35.86 -48.69 26.21
N ASP B 431 -37.20 -48.58 26.23
CA ASP B 431 -38.03 -49.65 25.68
C ASP B 431 -37.85 -49.72 24.17
N THR B 432 -37.74 -48.56 23.53
CA THR B 432 -37.62 -48.57 22.10
C THR B 432 -36.29 -49.23 21.80
N ALA B 433 -35.28 -48.91 22.60
CA ALA B 433 -33.95 -49.49 22.43
C ALA B 433 -33.93 -50.98 22.64
N ARG B 434 -34.56 -51.43 23.71
CA ARG B 434 -34.67 -52.85 23.97
C ARG B 434 -35.30 -53.56 22.78
N LEU B 435 -36.38 -52.98 22.27
CA LEU B 435 -37.09 -53.56 21.12
C LEU B 435 -36.17 -53.62 19.89
N MET B 436 -35.45 -52.54 19.64
CA MET B 436 -34.55 -52.47 18.48
C MET B 436 -33.40 -53.46 18.64
N LEU B 437 -32.80 -53.49 19.84
CA LEU B 437 -31.67 -54.37 20.08
C LEU B 437 -32.06 -55.83 19.90
N HIS B 438 -33.27 -56.15 20.34
CA HIS B 438 -33.76 -57.49 20.16
C HIS B 438 -34.08 -57.79 18.70
N THR B 439 -34.72 -56.86 18.04
CA THR B 439 -35.06 -57.03 16.64
C THR B 439 -33.83 -57.28 15.73
N ILE B 440 -32.69 -56.61 15.97
CA ILE B 440 -31.49 -56.90 15.18
C ILE B 440 -30.64 -58.02 15.81
N GLY B 441 -31.23 -58.74 16.75
CA GLY B 441 -30.54 -59.81 17.43
C GLY B 441 -29.24 -59.52 18.17
N HIS B 442 -29.17 -58.41 18.91
CA HIS B 442 -27.98 -58.06 19.69
C HIS B 442 -27.96 -58.76 21.07
N PRO B 443 -26.79 -59.22 21.52
CA PRO B 443 -26.67 -59.97 22.78
C PRO B 443 -27.30 -59.32 24.01
N TYR B 444 -27.38 -57.99 24.07
CA TYR B 444 -27.89 -57.37 25.28
C TYR B 444 -29.33 -57.79 25.55
N SER B 445 -30.11 -57.86 24.47
CA SER B 445 -31.53 -58.23 24.52
C SER B 445 -31.79 -59.62 25.12
N VAL B 446 -30.72 -60.40 25.23
CA VAL B 446 -30.86 -61.75 25.70
C VAL B 446 -30.03 -61.89 26.99
N GLY B 447 -29.75 -60.74 27.62
CA GLY B 447 -29.05 -60.72 28.88
C GLY B 447 -27.59 -60.31 28.86
N GLU B 448 -26.83 -60.80 27.89
CA GLU B 448 -25.37 -60.52 27.82
C GLU B 448 -25.05 -59.05 28.02
N LYS B 449 -24.17 -58.75 28.98
CA LYS B 449 -23.84 -57.35 29.27
C LYS B 449 -22.75 -56.85 28.28
N VAL B 450 -23.12 -56.71 27.01
CA VAL B 450 -22.20 -56.40 25.91
C VAL B 450 -22.36 -54.92 25.53
N TYR B 451 -21.57 -54.04 26.12
CA TYR B 451 -21.79 -52.59 25.94
C TYR B 451 -20.97 -52.10 24.77
N ASP B 452 -21.56 -52.34 23.61
CA ASP B 452 -20.93 -52.37 22.30
C ASP B 452 -20.88 -50.98 21.75
N VAL B 453 -20.27 -50.78 20.57
CA VAL B 453 -20.58 -49.58 19.78
C VAL B 453 -22.02 -49.60 19.24
N THR B 454 -22.49 -50.78 18.86
CA THR B 454 -23.88 -50.94 18.47
C THR B 454 -24.84 -50.60 19.62
N PHE B 455 -24.54 -51.11 20.81
CA PHE B 455 -25.32 -50.78 22.00
C PHE B 455 -25.34 -49.25 22.27
N GLU B 456 -24.17 -48.61 22.29
CA GLU B 456 -24.13 -47.11 22.49
C GLU B 456 -24.87 -46.42 21.36
N ASN B 457 -24.68 -46.90 20.15
CA ASN B 457 -25.27 -46.25 18.98
C ASN B 457 -26.79 -46.39 18.83
N VAL B 458 -27.35 -47.55 19.19
CA VAL B 458 -28.79 -47.70 19.18
C VAL B 458 -29.45 -46.58 20.02
N GLN B 459 -28.86 -46.26 21.16
CA GLN B 459 -29.45 -45.22 22.01
C GLN B 459 -29.21 -43.84 21.43
N ALA B 460 -27.98 -43.60 21.02
CA ALA B 460 -27.64 -42.32 20.42
C ALA B 460 -28.56 -42.05 19.22
N GLY B 461 -28.66 -43.06 18.34
CA GLY B 461 -29.51 -42.97 17.17
C GLY B 461 -30.96 -42.73 17.52
N LEU B 462 -31.49 -43.47 18.49
CA LEU B 462 -32.91 -43.35 18.82
C LEU B 462 -33.22 -41.95 19.39
N ARG B 463 -32.27 -41.38 20.13
CA ARG B 463 -32.47 -40.01 20.59
C ARG B 463 -32.74 -39.11 19.38
N THR B 464 -31.85 -39.17 18.40
CA THR B 464 -31.99 -38.29 17.27
C THR B 464 -33.29 -38.62 16.55
N ASP B 465 -33.54 -39.92 16.39
CA ASP B 465 -34.72 -40.40 15.64
C ASP B 465 -35.98 -39.79 16.29
N TYR B 466 -36.12 -39.97 17.61
CA TYR B 466 -37.20 -39.33 18.36
C TYR B 466 -37.32 -37.82 18.14
N LEU B 467 -36.22 -37.08 18.36
CA LEU B 467 -36.24 -35.62 18.18
C LEU B 467 -36.73 -35.23 16.76
N PHE B 468 -36.18 -35.89 15.74
CA PHE B 468 -36.61 -35.60 14.36
C PHE B 468 -38.10 -35.82 14.15
N ARG B 469 -38.60 -36.93 14.67
CA ARG B 469 -40.00 -37.21 14.49
C ARG B 469 -40.85 -36.23 15.30
N ILE B 470 -40.37 -35.87 16.49
CA ILE B 470 -41.07 -34.86 17.27
C ILE B 470 -41.09 -33.57 16.45
N ALA B 471 -39.95 -33.24 15.86
CA ALA B 471 -39.88 -32.04 15.04
C ALA B 471 -40.91 -32.05 13.88
N ASN B 472 -41.04 -33.16 13.14
CA ASN B 472 -42.12 -33.29 12.14
C ASN B 472 -43.50 -33.12 12.77
N GLN B 473 -43.69 -33.80 13.91
CA GLN B 473 -44.98 -33.87 14.58
C GLN B 473 -45.44 -32.52 15.07
N ARG B 474 -44.51 -31.76 15.67
CA ARG B 474 -44.86 -30.57 16.43
C ARG B 474 -44.50 -29.27 15.70
N GLY B 475 -44.05 -29.40 14.45
CA GLY B 475 -43.69 -28.25 13.62
C GLY B 475 -42.41 -27.52 14.01
N GLY B 476 -41.36 -28.27 14.31
CA GLY B 476 -40.11 -27.67 14.75
C GLY B 476 -38.91 -28.07 13.93
N ILE B 477 -37.75 -27.57 14.31
CA ILE B 477 -36.49 -28.09 13.78
C ILE B 477 -35.66 -28.64 14.93
N VAL B 478 -34.82 -29.62 14.66
CA VAL B 478 -33.95 -30.15 15.70
C VAL B 478 -32.64 -29.42 15.71
N LEU B 479 -32.30 -28.88 16.88
CA LEU B 479 -31.06 -28.15 17.09
C LEU B 479 -29.92 -29.13 17.36
N GLY B 480 -28.89 -29.14 16.52
CA GLY B 480 -27.70 -29.88 16.84
C GLY B 480 -26.94 -29.23 17.99
N THR B 481 -26.08 -29.99 18.63
CA THR B 481 -25.30 -29.48 19.74
C THR B 481 -23.81 -29.86 19.70
N GLY B 482 -23.44 -30.70 18.74
CA GLY B 482 -22.07 -31.16 18.65
C GLY B 482 -21.16 -29.99 18.36
N ASP B 483 -20.05 -29.97 19.09
CA ASP B 483 -19.08 -28.89 18.97
C ASP B 483 -17.98 -29.20 17.93
N LEU B 484 -17.18 -28.18 17.62
CA LEU B 484 -16.11 -28.28 16.62
C LEU B 484 -15.08 -29.37 16.92
N SER B 485 -14.74 -29.55 18.20
CA SER B 485 -13.71 -30.52 18.58
C SER B 485 -14.21 -31.94 18.31
N GLU B 486 -15.50 -32.15 18.53
CA GLU B 486 -16.14 -33.45 18.18
C GLU B 486 -16.21 -33.63 16.66
N LEU B 487 -16.48 -32.55 15.91
CA LEU B 487 -16.44 -32.67 14.43
C LEU B 487 -15.03 -33.02 14.01
N ALA B 488 -14.04 -32.44 14.68
CA ALA B 488 -12.66 -32.63 14.28
C ALA B 488 -12.29 -34.07 14.42
N LEU B 489 -12.72 -34.69 15.51
CA LEU B 489 -12.26 -36.03 15.83
C LEU B 489 -13.25 -37.15 15.38
N GLY B 490 -14.40 -36.78 14.82
CA GLY B 490 -15.44 -37.74 14.50
C GLY B 490 -16.04 -38.43 15.75
N TRP B 491 -16.12 -37.67 16.83
CA TRP B 491 -16.64 -38.15 18.11
C TRP B 491 -18.12 -37.79 18.13
N SER B 492 -18.92 -38.61 17.45
CA SER B 492 -20.36 -38.42 17.30
C SER B 492 -20.88 -39.64 16.56
N THR B 493 -22.18 -39.85 16.58
CA THR B 493 -22.73 -41.01 15.90
C THR B 493 -23.30 -40.49 14.63
N TYR B 494 -22.80 -41.04 13.52
CA TYR B 494 -23.03 -40.40 12.23
C TYR B 494 -24.39 -40.74 11.67
N GLY B 495 -25.06 -39.76 11.09
CA GLY B 495 -26.25 -39.99 10.30
C GLY B 495 -27.52 -40.10 11.12
N VAL B 496 -27.80 -41.30 11.64
CA VAL B 496 -28.82 -41.47 12.64
C VAL B 496 -28.10 -41.42 13.96
N GLY B 497 -28.17 -40.29 14.63
CA GLY B 497 -27.23 -40.03 15.71
C GLY B 497 -26.98 -38.55 15.82
N ASP B 498 -26.22 -38.16 16.84
CA ASP B 498 -26.04 -36.76 17.23
C ASP B 498 -25.26 -35.91 16.25
N GLN B 499 -24.57 -36.56 15.31
CA GLN B 499 -23.98 -35.86 14.17
C GLN B 499 -25.01 -35.06 13.33
N MET B 500 -26.25 -35.55 13.31
CA MET B 500 -27.28 -35.04 12.39
C MET B 500 -28.28 -34.09 13.08
N SER B 501 -28.77 -33.06 12.38
CA SER B 501 -29.74 -32.12 12.96
C SER B 501 -30.19 -31.20 11.86
N HIS B 502 -31.06 -30.24 12.19
CA HIS B 502 -31.55 -29.28 11.19
C HIS B 502 -30.71 -28.03 11.12
N TYR B 503 -30.03 -27.75 12.23
CA TYR B 503 -29.17 -26.58 12.33
C TYR B 503 -28.31 -26.74 13.58
N ASN B 504 -27.00 -26.59 13.43
CA ASN B 504 -26.08 -26.82 14.56
C ASN B 504 -25.40 -25.55 15.00
N VAL B 505 -25.86 -24.96 16.09
CA VAL B 505 -25.27 -23.67 16.55
C VAL B 505 -23.88 -23.82 17.15
N ASN B 506 -23.53 -25.03 17.62
CA ASN B 506 -22.21 -25.30 18.22
C ASN B 506 -21.11 -25.78 17.26
N ALA B 507 -21.48 -26.04 16.00
CA ALA B 507 -20.57 -26.64 15.00
C ALA B 507 -19.24 -25.91 14.88
N GLY B 508 -19.25 -24.59 15.06
CA GLY B 508 -18.02 -23.80 14.94
C GLY B 508 -17.28 -23.57 16.23
N VAL B 509 -17.87 -23.96 17.35
CA VAL B 509 -17.29 -23.68 18.66
C VAL B 509 -16.46 -24.84 19.18
N PRO B 510 -15.16 -24.65 19.38
CA PRO B 510 -14.39 -25.78 19.89
C PRO B 510 -14.73 -26.02 21.35
N LYS B 511 -14.44 -27.23 21.81
CA LYS B 511 -14.82 -27.63 23.16
C LYS B 511 -14.17 -26.74 24.23
N THR B 512 -12.90 -26.40 24.04
CA THR B 512 -12.19 -25.54 25.00
C THR B 512 -12.83 -24.18 25.18
N LEU B 513 -13.54 -23.69 24.16
CA LEU B 513 -14.20 -22.38 24.26
C LEU B 513 -15.57 -22.47 24.94
N ILE B 514 -16.23 -23.60 24.80
CA ILE B 514 -17.59 -23.76 25.32
C ILE B 514 -17.74 -23.37 26.80
N GLN B 515 -16.90 -23.93 27.66
CA GLN B 515 -16.96 -23.59 29.06
C GLN B 515 -16.85 -22.08 29.30
N HIS B 516 -16.08 -21.38 28.45
CA HIS B 516 -15.92 -19.93 28.67
C HIS B 516 -17.10 -19.14 28.15
N LEU B 517 -17.78 -19.66 27.14
CA LEU B 517 -19.05 -19.07 26.70
C LEU B 517 -20.09 -19.14 27.84
N ILE B 518 -20.21 -20.32 28.43
CA ILE B 518 -21.13 -20.49 29.52
C ILE B 518 -20.83 -19.48 30.65
N ARG B 519 -19.58 -19.40 31.08
CA ARG B 519 -19.26 -18.40 32.10
C ARG B 519 -19.60 -17.00 31.64
N TRP B 520 -19.25 -16.72 30.39
CA TRP B 520 -19.51 -15.41 29.87
C TRP B 520 -21.00 -15.11 30.05
N VAL B 521 -21.85 -16.09 29.77
CA VAL B 521 -23.30 -15.90 29.90
C VAL B 521 -23.75 -15.62 31.29
N ILE B 522 -23.16 -16.36 32.23
CA ILE B 522 -23.40 -16.18 33.66
C ILE B 522 -22.97 -14.81 34.09
N SER B 523 -21.73 -14.49 33.76
CA SER B 523 -21.11 -13.23 34.13
C SER B 523 -21.87 -12.01 33.65
N ALA B 524 -22.40 -12.06 32.43
CA ALA B 524 -23.20 -10.94 31.92
C ALA B 524 -24.47 -10.82 32.77
N GLY B 525 -25.04 -11.97 33.15
CA GLY B 525 -26.17 -12.00 34.07
C GLY B 525 -27.54 -11.84 33.43
N GLU B 526 -27.54 -11.74 32.10
CA GLU B 526 -28.75 -11.40 31.33
C GLU B 526 -29.97 -12.28 31.65
N PHE B 527 -29.75 -13.56 31.99
CA PHE B 527 -30.86 -14.50 32.19
C PHE B 527 -31.37 -14.62 33.62
N GLY B 528 -30.82 -13.79 34.52
CA GLY B 528 -31.22 -13.82 35.92
C GLY B 528 -30.44 -14.72 36.85
N GLU B 529 -30.62 -14.46 38.13
CA GLU B 529 -29.85 -15.17 39.16
C GLU B 529 -30.15 -16.67 39.22
N LYS B 530 -31.43 -17.09 39.07
CA LYS B 530 -31.71 -18.53 39.14
C LYS B 530 -31.04 -19.28 37.98
N VAL B 531 -31.19 -18.76 36.76
CA VAL B 531 -30.56 -19.38 35.59
C VAL B 531 -29.06 -19.48 35.74
N GLY B 532 -28.42 -18.35 36.11
CA GLY B 532 -26.99 -18.34 36.41
C GLY B 532 -26.58 -19.44 37.39
N GLU B 533 -27.37 -19.64 38.44
CA GLU B 533 -27.00 -20.68 39.44
C GLU B 533 -26.97 -22.09 38.84
N VAL B 534 -27.97 -22.42 38.03
CA VAL B 534 -27.97 -23.72 37.37
C VAL B 534 -26.79 -23.84 36.40
N LEU B 535 -26.54 -22.78 35.62
CA LEU B 535 -25.45 -22.78 34.67
C LEU B 535 -24.15 -23.02 35.43
N GLN B 536 -24.02 -22.34 36.57
CA GLN B 536 -22.84 -22.50 37.39
C GLN B 536 -22.71 -23.94 37.81
N SER B 537 -23.83 -24.52 38.21
CA SER B 537 -23.87 -25.92 38.57
C SER B 537 -23.43 -26.84 37.44
N VAL B 538 -23.96 -26.61 36.23
CA VAL B 538 -23.51 -27.35 35.07
C VAL B 538 -21.98 -27.29 34.93
N LEU B 539 -21.39 -26.11 35.12
CA LEU B 539 -19.92 -25.99 35.03
C LEU B 539 -19.23 -26.81 36.09
N ASP B 540 -19.65 -26.60 37.35
CA ASP B 540 -19.12 -27.31 38.53
C ASP B 540 -19.20 -28.82 38.42
N THR B 541 -20.34 -29.32 37.95
CA THR B 541 -20.54 -30.74 37.68
C THR B 541 -19.72 -31.33 36.53
N GLU B 542 -19.73 -30.65 35.38
CA GLU B 542 -19.17 -31.26 34.13
C GLU B 542 -17.66 -31.17 34.00
N ILE B 543 -17.00 -30.38 34.84
CA ILE B 543 -15.58 -30.16 34.69
C ILE B 543 -14.77 -30.65 35.88
N THR B 544 -13.77 -31.50 35.66
CA THR B 544 -12.99 -32.02 36.80
C THR B 544 -11.60 -32.50 36.40
N SER B 558 -14.28 -40.33 27.90
CA SER B 558 -14.09 -40.10 26.44
C SER B 558 -12.81 -39.34 26.06
N GLU B 559 -12.34 -38.51 26.98
CA GLU B 559 -10.95 -37.96 26.92
C GLU B 559 -9.95 -39.09 27.28
N ALA B 560 -10.46 -40.30 27.36
CA ALA B 560 -9.64 -41.45 27.71
C ALA B 560 -9.24 -42.14 26.42
N LYS B 561 -10.02 -41.90 25.37
CA LYS B 561 -9.84 -42.61 24.11
C LYS B 561 -9.43 -41.68 23.00
N VAL B 562 -9.87 -40.43 23.13
CA VAL B 562 -9.66 -39.43 22.10
C VAL B 562 -8.64 -38.36 22.59
N GLY B 563 -8.31 -38.48 23.89
CA GLY B 563 -7.33 -37.59 24.53
C GLY B 563 -7.93 -36.32 25.15
N PRO B 564 -7.11 -35.56 25.89
CA PRO B 564 -7.58 -34.29 26.42
C PRO B 564 -7.82 -33.26 25.29
N PHE B 565 -9.01 -32.66 25.31
CA PHE B 565 -9.39 -31.65 24.34
C PHE B 565 -8.51 -30.42 24.28
N ALA B 566 -7.87 -30.07 25.39
CA ALA B 566 -6.91 -28.96 25.35
C ALA B 566 -5.83 -29.24 24.30
N LEU B 567 -5.34 -30.48 24.25
CA LEU B 567 -4.32 -30.85 23.28
C LEU B 567 -4.87 -30.99 21.86
N GLN B 568 -6.03 -31.63 21.75
CA GLN B 568 -6.60 -31.84 20.41
C GLN B 568 -7.09 -30.56 19.81
N ASP B 569 -7.56 -29.63 20.64
CA ASP B 569 -8.00 -28.33 20.14
C ASP B 569 -6.79 -27.55 19.70
N PHE B 570 -5.67 -27.73 20.42
CA PHE B 570 -4.41 -27.13 20.01
C PHE B 570 -3.98 -27.60 18.60
N SER B 571 -3.96 -28.91 18.40
CA SER B 571 -3.52 -29.46 17.13
C SER B 571 -4.52 -29.09 16.05
N LEU B 572 -5.81 -29.11 16.38
CA LEU B 572 -6.80 -28.72 15.40
C LEU B 572 -6.49 -27.32 14.79
N PHE B 573 -6.16 -26.35 15.65
CA PHE B 573 -5.98 -25.00 15.21
C PHE B 573 -4.79 -24.91 14.25
N GLN B 574 -3.66 -25.53 14.64
CA GLN B 574 -2.47 -25.57 13.79
C GLN B 574 -2.78 -26.19 12.42
N VAL B 575 -3.49 -27.33 12.42
CA VAL B 575 -3.81 -28.02 11.17
C VAL B 575 -4.77 -27.20 10.33
N LEU B 576 -5.84 -26.74 10.96
CA LEU B 576 -6.91 -26.11 10.22
C LEU B 576 -6.51 -24.76 9.69
N ARG B 577 -5.72 -23.99 10.45
CA ARG B 577 -5.34 -22.62 10.03
C ARG B 577 -4.09 -22.56 9.16
N TYR B 578 -3.09 -23.37 9.49
CA TYR B 578 -1.75 -23.32 8.86
C TYR B 578 -1.30 -24.61 8.15
N GLY B 579 -1.99 -25.72 8.38
CA GLY B 579 -1.54 -26.96 7.76
C GLY B 579 -0.13 -27.37 8.20
N PHE B 580 0.29 -26.94 9.40
CA PHE B 580 1.61 -27.30 9.93
C PHE B 580 1.80 -28.81 10.01
N ARG B 581 3.01 -29.27 9.72
CA ARG B 581 3.34 -30.67 9.86
C ARG B 581 3.35 -31.09 11.34
N PRO B 582 3.19 -32.39 11.59
CA PRO B 582 3.05 -32.88 12.97
C PRO B 582 4.20 -32.46 13.91
N SER B 583 5.45 -32.65 13.52
CA SER B 583 6.58 -32.30 14.37
C SER B 583 6.56 -30.80 14.76
N LYS B 584 6.10 -29.95 13.84
CA LYS B 584 5.98 -28.52 14.13
C LYS B 584 4.91 -28.28 15.20
N ILE B 585 3.78 -28.99 15.08
CA ILE B 585 2.70 -28.88 16.06
C ILE B 585 3.17 -29.41 17.43
N ALA B 586 3.89 -30.53 17.43
CA ALA B 586 4.45 -31.07 18.67
C ALA B 586 5.43 -30.11 19.33
N PHE B 587 6.26 -29.47 18.54
CA PHE B 587 7.19 -28.49 19.08
C PHE B 587 6.44 -27.36 19.76
N LEU B 588 5.47 -26.81 19.05
CA LEU B 588 4.65 -25.70 19.57
C LEU B 588 3.89 -26.08 20.85
N ALA B 589 3.21 -27.21 20.81
CA ALA B 589 2.41 -27.63 21.95
C ALA B 589 3.31 -27.90 23.15
N TRP B 590 4.45 -28.53 22.92
CA TRP B 590 5.38 -28.80 24.01
C TRP B 590 5.86 -27.53 24.69
N HIS B 591 6.21 -26.51 23.90
CA HIS B 591 6.62 -25.21 24.46
C HIS B 591 5.45 -24.56 25.20
N ALA B 592 4.21 -24.78 24.76
CA ALA B 592 3.09 -24.14 25.45
C ALA B 592 2.72 -24.91 26.72
N TRP B 593 2.84 -26.23 26.66
CA TRP B 593 2.19 -27.06 27.68
C TRP B 593 3.05 -27.83 28.68
N ASN B 594 4.33 -28.03 28.38
CA ASN B 594 5.17 -28.90 29.21
C ASN B 594 5.36 -28.37 30.64
N ASP B 595 5.22 -27.06 30.85
CA ASP B 595 5.45 -26.48 32.16
C ASP B 595 4.28 -25.61 32.63
N ALA B 596 3.58 -26.08 33.66
CA ALA B 596 2.35 -25.42 34.08
C ALA B 596 2.57 -24.04 34.70
N GLU B 597 3.75 -23.84 35.29
CA GLU B 597 4.13 -22.51 35.85
C GLU B 597 4.50 -21.48 34.78
N ARG B 598 4.98 -21.92 33.62
CA ARG B 598 5.37 -20.97 32.57
C ARG B 598 4.14 -20.56 31.74
N GLY B 599 4.20 -19.42 31.06
CA GLY B 599 3.09 -18.88 30.29
C GLY B 599 1.84 -18.49 31.09
N ASN B 600 0.76 -18.18 30.37
CA ASN B 600 -0.47 -17.79 31.03
C ASN B 600 -1.63 -18.74 30.80
N TRP B 601 -2.52 -18.70 31.77
CA TRP B 601 -3.72 -19.46 31.68
C TRP B 601 -4.85 -18.48 31.53
N PRO B 602 -5.83 -18.82 30.70
CA PRO B 602 -7.04 -17.99 30.65
C PRO B 602 -7.63 -17.91 32.05
N PRO B 603 -8.63 -17.03 32.24
CA PRO B 603 -9.35 -17.00 33.52
C PRO B 603 -10.01 -18.33 33.74
N GLY B 604 -10.18 -18.75 35.00
CA GLY B 604 -10.98 -19.91 35.33
C GLY B 604 -10.31 -21.28 35.35
N PHE B 605 -9.01 -21.28 35.60
CA PHE B 605 -8.30 -22.54 35.83
C PHE B 605 -7.72 -22.52 37.22
N PRO B 606 -8.49 -23.03 38.20
CA PRO B 606 -8.01 -23.22 39.58
C PRO B 606 -6.69 -23.98 39.46
N LYS B 607 -5.70 -23.66 40.28
CA LYS B 607 -4.39 -24.30 40.13
C LYS B 607 -4.39 -25.85 40.20
N SER B 608 -5.48 -26.43 40.71
CA SER B 608 -5.63 -27.87 40.73
C SER B 608 -6.01 -28.44 39.35
N GLU B 609 -6.45 -27.58 38.42
CA GLU B 609 -6.82 -28.02 37.03
C GLU B 609 -5.93 -27.32 35.99
N ARG B 610 -4.66 -27.24 36.36
CA ARG B 610 -3.67 -26.68 35.48
C ARG B 610 -2.61 -27.76 35.22
N PRO B 611 -2.91 -28.69 34.29
CA PRO B 611 -2.02 -29.81 34.02
C PRO B 611 -0.89 -29.36 33.13
N SER B 612 0.18 -30.14 33.14
CA SER B 612 1.24 -29.91 32.20
C SER B 612 1.33 -31.24 31.41
N TYR B 613 1.84 -31.22 30.18
CA TYR B 613 1.95 -32.46 29.41
C TYR B 613 3.38 -32.70 28.95
N SER B 614 3.80 -33.98 28.96
CA SER B 614 5.14 -34.34 28.48
C SER B 614 5.16 -34.45 26.96
N LEU B 615 6.37 -34.54 26.41
CA LEU B 615 6.51 -34.75 24.98
C LEU B 615 5.84 -36.09 24.64
N ALA B 616 6.17 -37.12 25.40
CA ALA B 616 5.56 -38.43 25.17
C ALA B 616 4.04 -38.36 25.06
N GLU B 617 3.42 -37.51 25.87
CA GLU B 617 1.94 -37.46 25.84
C GLU B 617 1.48 -36.71 24.65
N ILE B 618 2.22 -35.65 24.34
CA ILE B 618 1.81 -34.74 23.27
C ILE B 618 1.90 -35.48 21.96
N ARG B 619 2.97 -36.27 21.85
CA ARG B 619 3.21 -37.16 20.71
C ARG B 619 2.07 -38.16 20.59
N HIS B 620 1.73 -38.79 21.71
CA HIS B 620 0.70 -39.82 21.71
C HIS B 620 -0.64 -39.31 21.19
N TRP B 621 -1.09 -38.19 21.76
CA TRP B 621 -2.39 -37.63 21.35
C TRP B 621 -2.38 -37.09 19.93
N LEU B 622 -1.20 -36.66 19.46
CA LEU B 622 -1.07 -36.16 18.10
C LEU B 622 -1.18 -37.31 17.08
N GLN B 623 -0.63 -38.48 17.38
CA GLN B 623 -0.85 -39.64 16.52
C GLN B 623 -2.33 -39.93 16.41
N ILE B 624 -3.04 -39.97 17.56
CA ILE B 624 -4.49 -40.18 17.54
C ILE B 624 -5.17 -39.08 16.73
N PHE B 625 -4.78 -37.84 16.96
CA PHE B 625 -5.33 -36.72 16.19
C PHE B 625 -5.18 -36.85 14.65
N VAL B 626 -3.95 -37.07 14.18
CA VAL B 626 -3.76 -37.04 12.73
C VAL B 626 -4.52 -38.17 12.08
N GLN B 627 -4.50 -39.33 12.73
CA GLN B 627 -5.26 -40.46 12.24
C GLN B 627 -6.74 -40.16 12.20
N ARG B 628 -7.26 -39.52 13.23
CA ARG B 628 -8.70 -39.33 13.29
C ARG B 628 -9.11 -38.18 12.42
N PHE B 629 -8.28 -37.14 12.40
CA PHE B 629 -8.66 -35.94 11.67
C PHE B 629 -8.51 -36.09 10.16
N TYR B 630 -7.39 -36.65 9.72
CA TYR B 630 -7.09 -36.65 8.27
C TYR B 630 -7.73 -37.82 7.54
N SER B 631 -8.01 -38.89 8.28
CA SER B 631 -8.43 -40.15 7.72
C SER B 631 -9.83 -40.58 8.18
N PHE B 632 -9.98 -40.94 9.45
CA PHE B 632 -11.26 -41.47 9.90
C PHE B 632 -12.49 -40.56 9.83
N SER B 633 -12.35 -39.30 10.23
CA SER B 633 -13.52 -38.52 10.58
C SER B 633 -14.16 -37.74 9.44
N GLN B 634 -13.46 -37.62 8.33
CA GLN B 634 -13.95 -36.69 7.31
C GLN B 634 -15.36 -37.02 6.77
N PHE B 635 -15.62 -38.31 6.50
CA PHE B 635 -16.99 -38.67 6.07
C PHE B 635 -18.10 -38.08 6.95
N LYS B 636 -17.90 -38.01 8.28
CA LYS B 636 -18.91 -37.42 9.21
C LYS B 636 -19.07 -35.90 9.05
N ARG B 637 -17.99 -35.24 8.64
CA ARG B 637 -18.03 -33.79 8.36
C ARG B 637 -18.61 -33.52 6.99
N SER B 638 -18.48 -34.52 6.10
CA SER B 638 -18.88 -34.38 4.69
C SER B 638 -20.39 -34.10 4.48
N ALA B 639 -21.19 -34.74 5.31
CA ALA B 639 -22.62 -34.52 5.27
C ALA B 639 -23.07 -33.72 6.51
N LEU B 640 -22.61 -32.48 6.62
CA LEU B 640 -22.81 -31.68 7.83
C LEU B 640 -24.03 -30.76 7.73
N PRO B 641 -24.90 -30.76 8.75
CA PRO B 641 -25.98 -29.77 8.71
C PRO B 641 -25.44 -28.34 8.74
N ASN B 642 -26.30 -27.38 8.45
CA ASN B 642 -25.92 -25.97 8.49
C ASN B 642 -25.58 -25.44 9.90
N GLY B 643 -24.96 -24.28 9.96
CA GLY B 643 -24.45 -23.69 11.21
C GLY B 643 -23.29 -22.73 10.91
N PRO B 644 -23.14 -21.69 11.74
CA PRO B 644 -22.21 -20.57 11.43
C PRO B 644 -20.73 -20.81 11.81
N LYS B 645 -19.81 -20.42 10.93
CA LYS B 645 -18.39 -20.31 11.29
C LYS B 645 -18.25 -19.32 12.44
N VAL B 646 -17.39 -19.64 13.41
CA VAL B 646 -17.19 -18.79 14.59
C VAL B 646 -15.73 -18.26 14.76
N SER B 647 -14.77 -19.19 14.78
CA SER B 647 -13.37 -18.87 15.06
C SER B 647 -12.59 -18.43 13.81
N HIS B 648 -11.60 -17.55 14.00
CA HIS B 648 -10.70 -17.20 12.91
C HIS B 648 -9.78 -18.39 12.60
N GLY B 649 -9.65 -19.29 13.59
CA GLY B 649 -8.90 -20.52 13.35
C GLY B 649 -9.55 -21.35 12.26
N GLY B 650 -10.86 -21.16 12.10
CA GLY B 650 -11.59 -21.90 11.09
C GLY B 650 -12.74 -22.70 11.62
N ALA B 651 -13.50 -23.27 10.71
CA ALA B 651 -14.60 -24.10 11.07
C ALA B 651 -14.47 -25.35 10.17
N LEU B 652 -15.31 -26.37 10.34
CA LEU B 652 -15.06 -27.60 9.62
C LEU B 652 -16.11 -27.96 8.55
N SER B 653 -16.82 -26.95 8.03
CA SER B 653 -17.84 -27.21 7.03
C SER B 653 -17.24 -27.65 5.66
N PRO B 654 -17.74 -28.77 5.11
CA PRO B 654 -17.25 -29.22 3.79
C PRO B 654 -17.71 -28.25 2.71
N ARG B 655 -18.60 -27.32 3.08
CA ARG B 655 -19.00 -26.24 2.17
C ARG B 655 -18.20 -24.93 2.42
N GLY B 656 -17.28 -24.93 3.36
CA GLY B 656 -16.50 -23.72 3.65
C GLY B 656 -15.04 -24.04 3.87
N ASP B 657 -14.58 -24.00 5.12
CA ASP B 657 -13.14 -24.08 5.45
C ASP B 657 -12.42 -25.38 5.21
N TRP B 658 -13.12 -26.48 5.23
CA TRP B 658 -12.39 -27.72 5.11
C TRP B 658 -12.94 -28.64 4.02
N ARG B 659 -12.29 -28.60 2.86
CA ARG B 659 -12.62 -29.48 1.75
C ARG B 659 -11.59 -30.59 1.73
N ALA B 660 -12.04 -31.81 2.04
CA ALA B 660 -11.13 -32.96 2.05
C ALA B 660 -11.81 -34.28 1.72
N PRO B 661 -11.00 -35.25 1.24
CA PRO B 661 -11.47 -36.59 0.86
C PRO B 661 -12.03 -37.33 2.07
N SER B 662 -13.09 -38.11 1.88
CA SER B 662 -13.64 -38.97 2.91
C SER B 662 -12.96 -40.33 2.93
N ASP B 663 -12.02 -40.58 2.02
CA ASP B 663 -11.48 -41.94 1.85
C ASP B 663 -9.97 -41.94 1.68
N MET B 664 -9.29 -41.18 2.52
CA MET B 664 -7.84 -41.06 2.50
C MET B 664 -7.17 -41.66 3.74
N SER B 665 -6.00 -42.27 3.59
CA SER B 665 -5.26 -42.70 4.78
C SER B 665 -4.39 -41.55 5.32
N ALA B 666 -4.02 -41.64 6.59
CA ALA B 666 -3.16 -40.63 7.20
C ALA B 666 -1.72 -41.11 7.32
N ARG B 667 -1.33 -42.11 6.51
CA ARG B 667 -0.01 -42.68 6.65
C ARG B 667 1.14 -41.65 6.75
N ILE B 668 1.15 -40.64 5.88
CA ILE B 668 2.33 -39.77 5.83
C ILE B 668 2.46 -38.92 7.09
N TRP B 669 1.36 -38.47 7.67
CA TRP B 669 1.44 -37.76 8.93
C TRP B 669 1.98 -38.65 10.03
N LEU B 670 1.45 -39.86 10.09
CA LEU B 670 1.88 -40.84 11.10
C LEU B 670 3.37 -41.13 10.91
N ASP B 671 3.78 -41.18 9.64
CA ASP B 671 5.17 -41.46 9.39
C ASP B 671 6.03 -40.28 9.83
N GLN B 672 5.51 -39.05 9.66
CA GLN B 672 6.29 -37.84 9.91
C GLN B 672 6.54 -37.78 11.42
N ILE B 673 5.53 -38.17 12.19
CA ILE B 673 5.69 -38.23 13.62
C ILE B 673 6.75 -39.25 14.00
N ASP B 674 6.77 -40.41 13.34
CA ASP B 674 7.73 -41.48 13.66
C ASP B 674 9.12 -40.98 13.47
N ARG B 675 9.29 -40.23 12.38
CA ARG B 675 10.61 -39.86 11.91
C ARG B 675 11.12 -38.65 12.67
N GLU B 676 10.24 -37.67 12.94
CA GLU B 676 10.68 -36.31 13.43
C GLU B 676 10.45 -36.03 14.94
N VAL B 677 9.48 -36.67 15.58
CA VAL B 677 9.17 -36.40 16.98
C VAL B 677 9.75 -37.46 17.92
N PRO B 678 10.64 -37.04 18.80
CA PRO B 678 11.30 -38.00 19.70
C PRO B 678 10.28 -38.74 20.57
N LYS B 679 10.58 -39.96 21.03
CA LYS B 679 9.58 -40.74 21.80
C LYS B 679 9.18 -40.08 23.12
N GLY B 680 10.08 -39.29 23.68
CA GLY B 680 9.83 -38.54 24.88
C GLY B 680 10.91 -37.48 25.02
N MET C 2 -45.83 -9.55 -23.25
CA MET C 2 -44.83 -10.34 -23.97
C MET C 2 -45.41 -11.25 -25.06
N ASN C 3 -44.61 -11.52 -26.08
CA ASN C 3 -44.95 -12.59 -27.03
C ASN C 3 -44.21 -13.89 -26.69
N PHE C 4 -44.90 -14.76 -25.97
CA PHE C 4 -44.30 -15.98 -25.46
C PHE C 4 -43.87 -17.02 -26.51
N TYR C 5 -44.44 -16.98 -27.71
CA TYR C 5 -44.10 -18.00 -28.70
C TYR C 5 -43.00 -17.56 -29.66
N SER C 6 -42.40 -16.40 -29.37
CA SER C 6 -41.39 -15.82 -30.26
C SER C 6 -40.00 -16.35 -29.94
N ALA C 7 -39.39 -17.08 -30.84
CA ALA C 7 -38.03 -17.55 -30.55
C ALA C 7 -37.08 -16.41 -30.19
N TYR C 8 -37.33 -15.23 -30.76
CA TYR C 8 -36.39 -14.12 -30.60
C TYR C 8 -36.52 -13.56 -29.20
N GLN C 9 -37.75 -13.46 -28.72
CA GLN C 9 -37.97 -13.05 -27.31
C GLN C 9 -37.45 -14.02 -26.27
N HIS C 10 -37.04 -15.21 -26.68
CA HIS C 10 -36.41 -16.13 -25.75
C HIS C 10 -34.92 -16.30 -26.01
N GLY C 11 -34.31 -15.34 -26.72
CA GLY C 11 -32.86 -15.32 -26.85
C GLY C 11 -32.26 -16.17 -27.94
N PHE C 12 -33.13 -16.71 -28.81
CA PHE C 12 -32.65 -17.34 -30.05
C PHE C 12 -32.33 -16.30 -31.15
N VAL C 13 -31.35 -16.63 -31.97
CA VAL C 13 -31.09 -15.90 -33.20
C VAL C 13 -31.03 -16.92 -34.35
N ARG C 14 -31.92 -16.76 -35.32
CA ARG C 14 -31.99 -17.65 -36.47
C ARG C 14 -30.90 -17.33 -37.51
N VAL C 15 -30.10 -18.34 -37.85
CA VAL C 15 -28.98 -18.17 -38.76
C VAL C 15 -29.03 -19.17 -39.92
N ALA C 16 -28.47 -18.78 -41.07
CA ALA C 16 -28.46 -19.59 -42.27
C ALA C 16 -27.07 -19.71 -42.84
N ALA C 17 -26.71 -20.91 -43.29
CA ALA C 17 -25.53 -21.09 -44.13
C ALA C 17 -26.03 -21.53 -45.49
N CYS C 18 -25.73 -20.75 -46.52
CA CYS C 18 -26.26 -21.02 -47.86
C CYS C 18 -25.20 -21.47 -48.84
N THR C 19 -25.57 -22.39 -49.73
CA THR C 19 -24.72 -22.72 -50.86
C THR C 19 -25.47 -22.36 -52.14
N HIS C 20 -24.98 -21.38 -52.89
CA HIS C 20 -25.71 -20.88 -54.07
C HIS C 20 -25.29 -21.62 -55.31
N HIS C 21 -25.88 -21.20 -56.41
CA HIS C 21 -25.43 -21.70 -57.70
C HIS C 21 -24.32 -20.82 -58.26
N THR C 22 -23.10 -21.35 -58.30
CA THR C 22 -21.99 -20.61 -58.88
C THR C 22 -22.07 -20.58 -60.40
N THR C 23 -21.98 -19.38 -60.96
CA THR C 23 -21.66 -19.24 -62.37
C THR C 23 -20.31 -18.58 -62.50
N ILE C 24 -19.27 -19.34 -62.84
CA ILE C 24 -17.91 -18.81 -62.70
C ILE C 24 -17.70 -17.59 -63.62
N GLY C 25 -17.01 -16.56 -63.13
CA GLY C 25 -16.77 -15.38 -63.94
C GLY C 25 -18.02 -14.61 -64.35
N ASP C 26 -19.13 -14.81 -63.65
CA ASP C 26 -20.36 -14.04 -63.91
C ASP C 26 -21.03 -13.46 -62.62
N PRO C 27 -20.44 -12.38 -62.06
CA PRO C 27 -20.93 -11.83 -60.80
C PRO C 27 -22.44 -11.49 -60.80
N ALA C 28 -22.97 -10.95 -61.88
CA ALA C 28 -24.41 -10.66 -61.93
C ALA C 28 -25.29 -11.88 -61.61
N ALA C 29 -24.90 -13.00 -62.26
CA ALA C 29 -25.56 -14.27 -62.06
C ALA C 29 -25.40 -14.74 -60.62
N ASN C 30 -24.20 -14.66 -60.08
CA ASN C 30 -24.02 -15.08 -58.71
C ASN C 30 -24.83 -14.22 -57.76
N ALA C 31 -24.82 -12.92 -58.01
CA ALA C 31 -25.55 -12.02 -57.15
C ALA C 31 -27.07 -12.37 -57.18
N ALA C 32 -27.58 -12.60 -58.36
CA ALA C 32 -28.98 -13.01 -58.52
C ALA C 32 -29.36 -14.27 -57.70
N SER C 33 -28.45 -15.24 -57.64
CA SER C 33 -28.68 -16.47 -56.90
C SER C 33 -28.62 -16.09 -55.41
N VAL C 34 -27.64 -15.25 -55.05
CA VAL C 34 -27.52 -14.81 -53.67
C VAL C 34 -28.78 -14.06 -53.29
N LEU C 35 -29.22 -13.12 -54.12
CA LEU C 35 -30.38 -12.30 -53.80
C LEU C 35 -31.60 -13.17 -53.57
N ASP C 36 -31.71 -14.21 -54.36
CA ASP C 36 -32.87 -15.08 -54.26
C ASP C 36 -32.84 -15.96 -52.97
N MET C 37 -31.67 -16.52 -52.65
CA MET C 37 -31.48 -17.19 -51.38
C MET C 37 -31.65 -16.24 -50.16
N ALA C 38 -31.10 -15.04 -50.24
CA ALA C 38 -31.26 -14.10 -49.12
C ALA C 38 -32.75 -13.76 -48.86
N ARG C 39 -33.53 -13.66 -49.95
CA ARG C 39 -34.96 -13.39 -49.80
C ARG C 39 -35.68 -14.54 -49.11
N ALA C 40 -35.19 -15.75 -49.34
CA ALA C 40 -35.75 -16.90 -48.62
C ALA C 40 -35.45 -16.78 -47.13
N CYS C 41 -34.19 -16.49 -46.81
CA CYS C 41 -33.77 -16.35 -45.45
C CYS C 41 -34.57 -15.26 -44.73
N HIS C 42 -34.80 -14.16 -45.44
CA HIS C 42 -35.63 -13.09 -44.91
C HIS C 42 -37.03 -13.65 -44.56
N ASP C 43 -37.63 -14.36 -45.50
CA ASP C 43 -38.96 -14.93 -45.30
C ASP C 43 -38.98 -15.86 -44.08
N ASP C 44 -37.86 -16.53 -43.85
CA ASP C 44 -37.70 -17.43 -42.68
C ASP C 44 -37.39 -16.68 -41.38
N GLY C 45 -37.32 -15.36 -41.42
CA GLY C 45 -36.93 -14.56 -40.28
C GLY C 45 -35.50 -14.75 -39.82
N ALA C 46 -34.59 -15.12 -40.73
CA ALA C 46 -33.18 -15.28 -40.34
C ALA C 46 -32.52 -13.95 -40.07
N ALA C 47 -31.57 -13.95 -39.16
CA ALA C 47 -30.86 -12.74 -38.83
C ALA C 47 -29.52 -12.67 -39.58
N LEU C 48 -29.10 -13.80 -40.13
CA LEU C 48 -27.77 -13.93 -40.65
C LEU C 48 -27.81 -14.96 -41.77
N ALA C 49 -27.09 -14.70 -42.86
CA ALA C 49 -27.01 -15.60 -44.00
C ALA C 49 -25.60 -15.58 -44.54
N VAL C 50 -24.89 -16.69 -44.38
CA VAL C 50 -23.50 -16.80 -44.83
C VAL C 50 -23.39 -17.54 -46.17
N PHE C 51 -22.59 -17.01 -47.09
CA PHE C 51 -22.42 -17.63 -48.38
C PHE C 51 -21.01 -18.17 -48.60
N PRO C 52 -20.80 -18.91 -49.70
CA PRO C 52 -19.48 -19.50 -49.92
C PRO C 52 -18.37 -18.50 -50.22
N GLU C 53 -17.14 -18.96 -49.99
CA GLU C 53 -15.93 -18.18 -50.29
C GLU C 53 -16.00 -17.59 -51.73
N LEU C 54 -15.65 -16.32 -51.91
CA LEU C 54 -15.60 -15.71 -53.24
C LEU C 54 -16.91 -15.83 -54.02
N THR C 55 -18.02 -15.74 -53.31
CA THR C 55 -19.34 -15.90 -53.90
C THR C 55 -19.54 -15.18 -55.24
N LEU C 56 -19.12 -13.92 -55.31
CA LEU C 56 -19.54 -13.10 -56.45
C LEU C 56 -18.74 -13.37 -57.72
N SER C 57 -17.62 -14.05 -57.59
CA SER C 57 -16.79 -14.32 -58.75
C SER C 57 -16.71 -15.81 -59.03
N GLY C 58 -16.98 -16.61 -57.99
CA GLY C 58 -16.61 -18.01 -57.99
C GLY C 58 -15.19 -18.18 -57.50
N TYR C 59 -14.97 -19.20 -56.68
CA TYR C 59 -13.69 -19.40 -56.03
C TYR C 59 -12.66 -19.85 -57.03
N SER C 60 -13.10 -20.70 -57.94
CA SER C 60 -12.19 -21.50 -58.72
C SER C 60 -11.63 -20.88 -60.01
N ILE C 61 -11.79 -19.57 -60.21
CA ILE C 61 -11.47 -18.99 -61.52
C ILE C 61 -9.98 -18.62 -61.71
N GLU C 62 -9.14 -18.86 -60.70
CA GLU C 62 -7.68 -18.64 -60.87
C GLU C 62 -7.30 -17.23 -61.40
N ASP C 63 -6.49 -17.16 -62.45
CA ASP C 63 -5.99 -15.87 -62.89
C ASP C 63 -7.07 -15.00 -63.47
N VAL C 64 -8.27 -15.54 -63.61
CA VAL C 64 -9.37 -14.72 -64.10
C VAL C 64 -9.79 -13.72 -63.00
N LEU C 65 -9.38 -14.02 -61.77
CA LEU C 65 -9.60 -13.08 -60.63
C LEU C 65 -8.89 -11.74 -60.86
N LEU C 66 -7.81 -11.76 -61.66
CA LEU C 66 -6.99 -10.57 -61.94
C LEU C 66 -7.44 -9.73 -63.13
N GLN C 67 -8.51 -10.15 -63.80
CA GLN C 67 -8.98 -9.42 -64.96
C GLN C 67 -9.86 -8.23 -64.60
N ASP C 68 -9.47 -7.07 -65.08
CA ASP C 68 -10.20 -5.84 -64.77
C ASP C 68 -11.70 -6.00 -64.90
N SER C 69 -12.14 -6.66 -65.95
CA SER C 69 -13.55 -6.72 -66.25
C SER C 69 -14.29 -7.59 -65.24
N LEU C 70 -13.61 -8.64 -64.79
CA LEU C 70 -14.18 -9.47 -63.74
C LEU C 70 -14.28 -8.66 -62.42
N LEU C 71 -13.17 -8.06 -61.99
CA LEU C 71 -13.17 -7.25 -60.78
C LEU C 71 -14.17 -6.10 -60.86
N ASP C 72 -14.32 -5.47 -62.04
CA ASP C 72 -15.26 -4.36 -62.16
C ASP C 72 -16.68 -4.87 -62.02
N ALA C 73 -16.95 -6.02 -62.64
CA ALA C 73 -18.29 -6.60 -62.59
C ALA C 73 -18.64 -7.02 -61.16
N VAL C 74 -17.65 -7.57 -60.44
CA VAL C 74 -17.81 -7.90 -59.02
C VAL C 74 -18.27 -6.66 -58.23
N GLU C 75 -17.58 -5.54 -58.39
CA GLU C 75 -18.00 -4.31 -57.66
C GLU C 75 -19.45 -3.94 -58.00
N ASP C 76 -19.76 -3.84 -59.28
CA ASP C 76 -21.14 -3.52 -59.72
C ASP C 76 -22.21 -4.39 -59.06
N ALA C 77 -21.91 -5.70 -58.95
CA ALA C 77 -22.86 -6.66 -58.43
C ALA C 77 -22.98 -6.51 -56.93
N LEU C 78 -21.83 -6.27 -56.29
CA LEU C 78 -21.79 -6.03 -54.86
C LEU C 78 -22.72 -4.86 -54.53
N LEU C 79 -22.63 -3.78 -55.29
CA LEU C 79 -23.40 -2.57 -54.98
C LEU C 79 -24.90 -2.80 -55.15
N ASP C 80 -25.26 -3.62 -56.13
CA ASP C 80 -26.67 -3.99 -56.29
C ASP C 80 -27.18 -4.81 -55.14
N LEU C 81 -26.43 -5.81 -54.69
CA LEU C 81 -26.79 -6.54 -53.49
C LEU C 81 -27.01 -5.59 -52.31
N VAL C 82 -26.07 -4.66 -52.11
CA VAL C 82 -26.14 -3.74 -50.98
C VAL C 82 -27.46 -2.94 -51.05
N THR C 83 -27.79 -2.46 -52.24
CA THR C 83 -29.03 -1.74 -52.47
C THR C 83 -30.24 -2.63 -52.21
N GLU C 84 -30.22 -3.87 -52.71
CA GLU C 84 -31.35 -4.83 -52.45
C GLU C 84 -31.50 -5.11 -50.96
N SER C 85 -30.38 -5.08 -50.23
CA SER C 85 -30.38 -5.48 -48.83
C SER C 85 -31.11 -4.49 -47.93
N ALA C 86 -31.50 -3.34 -48.49
CA ALA C 86 -32.24 -2.35 -47.73
C ALA C 86 -33.54 -2.98 -47.23
N ASP C 87 -34.01 -3.95 -47.97
CA ASP C 87 -35.32 -4.52 -47.72
C ASP C 87 -35.26 -5.93 -47.10
N LEU C 88 -34.06 -6.39 -46.79
CA LEU C 88 -33.86 -7.75 -46.29
C LEU C 88 -33.51 -7.69 -44.81
N LEU C 89 -34.09 -8.62 -44.05
CA LEU C 89 -33.87 -8.66 -42.62
C LEU C 89 -32.45 -9.08 -42.21
N PRO C 90 -31.94 -10.18 -42.78
CA PRO C 90 -30.68 -10.73 -42.28
C PRO C 90 -29.49 -9.93 -42.68
N VAL C 91 -28.43 -10.06 -41.89
CA VAL C 91 -27.10 -9.61 -42.25
C VAL C 91 -26.64 -10.61 -43.31
N LEU C 92 -26.23 -10.13 -44.48
CA LEU C 92 -25.63 -11.02 -45.47
C LEU C 92 -24.12 -11.02 -45.36
N VAL C 93 -23.51 -12.20 -45.41
CA VAL C 93 -22.07 -12.27 -45.55
C VAL C 93 -21.67 -12.91 -46.89
N VAL C 94 -21.23 -12.08 -47.82
CA VAL C 94 -21.05 -12.50 -49.20
C VAL C 94 -19.57 -12.38 -49.57
N GLY C 95 -19.04 -13.42 -50.22
CA GLY C 95 -17.65 -13.44 -50.65
C GLY C 95 -17.41 -12.64 -51.93
N ALA C 96 -16.24 -12.02 -52.05
CA ALA C 96 -15.94 -11.17 -53.18
C ALA C 96 -14.44 -10.90 -53.19
N PRO C 97 -13.84 -10.97 -54.38
CA PRO C 97 -12.46 -10.51 -54.61
C PRO C 97 -12.50 -8.97 -54.74
N LEU C 98 -11.82 -8.26 -53.82
CA LEU C 98 -11.89 -6.79 -53.86
C LEU C 98 -10.52 -6.14 -53.91
N ARG C 99 -10.44 -5.03 -54.65
CA ARG C 99 -9.19 -4.25 -54.72
C ARG C 99 -9.05 -3.44 -53.48
N HIS C 100 -7.87 -3.48 -52.88
CA HIS C 100 -7.51 -2.56 -51.79
C HIS C 100 -6.00 -2.22 -51.79
N ARG C 101 -5.65 -0.94 -51.77
CA ARG C 101 -4.27 -0.60 -51.91
C ARG C 101 -3.63 -1.19 -53.20
N HIS C 102 -2.69 -2.11 -53.05
CA HIS C 102 -2.02 -2.68 -54.21
C HIS C 102 -2.66 -3.97 -54.80
N ARG C 103 -3.52 -4.62 -54.04
CA ARG C 103 -3.87 -5.96 -54.44
C ARG C 103 -5.36 -6.29 -54.35
N ILE C 104 -5.71 -7.50 -54.74
CA ILE C 104 -7.05 -7.94 -54.40
C ILE C 104 -6.98 -8.82 -53.19
N TYR C 105 -7.93 -8.62 -52.31
CA TYR C 105 -8.05 -9.44 -51.14
C TYR C 105 -9.20 -10.42 -51.37
N ASN C 106 -9.10 -11.57 -50.71
CA ASN C 106 -10.16 -12.57 -50.69
C ASN C 106 -11.03 -12.17 -49.54
N THR C 107 -12.17 -11.55 -49.83
CA THR C 107 -12.91 -10.92 -48.76
C THR C 107 -14.32 -11.48 -48.52
N ALA C 108 -14.81 -11.26 -47.31
CA ALA C 108 -16.20 -11.44 -47.01
C ALA C 108 -16.78 -10.03 -46.76
N VAL C 109 -17.81 -9.66 -47.52
CA VAL C 109 -18.49 -8.38 -47.34
C VAL C 109 -19.70 -8.52 -46.42
N VAL C 110 -19.70 -7.86 -45.27
CA VAL C 110 -20.81 -8.01 -44.32
C VAL C 110 -21.82 -6.91 -44.61
N ILE C 111 -23.00 -7.32 -45.07
CA ILE C 111 -23.99 -6.37 -45.60
C ILE C 111 -25.23 -6.32 -44.78
N HIS C 112 -25.79 -5.13 -44.59
CA HIS C 112 -26.98 -5.03 -43.74
C HIS C 112 -27.87 -3.80 -44.02
N ARG C 113 -29.13 -4.08 -44.29
CA ARG C 113 -30.13 -3.02 -44.46
C ARG C 113 -29.60 -1.81 -45.24
N GLY C 114 -28.99 -2.10 -46.39
CA GLY C 114 -28.58 -1.05 -47.31
C GLY C 114 -27.17 -0.48 -47.20
N ALA C 115 -26.37 -1.04 -46.30
CA ALA C 115 -25.01 -0.56 -46.06
C ALA C 115 -24.06 -1.72 -45.91
N VAL C 116 -22.79 -1.44 -46.13
CA VAL C 116 -21.76 -2.45 -45.88
C VAL C 116 -21.25 -2.14 -44.47
N LEU C 117 -21.29 -3.13 -43.57
CA LEU C 117 -20.86 -2.92 -42.19
C LEU C 117 -19.35 -3.03 -42.08
N GLY C 118 -18.74 -3.84 -42.93
CA GLY C 118 -17.35 -4.17 -42.79
C GLY C 118 -16.94 -5.07 -43.96
N VAL C 119 -15.64 -5.12 -44.20
CA VAL C 119 -15.09 -6.01 -45.20
C VAL C 119 -13.94 -6.73 -44.54
N VAL C 120 -14.02 -8.05 -44.54
CA VAL C 120 -13.07 -8.91 -43.84
C VAL C 120 -12.27 -9.75 -44.81
N PRO C 121 -10.95 -9.53 -44.85
CA PRO C 121 -10.07 -10.28 -45.75
C PRO C 121 -9.71 -11.63 -45.12
N LYS C 122 -9.52 -12.63 -45.94
CA LYS C 122 -9.05 -13.93 -45.47
C LYS C 122 -7.65 -13.71 -44.93
N SER C 123 -7.28 -14.40 -43.88
CA SER C 123 -5.98 -14.18 -43.28
C SER C 123 -4.90 -15.07 -43.87
N TYR C 124 -5.24 -16.34 -44.07
CA TYR C 124 -4.24 -17.29 -44.52
C TYR C 124 -4.64 -17.90 -45.82
N LEU C 125 -3.79 -17.70 -46.81
CA LEU C 125 -4.04 -18.09 -48.20
C LEU C 125 -3.25 -19.34 -48.59
N PRO C 126 -3.92 -20.46 -48.65
CA PRO C 126 -3.19 -21.70 -48.95
C PRO C 126 -2.56 -21.66 -50.33
N THR C 127 -1.27 -22.01 -50.35
CA THR C 127 -0.51 -22.10 -51.57
C THR C 127 0.32 -23.35 -51.47
N TYR C 128 -0.35 -24.45 -51.73
CA TYR C 128 0.21 -25.79 -51.63
C TYR C 128 -0.86 -26.74 -52.15
N ARG C 129 -0.43 -27.95 -52.54
CA ARG C 129 -1.34 -28.94 -53.10
C ARG C 129 -2.25 -28.35 -54.17
N GLU C 130 -3.56 -28.38 -54.00
CA GLU C 130 -4.46 -27.92 -55.10
C GLU C 130 -4.71 -26.41 -55.00
N PHE C 131 -4.08 -25.75 -54.03
CA PHE C 131 -4.38 -24.34 -53.74
C PHE C 131 -3.28 -23.40 -54.21
N TYR C 132 -3.68 -22.34 -54.91
CA TYR C 132 -2.73 -21.35 -55.41
C TYR C 132 -3.08 -19.90 -55.01
N GLU C 133 -3.76 -19.72 -53.89
CA GLU C 133 -4.37 -18.41 -53.62
C GLU C 133 -3.39 -17.24 -53.52
N ARG C 134 -2.17 -17.46 -53.02
CA ARG C 134 -1.21 -16.36 -52.94
C ARG C 134 -0.84 -15.78 -54.28
N ARG C 135 -0.98 -16.58 -55.34
CA ARG C 135 -0.66 -16.09 -56.68
C ARG C 135 -1.51 -14.87 -57.05
N GLN C 136 -2.80 -14.90 -56.70
CA GLN C 136 -3.75 -13.86 -57.16
C GLN C 136 -4.15 -12.92 -56.06
N MET C 137 -4.07 -13.37 -54.82
CA MET C 137 -4.64 -12.61 -53.71
C MET C 137 -3.66 -12.37 -52.55
N ALA C 138 -3.83 -11.25 -51.85
CA ALA C 138 -2.96 -10.91 -50.71
C ALA C 138 -3.53 -11.39 -49.37
N PRO C 139 -2.62 -11.76 -48.44
CA PRO C 139 -3.02 -12.13 -47.08
C PRO C 139 -3.62 -10.92 -46.35
N GLY C 140 -4.64 -11.18 -45.51
CA GLY C 140 -5.34 -10.15 -44.74
C GLY C 140 -4.81 -9.97 -43.29
N ASP C 141 -3.99 -10.90 -42.82
CA ASP C 141 -3.65 -10.88 -41.40
C ASP C 141 -2.95 -9.60 -41.13
N GLY C 142 -3.43 -8.86 -40.14
CA GLY C 142 -2.79 -7.58 -39.83
C GLY C 142 -3.21 -6.36 -40.66
N GLU C 143 -4.08 -6.52 -41.65
CA GLU C 143 -4.63 -5.32 -42.33
C GLU C 143 -5.73 -4.76 -41.46
N ARG C 144 -5.73 -3.44 -41.34
CA ARG C 144 -6.75 -2.71 -40.60
C ARG C 144 -7.19 -1.55 -41.47
N GLY C 145 -7.77 -0.56 -40.85
CA GLY C 145 -8.18 0.61 -41.64
C GLY C 145 -9.56 0.49 -42.26
N THR C 146 -9.72 1.13 -43.39
CA THR C 146 -11.00 1.11 -44.08
C THR C 146 -10.78 0.84 -45.54
N ILE C 147 -11.86 0.49 -46.23
CA ILE C 147 -11.82 0.27 -47.67
C ILE C 147 -12.98 1.04 -48.28
N ARG C 148 -12.80 1.52 -49.50
CA ARG C 148 -13.77 2.43 -50.07
C ARG C 148 -14.67 1.58 -50.93
N ILE C 149 -15.94 1.46 -50.57
CA ILE C 149 -16.90 0.64 -51.29
C ILE C 149 -18.15 1.45 -51.53
N GLY C 150 -18.49 1.61 -52.81
CA GLY C 150 -19.59 2.47 -53.23
C GLY C 150 -19.64 3.81 -52.50
N GLY C 151 -18.55 4.57 -52.60
CA GLY C 151 -18.52 5.90 -52.03
C GLY C 151 -18.73 5.96 -50.53
N ALA C 152 -18.33 4.89 -49.83
CA ALA C 152 -18.30 4.97 -48.38
C ALA C 152 -17.05 4.30 -47.84
N ASP C 153 -16.57 4.78 -46.69
CA ASP C 153 -15.39 4.16 -46.10
C ASP C 153 -15.90 3.24 -45.08
N VAL C 154 -15.48 2.00 -45.17
CA VAL C 154 -16.02 1.07 -44.23
C VAL C 154 -14.87 0.31 -43.67
N ALA C 155 -15.07 -0.18 -42.46
CA ALA C 155 -14.04 -0.90 -41.75
C ALA C 155 -13.55 -2.10 -42.57
N PHE C 156 -12.24 -2.29 -42.54
CA PHE C 156 -11.58 -3.32 -43.29
C PHE C 156 -10.60 -3.97 -42.35
N GLY C 157 -10.64 -5.29 -42.28
CA GLY C 157 -9.64 -6.02 -41.50
C GLY C 157 -10.09 -7.29 -40.79
N THR C 158 -9.13 -7.97 -40.18
CA THR C 158 -9.37 -9.25 -39.57
C THR C 158 -9.99 -9.13 -38.17
N ASP C 159 -9.72 -7.97 -37.54
CA ASP C 159 -10.19 -7.54 -36.21
C ASP C 159 -11.62 -6.96 -36.07
N LEU C 160 -12.62 -7.42 -36.78
CA LEU C 160 -13.96 -6.79 -36.70
C LEU C 160 -15.02 -7.63 -35.97
N LEU C 161 -15.89 -6.95 -35.25
CA LEU C 161 -17.01 -7.63 -34.62
C LEU C 161 -18.27 -6.88 -34.98
N PHE C 162 -19.31 -7.61 -35.31
CA PHE C 162 -20.56 -6.98 -35.66
C PHE C 162 -21.55 -7.35 -34.61
N ALA C 163 -21.93 -6.36 -33.83
CA ALA C 163 -22.79 -6.57 -32.68
C ALA C 163 -24.17 -5.99 -32.85
N ALA C 164 -25.18 -6.82 -32.67
CA ALA C 164 -26.54 -6.37 -32.75
C ALA C 164 -26.85 -5.59 -31.48
N SER C 165 -27.19 -4.35 -31.70
CA SER C 165 -27.45 -3.44 -30.58
C SER C 165 -28.74 -3.83 -29.82
N ASP C 166 -29.71 -4.43 -30.50
CA ASP C 166 -30.97 -4.80 -29.90
C ASP C 166 -31.05 -6.31 -29.70
N LEU C 167 -29.91 -6.95 -29.50
CA LEU C 167 -29.87 -8.41 -29.40
C LEU C 167 -28.45 -8.82 -29.04
N PRO C 168 -28.06 -8.52 -27.81
CA PRO C 168 -26.67 -8.46 -27.35
C PRO C 168 -26.01 -9.82 -27.32
N GLY C 169 -26.81 -10.88 -27.34
CA GLY C 169 -26.24 -12.21 -27.38
C GLY C 169 -25.66 -12.54 -28.72
N PHE C 170 -25.98 -11.72 -29.73
CA PHE C 170 -25.57 -11.94 -31.13
C PHE C 170 -24.42 -10.99 -31.52
N VAL C 171 -23.20 -11.49 -31.47
CA VAL C 171 -22.02 -10.69 -31.86
C VAL C 171 -21.29 -11.52 -32.87
N LEU C 172 -21.19 -11.01 -34.10
CA LEU C 172 -20.71 -11.76 -35.27
C LEU C 172 -19.25 -11.53 -35.53
N HIS C 173 -18.52 -12.60 -35.75
CA HIS C 173 -17.20 -12.52 -36.35
C HIS C 173 -17.12 -13.38 -37.60
N VAL C 174 -16.37 -12.91 -38.59
CA VAL C 174 -16.25 -13.59 -39.87
C VAL C 174 -14.81 -13.99 -40.17
N GLU C 175 -14.61 -15.26 -40.53
CA GLU C 175 -13.31 -15.69 -41.11
C GLU C 175 -13.57 -16.48 -42.38
N ILE C 176 -12.50 -16.90 -43.03
CA ILE C 176 -12.62 -17.49 -44.35
C ILE C 176 -11.81 -18.77 -44.49
N CYS C 177 -12.52 -19.85 -44.84
CA CYS C 177 -11.97 -21.18 -45.07
C CYS C 177 -10.73 -21.51 -44.24
N GLU C 178 -9.56 -21.47 -44.88
CA GLU C 178 -8.27 -21.82 -44.21
C GLU C 178 -8.09 -21.21 -42.83
N ASP C 179 -8.71 -20.07 -42.62
CA ASP C 179 -8.55 -19.37 -41.35
C ASP C 179 -8.80 -20.26 -40.16
N MET C 180 -9.76 -21.19 -40.24
CA MET C 180 -10.08 -22.06 -39.10
C MET C 180 -9.21 -23.31 -38.91
N PHE C 181 -8.24 -23.48 -39.79
CA PHE C 181 -7.39 -24.66 -39.87
C PHE C 181 -6.00 -24.45 -39.30
N VAL C 182 -5.63 -23.20 -39.03
CA VAL C 182 -4.30 -22.92 -38.46
C VAL C 182 -4.32 -23.01 -36.92
N PRO C 183 -3.16 -23.28 -36.32
CA PRO C 183 -3.13 -23.37 -34.86
C PRO C 183 -3.87 -22.22 -34.10
N MET C 184 -3.74 -20.99 -34.58
CA MET C 184 -4.35 -19.87 -33.89
C MET C 184 -5.23 -19.07 -34.84
N PRO C 185 -6.46 -19.53 -34.99
CA PRO C 185 -7.45 -18.95 -35.91
C PRO C 185 -7.93 -17.61 -35.41
N PRO C 186 -8.12 -16.69 -36.35
CA PRO C 186 -8.72 -15.38 -36.04
C PRO C 186 -9.99 -15.54 -35.20
N SER C 187 -10.78 -16.58 -35.47
CA SER C 187 -12.05 -16.75 -34.77
C SER C 187 -11.86 -17.01 -33.24
N ALA C 188 -10.76 -17.64 -32.88
CA ALA C 188 -10.51 -17.92 -31.47
C ALA C 188 -10.24 -16.64 -30.66
N GLU C 189 -9.50 -15.70 -31.26
CA GLU C 189 -9.32 -14.35 -30.64
C GLU C 189 -10.64 -13.60 -30.65
N ALA C 190 -11.38 -13.74 -31.74
CA ALA C 190 -12.67 -13.08 -31.81
C ALA C 190 -13.63 -13.52 -30.70
N ALA C 191 -13.61 -14.80 -30.35
CA ALA C 191 -14.52 -15.30 -29.33
C ALA C 191 -14.16 -14.74 -27.98
N LEU C 192 -12.87 -14.77 -27.65
CA LEU C 192 -12.37 -14.15 -26.42
C LEU C 192 -12.74 -12.66 -26.35
N ALA C 193 -12.78 -11.99 -27.48
CA ALA C 193 -13.15 -10.58 -27.49
C ALA C 193 -14.64 -10.30 -27.42
N GLY C 194 -15.47 -11.32 -27.63
CA GLY C 194 -16.91 -11.17 -27.46
C GLY C 194 -17.75 -11.75 -28.57
N ALA C 195 -17.12 -12.33 -29.59
CA ALA C 195 -17.91 -12.90 -30.67
C ALA C 195 -18.57 -14.16 -30.17
N THR C 196 -19.86 -14.33 -30.50
CA THR C 196 -20.65 -15.50 -30.12
C THR C 196 -21.11 -16.32 -31.32
N VAL C 197 -21.19 -15.67 -32.47
CA VAL C 197 -21.51 -16.37 -33.71
C VAL C 197 -20.35 -16.21 -34.68
N LEU C 198 -19.65 -17.31 -34.94
CA LEU C 198 -18.52 -17.33 -35.85
C LEU C 198 -18.91 -17.87 -37.24
N ALA C 199 -18.88 -17.00 -38.27
CA ALA C 199 -19.13 -17.38 -39.67
C ALA C 199 -17.87 -17.81 -40.40
N ASN C 200 -18.02 -18.77 -41.30
CA ASN C 200 -16.93 -19.20 -42.16
C ASN C 200 -17.42 -19.34 -43.57
N LEU C 201 -16.90 -18.52 -44.49
CA LEU C 201 -17.17 -18.70 -45.92
C LEU C 201 -16.04 -19.58 -46.47
N SER C 202 -16.40 -20.68 -47.12
CA SER C 202 -15.44 -21.67 -47.59
C SER C 202 -15.61 -21.93 -49.10
N GLY C 203 -14.50 -22.18 -49.78
CA GLY C 203 -14.54 -22.64 -51.15
C GLY C 203 -14.47 -24.14 -51.06
N SER C 204 -13.26 -24.61 -50.72
CA SER C 204 -13.08 -25.99 -50.25
C SER C 204 -13.44 -27.04 -51.27
N PRO C 205 -12.59 -27.24 -52.28
CA PRO C 205 -12.93 -28.33 -53.17
C PRO C 205 -12.98 -29.64 -52.34
N ILE C 206 -13.83 -30.58 -52.74
CA ILE C 206 -14.06 -31.76 -51.94
C ILE C 206 -13.12 -32.88 -52.35
N THR C 207 -12.61 -33.59 -51.35
CA THR C 207 -11.84 -34.82 -51.58
C THR C 207 -12.22 -35.83 -50.52
N ILE C 208 -11.90 -37.09 -50.78
CA ILE C 208 -12.15 -38.12 -49.79
C ILE C 208 -11.66 -37.65 -48.40
N GLY C 209 -12.56 -37.69 -47.42
CA GLY C 209 -12.20 -37.37 -46.05
C GLY C 209 -12.24 -35.90 -45.64
N ARG C 210 -12.33 -35.01 -46.62
CA ARG C 210 -12.32 -33.59 -46.30
C ARG C 210 -13.57 -33.14 -45.52
N ALA C 211 -14.73 -33.75 -45.80
CA ALA C 211 -15.95 -33.34 -45.10
C ALA C 211 -15.74 -33.56 -43.60
N GLU C 212 -15.03 -34.64 -43.27
CA GLU C 212 -14.75 -34.98 -41.85
C GLU C 212 -13.85 -33.87 -41.31
N ASP C 213 -12.82 -33.51 -42.08
CA ASP C 213 -11.91 -32.47 -41.62
C ASP C 213 -12.67 -31.17 -41.33
N ARG C 214 -13.57 -30.77 -42.22
CA ARG C 214 -14.34 -29.57 -42.01
C ARG C 214 -15.16 -29.71 -40.75
N ARG C 215 -15.86 -30.84 -40.60
CA ARG C 215 -16.60 -31.10 -39.35
C ARG C 215 -15.73 -31.02 -38.09
N LEU C 216 -14.59 -31.72 -38.11
CA LEU C 216 -13.71 -31.78 -36.96
C LEU C 216 -13.39 -30.38 -36.50
N LEU C 217 -13.01 -29.54 -37.46
CA LEU C 217 -12.57 -28.20 -37.13
C LEU C 217 -13.69 -27.22 -36.82
N ALA C 218 -14.85 -27.35 -37.47
CA ALA C 218 -15.98 -26.46 -37.13
C ALA C 218 -16.55 -26.87 -35.77
N ARG C 219 -16.66 -28.17 -35.58
CA ARG C 219 -17.17 -28.66 -34.34
C ARG C 219 -16.28 -28.26 -33.17
N SER C 220 -14.99 -28.62 -33.25
CA SER C 220 -14.09 -28.26 -32.16
C SER C 220 -14.07 -26.74 -31.91
N ALA C 221 -14.08 -25.93 -32.98
CA ALA C 221 -14.07 -24.46 -32.77
C ALA C 221 -15.30 -24.05 -31.96
N SER C 222 -16.47 -24.51 -32.38
CA SER C 222 -17.70 -24.16 -31.70
C SER C 222 -17.67 -24.57 -30.22
N ALA C 223 -17.00 -25.68 -29.92
CA ALA C 223 -16.91 -26.19 -28.55
C ALA C 223 -15.81 -25.39 -27.79
N ARG C 224 -14.61 -25.37 -28.33
CA ARG C 224 -13.58 -24.64 -27.63
C ARG C 224 -13.88 -23.13 -27.41
N CYS C 225 -14.73 -22.51 -28.24
CA CYS C 225 -14.97 -21.06 -28.16
C CYS C 225 -16.36 -20.75 -27.68
N LEU C 226 -17.04 -21.78 -27.19
CA LEU C 226 -18.38 -21.63 -26.63
C LEU C 226 -19.22 -20.76 -27.56
N ALA C 227 -19.39 -21.24 -28.79
CA ALA C 227 -19.98 -20.40 -29.80
C ALA C 227 -20.79 -21.18 -30.85
N ALA C 228 -21.65 -20.49 -31.58
CA ALA C 228 -22.17 -21.03 -32.80
C ALA C 228 -21.12 -20.85 -33.91
N TYR C 229 -21.00 -21.86 -34.77
CA TYR C 229 -20.11 -21.81 -35.94
C TYR C 229 -20.94 -22.08 -37.18
N VAL C 230 -20.98 -21.12 -38.08
CA VAL C 230 -21.84 -21.20 -39.27
C VAL C 230 -20.98 -21.32 -40.53
N TYR C 231 -21.11 -22.42 -41.25
CA TYR C 231 -20.17 -22.78 -42.33
C TYR C 231 -20.87 -23.04 -43.68
N ALA C 232 -20.34 -22.48 -44.76
CA ALA C 232 -20.95 -22.60 -46.08
C ALA C 232 -19.85 -22.85 -47.09
N ALA C 233 -19.92 -23.97 -47.81
CA ALA C 233 -18.93 -24.23 -48.85
C ALA C 233 -19.52 -24.19 -50.27
N ALA C 234 -18.63 -24.06 -51.26
CA ALA C 234 -19.07 -23.86 -52.63
C ALA C 234 -19.56 -25.19 -53.19
N GLY C 235 -20.51 -25.15 -54.13
CA GLY C 235 -20.99 -26.36 -54.79
C GLY C 235 -21.08 -26.29 -56.32
N GLU C 236 -22.19 -26.77 -56.86
CA GLU C 236 -22.45 -26.76 -58.31
C GLU C 236 -22.09 -25.44 -58.94
N GLY C 237 -21.37 -25.48 -60.07
CA GLY C 237 -21.07 -24.28 -60.81
C GLY C 237 -19.59 -23.95 -60.79
N GLU C 238 -18.94 -24.18 -59.66
CA GLU C 238 -17.45 -24.06 -59.61
C GLU C 238 -16.78 -24.93 -60.70
N SER C 239 -15.65 -24.47 -61.23
CA SER C 239 -14.95 -25.17 -62.28
C SER C 239 -14.50 -26.56 -61.85
N THR C 240 -14.59 -27.53 -62.77
CA THR C 240 -14.16 -28.88 -62.51
C THR C 240 -12.99 -29.23 -63.43
N THR C 241 -12.26 -28.19 -63.78
CA THR C 241 -10.97 -28.30 -64.44
C THR C 241 -10.07 -29.26 -63.65
N ASP C 242 -9.98 -29.11 -62.34
CA ASP C 242 -9.14 -30.01 -61.54
C ASP C 242 -9.77 -30.50 -60.23
N LEU C 243 -11.00 -30.06 -59.96
CA LEU C 243 -11.58 -30.24 -58.65
C LEU C 243 -13.11 -30.41 -58.72
N ALA C 244 -13.67 -31.01 -57.69
CA ALA C 244 -15.13 -31.14 -57.57
C ALA C 244 -15.53 -30.51 -56.26
N TRP C 245 -16.82 -30.20 -56.14
CA TRP C 245 -17.31 -29.36 -55.03
C TRP C 245 -18.59 -29.98 -54.51
N ASP C 246 -18.80 -29.90 -53.20
CA ASP C 246 -19.91 -30.64 -52.59
C ASP C 246 -21.05 -29.83 -51.95
N GLY C 247 -20.89 -28.51 -51.88
CA GLY C 247 -21.96 -27.64 -51.39
C GLY C 247 -22.33 -27.82 -49.93
N GLN C 248 -21.42 -28.38 -49.14
CA GLN C 248 -21.78 -28.66 -47.75
C GLN C 248 -22.06 -27.37 -46.97
N THR C 249 -23.16 -27.34 -46.24
CA THR C 249 -23.38 -26.27 -45.28
C THR C 249 -23.71 -26.91 -43.94
N MET C 250 -23.33 -26.23 -42.86
CA MET C 250 -23.56 -26.72 -41.52
C MET C 250 -23.50 -25.58 -40.48
N ILE C 251 -24.16 -25.81 -39.35
CA ILE C 251 -24.24 -24.86 -38.27
C ILE C 251 -24.01 -25.63 -36.98
N TRP C 252 -22.96 -25.23 -36.26
CA TRP C 252 -22.62 -25.87 -35.00
C TRP C 252 -22.91 -24.97 -33.80
N GLU C 253 -23.11 -25.56 -32.64
CA GLU C 253 -23.32 -24.75 -31.42
C GLU C 253 -22.74 -25.49 -30.26
N ASN C 254 -21.66 -24.93 -29.76
CA ASN C 254 -20.97 -25.49 -28.60
C ASN C 254 -20.77 -26.99 -28.71
N GLY C 255 -20.32 -27.45 -29.89
CA GLY C 255 -19.96 -28.85 -30.11
C GLY C 255 -21.08 -29.70 -30.67
N ALA C 256 -22.28 -29.13 -30.72
CA ALA C 256 -23.48 -29.85 -31.15
C ALA C 256 -23.84 -29.42 -32.57
N LEU C 257 -24.26 -30.39 -33.40
CA LEU C 257 -24.69 -30.06 -34.77
C LEU C 257 -26.14 -29.53 -34.74
N LEU C 258 -26.36 -28.28 -35.11
CA LEU C 258 -27.74 -27.79 -35.20
C LEU C 258 -28.43 -28.18 -36.51
N ALA C 259 -27.66 -28.19 -37.61
CA ALA C 259 -28.19 -28.38 -38.96
C ALA C 259 -27.07 -28.64 -39.94
N GLU C 260 -27.38 -29.39 -40.96
CA GLU C 260 -26.47 -29.47 -42.13
C GLU C 260 -27.26 -29.79 -43.38
N SER C 261 -26.62 -29.74 -44.51
CA SER C 261 -27.39 -29.82 -45.70
C SER C 261 -26.89 -30.99 -46.50
N GLU C 262 -27.67 -31.36 -47.51
CA GLU C 262 -27.28 -32.46 -48.45
C GLU C 262 -25.95 -32.16 -49.15
N ARG C 263 -25.02 -33.09 -49.08
CA ARG C 263 -23.80 -33.01 -49.86
C ARG C 263 -24.04 -33.34 -51.36
N PHE C 264 -23.38 -32.62 -52.26
CA PHE C 264 -23.55 -32.85 -53.71
C PHE C 264 -24.99 -32.67 -54.07
N PRO C 265 -25.60 -31.57 -53.64
CA PRO C 265 -27.00 -31.44 -54.00
C PRO C 265 -27.16 -31.09 -55.49
N LYS C 266 -28.32 -31.38 -56.05
CA LYS C 266 -28.75 -30.76 -57.29
C LYS C 266 -29.56 -29.52 -56.90
N GLY C 267 -29.00 -28.33 -57.13
CA GLY C 267 -29.72 -27.13 -56.77
C GLY C 267 -29.15 -26.53 -55.51
N VAL C 268 -29.66 -25.37 -55.11
CA VAL C 268 -29.08 -24.67 -53.95
C VAL C 268 -29.66 -25.30 -52.69
N ARG C 269 -28.90 -25.23 -51.60
CA ARG C 269 -29.31 -25.72 -50.28
C ARG C 269 -28.96 -24.69 -49.20
N ARG C 270 -29.71 -24.72 -48.12
CA ARG C 270 -29.51 -23.89 -46.95
C ARG C 270 -29.54 -24.77 -45.71
N SER C 271 -28.71 -24.41 -44.76
CA SER C 271 -28.92 -24.87 -43.39
C SER C 271 -29.48 -23.72 -42.63
N VAL C 272 -30.65 -23.88 -42.04
CA VAL C 272 -31.24 -22.86 -41.17
C VAL C 272 -31.53 -23.41 -39.78
N ALA C 273 -31.04 -22.73 -38.74
CA ALA C 273 -31.26 -23.20 -37.37
C ALA C 273 -31.40 -22.04 -36.37
N ASP C 274 -32.11 -22.26 -35.28
CA ASP C 274 -32.15 -21.23 -34.27
C ASP C 274 -31.06 -21.51 -33.25
N VAL C 275 -30.06 -20.64 -33.23
CA VAL C 275 -28.97 -20.66 -32.23
C VAL C 275 -29.45 -20.07 -30.91
N ASP C 276 -29.14 -20.74 -29.80
CA ASP C 276 -29.58 -20.29 -28.47
C ASP C 276 -28.53 -19.39 -27.79
N THR C 277 -28.66 -18.07 -27.94
CA THR C 277 -27.57 -17.17 -27.49
C THR C 277 -27.45 -17.22 -25.99
N GLU C 278 -28.57 -17.52 -25.30
CA GLU C 278 -28.55 -17.71 -23.82
C GLU C 278 -27.75 -18.94 -23.42
N LEU C 279 -27.84 -20.00 -24.19
CA LEU C 279 -26.98 -21.14 -23.92
C LEU C 279 -25.49 -20.73 -23.88
N LEU C 280 -25.05 -20.05 -24.92
CA LEU C 280 -23.67 -19.61 -25.04
C LEU C 280 -23.37 -18.65 -23.90
N ARG C 281 -24.26 -17.69 -23.67
CA ARG C 281 -24.14 -16.78 -22.51
C ARG C 281 -23.87 -17.59 -21.23
N SER C 282 -24.69 -18.61 -20.99
CA SER C 282 -24.62 -19.36 -19.73
C SER C 282 -23.32 -20.14 -19.64
N GLU C 283 -22.89 -20.70 -20.76
CA GLU C 283 -21.69 -21.56 -20.74
C GLU C 283 -20.53 -20.69 -20.35
N ARG C 284 -20.44 -19.54 -21.00
CA ARG C 284 -19.40 -18.55 -20.76
C ARG C 284 -19.43 -17.91 -19.37
N LEU C 285 -20.61 -17.71 -18.82
CA LEU C 285 -20.73 -17.15 -17.48
C LEU C 285 -20.11 -18.06 -16.39
N ARG C 286 -20.12 -19.36 -16.69
CA ARG C 286 -19.74 -20.40 -15.76
C ARG C 286 -18.29 -20.87 -15.91
N MET C 287 -17.75 -20.84 -17.11
CA MET C 287 -16.41 -21.31 -17.36
C MET C 287 -15.39 -20.16 -17.28
N GLY C 288 -15.04 -19.82 -16.05
CA GLY C 288 -14.17 -18.68 -15.80
C GLY C 288 -12.85 -18.76 -16.49
N THR C 289 -12.34 -19.97 -16.74
CA THR C 289 -11.08 -20.11 -17.46
C THR C 289 -11.12 -19.50 -18.87
N PHE C 290 -12.32 -19.31 -19.41
CA PHE C 290 -12.49 -18.76 -20.77
C PHE C 290 -12.14 -17.26 -20.67
N ASP C 291 -12.74 -16.56 -19.70
CA ASP C 291 -12.35 -15.18 -19.40
C ASP C 291 -10.86 -15.01 -19.00
N ASP C 292 -10.33 -15.99 -18.29
CA ASP C 292 -8.91 -15.98 -17.92
C ASP C 292 -8.04 -16.02 -19.17
N ASN C 293 -8.46 -16.79 -20.18
CA ASN C 293 -7.74 -16.90 -21.44
C ASN C 293 -7.74 -15.52 -22.10
N ARG C 294 -8.89 -14.86 -22.07
CA ARG C 294 -9.02 -13.52 -22.63
C ARG C 294 -8.04 -12.53 -21.93
N ARG C 295 -8.11 -12.45 -20.61
CA ARG C 295 -7.18 -11.58 -19.89
C ARG C 295 -5.71 -11.88 -20.18
N HIS C 296 -5.37 -13.13 -20.49
CA HIS C 296 -4.00 -13.43 -20.74
C HIS C 296 -3.63 -12.87 -22.11
N HIS C 297 -4.59 -12.83 -23.04
CA HIS C 297 -4.40 -12.22 -24.37
C HIS C 297 -5.13 -10.88 -24.47
N ARG C 298 -5.06 -10.13 -23.38
CA ARG C 298 -5.71 -8.82 -23.27
C ARG C 298 -5.41 -7.91 -24.46
N GLU C 299 -4.11 -7.77 -24.80
CA GLU C 299 -3.73 -6.91 -25.97
C GLU C 299 -4.45 -7.37 -27.23
N LEU C 300 -4.27 -8.63 -27.64
CA LEU C 300 -5.05 -9.21 -28.76
C LEU C 300 -6.55 -8.90 -28.75
N THR C 301 -7.18 -8.94 -27.58
CA THR C 301 -8.64 -9.01 -27.51
C THR C 301 -9.32 -7.68 -27.31
N GLU C 302 -8.59 -6.70 -26.81
CA GLU C 302 -9.22 -5.38 -26.63
C GLU C 302 -9.12 -4.51 -27.89
N SER C 303 -8.33 -4.98 -28.84
CA SER C 303 -8.08 -4.25 -30.05
C SER C 303 -9.13 -4.47 -31.16
N PHE C 304 -10.14 -5.29 -30.90
CA PHE C 304 -11.22 -5.47 -31.88
C PHE C 304 -12.08 -4.22 -32.00
N ARG C 305 -12.52 -3.95 -33.22
CA ARG C 305 -13.38 -2.82 -33.46
C ARG C 305 -14.80 -3.37 -33.48
N ARG C 306 -15.69 -2.68 -32.78
CA ARG C 306 -17.02 -3.17 -32.66
C ARG C 306 -17.96 -2.35 -33.54
N ILE C 307 -18.47 -2.92 -34.62
CA ILE C 307 -19.48 -2.26 -35.46
C ILE C 307 -20.91 -2.60 -35.04
N ASP C 308 -21.70 -1.58 -34.77
CA ASP C 308 -23.04 -1.81 -34.27
C ASP C 308 -24.04 -1.81 -35.41
N PHE C 309 -25.08 -2.64 -35.24
CA PHE C 309 -26.24 -2.61 -36.14
C PHE C 309 -27.50 -2.98 -35.36
N ALA C 310 -28.66 -2.52 -35.84
CA ALA C 310 -29.91 -2.89 -35.20
C ALA C 310 -30.59 -3.90 -36.10
N LEU C 311 -30.79 -5.10 -35.56
CA LEU C 311 -31.40 -6.19 -36.32
C LEU C 311 -32.91 -5.98 -36.48
N ASP C 312 -33.53 -5.58 -35.39
CA ASP C 312 -34.99 -5.48 -35.32
C ASP C 312 -35.72 -6.76 -35.83
N PRO C 313 -35.49 -7.90 -35.16
CA PRO C 313 -36.00 -9.16 -35.69
C PRO C 313 -37.51 -9.20 -35.53
N PRO C 314 -38.15 -10.18 -36.17
CA PRO C 314 -39.61 -10.31 -36.06
C PRO C 314 -40.01 -10.73 -34.65
N ALA C 315 -41.12 -10.14 -34.21
CA ALA C 315 -41.60 -10.31 -32.84
C ALA C 315 -42.58 -11.49 -32.66
N GLY C 316 -43.09 -12.03 -33.76
CA GLY C 316 -44.16 -13.00 -33.63
C GLY C 316 -43.72 -14.44 -33.55
N ASP C 317 -44.69 -15.35 -33.68
CA ASP C 317 -44.41 -16.78 -33.71
C ASP C 317 -43.80 -17.14 -35.07
N ILE C 318 -42.54 -17.52 -35.06
CA ILE C 318 -41.94 -18.05 -36.27
C ILE C 318 -41.46 -19.49 -36.02
N GLY C 319 -42.14 -20.21 -35.14
CA GLY C 319 -41.69 -21.55 -34.81
C GLY C 319 -40.33 -21.58 -34.11
N LEU C 320 -39.71 -22.74 -34.07
CA LEU C 320 -38.41 -22.87 -33.46
C LEU C 320 -37.65 -23.91 -34.24
N LEU C 321 -36.67 -23.48 -35.02
CA LEU C 321 -35.94 -24.40 -35.86
C LEU C 321 -34.83 -25.03 -35.05
N ARG C 322 -35.19 -25.95 -34.18
CA ARG C 322 -34.25 -26.46 -33.20
C ARG C 322 -34.82 -27.75 -32.70
N GLU C 323 -33.97 -28.76 -32.54
CA GLU C 323 -34.42 -30.05 -31.98
C GLU C 323 -34.29 -29.97 -30.47
N VAL C 324 -35.40 -29.80 -29.74
CA VAL C 324 -35.35 -29.81 -28.28
C VAL C 324 -35.72 -31.19 -27.75
N GLU C 325 -34.74 -31.95 -27.27
CA GLU C 325 -35.04 -33.35 -26.84
C GLU C 325 -35.93 -33.37 -25.60
N ARG C 326 -36.89 -34.30 -25.52
CA ARG C 326 -37.77 -34.42 -24.35
C ARG C 326 -37.01 -34.72 -23.06
N PHE C 327 -35.96 -35.54 -23.15
CA PHE C 327 -35.26 -36.01 -21.98
C PHE C 327 -33.84 -35.60 -22.00
N PRO C 328 -33.54 -34.41 -21.47
CA PRO C 328 -32.18 -33.85 -21.52
C PRO C 328 -31.13 -34.85 -20.99
N PHE C 329 -31.59 -35.76 -20.14
CA PHE C 329 -30.74 -36.74 -19.47
C PHE C 329 -30.75 -38.08 -20.19
N VAL C 330 -31.71 -38.24 -21.09
CA VAL C 330 -31.92 -39.50 -21.84
C VAL C 330 -31.99 -39.27 -23.35
N PRO C 331 -30.82 -39.37 -24.03
CA PRO C 331 -30.65 -39.19 -25.48
C PRO C 331 -31.57 -40.13 -26.23
N ALA C 332 -32.25 -39.59 -27.23
CA ALA C 332 -33.17 -40.35 -28.05
C ALA C 332 -32.46 -41.33 -29.00
N ASP C 333 -31.30 -40.92 -29.52
CA ASP C 333 -30.49 -41.83 -30.33
C ASP C 333 -29.98 -43.04 -29.55
N PRO C 334 -30.38 -44.25 -29.99
CA PRO C 334 -30.07 -45.49 -29.28
C PRO C 334 -28.58 -45.73 -29.12
N GLN C 335 -27.75 -45.29 -30.08
CA GLN C 335 -26.32 -45.55 -29.97
C GLN C 335 -25.77 -44.67 -28.86
N ARG C 336 -26.19 -43.41 -28.88
CA ARG C 336 -25.79 -42.43 -27.87
C ARG C 336 -26.34 -42.85 -26.50
N LEU C 337 -27.59 -43.34 -26.44
CA LEU C 337 -28.13 -43.75 -25.16
C LEU C 337 -27.37 -44.93 -24.57
N GLN C 338 -26.98 -45.86 -25.43
CA GLN C 338 -26.22 -47.06 -24.99
C GLN C 338 -24.92 -46.56 -24.35
N GLN C 339 -24.28 -45.62 -25.02
CA GLN C 339 -23.02 -45.09 -24.52
C GLN C 339 -23.16 -44.40 -23.15
N ASP C 340 -24.19 -43.58 -23.00
CA ASP C 340 -24.46 -42.88 -21.72
C ASP C 340 -24.68 -43.87 -20.59
N CYS C 341 -25.47 -44.92 -20.87
CA CYS C 341 -25.78 -45.92 -19.86
C CYS C 341 -24.49 -46.61 -19.41
N TYR C 342 -23.70 -47.05 -20.38
CA TYR C 342 -22.42 -47.68 -20.12
C TYR C 342 -21.58 -46.79 -19.18
N GLU C 343 -21.54 -45.51 -19.50
CA GLU C 343 -20.80 -44.56 -18.63
C GLU C 343 -21.43 -44.39 -17.25
N ALA C 344 -22.73 -44.11 -17.19
CA ALA C 344 -23.38 -43.90 -15.90
C ALA C 344 -23.11 -45.11 -15.01
N TYR C 345 -23.36 -46.31 -15.53
CA TYR C 345 -23.16 -47.53 -14.77
C TYR C 345 -21.73 -47.66 -14.25
N ASN C 346 -20.75 -47.50 -15.14
CA ASN C 346 -19.36 -47.58 -14.69
C ASN C 346 -18.90 -46.52 -13.69
N ILE C 347 -19.52 -45.35 -13.76
CA ILE C 347 -19.27 -44.27 -12.80
C ILE C 347 -19.76 -44.68 -11.41
N GLN C 348 -21.04 -45.06 -11.36
CA GLN C 348 -21.64 -45.57 -10.15
C GLN C 348 -20.76 -46.65 -9.55
N VAL C 349 -20.46 -47.67 -10.36
CA VAL C 349 -19.69 -48.80 -9.83
C VAL C 349 -18.33 -48.38 -9.32
N SER C 350 -17.59 -47.64 -10.13
CA SER C 350 -16.23 -47.30 -9.72
C SER C 350 -16.19 -46.33 -8.54
N GLY C 351 -17.23 -45.50 -8.41
CA GLY C 351 -17.42 -44.67 -7.23
C GLY C 351 -17.50 -45.49 -5.97
N LEU C 352 -18.32 -46.54 -6.04
CA LEU C 352 -18.52 -47.43 -4.91
C LEU C 352 -17.29 -48.30 -4.66
N GLU C 353 -16.65 -48.80 -5.73
CA GLU C 353 -15.45 -49.66 -5.50
C GLU C 353 -14.38 -48.96 -4.64
N GLN C 354 -14.22 -47.66 -4.84
CA GLN C 354 -13.19 -46.90 -4.17
C GLN C 354 -13.56 -46.71 -2.69
N ARG C 355 -14.83 -46.39 -2.43
CA ARG C 355 -15.24 -46.27 -1.04
C ARG C 355 -14.97 -47.59 -0.33
N LEU C 356 -15.33 -48.71 -0.97
CA LEU C 356 -15.15 -50.02 -0.34
C LEU C 356 -13.67 -50.34 -0.17
N ARG C 357 -12.84 -50.01 -1.16
CA ARG C 357 -11.41 -50.29 -1.00
C ARG C 357 -10.91 -49.50 0.19
N ALA C 358 -11.36 -48.26 0.29
CA ALA C 358 -10.84 -47.38 1.33
C ALA C 358 -11.27 -47.86 2.71
N LEU C 359 -12.45 -48.47 2.80
CA LEU C 359 -12.89 -48.99 4.08
C LEU C 359 -12.48 -50.47 4.27
N ASP C 360 -11.50 -50.93 3.49
CA ASP C 360 -11.05 -52.32 3.61
C ASP C 360 -12.23 -53.35 3.50
N TYR C 361 -13.19 -53.03 2.63
CA TYR C 361 -14.26 -53.97 2.21
C TYR C 361 -15.29 -54.28 3.27
N PRO C 362 -16.07 -53.25 3.67
CA PRO C 362 -17.15 -53.45 4.63
C PRO C 362 -18.24 -54.22 3.94
N LYS C 363 -19.15 -54.81 4.71
CA LYS C 363 -20.35 -55.39 4.12
C LYS C 363 -21.19 -54.22 3.60
N VAL C 364 -22.07 -54.51 2.67
CA VAL C 364 -22.85 -53.47 2.06
C VAL C 364 -24.27 -53.68 2.55
N VAL C 365 -24.78 -52.68 3.26
CA VAL C 365 -26.15 -52.78 3.78
C VAL C 365 -27.10 -51.94 2.93
N ILE C 366 -28.16 -52.54 2.43
CA ILE C 366 -29.07 -51.81 1.56
C ILE C 366 -30.52 -52.26 1.83
N GLY C 367 -31.41 -51.27 1.95
CA GLY C 367 -32.83 -51.54 1.99
C GLY C 367 -33.37 -51.76 0.58
N VAL C 368 -33.91 -52.95 0.31
CA VAL C 368 -34.47 -53.27 -1.02
C VAL C 368 -35.97 -53.38 -0.95
N SER C 369 -36.65 -52.56 -1.72
CA SER C 369 -38.09 -52.47 -1.63
C SER C 369 -38.78 -52.96 -2.90
N GLY C 370 -38.00 -53.41 -3.89
CA GLY C 370 -38.56 -53.76 -5.19
C GLY C 370 -38.80 -52.60 -6.19
N GLY C 371 -38.45 -51.37 -5.79
CA GLY C 371 -38.65 -50.22 -6.66
C GLY C 371 -37.44 -50.00 -7.55
N LEU C 372 -37.57 -49.08 -8.51
CA LEU C 372 -36.48 -48.89 -9.48
C LEU C 372 -35.11 -48.56 -8.83
N ASP C 373 -35.10 -47.55 -7.96
CA ASP C 373 -33.85 -47.06 -7.39
C ASP C 373 -33.04 -48.12 -6.65
N SER C 374 -33.68 -48.82 -5.72
CA SER C 374 -32.98 -49.80 -4.88
C SER C 374 -32.61 -51.02 -5.70
N THR C 375 -33.50 -51.40 -6.61
CA THR C 375 -33.19 -52.48 -7.51
C THR C 375 -31.85 -52.14 -8.21
N HIS C 376 -31.79 -50.97 -8.84
CA HIS C 376 -30.59 -50.61 -9.56
C HIS C 376 -29.36 -50.51 -8.65
N ALA C 377 -29.50 -49.90 -7.48
CA ALA C 377 -28.39 -49.85 -6.55
C ALA C 377 -27.88 -51.25 -6.22
N LEU C 378 -28.79 -52.19 -5.93
CA LEU C 378 -28.39 -53.56 -5.60
C LEU C 378 -27.48 -54.11 -6.70
N ILE C 379 -27.90 -53.90 -7.94
CA ILE C 379 -27.15 -54.36 -9.08
C ILE C 379 -25.76 -53.70 -9.13
N VAL C 380 -25.73 -52.39 -8.98
CA VAL C 380 -24.47 -51.65 -8.84
C VAL C 380 -23.56 -52.23 -7.74
N ALA C 381 -24.12 -52.39 -6.56
CA ALA C 381 -23.40 -52.98 -5.45
C ALA C 381 -22.77 -54.33 -5.81
N THR C 382 -23.57 -55.16 -6.48
CA THR C 382 -23.15 -56.52 -6.81
C THR C 382 -21.99 -56.47 -7.78
N HIS C 383 -22.08 -55.58 -8.75
CA HIS C 383 -21.02 -55.53 -9.73
C HIS C 383 -19.75 -55.04 -9.07
N ALA C 384 -19.88 -54.05 -8.17
CA ALA C 384 -18.72 -53.49 -7.52
C ALA C 384 -18.02 -54.59 -6.74
N MET C 385 -18.84 -55.44 -6.10
CA MET C 385 -18.28 -56.46 -5.23
C MET C 385 -17.58 -57.47 -6.11
N ASP C 386 -18.19 -57.78 -7.24
CA ASP C 386 -17.64 -58.79 -8.15
C ASP C 386 -16.29 -58.32 -8.62
N ARG C 387 -16.25 -57.09 -9.16
CA ARG C 387 -15.02 -56.51 -9.68
C ARG C 387 -13.91 -56.47 -8.63
N GLU C 388 -14.28 -56.36 -7.35
CA GLU C 388 -13.25 -56.33 -6.27
C GLU C 388 -12.99 -57.71 -5.65
N GLY C 389 -13.50 -58.75 -6.28
CA GLY C 389 -13.28 -60.09 -5.78
C GLY C 389 -13.89 -60.28 -4.39
N ARG C 390 -15.00 -59.62 -4.14
CA ARG C 390 -15.73 -59.78 -2.89
C ARG C 390 -16.92 -60.71 -3.02
N PRO C 391 -17.14 -61.60 -2.03
CA PRO C 391 -18.30 -62.52 -2.05
C PRO C 391 -19.63 -61.73 -2.01
N ARG C 392 -20.58 -62.10 -2.85
CA ARG C 392 -21.85 -61.39 -2.86
C ARG C 392 -22.58 -61.51 -1.53
N SER C 393 -22.25 -62.55 -0.77
CA SER C 393 -22.87 -62.73 0.55
C SER C 393 -22.44 -61.63 1.54
N ASP C 394 -21.49 -60.78 1.15
CA ASP C 394 -21.11 -59.62 1.97
C ASP C 394 -22.02 -58.40 1.69
N ILE C 395 -22.91 -58.56 0.71
CA ILE C 395 -24.03 -57.63 0.48
C ILE C 395 -25.19 -58.07 1.36
N LEU C 396 -25.66 -57.18 2.22
CA LEU C 396 -26.76 -57.51 3.12
C LEU C 396 -28.00 -56.74 2.69
N ALA C 397 -28.90 -57.44 2.00
CA ALA C 397 -30.12 -56.80 1.51
C ALA C 397 -31.23 -57.03 2.53
N PHE C 398 -32.03 -56.01 2.78
CA PHE C 398 -33.10 -56.08 3.79
C PHE C 398 -34.40 -55.63 3.19
N ALA C 399 -35.43 -56.42 3.42
CA ALA C 399 -36.77 -55.92 3.21
C ALA C 399 -37.28 -55.43 4.55
N LEU C 400 -37.88 -54.25 4.55
CA LEU C 400 -38.28 -53.59 5.80
C LEU C 400 -39.77 -53.22 5.77
N PRO C 401 -40.64 -54.23 5.74
CA PRO C 401 -42.08 -53.99 5.65
C PRO C 401 -42.60 -53.23 6.85
N GLY C 402 -43.45 -52.24 6.58
CA GLY C 402 -44.06 -51.45 7.65
C GLY C 402 -45.53 -51.80 7.79
N PHE C 403 -46.39 -50.84 7.45
CA PHE C 403 -47.81 -51.11 7.34
C PHE C 403 -48.15 -51.02 5.83
N LYS C 410 -41.79 -55.66 -4.54
CA LYS C 410 -41.83 -56.14 -3.15
C LYS C 410 -41.43 -57.63 -3.05
N ASN C 411 -42.12 -58.46 -3.84
CA ASN C 411 -41.70 -59.83 -4.07
C ASN C 411 -40.53 -59.78 -5.03
N ASN C 412 -40.54 -58.76 -5.87
CA ASN C 412 -39.41 -58.51 -6.74
C ASN C 412 -38.11 -58.39 -5.96
N ALA C 413 -38.19 -57.79 -4.79
CA ALA C 413 -37.00 -57.61 -3.98
C ALA C 413 -36.34 -58.92 -3.55
N ILE C 414 -37.12 -59.80 -2.91
CA ILE C 414 -36.57 -61.07 -2.47
C ILE C 414 -36.12 -61.92 -3.70
N LYS C 415 -36.94 -61.95 -4.76
CA LYS C 415 -36.58 -62.68 -5.95
C LYS C 415 -35.25 -62.19 -6.55
N LEU C 416 -35.09 -60.87 -6.62
CA LEU C 416 -33.85 -60.30 -7.09
C LEU C 416 -32.66 -60.73 -6.24
N ALA C 417 -32.79 -60.55 -4.93
CA ALA C 417 -31.73 -60.90 -3.99
C ALA C 417 -31.33 -62.40 -4.06
N ARG C 418 -32.33 -63.28 -4.06
CA ARG C 418 -32.05 -64.72 -4.19
C ARG C 418 -31.36 -65.05 -5.52
N ALA C 419 -31.74 -64.36 -6.60
CA ALA C 419 -31.19 -64.59 -7.93
C ALA C 419 -29.75 -64.09 -8.09
N LEU C 420 -29.43 -63.00 -7.40
CA LEU C 420 -28.10 -62.47 -7.47
C LEU C 420 -27.23 -63.25 -6.52
N GLY C 421 -27.86 -63.79 -5.46
CA GLY C 421 -27.16 -64.56 -4.46
C GLY C 421 -26.46 -63.78 -3.39
N VAL C 422 -27.00 -62.59 -3.06
CA VAL C 422 -26.58 -61.78 -1.90
C VAL C 422 -27.31 -62.32 -0.69
N THR C 423 -26.99 -61.77 0.48
CA THR C 423 -27.64 -62.20 1.74
C THR C 423 -28.95 -61.47 1.98
N PHE C 424 -30.04 -62.22 2.06
CA PHE C 424 -31.34 -61.56 2.20
C PHE C 424 -31.97 -61.79 3.53
N SER C 425 -32.74 -60.81 3.96
CA SER C 425 -33.30 -60.84 5.28
C SER C 425 -34.47 -59.85 5.37
N GLU C 426 -35.47 -60.21 6.15
CA GLU C 426 -36.63 -59.31 6.40
C GLU C 426 -36.63 -58.84 7.85
N ILE C 427 -36.96 -57.58 8.04
CA ILE C 427 -37.15 -57.06 9.38
C ILE C 427 -38.42 -56.21 9.39
N ASP C 428 -39.43 -56.65 10.13
CA ASP C 428 -40.67 -55.89 10.24
C ASP C 428 -40.46 -54.73 11.22
N ILE C 429 -40.62 -53.52 10.73
CA ILE C 429 -40.44 -52.33 11.55
C ILE C 429 -41.73 -51.84 12.15
N GLY C 430 -42.83 -52.55 11.91
CA GLY C 430 -44.13 -52.09 12.34
C GLY C 430 -44.25 -51.92 13.83
N ASP C 431 -43.74 -52.88 14.59
CA ASP C 431 -43.87 -52.84 16.04
C ASP C 431 -43.05 -51.71 16.59
N THR C 432 -41.87 -51.49 16.00
CA THR C 432 -41.00 -50.44 16.50
C THR C 432 -41.69 -49.10 16.20
N ALA C 433 -42.29 -49.02 15.03
CA ALA C 433 -43.05 -47.85 14.65
C ALA C 433 -44.24 -47.61 15.57
N ARG C 434 -45.01 -48.65 15.89
CA ARG C 434 -46.16 -48.53 16.75
C ARG C 434 -45.68 -47.96 18.08
N LEU C 435 -44.59 -48.52 18.60
CA LEU C 435 -44.03 -48.09 19.87
C LEU C 435 -43.64 -46.64 19.81
N MET C 436 -43.03 -46.25 18.70
CA MET C 436 -42.52 -44.88 18.58
C MET C 436 -43.67 -43.90 18.39
N LEU C 437 -44.66 -44.27 17.61
CA LEU C 437 -45.81 -43.40 17.43
C LEU C 437 -46.56 -43.23 18.74
N HIS C 438 -46.65 -44.30 19.52
CA HIS C 438 -47.34 -44.19 20.80
C HIS C 438 -46.54 -43.34 21.80
N THR C 439 -45.23 -43.48 21.77
CA THR C 439 -44.38 -42.82 22.71
C THR C 439 -44.40 -41.28 22.49
N ILE C 440 -44.49 -40.83 21.26
CA ILE C 440 -44.57 -39.38 21.01
C ILE C 440 -46.03 -38.92 21.01
N GLY C 441 -46.92 -39.80 21.45
CA GLY C 441 -48.34 -39.48 21.41
C GLY C 441 -48.97 -39.09 20.07
N HIS C 442 -48.72 -39.84 19.02
CA HIS C 442 -49.44 -39.66 17.74
C HIS C 442 -50.76 -40.45 17.61
N PRO C 443 -51.79 -39.85 17.01
CA PRO C 443 -53.16 -40.43 16.97
C PRO C 443 -53.22 -41.85 16.37
N ASP C 452 -50.23 -39.31 8.17
CA ASP C 452 -49.62 -38.04 8.46
C ASP C 452 -48.32 -38.02 7.72
N VAL C 453 -47.65 -36.85 7.68
CA VAL C 453 -46.22 -36.84 7.37
C VAL C 453 -45.41 -37.49 8.53
N THR C 454 -45.82 -37.24 9.76
CA THR C 454 -45.21 -37.89 10.91
C THR C 454 -45.37 -39.42 10.83
N PHE C 455 -46.59 -39.87 10.58
CA PHE C 455 -46.79 -41.29 10.32
C PHE C 455 -45.89 -41.89 9.17
N GLU C 456 -45.81 -41.21 8.02
CA GLU C 456 -44.95 -41.73 6.92
C GLU C 456 -43.51 -41.71 7.37
N ASN C 457 -43.18 -40.69 8.15
CA ASN C 457 -41.78 -40.41 8.43
C ASN C 457 -41.26 -41.29 9.52
N VAL C 458 -42.11 -41.63 10.49
CA VAL C 458 -41.70 -42.57 11.50
C VAL C 458 -41.18 -43.86 10.84
N GLN C 459 -41.91 -44.36 9.86
CA GLN C 459 -41.48 -45.57 9.17
C GLN C 459 -40.23 -45.38 8.30
N ALA C 460 -40.20 -44.28 7.56
CA ALA C 460 -39.06 -44.01 6.70
C ALA C 460 -37.81 -43.86 7.56
N GLY C 461 -37.96 -43.13 8.66
CA GLY C 461 -36.88 -42.92 9.61
C GLY C 461 -36.39 -44.21 10.19
N LEU C 462 -37.31 -45.03 10.70
CA LEU C 462 -36.93 -46.29 11.35
C LEU C 462 -36.25 -47.25 10.37
N ARG C 463 -36.66 -47.22 9.10
CA ARG C 463 -35.93 -48.03 8.11
C ARG C 463 -34.44 -47.68 8.13
N THR C 464 -34.14 -46.39 7.98
CA THR C 464 -32.75 -45.92 7.97
C THR C 464 -32.06 -46.20 9.32
N ASP C 465 -32.77 -45.93 10.41
CA ASP C 465 -32.24 -46.16 11.76
C ASP C 465 -31.78 -47.63 11.86
N TYR C 466 -32.64 -48.54 11.43
CA TYR C 466 -32.33 -49.98 11.49
C TYR C 466 -31.13 -50.36 10.62
N LEU C 467 -31.14 -49.87 9.39
CA LEU C 467 -30.03 -50.14 8.49
C LEU C 467 -28.71 -49.61 9.07
N PHE C 468 -28.70 -48.38 9.60
CA PHE C 468 -27.47 -47.83 10.17
C PHE C 468 -26.99 -48.70 11.33
N ARG C 469 -27.92 -49.12 12.18
CA ARG C 469 -27.53 -49.90 13.33
C ARG C 469 -27.02 -51.27 12.89
N ILE C 470 -27.70 -51.87 11.91
CA ILE C 470 -27.25 -53.14 11.36
C ILE C 470 -25.86 -52.95 10.80
N ALA C 471 -25.63 -51.81 10.14
CA ALA C 471 -24.31 -51.51 9.61
C ALA C 471 -23.24 -51.45 10.72
N ASN C 472 -23.55 -50.82 11.86
CA ASN C 472 -22.59 -50.80 12.99
C ASN C 472 -22.36 -52.22 13.46
N GLN C 473 -23.45 -52.97 13.49
CA GLN C 473 -23.48 -54.28 14.15
C GLN C 473 -22.66 -55.29 13.35
N ARG C 474 -22.87 -55.25 12.05
CA ARG C 474 -22.38 -56.29 11.14
C ARG C 474 -21.13 -55.85 10.33
N GLY C 475 -20.56 -54.69 10.67
CA GLY C 475 -19.37 -54.16 9.99
C GLY C 475 -19.62 -53.76 8.52
N GLY C 476 -20.74 -53.09 8.26
CA GLY C 476 -21.05 -52.64 6.92
C GLY C 476 -21.18 -51.13 6.77
N ILE C 477 -21.48 -50.70 5.54
CA ILE C 477 -21.92 -49.33 5.32
C ILE C 477 -23.32 -49.37 4.71
N VAL C 478 -24.12 -48.35 4.98
CA VAL C 478 -25.45 -48.30 4.36
C VAL C 478 -25.37 -47.58 3.02
N LEU C 479 -25.82 -48.28 1.98
CA LEU C 479 -25.94 -47.75 0.62
C LEU C 479 -27.19 -46.90 0.40
N GLY C 480 -27.02 -45.63 0.07
CA GLY C 480 -28.19 -44.82 -0.20
C GLY C 480 -28.67 -45.16 -1.59
N THR C 481 -29.92 -44.81 -1.89
CA THR C 481 -30.52 -45.15 -3.17
C THR C 481 -31.32 -44.02 -3.79
N GLY C 482 -31.38 -42.88 -3.10
CA GLY C 482 -32.15 -41.75 -3.60
C GLY C 482 -31.51 -41.20 -4.85
N ASP C 483 -32.33 -40.89 -5.83
CA ASP C 483 -31.82 -40.47 -7.11
C ASP C 483 -31.76 -38.93 -7.20
N LEU C 484 -31.20 -38.42 -8.28
CA LEU C 484 -30.96 -36.98 -8.45
C LEU C 484 -32.27 -36.17 -8.48
N SER C 485 -33.31 -36.75 -9.09
CA SER C 485 -34.60 -36.05 -9.21
C SER C 485 -35.23 -35.86 -7.84
N GLU C 486 -34.98 -36.82 -6.96
CA GLU C 486 -35.51 -36.74 -5.56
C GLU C 486 -34.67 -35.73 -4.79
N LEU C 487 -33.38 -35.65 -5.10
CA LEU C 487 -32.54 -34.62 -4.49
C LEU C 487 -33.00 -33.25 -4.94
N ALA C 488 -33.35 -33.15 -6.23
CA ALA C 488 -33.73 -31.87 -6.76
C ALA C 488 -35.02 -31.36 -6.12
N LEU C 489 -35.95 -32.25 -5.83
CA LEU C 489 -37.24 -31.79 -5.35
C LEU C 489 -37.43 -31.97 -3.84
N GLY C 490 -36.43 -32.50 -3.15
CA GLY C 490 -36.51 -32.68 -1.71
C GLY C 490 -37.56 -33.74 -1.38
N TRP C 491 -37.61 -34.76 -2.20
CA TRP C 491 -38.60 -35.83 -2.07
C TRP C 491 -37.85 -36.97 -1.40
N SER C 492 -37.69 -36.84 -0.09
CA SER C 492 -36.96 -37.80 0.73
C SER C 492 -37.17 -37.37 2.17
N THR C 493 -36.96 -38.27 3.12
CA THR C 493 -37.08 -37.90 4.51
C THR C 493 -35.68 -37.55 5.00
N TYR C 494 -35.54 -36.32 5.48
CA TYR C 494 -34.21 -35.74 5.72
C TYR C 494 -33.63 -36.21 7.07
N GLY C 495 -32.35 -36.58 7.07
CA GLY C 495 -31.59 -36.81 8.28
C GLY C 495 -31.74 -38.22 8.81
N VAL C 496 -32.78 -38.44 9.60
CA VAL C 496 -33.17 -39.79 9.94
C VAL C 496 -34.24 -40.18 8.91
N GLY C 497 -33.84 -40.92 7.88
CA GLY C 497 -34.69 -41.13 6.73
C GLY C 497 -33.81 -41.37 5.51
N ASP C 498 -34.46 -41.61 4.39
CA ASP C 498 -33.77 -42.17 3.22
C ASP C 498 -32.82 -41.17 2.54
N GLN C 499 -32.93 -39.90 2.92
CA GLN C 499 -31.95 -38.90 2.49
C GLN C 499 -30.54 -39.30 2.97
N MET C 500 -30.45 -40.02 4.10
CA MET C 500 -29.16 -40.21 4.75
C MET C 500 -28.57 -41.61 4.47
N SER C 501 -27.24 -41.69 4.27
CA SER C 501 -26.56 -42.97 4.08
C SER C 501 -25.04 -42.79 4.21
N HIS C 502 -24.28 -43.84 3.92
CA HIS C 502 -22.82 -43.76 4.05
C HIS C 502 -22.24 -43.50 2.71
N TYR C 503 -22.97 -43.90 1.66
CA TYR C 503 -22.53 -43.65 0.28
C TYR C 503 -23.73 -43.79 -0.63
N ASN C 504 -24.04 -42.78 -1.42
CA ASN C 504 -25.18 -42.87 -2.32
C ASN C 504 -24.81 -43.06 -3.82
N VAL C 505 -24.92 -44.29 -4.34
CA VAL C 505 -24.54 -44.51 -5.76
C VAL C 505 -25.51 -43.89 -6.78
N ASN C 506 -26.74 -43.64 -6.37
CA ASN C 506 -27.78 -43.04 -7.21
C ASN C 506 -27.88 -41.51 -7.22
N ALA C 507 -27.09 -40.83 -6.41
CA ALA C 507 -27.25 -39.39 -6.15
C ALA C 507 -27.16 -38.57 -7.45
N GLY C 508 -26.37 -39.07 -8.41
CA GLY C 508 -26.12 -38.34 -9.63
C GLY C 508 -27.03 -38.71 -10.78
N VAL C 509 -27.83 -39.74 -10.57
CA VAL C 509 -28.64 -40.30 -11.68
C VAL C 509 -30.07 -39.83 -11.60
N PRO C 510 -30.52 -39.08 -12.60
CA PRO C 510 -31.91 -38.59 -12.54
C PRO C 510 -32.85 -39.74 -12.75
N LYS C 511 -34.07 -39.59 -12.27
CA LYS C 511 -35.05 -40.66 -12.29
C LYS C 511 -35.33 -41.14 -13.72
N THR C 512 -35.39 -40.21 -14.68
CA THR C 512 -35.68 -40.55 -16.07
C THR C 512 -34.61 -41.44 -16.67
N LEU C 513 -33.37 -41.35 -16.17
CA LEU C 513 -32.31 -42.24 -16.67
C LEU C 513 -32.32 -43.64 -16.00
N ILE C 514 -32.77 -43.71 -14.75
CA ILE C 514 -32.73 -44.96 -14.00
C ILE C 514 -33.32 -46.12 -14.79
N GLN C 515 -34.52 -45.95 -15.34
CA GLN C 515 -35.15 -47.09 -16.02
C GLN C 515 -34.31 -47.56 -17.20
N HIS C 516 -33.62 -46.63 -17.86
CA HIS C 516 -32.77 -47.02 -18.97
C HIS C 516 -31.47 -47.73 -18.54
N LEU C 517 -30.95 -47.39 -17.36
CA LEU C 517 -29.80 -48.14 -16.82
C LEU C 517 -30.23 -49.60 -16.56
N ILE C 518 -31.44 -49.78 -16.05
CA ILE C 518 -31.84 -51.12 -15.68
C ILE C 518 -31.96 -51.92 -16.96
N ARG C 519 -32.61 -51.37 -17.98
CA ARG C 519 -32.66 -52.09 -19.28
C ARG C 519 -31.29 -52.34 -19.81
N TRP C 520 -30.44 -51.33 -19.70
CA TRP C 520 -29.09 -51.48 -20.20
C TRP C 520 -28.45 -52.71 -19.56
N VAL C 521 -28.63 -52.85 -18.23
CA VAL C 521 -28.12 -54.02 -17.50
C VAL C 521 -28.73 -55.37 -17.98
N ILE C 522 -30.03 -55.37 -18.27
CA ILE C 522 -30.69 -56.53 -18.79
C ILE C 522 -30.13 -56.89 -20.14
N SER C 523 -30.11 -55.88 -21.00
CA SER C 523 -29.71 -56.04 -22.38
C SER C 523 -28.28 -56.54 -22.54
N ALA C 524 -27.37 -56.09 -21.68
CA ALA C 524 -26.00 -56.56 -21.75
C ALA C 524 -26.00 -58.08 -21.35
N GLY C 525 -26.83 -58.45 -20.37
CA GLY C 525 -27.05 -59.84 -20.02
C GLY C 525 -26.05 -60.39 -19.00
N GLU C 526 -25.16 -59.53 -18.52
CA GLU C 526 -24.02 -59.96 -17.67
C GLU C 526 -24.42 -60.75 -16.43
N PHE C 527 -25.62 -60.51 -15.87
CA PHE C 527 -26.01 -61.18 -14.62
C PHE C 527 -26.80 -62.47 -14.80
N GLY C 528 -26.91 -62.95 -16.04
CA GLY C 528 -27.66 -64.18 -16.27
C GLY C 528 -29.14 -63.99 -16.56
N GLU C 529 -29.71 -65.00 -17.18
CA GLU C 529 -31.15 -65.01 -17.57
C GLU C 529 -32.11 -64.87 -16.38
N LYS C 530 -31.87 -65.59 -15.27
CA LYS C 530 -32.80 -65.45 -14.14
C LYS C 530 -32.81 -64.01 -13.58
N VAL C 531 -31.63 -63.42 -13.36
CA VAL C 531 -31.59 -62.03 -12.85
C VAL C 531 -32.29 -61.06 -13.81
N GLY C 532 -31.94 -61.14 -15.10
CA GLY C 532 -32.61 -60.37 -16.12
C GLY C 532 -34.12 -60.44 -16.05
N GLU C 533 -34.66 -61.64 -15.84
CA GLU C 533 -36.14 -61.81 -15.76
C GLU C 533 -36.75 -61.02 -14.59
N VAL C 534 -36.07 -61.03 -13.44
CA VAL C 534 -36.58 -60.30 -12.29
C VAL C 534 -36.48 -58.81 -12.59
N LEU C 535 -35.36 -58.42 -13.18
CA LEU C 535 -35.16 -57.02 -13.44
C LEU C 535 -36.25 -56.55 -14.39
N GLN C 536 -36.56 -57.39 -15.38
CA GLN C 536 -37.59 -57.06 -16.34
C GLN C 536 -38.91 -56.88 -15.60
N SER C 537 -39.18 -57.79 -14.67
CA SER C 537 -40.38 -57.71 -13.84
C SER C 537 -40.47 -56.41 -13.05
N VAL C 538 -39.35 -56.03 -12.43
CA VAL C 538 -39.29 -54.74 -11.75
C VAL C 538 -39.72 -53.64 -12.71
N LEU C 539 -39.22 -53.66 -13.95
CA LEU C 539 -39.57 -52.61 -14.91
C LEU C 539 -41.06 -52.63 -15.23
N ASP C 540 -41.53 -53.81 -15.61
CA ASP C 540 -42.95 -54.02 -15.90
C ASP C 540 -43.90 -53.62 -14.75
N THR C 541 -43.51 -53.97 -13.52
CA THR C 541 -44.29 -53.59 -12.36
C THR C 541 -44.24 -52.09 -12.03
N GLU C 542 -43.06 -51.49 -12.06
CA GLU C 542 -42.91 -50.11 -11.50
C GLU C 542 -43.35 -49.00 -12.43
N ILE C 543 -43.58 -49.31 -13.70
CA ILE C 543 -43.83 -48.26 -14.69
C ILE C 543 -45.20 -48.40 -15.34
N SER C 558 -47.14 -40.17 -5.89
CA SER C 558 -46.07 -39.18 -5.65
C SER C 558 -45.72 -38.25 -6.83
N GLU C 559 -45.87 -38.74 -8.07
CA GLU C 559 -45.94 -37.84 -9.27
C GLU C 559 -47.28 -37.08 -9.27
N ALA C 560 -48.01 -37.20 -8.18
CA ALA C 560 -49.31 -36.58 -8.07
C ALA C 560 -49.15 -35.26 -7.35
N LYS C 561 -48.07 -35.16 -6.59
CA LYS C 561 -47.83 -34.00 -5.74
C LYS C 561 -46.63 -33.19 -6.22
N VAL C 562 -45.66 -33.88 -6.79
CA VAL C 562 -44.41 -33.27 -7.20
C VAL C 562 -44.36 -33.17 -8.73
N GLY C 563 -45.35 -33.77 -9.41
CA GLY C 563 -45.45 -33.74 -10.87
C GLY C 563 -44.74 -34.89 -11.59
N PRO C 564 -44.98 -35.04 -12.89
CA PRO C 564 -44.28 -36.06 -13.67
C PRO C 564 -42.78 -35.77 -13.74
N PHE C 565 -41.97 -36.77 -13.41
CA PHE C 565 -40.51 -36.62 -13.44
C PHE C 565 -39.92 -36.28 -14.81
N ALA C 566 -40.59 -36.68 -15.89
CA ALA C 566 -40.14 -36.27 -17.21
C ALA C 566 -40.05 -34.75 -17.29
N LEU C 567 -41.07 -34.05 -16.79
CA LEU C 567 -41.05 -32.58 -16.76
C LEU C 567 -40.08 -32.00 -15.75
N GLN C 568 -40.06 -32.56 -14.53
CA GLN C 568 -39.14 -32.00 -13.51
C GLN C 568 -37.69 -32.29 -13.81
N ASP C 569 -37.42 -33.41 -14.47
CA ASP C 569 -36.04 -33.68 -14.92
C ASP C 569 -35.61 -32.72 -16.03
N PHE C 570 -36.56 -32.36 -16.89
CA PHE C 570 -36.34 -31.36 -17.93
C PHE C 570 -35.99 -30.01 -17.32
N SER C 571 -36.79 -29.55 -16.38
CA SER C 571 -36.53 -28.25 -15.77
C SER C 571 -35.21 -28.28 -15.00
N LEU C 572 -34.94 -29.40 -14.32
CA LEU C 572 -33.72 -29.53 -13.53
C LEU C 572 -32.50 -29.31 -14.39
N PHE C 573 -32.50 -29.93 -15.56
CA PHE C 573 -31.35 -29.79 -16.48
C PHE C 573 -31.12 -28.32 -16.89
N GLN C 574 -32.19 -27.67 -17.34
CA GLN C 574 -32.11 -26.26 -17.72
C GLN C 574 -31.57 -25.41 -16.55
N VAL C 575 -32.11 -25.60 -15.36
CA VAL C 575 -31.69 -24.81 -14.21
C VAL C 575 -30.25 -25.15 -13.84
N LEU C 576 -29.98 -26.44 -13.66
CA LEU C 576 -28.69 -26.85 -13.17
C LEU C 576 -27.55 -26.54 -14.13
N ARG C 577 -27.76 -26.71 -15.43
CA ARG C 577 -26.66 -26.48 -16.40
C ARG C 577 -26.48 -25.01 -16.84
N TYR C 578 -27.60 -24.29 -16.97
CA TYR C 578 -27.65 -23.02 -17.67
C TYR C 578 -28.28 -21.92 -16.85
N GLY C 579 -29.00 -22.26 -15.80
CA GLY C 579 -29.60 -21.22 -14.99
C GLY C 579 -30.66 -20.40 -15.76
N PHE C 580 -31.25 -21.02 -16.78
CA PHE C 580 -32.27 -20.37 -17.59
C PHE C 580 -33.43 -19.91 -16.73
N ARG C 581 -34.03 -18.80 -17.14
CA ARG C 581 -35.20 -18.31 -16.45
C ARG C 581 -36.44 -19.17 -16.71
N PRO C 582 -37.42 -19.11 -15.82
CA PRO C 582 -38.57 -20.00 -15.95
C PRO C 582 -39.27 -19.92 -17.28
N SER C 583 -39.58 -18.71 -17.75
CA SER C 583 -40.25 -18.58 -19.07
C SER C 583 -39.46 -19.24 -20.23
N LYS C 584 -38.14 -19.20 -20.17
CA LYS C 584 -37.29 -19.87 -21.17
C LYS C 584 -37.42 -21.38 -21.08
N ILE C 585 -37.44 -21.89 -19.84
CA ILE C 585 -37.64 -23.32 -19.58
C ILE C 585 -39.01 -23.76 -20.11
N ALA C 586 -40.06 -22.99 -19.83
CA ALA C 586 -41.41 -23.32 -20.30
C ALA C 586 -41.49 -23.35 -21.82
N PHE C 587 -40.84 -22.39 -22.45
CA PHE C 587 -40.80 -22.33 -23.91
C PHE C 587 -40.17 -23.61 -24.46
N LEU C 588 -39.01 -23.96 -23.91
CA LEU C 588 -38.30 -25.15 -24.37
C LEU C 588 -39.08 -26.44 -24.16
N ALA C 589 -39.61 -26.62 -22.94
CA ALA C 589 -40.36 -27.82 -22.58
C ALA C 589 -41.60 -27.95 -23.46
N TRP C 590 -42.31 -26.85 -23.65
CA TRP C 590 -43.49 -26.86 -24.51
C TRP C 590 -43.19 -27.27 -25.95
N HIS C 591 -42.12 -26.71 -26.54
CA HIS C 591 -41.69 -27.20 -27.87
C HIS C 591 -41.35 -28.68 -27.86
N ALA C 592 -40.73 -29.18 -26.79
CA ALA C 592 -40.34 -30.59 -26.77
C ALA C 592 -41.51 -31.52 -26.53
N TRP C 593 -42.44 -31.07 -25.70
CA TRP C 593 -43.44 -31.99 -25.13
C TRP C 593 -44.89 -31.82 -25.57
N ASN C 594 -45.26 -30.70 -26.17
CA ASN C 594 -46.70 -30.45 -26.43
C ASN C 594 -47.33 -31.40 -27.42
N ASP C 595 -46.52 -32.07 -28.24
CA ASP C 595 -47.03 -32.88 -29.32
C ASP C 595 -46.30 -34.21 -29.33
N ALA C 596 -47.03 -35.27 -29.04
CA ALA C 596 -46.41 -36.58 -28.88
C ALA C 596 -45.88 -37.14 -30.19
N GLU C 597 -46.47 -36.71 -31.30
CA GLU C 597 -46.08 -37.21 -32.64
C GLU C 597 -44.82 -36.50 -33.19
N ARG C 598 -44.56 -35.30 -32.68
CA ARG C 598 -43.37 -34.58 -33.13
C ARG C 598 -42.12 -34.97 -32.29
N GLY C 599 -40.93 -34.79 -32.85
CA GLY C 599 -39.68 -35.15 -32.19
C GLY C 599 -39.45 -36.64 -31.99
N ASN C 600 -38.39 -36.97 -31.24
CA ASN C 600 -38.07 -38.37 -30.98
C ASN C 600 -38.21 -38.81 -29.55
N TRP C 601 -38.53 -40.10 -29.40
CA TRP C 601 -38.61 -40.72 -28.11
C TRP C 601 -37.42 -41.64 -28.01
N PRO C 602 -36.82 -41.68 -26.82
CA PRO C 602 -35.77 -42.68 -26.60
C PRO C 602 -36.39 -44.06 -26.85
N PRO C 603 -35.55 -45.11 -26.90
CA PRO C 603 -36.10 -46.49 -27.01
C PRO C 603 -36.93 -46.78 -25.76
N GLY C 604 -37.95 -47.64 -25.88
CA GLY C 604 -38.67 -48.10 -24.74
C GLY C 604 -39.88 -47.31 -24.24
N PHE C 605 -40.49 -46.57 -25.15
CA PHE C 605 -41.74 -45.90 -24.82
C PHE C 605 -42.82 -46.43 -25.73
N PRO C 606 -43.54 -47.47 -25.27
CA PRO C 606 -44.68 -48.03 -26.02
C PRO C 606 -45.61 -46.86 -26.28
N LYS C 607 -46.31 -46.84 -27.42
CA LYS C 607 -47.08 -45.65 -27.78
C LYS C 607 -48.19 -45.30 -26.80
N SER C 608 -48.52 -46.21 -25.89
CA SER C 608 -49.47 -45.94 -24.82
C SER C 608 -48.86 -45.13 -23.65
N GLU C 609 -47.54 -45.05 -23.59
CA GLU C 609 -46.87 -44.26 -22.51
C GLU C 609 -46.06 -43.13 -23.10
N ARG C 610 -46.63 -42.55 -24.16
CA ARG C 610 -46.05 -41.39 -24.79
C ARG C 610 -46.99 -40.22 -24.63
N PRO C 611 -46.96 -39.57 -23.48
CA PRO C 611 -47.86 -38.46 -23.17
C PRO C 611 -47.37 -37.17 -23.83
N SER C 612 -48.29 -36.24 -24.02
CA SER C 612 -47.94 -34.91 -24.41
C SER C 612 -48.43 -34.00 -23.27
N TYR C 613 -47.80 -32.83 -23.08
CA TYR C 613 -48.22 -31.90 -22.01
C TYR C 613 -48.59 -30.53 -22.57
N SER C 614 -49.69 -29.96 -22.08
CA SER C 614 -50.08 -28.60 -22.46
C SER C 614 -49.18 -27.55 -21.79
N LEU C 615 -49.25 -26.32 -22.28
CA LEU C 615 -48.58 -25.22 -21.59
C LEU C 615 -49.05 -25.07 -20.13
N ALA C 616 -50.38 -25.08 -19.95
CA ALA C 616 -50.98 -25.05 -18.62
C ALA C 616 -50.32 -26.05 -17.68
N GLU C 617 -50.14 -27.28 -18.13
CA GLU C 617 -49.46 -28.29 -17.26
C GLU C 617 -48.00 -27.96 -17.00
N ILE C 618 -47.31 -27.53 -18.06
CA ILE C 618 -45.89 -27.32 -18.00
C ILE C 618 -45.62 -26.17 -17.02
N ARG C 619 -46.43 -25.11 -17.16
CA ARG C 619 -46.48 -24.00 -16.25
C ARG C 619 -46.69 -24.44 -14.79
N HIS C 620 -47.72 -25.25 -14.59
CA HIS C 620 -48.06 -25.72 -13.27
C HIS C 620 -46.89 -26.44 -12.57
N TRP C 621 -46.29 -27.39 -13.28
CA TRP C 621 -45.22 -28.19 -12.67
C TRP C 621 -43.99 -27.39 -12.45
N LEU C 622 -43.81 -26.36 -13.29
CA LEU C 622 -42.67 -25.46 -13.17
C LEU C 622 -42.74 -24.56 -11.93
N GLN C 623 -43.96 -24.10 -11.61
CA GLN C 623 -44.17 -23.42 -10.35
C GLN C 623 -43.79 -24.30 -9.17
N ILE C 624 -44.31 -25.53 -9.15
CA ILE C 624 -43.92 -26.46 -8.09
C ILE C 624 -42.40 -26.63 -8.10
N PHE C 625 -41.81 -26.80 -9.29
CA PHE C 625 -40.35 -27.00 -9.39
C PHE C 625 -39.53 -25.83 -8.81
N VAL C 626 -39.83 -24.59 -9.23
CA VAL C 626 -38.93 -23.52 -8.80
C VAL C 626 -39.06 -23.34 -7.26
N GLN C 627 -40.29 -23.48 -6.77
CA GLN C 627 -40.50 -23.36 -5.35
C GLN C 627 -39.76 -24.45 -4.58
N ARG C 628 -39.84 -25.68 -5.06
CA ARG C 628 -39.18 -26.77 -4.37
C ARG C 628 -37.68 -26.77 -4.55
N PHE C 629 -37.22 -26.39 -5.73
CA PHE C 629 -35.80 -26.52 -6.04
C PHE C 629 -35.00 -25.37 -5.40
N TYR C 630 -35.51 -24.14 -5.48
CA TYR C 630 -34.72 -22.95 -5.16
C TYR C 630 -34.89 -22.58 -3.71
N SER C 631 -36.02 -23.02 -3.14
CA SER C 631 -36.39 -22.64 -1.80
C SER C 631 -36.43 -23.78 -0.80
N PHE C 632 -37.41 -24.67 -0.94
CA PHE C 632 -37.64 -25.75 0.04
C PHE C 632 -36.53 -26.78 0.25
N SER C 633 -36.01 -27.31 -0.84
CA SER C 633 -35.22 -28.53 -0.80
C SER C 633 -33.75 -28.42 -0.49
N GLN C 634 -33.19 -27.23 -0.61
CA GLN C 634 -31.73 -27.10 -0.46
C GLN C 634 -31.14 -27.65 0.86
N PHE C 635 -31.78 -27.36 1.99
CA PHE C 635 -31.26 -27.88 3.26
C PHE C 635 -31.02 -29.42 3.22
N LYS C 636 -31.86 -30.15 2.46
CA LYS C 636 -31.70 -31.60 2.35
C LYS C 636 -30.46 -31.99 1.50
N ARG C 637 -30.14 -31.16 0.53
CA ARG C 637 -28.95 -31.39 -0.29
C ARG C 637 -27.71 -30.89 0.45
N SER C 638 -27.90 -29.98 1.43
CA SER C 638 -26.76 -29.32 2.04
C SER C 638 -25.90 -30.33 2.83
N ALA C 639 -26.59 -31.26 3.51
CA ALA C 639 -25.91 -32.32 4.28
C ALA C 639 -26.00 -33.68 3.53
N LEU C 640 -25.36 -33.75 2.38
CA LEU C 640 -25.53 -34.89 1.50
C LEU C 640 -24.39 -35.90 1.66
N PRO C 641 -24.72 -37.19 1.75
CA PRO C 641 -23.63 -38.16 1.80
C PRO C 641 -22.84 -38.17 0.50
N ASN C 642 -21.68 -38.82 0.51
CA ASN C 642 -20.84 -38.93 -0.67
C ASN C 642 -21.48 -39.83 -1.77
N GLY C 643 -20.96 -39.73 -3.00
CA GLY C 643 -21.53 -40.33 -4.19
C GLY C 643 -21.06 -39.58 -5.42
N PRO C 644 -20.86 -40.30 -6.53
CA PRO C 644 -20.22 -39.71 -7.74
C PRO C 644 -21.12 -38.85 -8.66
N LYS C 645 -20.59 -37.70 -9.15
CA LYS C 645 -21.25 -37.00 -10.27
C LYS C 645 -21.39 -37.97 -11.48
N VAL C 646 -22.51 -37.87 -12.19
CA VAL C 646 -22.73 -38.75 -13.35
C VAL C 646 -22.95 -37.99 -14.70
N SER C 647 -23.93 -37.07 -14.70
CA SER C 647 -24.37 -36.39 -15.90
C SER C 647 -23.57 -35.11 -16.19
N HIS C 648 -23.41 -34.80 -17.47
CA HIS C 648 -22.80 -33.51 -17.82
C HIS C 648 -23.77 -32.40 -17.41
N GLY C 649 -25.05 -32.73 -17.28
CA GLY C 649 -26.01 -31.72 -16.88
C GLY C 649 -25.68 -31.21 -15.48
N GLY C 650 -24.92 -32.01 -14.75
CA GLY C 650 -24.63 -31.67 -13.36
C GLY C 650 -25.14 -32.66 -12.32
N ALA C 651 -24.68 -32.45 -11.10
CA ALA C 651 -25.11 -33.25 -9.97
C ALA C 651 -25.48 -32.24 -8.89
N LEU C 652 -25.98 -32.69 -7.75
CA LEU C 652 -26.48 -31.72 -6.78
C LEU C 652 -25.71 -31.64 -5.45
N SER C 653 -24.45 -32.08 -5.48
CA SER C 653 -23.60 -32.00 -4.28
C SER C 653 -23.28 -30.54 -3.83
N PRO C 654 -23.53 -30.24 -2.57
CA PRO C 654 -23.18 -28.91 -2.05
C PRO C 654 -21.66 -28.75 -2.00
N ARG C 655 -20.92 -29.84 -2.17
CA ARG C 655 -19.46 -29.79 -2.31
C ARG C 655 -18.97 -29.71 -3.78
N GLY C 656 -19.89 -29.77 -4.73
CA GLY C 656 -19.51 -29.71 -6.14
C GLY C 656 -20.39 -28.75 -6.92
N ASP C 657 -21.30 -29.29 -7.74
CA ASP C 657 -22.05 -28.49 -8.72
C ASP C 657 -23.06 -27.50 -8.19
N TRP C 658 -23.61 -27.71 -7.02
CA TRP C 658 -24.64 -26.81 -6.60
C TRP C 658 -24.41 -26.23 -5.20
N ARG C 659 -23.94 -24.97 -5.16
CA ARG C 659 -23.70 -24.22 -3.93
C ARG C 659 -24.83 -23.21 -3.86
N ALA C 660 -25.72 -23.40 -2.89
CA ALA C 660 -26.83 -22.48 -2.68
C ALA C 660 -27.24 -22.39 -1.23
N PRO C 661 -27.95 -21.32 -0.89
CA PRO C 661 -28.48 -21.06 0.44
C PRO C 661 -29.59 -22.06 0.85
N SER C 662 -29.63 -22.45 2.13
CA SER C 662 -30.69 -23.31 2.65
C SER C 662 -31.87 -22.52 3.12
N ASP C 663 -31.83 -21.19 3.01
CA ASP C 663 -32.84 -20.35 3.65
C ASP C 663 -33.34 -19.19 2.79
N MET C 664 -33.58 -19.49 1.52
CA MET C 664 -33.92 -18.48 0.53
C MET C 664 -35.35 -18.73 0.01
N SER C 665 -36.06 -17.65 -0.31
CA SER C 665 -37.37 -17.76 -0.92
C SER C 665 -37.23 -17.86 -2.44
N ALA C 666 -38.24 -18.39 -3.10
CA ALA C 666 -38.22 -18.49 -4.56
C ALA C 666 -39.11 -17.44 -5.21
N ARG C 667 -39.46 -16.39 -4.45
CA ARG C 667 -40.39 -15.36 -4.97
C ARG C 667 -40.11 -14.89 -6.39
N ILE C 668 -38.87 -14.57 -6.71
CA ILE C 668 -38.64 -13.96 -8.04
C ILE C 668 -38.89 -14.93 -9.19
N TRP C 669 -38.59 -16.21 -9.02
CA TRP C 669 -38.88 -17.15 -10.08
C TRP C 669 -40.39 -17.33 -10.20
N LEU C 670 -41.08 -17.47 -9.07
CA LEU C 670 -42.55 -17.55 -9.13
C LEU C 670 -43.11 -16.30 -9.82
N ASP C 671 -42.50 -15.16 -9.58
CA ASP C 671 -43.05 -13.95 -10.12
C ASP C 671 -42.78 -13.90 -11.62
N GLN C 672 -41.64 -14.46 -12.02
CA GLN C 672 -41.25 -14.42 -13.43
C GLN C 672 -42.25 -15.28 -14.19
N ILE C 673 -42.66 -16.38 -13.59
CA ILE C 673 -43.67 -17.23 -14.20
C ILE C 673 -45.01 -16.52 -14.34
N ASP C 674 -45.47 -15.85 -13.28
CA ASP C 674 -46.71 -15.06 -13.35
C ASP C 674 -46.69 -14.11 -14.50
N ARG C 675 -45.55 -13.43 -14.67
CA ARG C 675 -45.42 -12.29 -15.56
C ARG C 675 -45.20 -12.71 -17.00
N GLU C 676 -44.43 -13.77 -17.21
CA GLU C 676 -43.94 -14.12 -18.58
C GLU C 676 -44.58 -15.36 -19.21
N VAL C 677 -45.11 -16.31 -18.41
CA VAL C 677 -45.70 -17.53 -18.96
C VAL C 677 -47.22 -17.46 -19.01
N PRO C 678 -47.79 -17.50 -20.21
CA PRO C 678 -49.25 -17.42 -20.32
C PRO C 678 -49.91 -18.55 -19.51
N LYS C 679 -51.15 -18.38 -19.06
CA LYS C 679 -51.86 -19.38 -18.23
C LYS C 679 -52.10 -20.71 -18.96
N GLY C 680 -52.23 -20.62 -20.28
CA GLY C 680 -52.34 -21.78 -21.13
C GLY C 680 -52.06 -21.40 -22.56
N MET D 2 -22.71 35.28 3.39
CA MET D 2 -22.42 33.90 3.80
C MET D 2 -23.39 33.27 4.83
N ASN D 3 -23.56 31.93 4.77
CA ASN D 3 -24.23 31.21 5.85
C ASN D 3 -23.21 30.55 6.80
N PHE D 4 -22.94 31.21 7.93
CA PHE D 4 -21.90 30.78 8.84
C PHE D 4 -22.16 29.47 9.58
N TYR D 5 -23.42 29.04 9.66
CA TYR D 5 -23.74 27.86 10.45
C TYR D 5 -23.85 26.61 9.62
N SER D 6 -23.51 26.74 8.34
CA SER D 6 -23.58 25.65 7.36
C SER D 6 -22.31 24.85 7.38
N ALA D 7 -22.39 23.60 7.79
CA ALA D 7 -21.22 22.71 7.73
C ALA D 7 -20.60 22.66 6.33
N TYR D 8 -21.44 22.74 5.30
CA TYR D 8 -20.95 22.59 3.94
C TYR D 8 -20.10 23.80 3.54
N GLN D 9 -20.57 24.99 3.89
CA GLN D 9 -19.81 26.18 3.63
C GLN D 9 -18.49 26.22 4.36
N HIS D 10 -18.31 25.36 5.35
CA HIS D 10 -17.02 25.28 6.04
C HIS D 10 -16.19 24.07 5.62
N GLY D 11 -16.50 23.49 4.45
CA GLY D 11 -15.65 22.44 3.88
C GLY D 11 -15.88 21.03 4.41
N PHE D 12 -16.98 20.83 5.15
CA PHE D 12 -17.42 19.50 5.56
C PHE D 12 -18.25 18.86 4.44
N VAL D 13 -18.15 17.54 4.33
CA VAL D 13 -19.03 16.78 3.48
C VAL D 13 -19.61 15.65 4.38
N ARG D 14 -20.93 15.54 4.39
CA ARG D 14 -21.62 14.58 5.24
C ARG D 14 -21.76 13.24 4.52
N VAL D 15 -21.20 12.19 5.12
CA VAL D 15 -21.18 10.87 4.51
C VAL D 15 -21.86 9.82 5.40
N ALA D 16 -22.45 8.82 4.77
CA ALA D 16 -23.16 7.74 5.50
C ALA D 16 -22.69 6.37 5.06
N ALA D 17 -22.44 5.50 6.02
CA ALA D 17 -22.25 4.08 5.69
C ALA D 17 -23.47 3.34 6.22
N CYS D 18 -24.20 2.68 5.33
CA CYS D 18 -25.46 2.02 5.68
C CYS D 18 -25.39 0.47 5.64
N THR D 19 -26.04 -0.16 6.61
CA THR D 19 -26.24 -1.60 6.52
C THR D 19 -27.74 -1.83 6.44
N HIS D 20 -28.21 -2.37 5.32
CA HIS D 20 -29.65 -2.54 5.10
C HIS D 20 -30.11 -3.90 5.55
N HIS D 21 -31.39 -4.15 5.30
CA HIS D 21 -31.94 -5.47 5.53
C HIS D 21 -31.82 -6.32 4.27
N THR D 22 -30.97 -7.34 4.33
CA THR D 22 -30.80 -8.23 3.19
C THR D 22 -31.94 -9.19 3.09
N THR D 23 -32.55 -9.26 1.93
CA THR D 23 -33.43 -10.39 1.62
C THR D 23 -32.80 -11.19 0.48
N ILE D 24 -32.16 -12.32 0.79
CA ILE D 24 -31.32 -13.00 -0.20
C ILE D 24 -32.18 -13.39 -1.40
N GLY D 25 -31.61 -13.26 -2.61
CA GLY D 25 -32.31 -13.59 -3.84
C GLY D 25 -33.53 -12.77 -4.14
N ASP D 26 -33.68 -11.60 -3.53
CA ASP D 26 -34.86 -10.77 -3.79
C ASP D 26 -34.48 -9.29 -3.99
N PRO D 27 -34.04 -8.97 -5.21
CA PRO D 27 -33.47 -7.63 -5.45
C PRO D 27 -34.46 -6.50 -5.20
N ALA D 28 -35.75 -6.70 -5.50
CA ALA D 28 -36.75 -5.66 -5.29
C ALA D 28 -36.83 -5.28 -3.82
N ALA D 29 -36.78 -6.29 -2.95
CA ALA D 29 -36.83 -6.10 -1.53
C ALA D 29 -35.58 -5.33 -1.11
N ASN D 30 -34.43 -5.74 -1.63
CA ASN D 30 -33.18 -5.09 -1.21
C ASN D 30 -33.15 -3.62 -1.64
N ALA D 31 -33.61 -3.36 -2.84
CA ALA D 31 -33.70 -2.01 -3.35
C ALA D 31 -34.68 -1.17 -2.53
N ALA D 32 -35.77 -1.79 -2.08
CA ALA D 32 -36.74 -1.09 -1.23
C ALA D 32 -36.13 -0.66 0.11
N SER D 33 -35.28 -1.52 0.67
CA SER D 33 -34.59 -1.22 1.90
C SER D 33 -33.58 -0.11 1.63
N VAL D 34 -32.86 -0.25 0.52
CA VAL D 34 -31.87 0.75 0.12
C VAL D 34 -32.54 2.09 -0.08
N LEU D 35 -33.65 2.08 -0.82
CA LEU D 35 -34.34 3.33 -1.13
C LEU D 35 -34.79 4.06 0.15
N ASP D 36 -35.19 3.28 1.12
CA ASP D 36 -35.71 3.86 2.34
C ASP D 36 -34.58 4.42 3.19
N MET D 37 -33.48 3.70 3.24
CA MET D 37 -32.29 4.20 3.89
C MET D 37 -31.73 5.45 3.17
N ALA D 38 -31.70 5.42 1.85
CA ALA D 38 -31.17 6.56 1.08
C ALA D 38 -32.00 7.84 1.33
N ARG D 39 -33.31 7.68 1.43
CA ARG D 39 -34.19 8.82 1.75
C ARG D 39 -33.89 9.42 3.12
N ALA D 40 -33.52 8.55 4.07
CA ALA D 40 -33.07 9.05 5.37
C ALA D 40 -31.80 9.92 5.21
N CYS D 41 -30.83 9.38 4.48
CA CYS D 41 -29.58 10.06 4.27
C CYS D 41 -29.83 11.39 3.61
N HIS D 42 -30.67 11.41 2.59
CA HIS D 42 -31.13 12.66 1.99
C HIS D 42 -31.65 13.64 3.06
N ASP D 43 -32.54 13.17 3.93
CA ASP D 43 -33.15 14.05 4.93
C ASP D 43 -32.09 14.61 5.88
N ASP D 44 -31.06 13.82 6.11
CA ASP D 44 -29.88 14.24 6.89
C ASP D 44 -28.90 15.14 6.16
N GLY D 45 -29.17 15.48 4.89
CA GLY D 45 -28.25 16.26 4.09
C GLY D 45 -26.94 15.54 3.72
N ALA D 46 -26.93 14.21 3.66
CA ALA D 46 -25.70 13.48 3.34
C ALA D 46 -25.40 13.60 1.88
N ALA D 47 -24.10 13.60 1.57
CA ALA D 47 -23.62 13.71 0.21
C ALA D 47 -23.32 12.32 -0.41
N LEU D 48 -23.22 11.33 0.46
CA LEU D 48 -22.72 10.03 0.07
C LEU D 48 -23.36 9.00 0.99
N ALA D 49 -23.76 7.86 0.40
CA ALA D 49 -24.36 6.75 1.16
C ALA D 49 -23.82 5.47 0.59
N VAL D 50 -22.96 4.79 1.33
CA VAL D 50 -22.34 3.53 0.93
C VAL D 50 -23.12 2.31 1.52
N PHE D 51 -23.37 1.29 0.69
CA PHE D 51 -24.09 0.10 1.13
C PHE D 51 -23.24 -1.18 1.09
N PRO D 52 -23.78 -2.29 1.59
CA PRO D 52 -22.91 -3.47 1.66
C PRO D 52 -22.66 -4.12 0.32
N GLU D 53 -21.59 -4.91 0.27
CA GLU D 53 -21.17 -5.67 -0.92
C GLU D 53 -22.37 -6.42 -1.48
N LEU D 54 -22.54 -6.36 -2.80
CA LEU D 54 -23.62 -7.12 -3.45
C LEU D 54 -25.01 -6.83 -2.89
N THR D 55 -25.23 -5.58 -2.48
CA THR D 55 -26.51 -5.15 -1.91
C THR D 55 -27.79 -5.72 -2.56
N LEU D 56 -27.82 -5.73 -3.88
CA LEU D 56 -29.07 -5.93 -4.57
C LEU D 56 -29.45 -7.43 -4.64
N SER D 57 -28.48 -8.27 -4.35
CA SER D 57 -28.73 -9.67 -4.51
C SER D 57 -28.60 -10.38 -3.19
N GLY D 58 -27.79 -9.80 -2.31
CA GLY D 58 -27.27 -10.53 -1.16
C GLY D 58 -25.92 -11.13 -1.54
N TYR D 59 -24.97 -11.01 -0.63
CA TYR D 59 -23.61 -11.42 -0.92
C TYR D 59 -23.56 -12.93 -0.89
N SER D 60 -24.39 -13.54 -0.05
CA SER D 60 -24.18 -14.91 0.36
C SER D 60 -24.95 -15.95 -0.44
N ILE D 61 -25.41 -15.60 -1.64
CA ILE D 61 -26.29 -16.53 -2.35
C ILE D 61 -25.55 -17.53 -3.24
N GLU D 62 -24.22 -17.49 -3.23
CA GLU D 62 -23.43 -18.52 -4.00
C GLU D 62 -23.88 -18.74 -5.48
N ASP D 63 -24.14 -19.97 -5.89
CA ASP D 63 -24.43 -20.20 -7.30
C ASP D 63 -25.75 -19.59 -7.73
N VAL D 64 -26.52 -19.08 -6.79
CA VAL D 64 -27.76 -18.44 -7.19
C VAL D 64 -27.41 -17.11 -7.96
N LEU D 65 -26.19 -16.61 -7.72
CA LEU D 65 -25.71 -15.42 -8.43
C LEU D 65 -25.73 -15.64 -9.97
N LEU D 66 -25.63 -16.91 -10.39
CA LEU D 66 -25.52 -17.26 -11.81
C LEU D 66 -26.87 -17.55 -12.47
N GLN D 67 -27.95 -17.40 -11.74
CA GLN D 67 -29.26 -17.66 -12.30
C GLN D 67 -29.78 -16.45 -13.06
N ASP D 68 -30.13 -16.68 -14.31
CA ASP D 68 -30.66 -15.61 -15.13
C ASP D 68 -31.73 -14.78 -14.44
N SER D 69 -32.68 -15.42 -13.77
CA SER D 69 -33.79 -14.67 -13.20
C SER D 69 -33.29 -13.76 -12.12
N LEU D 70 -32.25 -14.19 -11.41
CA LEU D 70 -31.70 -13.39 -10.33
C LEU D 70 -31.01 -12.20 -10.97
N LEU D 71 -30.11 -12.47 -11.91
CA LEU D 71 -29.43 -11.37 -12.62
C LEU D 71 -30.39 -10.41 -13.33
N ASP D 72 -31.47 -10.93 -13.89
CA ASP D 72 -32.45 -10.04 -14.52
C ASP D 72 -33.13 -9.12 -13.52
N ALA D 73 -33.56 -9.71 -12.40
CA ALA D 73 -34.23 -8.95 -11.32
C ALA D 73 -33.26 -7.88 -10.75
N VAL D 74 -31.98 -8.22 -10.61
CA VAL D 74 -30.99 -7.26 -10.15
C VAL D 74 -30.97 -6.06 -11.08
N GLU D 75 -30.88 -6.28 -12.37
CA GLU D 75 -30.90 -5.14 -13.31
C GLU D 75 -32.17 -4.29 -13.17
N ASP D 76 -33.34 -4.91 -13.18
CA ASP D 76 -34.59 -4.19 -13.02
C ASP D 76 -34.62 -3.33 -11.77
N ALA D 77 -34.05 -3.84 -10.67
CA ALA D 77 -34.11 -3.14 -9.39
C ALA D 77 -33.15 -1.96 -9.43
N LEU D 78 -31.99 -2.19 -10.05
CA LEU D 78 -30.96 -1.18 -10.15
C LEU D 78 -31.52 0.02 -10.93
N LEU D 79 -32.29 -0.24 -11.99
CA LEU D 79 -32.86 0.81 -12.83
C LEU D 79 -33.93 1.59 -12.11
N ASP D 80 -34.67 0.93 -11.23
CA ASP D 80 -35.61 1.65 -10.36
C ASP D 80 -34.91 2.56 -9.36
N LEU D 81 -33.84 2.05 -8.75
CA LEU D 81 -33.05 2.86 -7.85
C LEU D 81 -32.58 4.11 -8.60
N VAL D 82 -32.04 3.91 -9.78
CA VAL D 82 -31.43 5.03 -10.47
C VAL D 82 -32.51 6.06 -10.73
N THR D 83 -33.71 5.59 -11.09
CA THR D 83 -34.83 6.49 -11.35
C THR D 83 -35.25 7.24 -10.10
N GLU D 84 -35.34 6.53 -8.97
CA GLU D 84 -35.69 7.16 -7.66
C GLU D 84 -34.64 8.17 -7.26
N SER D 85 -33.39 7.94 -7.65
CA SER D 85 -32.27 8.78 -7.22
C SER D 85 -32.31 10.17 -7.82
N ALA D 86 -33.19 10.40 -8.77
CA ALA D 86 -33.31 11.74 -9.34
C ALA D 86 -33.67 12.76 -8.27
N ASP D 87 -34.32 12.27 -7.23
CA ASP D 87 -34.85 13.17 -6.23
C ASP D 87 -34.04 13.10 -4.94
N LEU D 88 -32.97 12.31 -4.97
CA LEU D 88 -32.15 12.13 -3.78
C LEU D 88 -30.87 12.98 -3.83
N LEU D 89 -30.49 13.60 -2.72
CA LEU D 89 -29.29 14.42 -2.70
C LEU D 89 -27.98 13.61 -2.79
N PRO D 90 -27.83 12.58 -1.94
CA PRO D 90 -26.53 11.90 -1.87
C PRO D 90 -26.21 11.06 -3.11
N VAL D 91 -24.93 10.87 -3.39
CA VAL D 91 -24.43 9.85 -4.28
C VAL D 91 -24.66 8.51 -3.58
N LEU D 92 -25.28 7.55 -4.26
CA LEU D 92 -25.50 6.23 -3.68
C LEU D 92 -24.49 5.26 -4.22
N VAL D 93 -23.91 4.47 -3.33
CA VAL D 93 -23.01 3.43 -3.79
C VAL D 93 -23.58 2.05 -3.44
N VAL D 94 -24.16 1.40 -4.43
CA VAL D 94 -24.93 0.20 -4.21
C VAL D 94 -24.30 -1.01 -4.88
N GLY D 95 -24.19 -2.11 -4.15
CA GLY D 95 -23.59 -3.34 -4.67
C GLY D 95 -24.56 -4.12 -5.56
N ALA D 96 -24.01 -4.81 -6.55
CA ALA D 96 -24.81 -5.52 -7.54
C ALA D 96 -23.94 -6.43 -8.38
N PRO D 97 -24.38 -7.68 -8.57
CA PRO D 97 -23.73 -8.61 -9.50
C PRO D 97 -24.20 -8.23 -10.93
N LEU D 98 -23.27 -7.85 -11.77
CA LEU D 98 -23.66 -7.37 -13.10
C LEU D 98 -22.91 -8.12 -14.20
N ARG D 99 -23.64 -8.38 -15.29
CA ARG D 99 -23.07 -8.98 -16.50
C ARG D 99 -22.25 -7.97 -17.25
N HIS D 100 -21.04 -8.36 -17.61
CA HIS D 100 -20.22 -7.61 -18.54
C HIS D 100 -19.34 -8.52 -19.40
N ARG D 101 -19.31 -8.28 -20.69
CA ARG D 101 -18.60 -9.20 -21.56
C ARG D 101 -18.99 -10.70 -21.39
N HIS D 102 -18.14 -11.53 -20.80
CA HIS D 102 -18.41 -12.95 -20.56
C HIS D 102 -18.94 -13.30 -19.19
N ARG D 103 -18.75 -12.42 -18.21
CA ARG D 103 -19.00 -12.84 -16.84
C ARG D 103 -19.84 -11.90 -16.00
N ILE D 104 -20.09 -12.30 -14.75
CA ILE D 104 -20.65 -11.33 -13.84
C ILE D 104 -19.50 -10.80 -13.01
N TYR D 105 -19.51 -9.48 -12.86
CA TYR D 105 -18.59 -8.84 -11.94
C TYR D 105 -19.24 -8.53 -10.60
N ASN D 106 -18.46 -8.55 -9.54
CA ASN D 106 -18.92 -8.12 -8.25
C ASN D 106 -18.73 -6.62 -8.26
N THR D 107 -19.81 -5.87 -8.48
CA THR D 107 -19.68 -4.44 -8.67
C THR D 107 -20.29 -3.53 -7.62
N ALA D 108 -19.78 -2.30 -7.63
CA ALA D 108 -20.41 -1.22 -6.91
C ALA D 108 -20.93 -0.21 -7.92
N VAL D 109 -22.21 0.10 -7.90
CA VAL D 109 -22.78 1.04 -8.86
C VAL D 109 -22.88 2.44 -8.27
N VAL D 110 -22.15 3.40 -8.85
CA VAL D 110 -22.17 4.76 -8.28
C VAL D 110 -23.29 5.58 -8.90
N ILE D 111 -24.31 5.89 -8.11
CA ILE D 111 -25.53 6.46 -8.65
C ILE D 111 -25.76 7.88 -8.17
N HIS D 112 -26.18 8.76 -9.08
CA HIS D 112 -26.41 10.16 -8.69
C HIS D 112 -27.44 10.93 -9.49
N ARG D 113 -28.44 11.45 -8.78
CA ARG D 113 -29.44 12.33 -9.38
C ARG D 113 -29.96 11.83 -10.74
N GLY D 114 -30.32 10.55 -10.78
CA GLY D 114 -30.99 10.02 -11.95
C GLY D 114 -30.11 9.32 -12.96
N ALA D 115 -28.81 9.30 -12.70
CA ALA D 115 -27.83 8.70 -13.60
C ALA D 115 -26.84 7.78 -12.90
N VAL D 116 -26.28 6.84 -13.67
CA VAL D 116 -25.16 6.03 -13.16
C VAL D 116 -23.90 6.76 -13.51
N LEU D 117 -23.05 7.07 -12.54
CA LEU D 117 -21.81 7.79 -12.82
C LEU D 117 -20.72 6.84 -13.24
N GLY D 118 -20.75 5.62 -12.68
CA GLY D 118 -19.73 4.63 -12.97
C GLY D 118 -20.09 3.30 -12.33
N VAL D 119 -19.42 2.26 -12.77
CA VAL D 119 -19.56 0.95 -12.21
C VAL D 119 -18.15 0.43 -11.96
N VAL D 120 -17.91 0.03 -10.71
CA VAL D 120 -16.61 -0.39 -10.22
C VAL D 120 -16.62 -1.86 -9.78
N PRO D 121 -15.83 -2.67 -10.46
CA PRO D 121 -15.78 -4.08 -10.13
C PRO D 121 -14.80 -4.31 -9.00
N LYS D 122 -15.06 -5.31 -8.15
CA LYS D 122 -14.14 -5.72 -7.12
C LYS D 122 -12.90 -6.21 -7.81
N SER D 123 -11.74 -5.94 -7.23
CA SER D 123 -10.49 -6.29 -7.88
C SER D 123 -10.01 -7.68 -7.51
N TYR D 124 -10.06 -7.96 -6.20
CA TYR D 124 -9.56 -9.22 -5.72
C TYR D 124 -10.65 -10.03 -5.06
N LEU D 125 -10.87 -11.20 -5.65
CA LEU D 125 -11.97 -12.13 -5.26
C LEU D 125 -11.47 -13.33 -4.42
N PRO D 126 -11.65 -13.23 -3.11
CA PRO D 126 -11.14 -14.29 -2.22
C PRO D 126 -11.76 -15.64 -2.55
N THR D 127 -10.88 -16.62 -2.70
CA THR D 127 -11.26 -17.98 -2.98
C THR D 127 -10.36 -18.81 -2.11
N TYR D 128 -10.76 -18.86 -0.85
CA TYR D 128 -10.04 -19.60 0.17
C TYR D 128 -10.90 -19.57 1.43
N ARG D 129 -10.60 -20.46 2.35
CA ARG D 129 -11.39 -20.54 3.58
C ARG D 129 -12.91 -20.49 3.31
N GLU D 130 -13.61 -19.49 3.82
CA GLU D 130 -15.09 -19.48 3.70
C GLU D 130 -15.51 -18.79 2.41
N PHE D 131 -14.54 -18.36 1.62
CA PHE D 131 -14.82 -17.55 0.40
C PHE D 131 -14.66 -18.31 -0.90
N TYR D 132 -15.65 -18.21 -1.78
CA TYR D 132 -15.64 -18.93 -3.08
C TYR D 132 -15.91 -17.98 -4.25
N GLU D 133 -15.54 -16.73 -4.12
CA GLU D 133 -16.00 -15.70 -5.09
C GLU D 133 -15.60 -15.94 -6.57
N ARG D 134 -14.41 -16.49 -6.82
CA ARG D 134 -13.95 -16.68 -8.19
C ARG D 134 -14.82 -17.71 -8.90
N ARG D 135 -15.47 -18.59 -8.15
CA ARG D 135 -16.36 -19.55 -8.77
C ARG D 135 -17.48 -18.88 -9.56
N GLN D 136 -18.08 -17.81 -9.01
CA GLN D 136 -19.23 -17.17 -9.67
C GLN D 136 -18.88 -15.89 -10.44
N MET D 137 -17.81 -15.22 -10.02
CA MET D 137 -17.58 -13.85 -10.44
C MET D 137 -16.17 -13.63 -10.96
N ALA D 138 -16.01 -12.66 -11.86
CA ALA D 138 -14.66 -12.38 -12.39
C ALA D 138 -13.95 -11.22 -11.71
N PRO D 139 -12.61 -11.29 -11.66
CA PRO D 139 -11.79 -10.21 -11.09
C PRO D 139 -11.92 -8.94 -11.95
N GLY D 140 -11.81 -7.77 -11.30
CA GLY D 140 -11.98 -6.47 -11.97
C GLY D 140 -10.65 -5.80 -12.25
N ASP D 141 -9.56 -6.31 -11.69
CA ASP D 141 -8.33 -5.57 -11.74
C ASP D 141 -7.94 -5.48 -13.18
N GLY D 142 -7.64 -4.27 -13.65
CA GLY D 142 -7.31 -4.12 -15.06
C GLY D 142 -8.47 -4.01 -16.05
N GLU D 143 -9.70 -4.16 -15.60
CA GLU D 143 -10.84 -3.84 -16.52
C GLU D 143 -11.07 -2.36 -16.63
N ARG D 144 -11.22 -1.89 -17.86
CA ARG D 144 -11.53 -0.49 -18.15
C ARG D 144 -12.69 -0.42 -19.12
N GLY D 145 -12.83 0.69 -19.82
CA GLY D 145 -13.93 0.81 -20.77
C GLY D 145 -15.28 1.23 -20.18
N THR D 146 -16.34 0.75 -20.81
CA THR D 146 -17.68 1.11 -20.35
C THR D 146 -18.53 -0.10 -20.23
N ILE D 147 -19.70 0.05 -19.62
CA ILE D 147 -20.65 -1.05 -19.43
C ILE D 147 -21.99 -0.44 -19.76
N ARG D 148 -22.90 -1.25 -20.24
CA ARG D 148 -24.15 -0.74 -20.77
C ARG D 148 -25.15 -0.99 -19.68
N ILE D 149 -25.68 0.10 -19.12
CA ILE D 149 -26.61 0.01 -18.02
C ILE D 149 -27.79 0.92 -18.32
N GLY D 150 -28.97 0.29 -18.43
CA GLY D 150 -30.20 0.99 -18.77
C GLY D 150 -30.01 1.94 -19.95
N GLY D 151 -29.58 1.39 -21.07
CA GLY D 151 -29.42 2.17 -22.28
C GLY D 151 -28.47 3.34 -22.22
N ALA D 152 -27.46 3.25 -21.37
CA ALA D 152 -26.38 4.24 -21.40
C ALA D 152 -25.06 3.54 -21.23
N ASP D 153 -24.02 4.14 -21.78
CA ASP D 153 -22.69 3.56 -21.61
C ASP D 153 -21.99 4.32 -20.51
N VAL D 154 -21.55 3.63 -19.49
CA VAL D 154 -21.03 4.36 -18.38
C VAL D 154 -19.69 3.77 -18.07
N ALA D 155 -18.85 4.58 -17.47
CA ALA D 155 -17.51 4.13 -17.17
C ALA D 155 -17.51 2.86 -16.31
N PHE D 156 -16.62 1.96 -16.64
CA PHE D 156 -16.48 0.72 -15.92
C PHE D 156 -15.01 0.54 -15.62
N GLY D 157 -14.68 0.29 -14.36
CA GLY D 157 -13.32 -0.09 -14.05
C GLY D 157 -12.84 0.28 -12.66
N THR D 158 -11.60 -0.14 -12.38
CA THR D 158 -11.03 0.02 -11.06
C THR D 158 -10.47 1.42 -10.86
N ASP D 159 -10.05 1.99 -12.00
CA ASP D 159 -9.49 3.35 -12.16
C ASP D 159 -10.44 4.60 -12.14
N LEU D 160 -11.55 4.61 -11.41
CA LEU D 160 -12.47 5.75 -11.49
C LEU D 160 -12.42 6.71 -10.31
N LEU D 161 -12.52 8.01 -10.58
CA LEU D 161 -12.71 8.97 -9.51
C LEU D 161 -13.96 9.78 -9.74
N PHE D 162 -14.74 9.97 -8.68
CA PHE D 162 -15.96 10.76 -8.78
C PHE D 162 -15.74 12.05 -8.02
N ALA D 163 -15.65 13.13 -8.77
CA ALA D 163 -15.31 14.43 -8.23
C ALA D 163 -16.48 15.40 -8.26
N ALA D 164 -16.79 15.93 -7.08
CA ALA D 164 -17.81 16.96 -6.95
C ALA D 164 -17.27 18.26 -7.48
N SER D 165 -17.90 18.74 -8.55
CA SER D 165 -17.46 19.93 -9.27
C SER D 165 -17.70 21.17 -8.39
N ASP D 166 -18.73 21.12 -7.57
CA ASP D 166 -19.00 22.26 -6.71
C ASP D 166 -18.55 22.04 -5.28
N LEU D 167 -17.52 21.22 -5.09
CA LEU D 167 -17.10 20.80 -3.76
C LEU D 167 -15.85 19.96 -3.89
N PRO D 168 -14.77 20.60 -4.31
CA PRO D 168 -13.52 20.02 -4.80
C PRO D 168 -12.75 19.21 -3.75
N GLY D 169 -13.08 19.44 -2.47
CA GLY D 169 -12.50 18.67 -1.39
C GLY D 169 -13.00 17.25 -1.37
N PHE D 170 -14.11 17.01 -2.09
CA PHE D 170 -14.79 15.70 -2.13
C PHE D 170 -14.54 14.96 -3.45
N VAL D 171 -13.60 14.03 -3.43
CA VAL D 171 -13.31 13.21 -4.60
C VAL D 171 -13.38 11.77 -4.15
N LEU D 172 -14.36 11.03 -4.69
CA LEU D 172 -14.72 9.69 -4.27
C LEU D 172 -14.00 8.65 -5.09
N HIS D 173 -13.50 7.66 -4.37
CA HIS D 173 -13.07 6.42 -4.99
C HIS D 173 -13.75 5.26 -4.26
N VAL D 174 -14.08 4.22 -4.99
CA VAL D 174 -14.78 3.08 -4.42
C VAL D 174 -13.97 1.77 -4.60
N GLU D 175 -13.88 0.99 -3.53
CA GLU D 175 -13.32 -0.39 -3.64
C GLU D 175 -14.24 -1.32 -2.90
N ILE D 176 -13.95 -2.60 -2.99
CA ILE D 176 -14.86 -3.58 -2.43
C ILE D 176 -14.14 -4.59 -1.56
N CYS D 177 -14.58 -4.64 -0.29
CA CYS D 177 -14.12 -5.61 0.68
C CYS D 177 -12.66 -5.98 0.55
N GLU D 178 -12.38 -7.19 0.08
CA GLU D 178 -10.98 -7.71 0.02
C GLU D 178 -9.97 -6.72 -0.58
N ASP D 179 -10.47 -5.83 -1.42
CA ASP D 179 -9.61 -4.84 -2.03
C ASP D 179 -8.68 -4.13 -1.04
N MET D 180 -9.16 -3.84 0.16
CA MET D 180 -8.35 -3.08 1.10
C MET D 180 -7.37 -3.92 1.95
N PHE D 181 -7.34 -5.24 1.67
CA PHE D 181 -6.61 -6.22 2.49
C PHE D 181 -5.33 -6.71 1.83
N VAL D 182 -5.14 -6.32 0.57
CA VAL D 182 -3.93 -6.76 -0.16
C VAL D 182 -2.83 -5.74 0.00
N PRO D 183 -1.58 -6.16 -0.12
CA PRO D 183 -0.46 -5.19 0.00
C PRO D 183 -0.64 -3.86 -0.75
N MET D 184 -1.22 -3.88 -1.93
CA MET D 184 -1.34 -2.69 -2.75
C MET D 184 -2.75 -2.54 -3.23
N PRO D 185 -3.59 -2.02 -2.35
CA PRO D 185 -5.02 -1.78 -2.58
C PRO D 185 -5.24 -0.70 -3.64
N PRO D 186 -6.27 -0.90 -4.46
CA PRO D 186 -6.71 0.13 -5.41
C PRO D 186 -6.86 1.47 -4.73
N SER D 187 -7.37 1.48 -3.48
CA SER D 187 -7.64 2.75 -2.83
C SER D 187 -6.36 3.61 -2.59
N ALA D 188 -5.23 2.96 -2.33
CA ALA D 188 -3.96 3.66 -2.16
C ALA D 188 -3.51 4.39 -3.43
N GLU D 189 -3.63 3.74 -4.59
CA GLU D 189 -3.39 4.47 -5.87
C GLU D 189 -4.39 5.61 -6.11
N ALA D 190 -5.65 5.33 -5.83
CA ALA D 190 -6.71 6.35 -5.92
C ALA D 190 -6.40 7.61 -5.08
N ALA D 191 -5.89 7.42 -3.86
CA ALA D 191 -5.63 8.58 -3.00
C ALA D 191 -4.52 9.42 -3.61
N LEU D 192 -3.45 8.77 -4.07
CA LEU D 192 -2.36 9.47 -4.74
C LEU D 192 -2.86 10.21 -5.98
N ALA D 193 -3.88 9.67 -6.64
CA ALA D 193 -4.45 10.34 -7.82
C ALA D 193 -5.41 11.50 -7.47
N GLY D 194 -5.76 11.63 -6.20
CA GLY D 194 -6.62 12.72 -5.80
C GLY D 194 -7.88 12.33 -5.06
N ALA D 195 -8.08 11.04 -4.80
CA ALA D 195 -9.28 10.64 -4.05
C ALA D 195 -9.08 11.01 -2.59
N THR D 196 -10.08 11.66 -1.99
CA THR D 196 -10.07 12.07 -0.57
C THR D 196 -11.06 11.25 0.31
N VAL D 197 -12.14 10.78 -0.28
CA VAL D 197 -13.07 9.89 0.41
C VAL D 197 -13.06 8.49 -0.22
N LEU D 198 -12.60 7.50 0.52
CA LEU D 198 -12.53 6.13 0.01
C LEU D 198 -13.67 5.29 0.56
N ALA D 199 -14.60 4.88 -0.30
CA ALA D 199 -15.68 3.96 0.09
C ALA D 199 -15.30 2.48 -0.01
N ASN D 200 -15.80 1.69 0.91
CA ASN D 200 -15.64 0.25 0.84
C ASN D 200 -17.00 -0.45 1.09
N LEU D 201 -17.51 -1.16 0.09
CA LEU D 201 -18.67 -2.01 0.32
C LEU D 201 -18.16 -3.38 0.71
N SER D 202 -18.62 -3.89 1.84
CA SER D 202 -18.13 -5.18 2.35
C SER D 202 -19.27 -6.17 2.56
N GLY D 203 -18.98 -7.46 2.37
CA GLY D 203 -19.89 -8.52 2.75
C GLY D 203 -19.44 -8.98 4.12
N SER D 204 -18.32 -9.68 4.11
CA SER D 204 -17.55 -9.88 5.34
C SER D 204 -18.32 -10.69 6.41
N PRO D 205 -18.46 -11.99 6.20
CA PRO D 205 -19.11 -12.69 7.31
C PRO D 205 -18.25 -12.51 8.56
N ILE D 206 -18.90 -12.45 9.72
CA ILE D 206 -18.21 -12.18 10.98
C ILE D 206 -17.63 -13.40 11.67
N THR D 207 -16.42 -13.26 12.16
CA THR D 207 -15.84 -14.27 13.03
C THR D 207 -15.11 -13.59 14.17
N ILE D 208 -14.75 -14.38 15.18
CA ILE D 208 -13.95 -13.84 16.26
C ILE D 208 -12.75 -13.12 15.71
N GLY D 209 -12.62 -11.85 16.08
CA GLY D 209 -11.43 -11.09 15.77
C GLY D 209 -11.47 -10.36 14.43
N ARG D 210 -12.46 -10.66 13.60
CA ARG D 210 -12.58 -9.99 12.32
C ARG D 210 -12.88 -8.49 12.38
N ALA D 211 -13.73 -8.07 13.30
CA ALA D 211 -14.06 -6.66 13.44
C ALA D 211 -12.79 -5.85 13.70
N GLU D 212 -11.85 -6.45 14.45
CA GLU D 212 -10.57 -5.77 14.69
C GLU D 212 -9.80 -5.66 13.37
N ASP D 213 -9.72 -6.75 12.64
CA ASP D 213 -9.07 -6.75 11.32
C ASP D 213 -9.62 -5.67 10.40
N ARG D 214 -10.95 -5.55 10.32
CA ARG D 214 -11.58 -4.48 9.55
C ARG D 214 -11.13 -3.12 10.03
N ARG D 215 -11.22 -2.88 11.32
CA ARG D 215 -10.75 -1.64 11.90
C ARG D 215 -9.31 -1.36 11.57
N LEU D 216 -8.47 -2.37 11.74
CA LEU D 216 -7.04 -2.16 11.59
C LEU D 216 -6.79 -1.63 10.21
N LEU D 217 -7.47 -2.22 9.23
CA LEU D 217 -7.16 -1.94 7.84
C LEU D 217 -7.88 -0.71 7.35
N ALA D 218 -9.09 -0.46 7.85
CA ALA D 218 -9.76 0.79 7.47
C ALA D 218 -9.08 2.01 8.12
N ARG D 219 -8.72 1.87 9.38
CA ARG D 219 -8.04 2.91 10.09
C ARG D 219 -6.68 3.18 9.46
N SER D 220 -5.86 2.15 9.28
CA SER D 220 -4.54 2.41 8.68
C SER D 220 -4.66 3.00 7.28
N ALA D 221 -5.67 2.59 6.51
CA ALA D 221 -5.82 3.13 5.15
C ALA D 221 -6.07 4.61 5.22
N SER D 222 -7.06 4.99 6.05
CA SER D 222 -7.41 6.41 6.22
C SER D 222 -6.24 7.26 6.70
N ALA D 223 -5.39 6.67 7.54
CA ALA D 223 -4.21 7.37 8.04
C ALA D 223 -3.10 7.46 6.95
N ARG D 224 -2.69 6.32 6.39
CA ARG D 224 -1.67 6.30 5.34
C ARG D 224 -2.07 7.11 4.10
N CYS D 225 -3.37 7.29 3.87
CA CYS D 225 -3.84 7.93 2.63
C CYS D 225 -4.48 9.27 2.88
N LEU D 226 -4.32 9.75 4.12
CA LEU D 226 -4.77 11.09 4.46
C LEU D 226 -6.18 11.27 3.91
N ALA D 227 -7.06 10.37 4.29
CA ALA D 227 -8.39 10.31 3.69
C ALA D 227 -9.45 9.93 4.71
N ALA D 228 -10.69 10.17 4.31
CA ALA D 228 -11.83 9.56 4.96
C ALA D 228 -11.97 8.14 4.37
N TYR D 229 -12.29 7.17 5.21
CA TYR D 229 -12.58 5.81 4.73
C TYR D 229 -13.99 5.39 5.22
N VAL D 230 -14.88 5.12 4.29
CA VAL D 230 -16.28 4.86 4.64
C VAL D 230 -16.63 3.40 4.37
N TYR D 231 -17.01 2.67 5.42
CA TYR D 231 -17.11 1.19 5.37
C TYR D 231 -18.47 0.62 5.81
N ALA D 232 -18.99 -0.31 5.03
CA ALA D 232 -20.33 -0.82 5.28
C ALA D 232 -20.37 -2.32 5.06
N ALA D 233 -20.64 -3.08 6.11
CA ALA D 233 -20.72 -4.54 5.95
C ALA D 233 -22.15 -5.11 6.01
N ALA D 234 -22.31 -6.32 5.47
CA ALA D 234 -23.64 -6.93 5.40
C ALA D 234 -24.10 -7.35 6.81
N GLY D 235 -25.41 -7.32 7.07
CA GLY D 235 -25.94 -7.79 8.35
C GLY D 235 -27.11 -8.77 8.27
N GLU D 236 -28.13 -8.53 9.08
CA GLU D 236 -29.35 -9.36 9.11
C GLU D 236 -29.86 -9.65 7.71
N GLY D 237 -30.24 -10.91 7.47
CA GLY D 237 -30.83 -11.27 6.19
C GLY D 237 -29.92 -12.12 5.34
N GLU D 238 -28.61 -11.87 5.36
CA GLU D 238 -27.67 -12.78 4.66
C GLU D 238 -27.83 -14.23 5.16
N SER D 239 -27.61 -15.20 4.29
CA SER D 239 -27.74 -16.59 4.67
C SER D 239 -26.86 -17.05 5.84
N THR D 240 -27.43 -17.85 6.75
CA THR D 240 -26.64 -18.41 7.83
C THR D 240 -26.49 -19.93 7.67
N THR D 241 -26.58 -20.37 6.40
CA THR D 241 -26.09 -21.67 5.96
C THR D 241 -24.70 -22.05 6.49
N ASP D 242 -23.71 -21.16 6.34
CA ASP D 242 -22.41 -21.43 6.96
C ASP D 242 -21.76 -20.28 7.70
N LEU D 243 -22.43 -19.14 7.76
CA LEU D 243 -21.82 -17.91 8.25
C LEU D 243 -22.80 -16.99 8.97
N ALA D 244 -22.26 -16.14 9.86
CA ALA D 244 -23.10 -15.13 10.51
C ALA D 244 -22.60 -13.77 10.07
N TRP D 245 -23.43 -12.73 10.26
CA TRP D 245 -23.15 -11.38 9.77
C TRP D 245 -23.42 -10.32 10.85
N ASP D 246 -22.57 -9.30 10.94
CA ASP D 246 -22.68 -8.37 12.08
C ASP D 246 -23.08 -6.92 11.77
N GLY D 247 -23.21 -6.57 10.50
CA GLY D 247 -23.73 -5.27 10.08
C GLY D 247 -22.89 -4.05 10.44
N GLN D 248 -21.60 -4.26 10.71
CA GLN D 248 -20.78 -3.18 11.16
C GLN D 248 -20.68 -2.09 10.12
N THR D 249 -20.88 -0.84 10.52
CA THR D 249 -20.53 0.28 9.63
C THR D 249 -19.62 1.19 10.40
N MET D 250 -18.74 1.86 9.68
CA MET D 250 -17.82 2.78 10.32
C MET D 250 -17.29 3.82 9.34
N ILE D 251 -16.84 4.95 9.86
CA ILE D 251 -16.31 6.03 9.04
C ILE D 251 -15.05 6.52 9.73
N TRP D 252 -13.94 6.51 9.01
CA TRP D 252 -12.65 6.95 9.55
C TRP D 252 -12.17 8.20 8.84
N GLU D 253 -11.32 8.95 9.52
CA GLU D 253 -10.73 10.15 8.90
C GLU D 253 -9.33 10.30 9.45
N ASN D 254 -8.38 10.09 8.56
CA ASN D 254 -6.99 10.28 8.87
C ASN D 254 -6.58 9.60 10.15
N GLY D 255 -7.03 8.37 10.34
CA GLY D 255 -6.70 7.59 11.53
C GLY D 255 -7.72 7.66 12.67
N ALA D 256 -8.63 8.61 12.61
CA ALA D 256 -9.56 8.85 13.71
C ALA D 256 -10.92 8.25 13.42
N LEU D 257 -11.59 7.73 14.43
CA LEU D 257 -12.92 7.20 14.18
C LEU D 257 -13.96 8.29 14.23
N LEU D 258 -14.63 8.60 13.12
CA LEU D 258 -15.68 9.61 13.19
C LEU D 258 -16.99 9.04 13.78
N ALA D 259 -17.25 7.74 13.55
CA ALA D 259 -18.58 7.14 13.74
C ALA D 259 -18.57 5.64 13.45
N GLU D 260 -19.39 4.91 14.18
CA GLU D 260 -19.54 3.47 13.89
C GLU D 260 -20.89 3.05 14.44
N SER D 261 -21.34 1.88 14.09
CA SER D 261 -22.70 1.55 14.46
C SER D 261 -22.67 0.29 15.21
N GLU D 262 -23.83 -0.03 15.76
CA GLU D 262 -24.03 -1.19 16.66
C GLU D 262 -23.76 -2.47 15.88
N ARG D 263 -22.85 -3.30 16.38
CA ARG D 263 -22.69 -4.63 15.80
C ARG D 263 -23.89 -5.56 16.12
N PHE D 264 -24.25 -6.40 15.17
CA PHE D 264 -25.36 -7.38 15.33
C PHE D 264 -26.63 -6.65 15.69
N PRO D 265 -26.93 -5.59 14.96
CA PRO D 265 -28.12 -4.84 15.34
C PRO D 265 -29.39 -5.61 15.00
N LYS D 266 -30.49 -5.31 15.68
CA LYS D 266 -31.79 -5.70 15.19
C LYS D 266 -32.28 -4.52 14.38
N GLY D 267 -32.42 -4.72 13.09
CA GLY D 267 -32.84 -3.63 12.23
C GLY D 267 -31.66 -3.02 11.45
N VAL D 268 -31.98 -2.01 10.64
CA VAL D 268 -30.94 -1.37 9.86
C VAL D 268 -30.23 -0.32 10.69
N ARG D 269 -28.99 -0.02 10.34
CA ARG D 269 -28.19 0.97 11.06
C ARG D 269 -27.42 1.78 10.04
N ARG D 270 -27.10 3.03 10.39
CA ARG D 270 -26.28 3.95 9.61
C ARG D 270 -25.19 4.56 10.47
N SER D 271 -24.01 4.74 9.91
CA SER D 271 -23.06 5.66 10.50
C SER D 271 -23.14 6.91 9.63
N VAL D 272 -23.39 8.06 10.23
CA VAL D 272 -23.38 9.34 9.53
C VAL D 272 -22.44 10.31 10.25
N ALA D 273 -21.49 10.89 9.51
CA ALA D 273 -20.53 11.85 10.11
C ALA D 273 -20.17 12.95 9.14
N ASP D 274 -19.79 14.10 9.67
CA ASP D 274 -19.31 15.16 8.78
C ASP D 274 -17.81 15.01 8.68
N VAL D 275 -17.34 14.67 7.48
CA VAL D 275 -15.91 14.62 7.16
C VAL D 275 -15.36 16.02 6.85
N ASP D 276 -14.22 16.35 7.43
CA ASP D 276 -13.59 17.65 7.20
C ASP D 276 -12.64 17.57 5.99
N THR D 277 -13.12 17.96 4.81
CA THR D 277 -12.29 17.90 3.65
C THR D 277 -11.12 18.87 3.73
N GLU D 278 -11.28 19.95 4.52
CA GLU D 278 -10.18 20.93 4.72
C GLU D 278 -9.06 20.32 5.53
N LEU D 279 -9.46 19.46 6.49
CA LEU D 279 -8.46 18.75 7.28
C LEU D 279 -7.58 17.90 6.37
N LEU D 280 -8.20 17.09 5.53
CA LEU D 280 -7.46 16.28 4.56
C LEU D 280 -6.64 17.19 3.63
N ARG D 281 -7.27 18.24 3.09
CA ARG D 281 -6.55 19.19 2.25
C ARG D 281 -5.28 19.62 2.97
N SER D 282 -5.40 19.97 4.25
CA SER D 282 -4.27 20.57 4.97
C SER D 282 -3.18 19.56 5.21
N GLU D 283 -3.59 18.36 5.53
CA GLU D 283 -2.58 17.34 5.86
C GLU D 283 -1.73 17.08 4.64
N ARG D 284 -2.41 16.93 3.51
CA ARG D 284 -1.77 16.68 2.22
C ARG D 284 -0.91 17.84 1.73
N LEU D 285 -1.34 19.07 1.96
CA LEU D 285 -0.57 20.27 1.57
C LEU D 285 0.82 20.29 2.24
N ARG D 286 0.86 19.67 3.43
CA ARG D 286 2.01 19.70 4.33
C ARG D 286 2.96 18.50 4.22
N MET D 287 2.39 17.34 3.95
CA MET D 287 3.20 16.13 3.84
C MET D 287 3.69 15.89 2.40
N GLY D 288 4.76 16.59 2.02
CA GLY D 288 5.23 16.50 0.66
C GLY D 288 5.57 15.10 0.19
N THR D 289 6.02 14.25 1.12
CA THR D 289 6.37 12.88 0.74
C THR D 289 5.17 12.13 0.17
N PHE D 290 3.97 12.66 0.39
CA PHE D 290 2.74 12.07 -0.15
C PHE D 290 2.68 12.33 -1.66
N ASP D 291 2.92 13.59 -2.07
CA ASP D 291 3.02 13.93 -3.49
C ASP D 291 4.22 13.27 -4.13
N ASP D 292 5.30 13.12 -3.36
CA ASP D 292 6.48 12.40 -3.84
C ASP D 292 6.17 10.99 -4.21
N ASN D 293 5.35 10.33 -3.41
CA ASN D 293 4.91 8.95 -3.67
C ASN D 293 4.10 8.91 -5.00
N ARG D 294 3.15 9.85 -5.15
CA ARG D 294 2.41 9.99 -6.39
C ARG D 294 3.36 10.12 -7.57
N ARG D 295 4.28 11.07 -7.52
CA ARG D 295 5.21 11.22 -8.67
C ARG D 295 6.02 9.96 -8.99
N HIS D 296 6.37 9.21 -7.96
CA HIS D 296 7.09 7.99 -8.21
C HIS D 296 6.19 6.95 -8.96
N HIS D 297 4.89 6.94 -8.65
CA HIS D 297 3.88 6.11 -9.37
C HIS D 297 3.05 6.97 -10.37
N ARG D 298 3.73 7.87 -11.07
CA ARG D 298 3.08 8.79 -12.01
C ARG D 298 2.20 8.04 -13.00
N GLU D 299 2.75 6.99 -13.60
CA GLU D 299 1.99 6.24 -14.62
C GLU D 299 0.70 5.69 -14.00
N LEU D 300 0.82 4.88 -12.95
CA LEU D 300 -0.36 4.48 -12.18
C LEU D 300 -1.39 5.60 -11.92
N THR D 301 -0.94 6.77 -11.49
CA THR D 301 -1.84 7.78 -10.91
C THR D 301 -2.44 8.79 -11.91
N GLU D 302 -1.84 8.90 -13.09
CA GLU D 302 -2.37 9.86 -14.09
C GLU D 302 -3.39 9.22 -14.99
N SER D 303 -3.49 7.91 -14.85
CA SER D 303 -4.36 7.15 -15.71
C SER D 303 -5.81 7.05 -15.16
N PHE D 304 -6.08 7.67 -14.01
CA PHE D 304 -7.43 7.62 -13.49
C PHE D 304 -8.34 8.49 -14.35
N ARG D 305 -9.59 8.08 -14.45
CA ARG D 305 -10.60 8.81 -15.17
C ARG D 305 -11.41 9.54 -14.15
N ARG D 306 -11.65 10.80 -14.42
CA ARG D 306 -12.32 11.63 -13.45
C ARG D 306 -13.73 11.94 -13.93
N ILE D 307 -14.74 11.42 -13.23
CA ILE D 307 -16.13 11.69 -13.56
C ILE D 307 -16.67 12.82 -12.70
N ASP D 308 -17.26 13.79 -13.34
CA ASP D 308 -17.70 14.96 -12.62
C ASP D 308 -19.16 14.89 -12.34
N PHE D 309 -19.55 15.44 -11.19
CA PHE D 309 -20.96 15.59 -10.84
C PHE D 309 -21.11 16.81 -9.97
N ALA D 310 -22.30 17.41 -10.00
CA ALA D 310 -22.60 18.55 -9.12
C ALA D 310 -23.43 18.09 -7.97
N LEU D 311 -22.90 18.25 -6.77
CA LEU D 311 -23.61 17.79 -5.58
C LEU D 311 -24.75 18.71 -5.18
N ASP D 312 -24.46 20.01 -5.26
CA ASP D 312 -25.36 21.07 -4.81
C ASP D 312 -25.94 20.77 -3.42
N PRO D 313 -25.06 20.71 -2.41
CA PRO D 313 -25.50 20.36 -1.06
C PRO D 313 -26.35 21.46 -0.48
N PRO D 314 -27.01 21.17 0.65
CA PRO D 314 -27.85 22.14 1.36
C PRO D 314 -27.02 23.27 1.94
N ALA D 315 -27.54 24.48 1.82
CA ALA D 315 -26.81 25.69 2.18
C ALA D 315 -27.02 26.09 3.64
N GLY D 316 -28.04 25.53 4.29
CA GLY D 316 -28.46 26.00 5.60
C GLY D 316 -27.79 25.34 6.80
N ASP D 317 -28.28 25.68 7.98
CA ASP D 317 -27.83 25.05 9.21
C ASP D 317 -28.36 23.63 9.30
N ILE D 318 -27.47 22.65 9.20
CA ILE D 318 -27.85 21.25 9.37
C ILE D 318 -26.99 20.67 10.47
N GLY D 319 -26.62 21.50 11.43
CA GLY D 319 -25.81 21.02 12.54
C GLY D 319 -24.43 20.58 12.11
N LEU D 320 -23.75 19.86 12.98
CA LEU D 320 -22.42 19.37 12.66
C LEU D 320 -22.29 18.00 13.28
N LEU D 321 -22.35 16.95 12.48
CA LEU D 321 -22.23 15.61 13.02
C LEU D 321 -20.79 15.21 13.23
N ARG D 322 -20.17 15.80 14.23
CA ARG D 322 -18.75 15.64 14.42
C ARG D 322 -18.50 16.03 15.86
N GLU D 323 -17.64 15.26 16.53
CA GLU D 323 -17.18 15.58 17.91
C GLU D 323 -16.00 16.54 17.85
N VAL D 324 -16.23 17.82 18.10
CA VAL D 324 -15.13 18.77 18.20
C VAL D 324 -14.70 18.92 19.67
N GLU D 325 -13.57 18.33 20.05
CA GLU D 325 -13.13 18.47 21.47
C GLU D 325 -12.74 19.93 21.82
N ARG D 326 -13.08 20.37 23.04
CA ARG D 326 -12.77 21.71 23.56
C ARG D 326 -11.28 22.00 23.65
N PHE D 327 -10.49 20.99 23.98
CA PHE D 327 -9.06 21.17 24.21
C PHE D 327 -8.27 20.29 23.29
N PRO D 328 -7.97 20.82 22.10
CA PRO D 328 -7.24 20.05 21.10
C PRO D 328 -5.96 19.41 21.67
N PHE D 329 -5.42 20.06 22.71
CA PHE D 329 -4.16 19.64 23.34
C PHE D 329 -4.41 18.76 24.57
N VAL D 330 -5.65 18.75 25.05
CA VAL D 330 -6.03 17.97 26.22
C VAL D 330 -7.24 17.08 25.96
N PRO D 331 -6.96 15.82 25.62
CA PRO D 331 -7.94 14.75 25.38
C PRO D 331 -8.89 14.59 26.57
N ALA D 332 -10.19 14.54 26.28
CA ALA D 332 -11.22 14.31 27.31
C ALA D 332 -11.24 12.87 27.86
N ASP D 333 -10.89 11.89 27.03
CA ASP D 333 -10.80 10.52 27.52
C ASP D 333 -9.64 10.38 28.50
N PRO D 334 -9.96 9.96 29.71
CA PRO D 334 -8.96 9.86 30.77
C PRO D 334 -7.81 8.92 30.41
N GLN D 335 -8.08 7.85 29.68
CA GLN D 335 -6.99 6.93 29.39
C GLN D 335 -6.03 7.59 28.41
N ARG D 336 -6.61 8.18 27.39
CA ARG D 336 -5.85 8.90 26.39
C ARG D 336 -5.10 10.07 27.07
N LEU D 337 -5.73 10.74 28.04
CA LEU D 337 -5.11 11.91 28.66
C LEU D 337 -3.91 11.48 29.49
N GLN D 338 -4.07 10.44 30.27
CA GLN D 338 -2.98 9.83 31.04
C GLN D 338 -1.79 9.51 30.12
N GLN D 339 -2.07 8.89 28.98
CA GLN D 339 -1.02 8.56 28.03
C GLN D 339 -0.25 9.81 27.54
N ASP D 340 -0.99 10.84 27.14
CA ASP D 340 -0.37 12.05 26.62
C ASP D 340 0.53 12.69 27.70
N CYS D 341 0.03 12.72 28.93
CA CYS D 341 0.79 13.31 30.05
C CYS D 341 2.08 12.55 30.27
N TYR D 342 1.98 11.22 30.30
CA TYR D 342 3.13 10.36 30.44
C TYR D 342 4.14 10.70 29.36
N GLU D 343 3.66 10.89 28.12
CA GLU D 343 4.56 11.24 27.01
C GLU D 343 5.15 12.67 27.10
N ALA D 344 4.30 13.67 27.30
CA ALA D 344 4.77 15.06 27.50
C ALA D 344 5.87 15.10 28.56
N TYR D 345 5.59 14.54 29.72
CA TYR D 345 6.55 14.56 30.80
C TYR D 345 7.88 13.95 30.40
N ASN D 346 7.84 12.78 29.78
CA ASN D 346 9.09 12.09 29.45
C ASN D 346 9.88 12.77 28.39
N ILE D 347 9.17 13.51 27.53
CA ILE D 347 9.78 14.28 26.44
C ILE D 347 10.55 15.43 27.05
N GLN D 348 9.87 16.17 27.92
CA GLN D 348 10.47 17.26 28.67
C GLN D 348 11.72 16.81 29.40
N VAL D 349 11.57 15.74 30.18
CA VAL D 349 12.70 15.25 30.96
C VAL D 349 13.87 14.82 30.07
N SER D 350 13.59 14.03 29.04
CA SER D 350 14.68 13.47 28.29
C SER D 350 15.37 14.57 27.46
N GLY D 351 14.60 15.58 27.08
CA GLY D 351 15.17 16.71 26.37
C GLY D 351 16.21 17.37 27.25
N LEU D 352 15.83 17.60 28.50
CA LEU D 352 16.73 18.24 29.45
C LEU D 352 17.90 17.36 29.84
N GLU D 353 17.66 16.06 30.02
CA GLU D 353 18.78 15.12 30.37
C GLU D 353 19.93 15.18 29.34
N GLN D 354 19.56 15.37 28.08
CA GLN D 354 20.56 15.35 27.02
C GLN D 354 21.33 16.64 27.04
N ARG D 355 20.64 17.76 27.24
CA ARG D 355 21.37 19.03 27.35
C ARG D 355 22.38 18.97 28.52
N LEU D 356 21.93 18.44 29.67
CA LEU D 356 22.80 18.32 30.83
C LEU D 356 23.96 17.37 30.57
N ARG D 357 23.71 16.23 29.95
CA ARG D 357 24.82 15.30 29.67
C ARG D 357 25.83 15.98 28.80
N ALA D 358 25.34 16.71 27.79
CA ALA D 358 26.21 17.36 26.82
C ALA D 358 27.07 18.40 27.54
N LEU D 359 26.53 19.06 28.56
CA LEU D 359 27.26 20.11 29.23
C LEU D 359 28.02 19.56 30.43
N ASP D 360 28.20 18.25 30.49
CA ASP D 360 28.86 17.64 31.64
C ASP D 360 28.22 18.04 33.04
N TYR D 361 26.91 18.20 33.06
CA TYR D 361 26.11 18.31 34.29
C TYR D 361 26.30 19.62 35.01
N PRO D 362 25.88 20.71 34.37
CA PRO D 362 25.89 22.02 35.01
C PRO D 362 24.86 22.02 36.11
N LYS D 363 24.95 22.99 37.02
CA LYS D 363 23.88 23.24 37.96
C LYS D 363 22.72 23.81 37.16
N VAL D 364 21.52 23.64 37.65
CA VAL D 364 20.35 24.07 36.93
C VAL D 364 19.83 25.29 37.69
N VAL D 365 19.76 26.41 36.98
CA VAL D 365 19.30 27.62 37.63
C VAL D 365 17.88 27.92 37.18
N ILE D 366 16.97 28.12 38.12
CA ILE D 366 15.58 28.34 37.76
C ILE D 366 14.89 29.36 38.70
N GLY D 367 14.22 30.33 38.12
CA GLY D 367 13.38 31.23 38.88
C GLY D 367 12.05 30.60 39.22
N VAL D 368 11.78 30.42 40.52
CA VAL D 368 10.52 29.77 40.95
C VAL D 368 9.62 30.78 41.59
N SER D 369 8.43 30.95 41.04
CA SER D 369 7.55 32.00 41.50
C SER D 369 6.27 31.44 42.13
N GLY D 370 6.12 30.12 42.12
CA GLY D 370 4.93 29.48 42.67
C GLY D 370 3.79 29.32 41.68
N GLY D 371 4.04 29.75 40.46
CA GLY D 371 3.06 29.64 39.39
C GLY D 371 3.16 28.31 38.70
N LEU D 372 2.18 28.02 37.84
CA LEU D 372 2.09 26.69 37.24
C LEU D 372 3.37 26.33 36.46
N ASP D 373 3.76 27.21 35.54
CA ASP D 373 4.89 26.90 34.66
C ASP D 373 6.22 26.57 35.37
N SER D 374 6.60 27.37 36.36
CA SER D 374 7.90 27.16 37.01
C SER D 374 7.82 25.99 37.97
N THR D 375 6.67 25.85 38.63
CA THR D 375 6.44 24.67 39.43
C THR D 375 6.70 23.43 38.55
N HIS D 376 6.01 23.36 37.43
CA HIS D 376 6.19 22.18 36.61
C HIS D 376 7.65 21.98 36.16
N ALA D 377 8.32 23.07 35.74
CA ALA D 377 9.70 23.00 35.27
C ALA D 377 10.62 22.50 36.38
N LEU D 378 10.45 23.02 37.59
CA LEU D 378 11.19 22.52 38.76
C LEU D 378 11.08 21.00 38.94
N ILE D 379 9.87 20.47 38.80
CA ILE D 379 9.62 19.04 38.86
C ILE D 379 10.36 18.30 37.74
N VAL D 380 10.21 18.79 36.51
CA VAL D 380 10.92 18.25 35.38
C VAL D 380 12.43 18.23 35.62
N ALA D 381 12.97 19.36 36.04
CA ALA D 381 14.39 19.46 36.38
C ALA D 381 14.87 18.41 37.37
N THR D 382 14.06 18.20 38.40
CA THR D 382 14.39 17.30 39.48
C THR D 382 14.44 15.88 38.94
N HIS D 383 13.41 15.53 38.18
CA HIS D 383 13.36 14.17 37.70
C HIS D 383 14.55 13.90 36.80
N ALA D 384 14.92 14.90 35.99
CA ALA D 384 16.03 14.77 35.05
C ALA D 384 17.32 14.52 35.81
N MET D 385 17.51 15.32 36.86
CA MET D 385 18.66 15.14 37.74
C MET D 385 18.65 13.79 38.45
N ASP D 386 17.47 13.35 38.90
CA ASP D 386 17.40 12.02 39.51
C ASP D 386 17.85 10.94 38.51
N ARG D 387 17.25 10.95 37.32
CA ARG D 387 17.52 9.92 36.34
C ARG D 387 18.99 9.89 35.96
N GLU D 388 19.66 11.04 36.08
CA GLU D 388 21.09 11.11 35.68
C GLU D 388 22.01 10.96 36.91
N GLY D 389 21.43 10.53 38.02
CA GLY D 389 22.20 10.36 39.26
C GLY D 389 22.92 11.63 39.72
N ARG D 390 22.23 12.75 39.58
CA ARG D 390 22.74 14.04 40.01
C ARG D 390 22.06 14.50 41.31
N PRO D 391 22.85 15.05 42.22
CA PRO D 391 22.27 15.54 43.47
C PRO D 391 21.26 16.66 43.23
N ARG D 392 20.11 16.59 43.89
CA ARG D 392 19.12 17.64 43.75
C ARG D 392 19.63 19.02 44.21
N SER D 393 20.69 19.01 45.01
CA SER D 393 21.25 20.26 45.50
C SER D 393 22.00 20.99 44.39
N ASP D 394 22.12 20.36 43.22
CA ASP D 394 22.73 21.03 42.06
C ASP D 394 21.69 21.86 41.29
N ILE D 395 20.43 21.72 41.70
CA ILE D 395 19.33 22.55 41.22
C ILE D 395 19.34 23.76 42.11
N LEU D 396 19.42 24.94 41.50
CA LEU D 396 19.43 26.19 42.29
C LEU D 396 18.16 26.97 42.03
N ALA D 397 17.20 26.86 42.92
CA ALA D 397 15.93 27.53 42.75
C ALA D 397 16.03 28.90 43.38
N PHE D 398 15.48 29.91 42.70
CA PHE D 398 15.49 31.27 43.23
C PHE D 398 14.14 31.92 43.25
N ALA D 399 13.79 32.48 44.39
CA ALA D 399 12.67 33.40 44.47
C ALA D 399 13.25 34.82 44.32
N LEU D 400 12.63 35.62 43.46
CA LEU D 400 13.16 36.90 43.05
C LEU D 400 12.10 37.97 43.23
N PRO D 401 11.66 38.18 44.49
CA PRO D 401 10.62 39.18 44.77
C PRO D 401 10.98 40.58 44.23
N GLY D 402 10.01 41.25 43.63
CA GLY D 402 10.21 42.60 43.17
C GLY D 402 9.43 43.55 44.06
N PHE D 403 8.38 44.15 43.49
CA PHE D 403 7.45 44.95 44.27
C PHE D 403 6.12 44.19 44.26
N LYS D 410 3.71 31.47 45.71
CA LYS D 410 4.81 32.29 46.26
C LYS D 410 5.50 31.68 47.49
N ASN D 411 4.70 31.39 48.50
CA ASN D 411 5.09 30.49 49.57
C ASN D 411 5.12 29.07 49.04
N ASN D 412 4.25 28.81 48.06
CA ASN D 412 4.28 27.55 47.37
C ASN D 412 5.69 27.25 46.84
N ALA D 413 6.39 28.30 46.41
CA ALA D 413 7.69 28.10 45.79
C ALA D 413 8.75 27.59 46.78
N ILE D 414 8.89 28.28 47.90
CA ILE D 414 9.81 27.81 48.92
C ILE D 414 9.40 26.44 49.51
N LYS D 415 8.09 26.23 49.71
CA LYS D 415 7.57 24.94 50.22
C LYS D 415 7.90 23.79 49.26
N LEU D 416 7.71 24.02 47.96
CA LEU D 416 8.05 23.03 46.95
C LEU D 416 9.53 22.70 46.97
N ALA D 417 10.33 23.75 46.93
CA ALA D 417 11.79 23.60 46.91
C ALA D 417 12.35 22.85 48.15
N ARG D 418 11.86 23.20 49.34
CA ARG D 418 12.27 22.52 50.56
C ARG D 418 11.83 21.05 50.56
N ALA D 419 10.62 20.80 50.05
CA ALA D 419 10.10 19.44 49.96
C ALA D 419 10.85 18.54 48.98
N LEU D 420 11.25 19.10 47.82
CA LEU D 420 12.01 18.36 46.82
C LEU D 420 13.44 18.22 47.29
N GLY D 421 13.87 19.18 48.11
CA GLY D 421 15.23 19.17 48.62
C GLY D 421 16.29 19.68 47.67
N VAL D 422 15.91 20.64 46.80
CA VAL D 422 16.83 21.35 45.92
C VAL D 422 17.39 22.52 46.71
N THR D 423 18.36 23.24 46.17
CA THR D 423 18.95 24.38 46.85
C THR D 423 18.11 25.65 46.66
N PHE D 424 17.62 26.23 47.75
CA PHE D 424 16.72 27.36 47.63
C PHE D 424 17.31 28.64 48.16
N SER D 425 16.89 29.73 47.57
CA SER D 425 17.50 31.01 47.86
C SER D 425 16.60 32.18 47.42
N GLU D 426 16.64 33.25 48.18
CA GLU D 426 15.86 34.44 47.76
C GLU D 426 16.81 35.58 47.40
N ILE D 427 16.44 36.36 46.40
CA ILE D 427 17.21 37.53 46.03
C ILE D 427 16.23 38.64 45.68
N ASP D 428 16.20 39.68 46.50
CA ASP D 428 15.28 40.77 46.26
C ASP D 428 15.86 41.64 45.16
N ILE D 429 15.15 41.76 44.06
CA ILE D 429 15.64 42.56 42.93
C ILE D 429 15.16 44.02 42.97
N GLY D 430 14.41 44.39 44.01
CA GLY D 430 13.73 45.66 44.02
C GLY D 430 14.70 46.82 44.01
N ASP D 431 15.77 46.71 44.78
CA ASP D 431 16.75 47.78 44.84
C ASP D 431 17.42 47.97 43.49
N THR D 432 17.77 46.86 42.85
CA THR D 432 18.45 46.95 41.57
C THR D 432 17.50 47.61 40.58
N ALA D 433 16.22 47.22 40.66
CA ALA D 433 15.17 47.81 39.84
C ALA D 433 14.99 49.31 40.11
N ARG D 434 14.95 49.72 41.39
CA ARG D 434 14.83 51.13 41.74
C ARG D 434 15.98 51.87 41.11
N LEU D 435 17.18 51.30 41.26
CA LEU D 435 18.39 51.93 40.71
C LEU D 435 18.26 52.09 39.19
N MET D 436 17.83 51.02 38.54
CA MET D 436 17.75 51.02 37.09
C MET D 436 16.66 51.98 36.59
N LEU D 437 15.48 51.96 37.23
CA LEU D 437 14.41 52.88 36.86
C LEU D 437 14.86 54.33 37.05
N HIS D 438 15.62 54.59 38.11
CA HIS D 438 16.06 55.96 38.34
C HIS D 438 17.10 56.36 37.29
N THR D 439 18.02 55.46 37.00
CA THR D 439 19.10 55.73 36.06
C THR D 439 18.59 56.02 34.62
N ILE D 440 17.53 55.37 34.16
CA ILE D 440 16.97 55.68 32.84
C ILE D 440 15.91 56.78 32.94
N GLY D 441 15.79 57.38 34.12
CA GLY D 441 14.82 58.43 34.35
C GLY D 441 13.33 58.12 34.24
N HIS D 442 12.87 57.00 34.80
CA HIS D 442 11.44 56.64 34.77
C HIS D 442 10.61 57.21 35.93
N VAL D 453 4.66 49.40 31.17
CA VAL D 453 5.38 48.28 30.53
C VAL D 453 6.90 48.29 30.83
N THR D 454 7.45 49.49 30.92
CA THR D 454 8.84 49.67 31.27
C THR D 454 9.05 49.26 32.72
N PHE D 455 8.16 49.73 33.57
CA PHE D 455 8.18 49.27 34.97
C PHE D 455 7.99 47.70 35.16
N GLU D 456 7.03 47.11 34.45
CA GLU D 456 6.94 45.62 34.57
C GLU D 456 8.19 45.00 33.98
N ASN D 457 8.72 45.61 32.91
CA ASN D 457 9.80 44.99 32.15
C ASN D 457 11.14 45.08 32.82
N VAL D 458 11.39 46.18 33.52
CA VAL D 458 12.60 46.31 34.32
C VAL D 458 12.74 45.16 35.34
N GLN D 459 11.65 44.82 36.01
CA GLN D 459 11.69 43.68 36.93
C GLN D 459 11.85 42.36 36.21
N ALA D 460 11.10 42.19 35.12
CA ALA D 460 11.09 40.89 34.42
C ALA D 460 12.47 40.63 33.86
N GLY D 461 13.04 41.67 33.26
CA GLY D 461 14.40 41.62 32.77
C GLY D 461 15.45 41.37 33.82
N LEU D 462 15.39 42.10 34.94
CA LEU D 462 16.39 41.92 35.98
C LEU D 462 16.33 40.50 36.58
N ARG D 463 15.13 39.90 36.65
CA ARG D 463 15.07 38.50 37.03
C ARG D 463 15.98 37.65 36.15
N THR D 464 15.80 37.80 34.83
CA THR D 464 16.55 36.96 33.90
C THR D 464 18.05 37.32 33.99
N ASP D 465 18.33 38.62 34.08
CA ASP D 465 19.68 39.10 34.15
C ASP D 465 20.37 38.41 35.34
N TYR D 466 19.74 38.50 36.51
CA TYR D 466 20.32 37.89 37.70
C TYR D 466 20.53 36.40 37.51
N LEU D 467 19.50 35.72 36.99
CA LEU D 467 19.61 34.26 36.81
C LEU D 467 20.80 33.90 35.90
N PHE D 468 20.93 34.63 34.79
CA PHE D 468 22.02 34.38 33.87
C PHE D 468 23.36 34.58 34.54
N ARG D 469 23.47 35.66 35.32
CA ARG D 469 24.72 35.96 35.96
C ARG D 469 25.05 34.95 37.02
N ILE D 470 24.05 34.53 37.78
CA ILE D 470 24.22 33.44 38.75
C ILE D 470 24.68 32.18 37.99
N ALA D 471 24.09 31.95 36.81
CA ALA D 471 24.47 30.78 36.04
C ALA D 471 25.96 30.83 35.64
N ASN D 472 26.45 31.98 35.18
CA ASN D 472 27.89 32.15 34.95
C ASN D 472 28.70 31.90 36.22
N GLN D 473 28.21 32.48 37.31
CA GLN D 473 28.93 32.49 38.56
C GLN D 473 29.09 31.10 39.13
N ARG D 474 27.97 30.36 39.13
CA ARG D 474 27.85 29.12 39.87
C ARG D 474 27.99 27.86 38.99
N GLY D 475 28.26 28.05 37.72
CA GLY D 475 28.49 26.94 36.82
C GLY D 475 27.21 26.22 36.39
N GLY D 476 26.16 27.02 36.12
CA GLY D 476 24.88 26.48 35.71
C GLY D 476 24.37 26.91 34.35
N ILE D 477 23.19 26.41 34.01
CA ILE D 477 22.40 26.95 32.92
C ILE D 477 21.05 27.43 33.45
N VAL D 478 20.52 28.48 32.86
CA VAL D 478 19.18 28.93 33.24
C VAL D 478 18.09 28.18 32.50
N LEU D 479 17.18 27.58 33.27
CA LEU D 479 16.02 26.86 32.72
C LEU D 479 14.86 27.79 32.39
N GLY D 480 14.42 27.80 31.14
CA GLY D 480 13.28 28.62 30.78
C GLY D 480 12.05 27.94 31.30
N THR D 481 10.96 28.70 31.39
CA THR D 481 9.71 28.14 31.90
C THR D 481 8.49 28.58 31.09
N GLY D 482 8.68 29.47 30.11
CA GLY D 482 7.58 29.92 29.27
C GLY D 482 6.96 28.75 28.51
N ASP D 483 5.64 28.72 28.49
CA ASP D 483 4.94 27.64 27.81
C ASP D 483 4.60 28.04 26.37
N LEU D 484 4.10 27.09 25.60
CA LEU D 484 3.77 27.28 24.18
C LEU D 484 2.74 28.37 23.93
N SER D 485 1.76 28.49 24.81
CA SER D 485 0.66 29.44 24.62
C SER D 485 1.19 30.85 24.77
N GLU D 486 2.21 30.98 25.58
CA GLU D 486 2.87 32.31 25.77
C GLU D 486 3.77 32.62 24.58
N LEU D 487 4.44 31.59 24.05
CA LEU D 487 5.13 31.73 22.78
C LEU D 487 4.17 32.13 21.68
N ALA D 488 3.02 31.51 21.66
CA ALA D 488 2.08 31.77 20.59
C ALA D 488 1.65 33.23 20.58
N LEU D 489 1.48 33.81 21.75
CA LEU D 489 0.84 35.12 21.83
C LEU D 489 1.84 36.23 22.13
N GLY D 490 3.11 35.86 22.30
CA GLY D 490 4.13 36.83 22.57
C GLY D 490 3.94 37.43 23.96
N TRP D 491 3.49 36.60 24.88
CA TRP D 491 3.22 37.01 26.25
C TRP D 491 4.45 36.61 27.07
N SER D 492 5.47 37.45 26.97
CA SER D 492 6.75 37.25 27.63
C SER D 492 7.55 38.54 27.40
N THR D 493 8.60 38.73 28.17
CA THR D 493 9.46 39.88 27.93
C THR D 493 10.66 39.43 27.09
N TYR D 494 10.81 40.02 25.91
CA TYR D 494 11.73 39.49 24.91
C TYR D 494 13.18 39.86 25.18
N GLY D 495 14.09 38.89 25.00
CA GLY D 495 15.52 39.14 25.07
C GLY D 495 16.15 39.17 26.44
N VAL D 496 16.10 40.33 27.09
CA VAL D 496 16.37 40.42 28.53
C VAL D 496 15.00 40.32 29.19
N GLY D 497 14.67 39.13 29.67
CA GLY D 497 13.33 38.84 30.14
C GLY D 497 13.07 37.36 30.05
N ASP D 498 11.87 36.94 30.43
CA ASP D 498 11.57 35.52 30.58
C ASP D 498 11.50 34.72 29.26
N GLN D 499 11.39 35.42 28.14
CA GLN D 499 11.55 34.81 26.84
C GLN D 499 12.90 34.07 26.69
N MET D 500 13.92 34.53 27.41
CA MET D 500 15.29 34.06 27.14
C MET D 500 15.77 33.07 28.19
N SER D 501 16.57 32.09 27.81
CA SER D 501 17.10 31.09 28.75
C SER D 501 18.12 30.20 28.03
N HIS D 502 18.68 29.21 28.70
CA HIS D 502 19.66 28.33 28.05
C HIS D 502 19.00 27.09 27.51
N TYR D 503 17.85 26.77 28.09
CA TYR D 503 17.06 25.59 27.70
C TYR D 503 15.64 25.74 28.28
N ASN D 504 14.62 25.64 27.43
CA ASN D 504 13.25 25.79 27.88
C ASN D 504 12.44 24.46 27.81
N VAL D 505 12.25 23.81 28.95
CA VAL D 505 11.53 22.54 28.93
C VAL D 505 10.03 22.67 28.68
N ASN D 506 9.49 23.86 28.90
CA ASN D 506 8.04 24.12 28.70
C ASN D 506 7.64 24.68 27.33
N ALA D 507 8.62 24.95 26.47
CA ALA D 507 8.37 25.62 25.20
C ALA D 507 7.33 24.91 24.31
N GLY D 508 7.28 23.58 24.40
CA GLY D 508 6.35 22.79 23.60
C GLY D 508 5.01 22.48 24.23
N VAL D 509 4.86 22.82 25.51
CA VAL D 509 3.67 22.47 26.25
C VAL D 509 2.69 23.64 26.30
N PRO D 510 1.49 23.46 25.73
CA PRO D 510 0.53 24.57 25.84
C PRO D 510 0.03 24.72 27.28
N LYS D 511 -0.43 25.92 27.59
CA LYS D 511 -0.87 26.21 28.95
C LYS D 511 -1.99 25.27 29.38
N THR D 512 -2.93 24.94 28.48
CA THR D 512 -4.05 24.09 28.85
C THR D 512 -3.61 22.70 29.31
N LEU D 513 -2.43 22.27 28.85
CA LEU D 513 -1.92 20.95 29.22
C LEU D 513 -1.15 20.99 30.53
N ILE D 514 -0.49 22.11 30.80
CA ILE D 514 0.35 22.24 31.99
C ILE D 514 -0.32 21.79 33.31
N GLN D 515 -1.51 22.32 33.61
CA GLN D 515 -2.21 21.86 34.79
C GLN D 515 -2.40 20.32 34.83
N HIS D 516 -2.64 19.67 33.69
CA HIS D 516 -2.83 18.22 33.68
C HIS D 516 -1.53 17.46 33.88
N LEU D 517 -0.41 18.00 33.43
CA LEU D 517 0.87 17.38 33.72
C LEU D 517 1.15 17.43 35.23
N ILE D 518 0.77 18.53 35.88
CA ILE D 518 1.05 18.65 37.28
C ILE D 518 0.20 17.61 38.03
N ARG D 519 -1.09 17.50 37.66
CA ARG D 519 -1.88 16.45 38.28
C ARG D 519 -1.29 15.12 38.00
N TRP D 520 -0.92 14.91 36.75
CA TRP D 520 -0.39 13.63 36.39
C TRP D 520 0.75 13.27 37.32
N VAL D 521 1.60 14.26 37.63
CA VAL D 521 2.75 14.04 38.53
C VAL D 521 2.34 13.72 39.95
N ILE D 522 1.27 14.35 40.39
CA ILE D 522 0.75 14.11 41.71
C ILE D 522 0.21 12.70 41.80
N SER D 523 -0.65 12.38 40.82
CA SER D 523 -1.40 11.15 40.79
C SER D 523 -0.47 9.96 40.70
N ALA D 524 0.68 10.11 40.04
CA ALA D 524 1.62 9.01 39.93
C ALA D 524 2.24 8.80 41.31
N GLY D 525 2.47 9.90 42.02
CA GLY D 525 2.90 9.86 43.41
C GLY D 525 4.40 9.70 43.62
N GLU D 526 5.17 9.67 42.52
CA GLU D 526 6.65 9.39 42.53
C GLU D 526 7.47 10.30 43.48
N PHE D 527 7.03 11.53 43.70
CA PHE D 527 7.85 12.45 44.51
C PHE D 527 7.47 12.47 45.99
N GLY D 528 6.60 11.54 46.40
CA GLY D 528 6.18 11.48 47.79
C GLY D 528 4.99 12.36 48.15
N GLU D 529 4.37 12.00 49.25
CA GLU D 529 3.18 12.70 49.80
C GLU D 529 3.39 14.20 50.12
N LYS D 530 4.52 14.56 50.76
CA LYS D 530 4.74 16.01 51.01
C LYS D 530 4.80 16.85 49.72
N VAL D 531 5.60 16.40 48.75
CA VAL D 531 5.67 17.12 47.47
C VAL D 531 4.29 17.22 46.79
N GLY D 532 3.61 16.08 46.71
CA GLY D 532 2.26 16.05 46.17
C GLY D 532 1.33 17.07 46.79
N GLU D 533 1.40 17.22 48.11
CA GLU D 533 0.55 18.24 48.82
C GLU D 533 0.81 19.68 48.34
N VAL D 534 2.09 20.03 48.22
CA VAL D 534 2.45 21.35 47.72
C VAL D 534 1.99 21.53 46.28
N LEU D 535 2.21 20.51 45.46
CA LEU D 535 1.83 20.60 44.05
C LEU D 535 0.34 20.83 43.98
N GLN D 536 -0.40 20.11 44.84
CA GLN D 536 -1.84 20.21 44.87
C GLN D 536 -2.20 21.64 45.22
N SER D 537 -1.44 22.19 46.16
CA SER D 537 -1.67 23.54 46.63
C SER D 537 -1.45 24.54 45.50
N VAL D 538 -0.35 24.39 44.77
CA VAL D 538 -0.09 25.23 43.58
C VAL D 538 -1.30 25.21 42.63
N LEU D 539 -1.85 24.02 42.37
CA LEU D 539 -3.04 23.91 41.53
C LEU D 539 -4.21 24.70 42.11
N ASP D 540 -4.55 24.37 43.34
CA ASP D 540 -5.66 25.00 44.06
C ASP D 540 -5.57 26.53 44.07
N THR D 541 -4.36 27.02 44.34
CA THR D 541 -4.06 28.45 44.35
C THR D 541 -4.11 29.13 42.98
N GLU D 542 -3.48 28.52 41.97
CA GLU D 542 -3.30 29.21 40.66
C GLU D 542 -4.52 29.15 39.75
N ILE D 543 -5.50 28.31 40.05
CA ILE D 543 -6.62 28.14 39.14
C ILE D 543 -7.93 28.59 39.79
N SER D 558 -4.16 38.75 33.25
CA SER D 558 -3.49 38.54 31.94
C SER D 558 -4.33 37.77 30.90
N GLU D 559 -5.23 36.88 31.35
CA GLU D 559 -6.35 36.39 30.49
C GLU D 559 -7.39 37.50 30.29
N ALA D 560 -7.03 38.71 30.69
CA ALA D 560 -7.95 39.84 30.63
C ALA D 560 -7.61 40.62 29.36
N LYS D 561 -6.37 40.43 28.92
CA LYS D 561 -5.84 41.20 27.83
C LYS D 561 -5.57 40.36 26.61
N VAL D 562 -5.25 39.10 26.85
CA VAL D 562 -4.87 38.15 25.80
C VAL D 562 -5.95 37.05 25.63
N GLY D 563 -6.97 37.08 26.50
CA GLY D 563 -8.10 36.17 26.38
C GLY D 563 -7.90 34.90 27.17
N PRO D 564 -8.98 34.11 27.34
CA PRO D 564 -8.87 32.81 28.03
C PRO D 564 -8.03 31.83 27.22
N PHE D 565 -7.04 31.23 27.85
CA PHE D 565 -6.14 30.30 27.16
C PHE D 565 -6.83 29.05 26.52
N ALA D 566 -7.96 28.64 27.09
CA ALA D 566 -8.71 27.55 26.50
C ALA D 566 -9.04 27.92 25.05
N LEU D 567 -9.50 29.12 24.80
CA LEU D 567 -9.82 29.57 23.46
C LEU D 567 -8.58 29.79 22.60
N GLN D 568 -7.55 30.43 23.14
CA GLN D 568 -6.33 30.69 22.35
C GLN D 568 -5.57 29.43 22.08
N ASP D 569 -5.65 28.44 22.96
CA ASP D 569 -4.98 27.17 22.68
C ASP D 569 -5.74 26.41 21.59
N PHE D 570 -7.04 26.62 21.58
CA PHE D 570 -7.88 26.05 20.54
C PHE D 570 -7.48 26.62 19.16
N SER D 571 -7.44 27.94 19.04
CA SER D 571 -7.08 28.59 17.78
C SER D 571 -5.67 28.23 17.38
N LEU D 572 -4.77 28.14 18.35
CA LEU D 572 -3.37 27.83 18.06
C LEU D 572 -3.24 26.50 17.37
N PHE D 573 -3.95 25.50 17.87
CA PHE D 573 -3.90 24.16 17.28
C PHE D 573 -4.40 24.16 15.83
N GLN D 574 -5.56 24.77 15.59
CA GLN D 574 -6.08 24.92 14.23
C GLN D 574 -5.09 25.61 13.30
N VAL D 575 -4.53 26.73 13.75
CA VAL D 575 -3.58 27.46 12.90
C VAL D 575 -2.30 26.69 12.71
N LEU D 576 -1.70 26.23 13.79
CA LEU D 576 -0.45 25.56 13.71
C LEU D 576 -0.48 24.21 12.95
N ARG D 577 -1.53 23.42 13.09
CA ARG D 577 -1.55 22.10 12.46
C ARG D 577 -2.13 22.12 11.02
N TYR D 578 -3.13 22.96 10.78
CA TYR D 578 -3.93 22.93 9.56
C TYR D 578 -3.95 24.25 8.82
N GLY D 579 -3.61 25.34 9.50
CA GLY D 579 -3.64 26.65 8.88
C GLY D 579 -5.03 27.04 8.41
N PHE D 580 -6.03 26.60 9.17
CA PHE D 580 -7.42 26.90 8.86
C PHE D 580 -7.65 28.40 8.89
N ARG D 581 -8.53 28.87 8.02
CA ARG D 581 -8.93 30.27 8.04
C ARG D 581 -9.73 30.60 9.29
N PRO D 582 -9.71 31.87 9.68
CA PRO D 582 -10.37 32.31 10.92
C PRO D 582 -11.82 31.86 11.04
N SER D 583 -12.63 32.06 10.00
CA SER D 583 -14.03 31.71 10.10
C SER D 583 -14.22 30.20 10.37
N LYS D 584 -13.34 29.37 9.82
CA LYS D 584 -13.42 27.93 10.06
C LYS D 584 -13.08 27.65 11.52
N ILE D 585 -12.04 28.31 12.03
CA ILE D 585 -11.69 28.18 13.46
C ILE D 585 -12.86 28.62 14.36
N ALA D 586 -13.43 29.79 14.08
CA ALA D 586 -14.62 30.26 14.80
C ALA D 586 -15.77 29.23 14.79
N PHE D 587 -16.02 28.61 13.66
CA PHE D 587 -17.10 27.66 13.56
C PHE D 587 -16.79 26.48 14.47
N LEU D 588 -15.56 25.98 14.41
CA LEU D 588 -15.22 24.79 15.16
C LEU D 588 -15.29 25.09 16.65
N ALA D 589 -14.72 26.24 17.04
CA ALA D 589 -14.68 26.58 18.44
C ALA D 589 -16.10 26.80 19.01
N TRP D 590 -16.97 27.40 18.22
CA TRP D 590 -18.33 27.65 18.66
C TRP D 590 -19.07 26.32 18.84
N HIS D 591 -18.88 25.39 17.90
CA HIS D 591 -19.46 24.06 18.13
C HIS D 591 -18.90 23.37 19.38
N ALA D 592 -17.62 23.54 19.69
CA ALA D 592 -17.08 22.86 20.84
C ALA D 592 -17.46 23.54 22.16
N TRP D 593 -17.63 24.85 22.14
CA TRP D 593 -17.63 25.64 23.37
C TRP D 593 -18.92 26.35 23.76
N ASN D 594 -19.87 26.46 22.83
CA ASN D 594 -21.00 27.35 23.09
C ASN D 594 -21.95 26.84 24.15
N ASP D 595 -21.88 25.54 24.41
CA ASP D 595 -22.78 24.87 25.34
C ASP D 595 -22.03 23.95 26.31
N ALA D 596 -21.98 24.35 27.56
CA ALA D 596 -21.16 23.61 28.52
C ALA D 596 -21.73 22.23 28.86
N GLU D 597 -23.02 22.05 28.65
CA GLU D 597 -23.65 20.71 28.87
C GLU D 597 -23.37 19.70 27.75
N ARG D 598 -23.12 20.20 26.54
CA ARG D 598 -22.80 19.34 25.43
C ARG D 598 -21.32 18.99 25.39
N GLY D 599 -21.00 17.83 24.81
CA GLY D 599 -19.64 17.36 24.70
C GLY D 599 -19.02 16.93 26.01
N ASN D 600 -17.73 16.62 25.98
CA ASN D 600 -17.01 16.17 27.18
C ASN D 600 -15.95 17.12 27.67
N TRP D 601 -15.72 17.03 28.96
CA TRP D 601 -14.70 17.83 29.63
C TRP D 601 -13.65 16.87 30.09
N PRO D 602 -12.38 17.24 29.95
CA PRO D 602 -11.32 16.37 30.45
C PRO D 602 -11.54 16.21 31.91
N PRO D 603 -10.81 15.29 32.55
CA PRO D 603 -10.93 15.14 34.00
C PRO D 603 -10.53 16.45 34.68
N GLY D 604 -11.08 16.74 35.86
CA GLY D 604 -10.64 17.88 36.66
C GLY D 604 -11.20 19.29 36.40
N PHE D 605 -12.41 19.33 35.86
CA PHE D 605 -13.12 20.59 35.73
C PHE D 605 -14.36 20.54 36.54
N PRO D 606 -14.26 20.98 37.83
CA PRO D 606 -15.42 21.13 38.75
C PRO D 606 -16.53 21.93 38.05
N LYS D 607 -17.81 21.58 38.19
CA LYS D 607 -18.78 22.17 37.28
C LYS D 607 -18.89 23.71 37.41
N SER D 608 -18.16 24.26 38.39
CA SER D 608 -18.07 25.71 38.55
C SER D 608 -17.03 26.34 37.61
N GLU D 609 -16.08 25.55 37.12
CA GLU D 609 -15.08 26.09 36.21
C GLU D 609 -15.26 25.49 34.78
N ARG D 610 -16.54 25.37 34.37
CA ARG D 610 -16.91 24.81 33.08
C ARG D 610 -17.70 25.85 32.27
N PRO D 611 -16.97 26.88 31.75
CA PRO D 611 -17.60 28.00 31.04
C PRO D 611 -18.09 27.57 29.68
N SER D 612 -19.04 28.33 29.18
CA SER D 612 -19.38 28.21 27.79
C SER D 612 -19.13 29.62 27.17
N TYR D 613 -18.77 29.67 25.88
CA TYR D 613 -18.46 30.95 25.25
C TYR D 613 -19.46 31.25 24.14
N SER D 614 -19.90 32.50 24.02
CA SER D 614 -20.70 32.93 22.84
C SER D 614 -19.85 33.11 21.58
N LEU D 615 -20.52 33.20 20.44
CA LEU D 615 -19.83 33.52 19.20
C LEU D 615 -19.12 34.88 19.35
N ALA D 616 -19.85 35.88 19.87
CA ALA D 616 -19.26 37.21 20.10
C ALA D 616 -17.91 37.15 20.81
N GLU D 617 -17.82 36.37 21.88
CA GLU D 617 -16.51 36.18 22.57
C GLU D 617 -15.50 35.45 21.73
N ILE D 618 -15.94 34.43 21.01
CA ILE D 618 -15.00 33.59 20.30
C ILE D 618 -14.38 34.41 19.18
N ARG D 619 -15.23 35.21 18.54
CA ARG D 619 -14.84 36.15 17.51
C ARG D 619 -13.82 37.12 18.09
N HIS D 620 -14.14 37.65 19.27
CA HIS D 620 -13.32 38.68 19.90
C HIS D 620 -11.89 38.19 20.15
N TRP D 621 -11.77 37.03 20.76
CA TRP D 621 -10.47 36.50 21.12
C TRP D 621 -9.71 36.05 19.91
N LEU D 622 -10.43 35.74 18.84
CA LEU D 622 -9.79 35.28 17.61
C LEU D 622 -9.12 36.47 16.91
N GLN D 623 -9.79 37.62 16.89
CA GLN D 623 -9.17 38.82 16.38
C GLN D 623 -7.88 39.08 17.13
N ILE D 624 -7.92 39.01 18.47
CA ILE D 624 -6.69 39.22 19.25
C ILE D 624 -5.67 38.17 18.88
N PHE D 625 -6.10 36.93 18.78
CA PHE D 625 -5.21 35.84 18.39
C PHE D 625 -4.52 36.03 17.00
N VAL D 626 -5.28 36.32 15.94
CA VAL D 626 -4.63 36.37 14.64
C VAL D 626 -3.65 37.53 14.59
N GLN D 627 -4.06 38.66 15.16
CA GLN D 627 -3.17 39.81 15.23
C GLN D 627 -1.88 39.48 16.03
N ARG D 628 -2.01 38.85 17.19
CA ARG D 628 -0.82 38.56 17.96
C ARG D 628 0.02 37.44 17.41
N PHE D 629 -0.64 36.42 16.87
CA PHE D 629 0.06 35.24 16.39
C PHE D 629 0.78 35.48 15.09
N TYR D 630 0.07 36.07 14.12
CA TYR D 630 0.61 36.17 12.74
C TYR D 630 1.52 37.39 12.52
N SER D 631 1.27 38.41 13.32
CA SER D 631 1.92 39.70 13.20
C SER D 631 2.89 40.04 14.37
N PHE D 632 2.36 40.36 15.54
CA PHE D 632 3.17 40.86 16.65
C PHE D 632 4.26 39.94 17.17
N SER D 633 3.92 38.68 17.41
CA SER D 633 4.71 37.85 18.30
C SER D 633 5.86 37.11 17.65
N GLN D 634 5.90 37.07 16.32
CA GLN D 634 6.89 36.20 15.71
C GLN D 634 8.36 36.51 16.06
N PHE D 635 8.71 37.79 16.13
CA PHE D 635 10.09 38.15 16.46
C PHE D 635 10.54 37.50 17.78
N LYS D 636 9.62 37.39 18.74
CA LYS D 636 9.93 36.72 20.02
C LYS D 636 10.23 35.24 19.87
N ARG D 637 9.53 34.59 18.95
CA ARG D 637 9.78 33.17 18.63
C ARG D 637 11.01 32.99 17.76
N SER D 638 11.36 34.02 17.01
CA SER D 638 12.45 33.95 16.04
C SER D 638 13.81 33.62 16.67
N ALA D 639 14.04 34.20 17.85
CA ALA D 639 15.27 33.99 18.60
C ALA D 639 14.99 33.12 19.83
N LEU D 640 14.58 31.88 19.62
CA LEU D 640 14.09 31.03 20.70
C LEU D 640 15.15 30.08 21.24
N PRO D 641 15.29 30.00 22.55
CA PRO D 641 16.26 29.01 23.03
C PRO D 641 15.83 27.60 22.68
N ASN D 642 16.78 26.67 22.82
CA ASN D 642 16.48 25.25 22.63
C ASN D 642 15.44 24.64 23.63
N GLY D 643 14.89 23.49 23.25
CA GLY D 643 13.82 22.81 23.98
C GLY D 643 13.03 21.87 23.05
N PRO D 644 12.46 20.79 23.58
CA PRO D 644 11.83 19.74 22.76
C PRO D 644 10.38 20.01 22.26
N LYS D 645 10.09 19.66 20.99
CA LYS D 645 8.70 19.54 20.54
C LYS D 645 7.98 18.51 21.42
N VAL D 646 6.73 18.80 21.77
CA VAL D 646 5.94 17.88 22.59
C VAL D 646 4.67 17.34 21.89
N SER D 647 3.83 18.26 21.40
CA SER D 647 2.50 17.96 20.86
C SER D 647 2.51 17.59 19.37
N HIS D 648 1.62 16.69 18.97
CA HIS D 648 1.44 16.46 17.55
C HIS D 648 0.81 17.71 16.91
N GLY D 649 0.22 18.59 17.70
CA GLY D 649 -0.33 19.81 17.11
C GLY D 649 0.80 20.69 16.57
N GLY D 650 2.02 20.44 17.01
CA GLY D 650 3.16 21.28 16.67
C GLY D 650 3.79 22.01 17.85
N ALA D 651 4.96 22.55 17.57
CA ALA D 651 5.63 23.42 18.52
C ALA D 651 5.94 24.71 17.77
N LEU D 652 6.57 25.69 18.42
CA LEU D 652 6.72 26.98 17.75
C LEU D 652 8.16 27.40 17.46
N SER D 653 9.06 26.43 17.42
CA SER D 653 10.46 26.69 17.05
C SER D 653 10.71 27.16 15.62
N PRO D 654 11.38 28.31 15.47
CA PRO D 654 11.68 28.82 14.12
C PRO D 654 12.68 27.91 13.44
N ARG D 655 13.26 26.99 14.20
CA ARG D 655 14.09 25.93 13.62
C ARG D 655 13.33 24.65 13.28
N GLY D 656 12.05 24.56 13.66
CA GLY D 656 11.26 23.37 13.36
C GLY D 656 9.91 23.67 12.73
N ASP D 657 8.84 23.56 13.51
CA ASP D 657 7.49 23.67 12.98
C ASP D 657 7.01 25.01 12.44
N TRP D 658 7.60 26.12 12.83
CA TRP D 658 6.96 27.35 12.45
C TRP D 658 7.97 28.34 11.94
N ARG D 659 8.08 28.39 10.60
CA ARG D 659 8.95 29.33 9.89
C ARG D 659 8.07 30.44 9.33
N ALA D 660 8.22 31.64 9.90
CA ALA D 660 7.43 32.77 9.47
C ALA D 660 8.17 34.08 9.67
N PRO D 661 7.76 35.12 8.91
CA PRO D 661 8.35 36.47 8.94
C PRO D 661 8.15 37.13 10.29
N SER D 662 9.14 37.91 10.72
CA SER D 662 9.00 38.73 11.93
C SER D 662 8.39 40.12 11.68
N ASP D 663 8.08 40.43 10.42
CA ASP D 663 7.71 41.79 10.05
C ASP D 663 6.52 41.81 9.11
N MET D 664 5.51 41.00 9.40
CA MET D 664 4.31 40.88 8.59
C MET D 664 3.04 41.40 9.27
N SER D 665 2.13 42.00 8.52
CA SER D 665 0.87 42.43 9.09
C SER D 665 -0.11 41.28 9.06
N ALA D 666 -1.13 41.35 9.90
CA ALA D 666 -2.18 40.33 9.92
C ALA D 666 -3.46 40.80 9.24
N ARG D 667 -3.38 41.88 8.47
CA ARG D 667 -4.58 42.42 7.82
C ARG D 667 -5.54 41.39 7.21
N ILE D 668 -5.04 40.42 6.44
CA ILE D 668 -5.99 39.56 5.74
C ILE D 668 -6.79 38.65 6.68
N TRP D 669 -6.16 38.14 7.72
CA TRP D 669 -6.91 37.37 8.70
C TRP D 669 -7.97 38.23 9.40
N LEU D 670 -7.57 39.43 9.79
CA LEU D 670 -8.51 40.36 10.41
C LEU D 670 -9.65 40.65 9.44
N ASP D 671 -9.33 40.78 8.17
CA ASP D 671 -10.37 41.10 7.24
C ASP D 671 -11.28 39.92 7.06
N GLN D 672 -10.73 38.71 7.11
CA GLN D 672 -11.52 37.48 6.89
C GLN D 672 -12.54 37.36 8.00
N ILE D 673 -12.14 37.67 9.22
CA ILE D 673 -13.07 37.66 10.33
C ILE D 673 -14.17 38.70 10.14
N ASP D 674 -13.82 39.90 9.69
CA ASP D 674 -14.82 40.95 9.44
C ASP D 674 -15.88 40.46 8.50
N ARG D 675 -15.43 39.79 7.43
CA ARG D 675 -16.26 39.43 6.30
C ARG D 675 -17.11 38.23 6.60
N GLU D 676 -16.52 37.25 7.27
CA GLU D 676 -17.09 35.85 7.35
C GLU D 676 -17.71 35.46 8.70
N VAL D 677 -17.23 36.04 9.80
CA VAL D 677 -17.75 35.69 11.13
C VAL D 677 -18.77 36.70 11.63
N PRO D 678 -20.01 36.27 11.84
CA PRO D 678 -21.07 37.18 12.29
C PRO D 678 -20.70 37.84 13.64
N LYS D 679 -21.23 39.03 13.93
CA LYS D 679 -20.84 39.78 15.15
C LYS D 679 -21.20 39.07 16.46
N GLY D 680 -22.27 38.28 16.39
CA GLY D 680 -22.71 37.45 17.50
C GLY D 680 -23.62 36.35 16.98
#